data_9MI0
#
_entry.id   9MI0
#
_cell.length_a   1.00
_cell.length_b   1.00
_cell.length_c   1.00
_cell.angle_alpha   90.00
_cell.angle_beta   90.00
_cell.angle_gamma   90.00
#
_symmetry.space_group_name_H-M   'P 1'
#
loop_
_entity.id
_entity.type
_entity.pdbx_description
1 polymer '61_12A01 heavy chain Fv'
2 polymer '61_12A01 kappa chain Fv'
3 polymer 'RM20A3 heavy chain Fv'
4 polymer 'RM20A3 light chain Fv'
5 polymer 'GT1.1 v4.1 SOSIP gp120'
6 polymer 'Envelope glycoprotein gp160'
7 branched 2-acetamido-2-deoxy-beta-D-glucopyranose-(1-4)-2-acetamido-2-deoxy-beta-D-glucopyranose
8 branched alpha-D-mannopyranose-(1-3)-beta-D-mannopyranose-(1-4)-2-acetamido-2-deoxy-beta-D-glucopyranose-(1-4)-2-acetamido-2-deoxy-beta-D-glucopyranose
9 non-polymer 2-acetamido-2-deoxy-beta-D-glucopyranose
#
loop_
_entity_poly.entity_id
_entity_poly.type
_entity_poly.pdbx_seq_one_letter_code
_entity_poly.pdbx_strand_id
1 'polypeptide(L)'
;QVQLVQSGAEVKQPGASVKVSCKASGYTFSDHFMHWVRQAPGQGLEWMGWINPKSGGPNYAQKFQGRVTMTRDRSISTAY
MELRGLRSDDTAIYYCARPMHDYDDHDWYFDLWGRGTLVTVSS
;
H,K,P
2 'polypeptide(L)'
;VSVLTQSPGTLSLSPGERATLSCRASQTVGSSYLAWYQQKPGQAPRLLIYGASSRATGIPDRFSGSGSGTDFTLTISRLE
PEDFAVYYCQQYEAFGQGTKVEIK
;
L,N,R
3 'polypeptide(L)'
;EVQLVETGGGLVQPGGSLKLSCRASGYTFSSFAMSWVRQAPGKGLEWVSLINDRGGLTFYVDSVKGRFTISRDNSKNTLS
LQMHSLRDGDTAVYYCATGGMSSALQSSKYYFDFWGQGALVTVSS
;
G,J,O
4 'polypeptide(L)'
;ALTQPPSVSGSPGQSVTISCTGTSSDIGSYNYVSWYQQHPGKAPKLMIYDVTQRPSGVSDRFSGSKSGNTASLTISGLQA
DDEADYYCSAYAGRQTFYIFGGGTRLTVLGQPKASPTVTLFPPSSEEL
;
I,M,Q
5 'polypeptide(L)'
;MDAMKRGLCCVLLLCGAVFVSPSQEIHARFRRGARAENLWVTVYYGVPVWKDAETTLFCASDAKAYETKKHNVWATHACV
PTDPNPQEIHLENVTEEFNMWKNNMVEQMHTDIISLWDQSLKPCVKLTPLCVTLQCTNVTNNITDDMRGELKNCSFNMTT
ELRDKRQKVHALFYKLDIVPINENQNTSYRLINCNTAAITQACPKVSFEPIPIHYCAPAGFAILKCKDKKFNGTGPCPSV
STVQCTHGIKPVVSTQLLLNGSLAEEEVMIRSKDIRNNAKNILVQFNTPVQINCTRPNNNTRKSIRIGPGQWFYATGDII
GDIRQAHCNVSKATWNETLGKVVKQLRKHFGNNTIIRFANSSGGDLEVTTHSFNCGGEFFYCDTSGLFNSTWISNTSVQG
SNSTGSNDSITLPCRIKQIINMWQRIGQAMYAPPIQGVIRCVSNITGLILTRDGGSTDSTTETFRPSGGDMRDNWRSELY
KYKVVKIEPLGVAPTRCKRRVVGRRRRRR
;
A,C,E
6 'polypeptide(L)'
;AVGIGAVFLGFLGAAGSTMGAASMTLTVQARNLLSGIVQQQSNLLRAPEAQQHLLKLTVWGIKQLQARVLAVERYLRDQQ
LLGIWGCSGKLICCTNVPWNSSWSNRNLSEIWDNMTWLQWDKEISNYTQIIYGLLEESQNQQEKNEQDLLALD
;
B,D,F
#
loop_
_chem_comp.id
_chem_comp.type
_chem_comp.name
_chem_comp.formula
BMA D-saccharide, beta linking beta-D-mannopyranose 'C6 H12 O6'
MAN D-saccharide, alpha linking alpha-D-mannopyranose 'C6 H12 O6'
NAG D-saccharide, beta linking 2-acetamido-2-deoxy-beta-D-glucopyranose 'C8 H15 N O6'
#
# COMPACT_ATOMS: atom_id res chain seq x y z
N VAL A 2 -10.09 -27.89 32.09
CA VAL A 2 -10.67 -28.95 31.27
C VAL A 2 -11.18 -30.04 32.21
N GLN A 3 -12.49 -30.09 32.39
CA GLN A 3 -13.09 -31.04 33.32
C GLN A 3 -14.59 -31.13 33.04
N LEU A 4 -15.11 -32.34 33.15
CA LEU A 4 -16.55 -32.61 32.99
C LEU A 4 -17.05 -33.25 34.28
N VAL A 5 -17.84 -32.49 35.05
CA VAL A 5 -18.47 -32.99 36.27
C VAL A 5 -19.90 -33.39 35.93
N GLN A 6 -20.24 -34.65 36.21
CA GLN A 6 -21.56 -35.20 35.96
C GLN A 6 -22.41 -35.08 37.22
N SER A 7 -23.59 -35.69 37.21
CA SER A 7 -24.47 -35.70 38.37
C SER A 7 -24.15 -36.92 39.24
N GLY A 8 -24.77 -36.95 40.42
CA GLY A 8 -24.53 -38.03 41.35
C GLY A 8 -25.26 -39.30 40.95
N ALA A 9 -24.83 -40.41 41.55
CA ALA A 9 -25.48 -41.68 41.30
C ALA A 9 -26.90 -41.68 41.86
N GLU A 10 -27.79 -42.43 41.20
CA GLU A 10 -29.21 -42.39 41.50
C GLU A 10 -29.79 -43.79 41.31
N VAL A 11 -30.93 -44.02 41.98
CA VAL A 11 -31.64 -45.29 41.94
C VAL A 11 -33.08 -45.03 41.51
N LYS A 12 -33.59 -45.87 40.61
CA LYS A 12 -34.89 -45.67 39.98
C LYS A 12 -35.62 -47.00 39.87
N GLN A 13 -36.95 -46.91 39.63
CA GLN A 13 -37.82 -48.06 39.41
C GLN A 13 -37.99 -48.33 37.91
N PRO A 14 -38.32 -49.56 37.50
CA PRO A 14 -38.65 -49.78 36.09
C PRO A 14 -39.85 -48.94 35.67
N GLY A 15 -39.78 -48.43 34.43
CA GLY A 15 -40.82 -47.61 33.87
C GLY A 15 -40.65 -46.13 34.06
N ALA A 16 -39.75 -45.70 34.95
CA ALA A 16 -39.53 -44.29 35.22
C ALA A 16 -38.58 -43.73 34.15
N SER A 17 -38.13 -42.49 34.37
CA SER A 17 -37.19 -41.83 33.48
C SER A 17 -36.07 -41.21 34.31
N VAL A 18 -34.84 -41.39 33.84
CA VAL A 18 -33.65 -40.83 34.45
C VAL A 18 -33.11 -39.75 33.54
N LYS A 19 -32.48 -38.73 34.15
CA LYS A 19 -31.90 -37.61 33.39
C LYS A 19 -30.52 -37.30 33.99
N VAL A 20 -29.48 -37.90 33.40
CA VAL A 20 -28.12 -37.55 33.76
C VAL A 20 -27.74 -36.23 33.10
N SER A 21 -26.78 -35.53 33.73
CA SER A 21 -26.30 -34.24 33.26
C SER A 21 -24.78 -34.25 33.22
N CYS A 22 -24.23 -33.26 32.51
CA CYS A 22 -22.77 -33.16 32.34
C CYS A 22 -22.42 -31.67 32.18
N LYS A 23 -22.05 -31.05 33.30
CA LYS A 23 -21.47 -29.72 33.27
C LYS A 23 -20.04 -29.77 32.76
N ALA A 24 -19.67 -28.77 31.97
CA ALA A 24 -18.36 -28.69 31.33
C ALA A 24 -17.65 -27.40 31.73
N SER A 25 -16.35 -27.51 32.00
CA SER A 25 -15.55 -26.37 32.41
C SER A 25 -14.17 -26.47 31.76
N GLY A 26 -13.61 -25.30 31.45
CA GLY A 26 -12.25 -25.21 30.95
C GLY A 26 -12.14 -24.95 29.46
N TYR A 27 -12.99 -25.60 28.67
CA TYR A 27 -12.97 -25.51 27.23
C TYR A 27 -14.26 -24.88 26.72
N THR A 28 -14.20 -24.37 25.49
CA THR A 28 -15.39 -23.81 24.86
C THR A 28 -16.39 -24.93 24.58
N PHE A 29 -17.53 -24.87 25.26
CA PHE A 29 -18.51 -25.97 25.20
C PHE A 29 -19.11 -26.11 23.81
N SER A 30 -19.21 -25.02 23.06
CA SER A 30 -19.86 -25.05 21.76
C SER A 30 -18.97 -25.65 20.66
N ASP A 31 -17.65 -25.66 20.85
CA ASP A 31 -16.75 -26.07 19.78
C ASP A 31 -16.74 -27.57 19.56
N HIS A 32 -16.95 -28.36 20.61
CA HIS A 32 -16.87 -29.81 20.56
C HIS A 32 -18.24 -30.43 20.69
N PHE A 33 -18.40 -31.62 20.11
CA PHE A 33 -19.59 -32.42 20.33
C PHE A 33 -19.52 -33.07 21.71
N MET A 34 -20.66 -33.56 22.17
CA MET A 34 -20.77 -34.26 23.45
C MET A 34 -21.41 -35.61 23.22
N HIS A 35 -20.69 -36.67 23.56
CA HIS A 35 -21.14 -38.04 23.37
C HIS A 35 -21.48 -38.64 24.73
N TRP A 36 -22.45 -39.56 24.71
CA TRP A 36 -22.88 -40.27 25.91
C TRP A 36 -22.64 -41.77 25.71
N VAL A 37 -21.91 -42.37 26.65
CA VAL A 37 -21.43 -43.74 26.52
C VAL A 37 -21.89 -44.53 27.73
N ARG A 38 -22.20 -45.80 27.51
CA ARG A 38 -22.79 -46.71 28.48
C ARG A 38 -21.80 -47.83 28.79
N GLN A 39 -21.49 -48.02 30.07
CA GLN A 39 -20.68 -49.13 30.55
C GLN A 39 -21.57 -49.94 31.48
N ALA A 40 -22.10 -51.05 30.99
CA ALA A 40 -22.85 -51.97 31.83
C ALA A 40 -21.88 -52.75 32.71
N PRO A 41 -22.33 -53.25 33.87
CA PRO A 41 -21.40 -53.94 34.77
C PRO A 41 -20.85 -55.22 34.14
N GLY A 42 -19.53 -55.35 34.17
CA GLY A 42 -18.87 -56.52 33.60
C GLY A 42 -19.09 -56.68 32.12
N GLN A 43 -19.31 -55.58 31.40
CA GLN A 43 -19.51 -55.58 29.96
C GLN A 43 -18.63 -54.50 29.33
N GLY A 44 -18.52 -54.55 28.01
CA GLY A 44 -17.74 -53.57 27.29
C GLY A 44 -18.44 -52.22 27.19
N LEU A 45 -17.68 -51.23 26.72
CA LEU A 45 -18.22 -49.91 26.47
C LEU A 45 -19.29 -49.97 25.39
N GLU A 46 -20.26 -49.05 25.48
CA GLU A 46 -21.42 -49.07 24.59
C GLU A 46 -21.85 -47.63 24.32
N TRP A 47 -21.61 -47.16 23.10
CA TRP A 47 -21.97 -45.83 22.69
C TRP A 47 -23.49 -45.70 22.51
N MET A 48 -24.04 -44.57 22.96
CA MET A 48 -25.47 -44.30 22.90
C MET A 48 -25.83 -43.21 21.90
N GLY A 49 -25.15 -42.07 21.93
CA GLY A 49 -25.48 -40.98 21.04
C GLY A 49 -24.52 -39.83 21.22
N TRP A 50 -24.66 -38.84 20.34
CA TRP A 50 -23.99 -37.55 20.49
C TRP A 50 -25.00 -36.44 20.25
N ILE A 51 -24.60 -35.24 20.66
CA ILE A 51 -25.40 -34.03 20.48
C ILE A 51 -24.47 -32.89 20.07
N ASN A 52 -24.88 -32.11 19.07
CA ASN A 52 -24.14 -30.91 18.70
C ASN A 52 -24.55 -29.80 19.66
N PRO A 53 -23.63 -29.23 20.45
CA PRO A 53 -24.03 -28.11 21.31
C PRO A 53 -24.50 -26.89 20.55
N LYS A 54 -23.94 -26.62 19.38
CA LYS A 54 -24.25 -25.37 18.70
C LYS A 54 -25.64 -25.40 18.09
N SER A 55 -26.14 -26.59 17.74
CA SER A 55 -27.44 -26.76 17.11
C SER A 55 -28.45 -27.48 17.98
N GLY A 56 -28.01 -28.43 18.79
CA GLY A 56 -28.90 -29.27 19.56
C GLY A 56 -29.35 -30.53 18.84
N GLY A 57 -28.87 -30.77 17.62
CA GLY A 57 -29.29 -31.92 16.86
C GLY A 57 -28.62 -33.19 17.35
N PRO A 58 -29.40 -34.13 17.94
CA PRO A 58 -28.78 -35.36 18.43
C PRO A 58 -28.87 -36.55 17.50
N ASN A 59 -27.86 -37.41 17.56
CA ASN A 59 -27.87 -38.71 16.91
C ASN A 59 -27.93 -39.79 17.99
N TYR A 60 -28.83 -40.75 17.80
CA TYR A 60 -29.01 -41.86 18.74
C TYR A 60 -28.65 -43.17 18.06
N ALA A 61 -28.33 -44.14 18.90
CA ALA A 61 -28.20 -45.52 18.44
C ALA A 61 -29.57 -46.15 18.32
N GLN A 62 -29.67 -47.14 17.43
CA GLN A 62 -30.97 -47.71 17.09
C GLN A 62 -31.64 -48.34 18.31
N LYS A 63 -30.86 -48.97 19.19
CA LYS A 63 -31.42 -49.55 20.40
C LYS A 63 -32.02 -48.49 21.32
N PHE A 64 -31.41 -47.30 21.36
CA PHE A 64 -31.91 -46.22 22.21
C PHE A 64 -32.87 -45.27 21.51
N GLN A 65 -33.11 -45.44 20.20
CA GLN A 65 -34.08 -44.60 19.51
C GLN A 65 -35.45 -44.71 20.18
N GLY A 66 -36.04 -43.55 20.46
CA GLY A 66 -37.34 -43.47 21.08
C GLY A 66 -37.31 -43.32 22.59
N ARG A 67 -36.28 -43.89 23.25
CA ARG A 67 -36.22 -43.91 24.70
C ARG A 67 -35.27 -42.87 25.30
N VAL A 68 -34.32 -42.36 24.52
CA VAL A 68 -33.31 -41.43 25.00
C VAL A 68 -33.52 -40.08 24.33
N THR A 69 -33.41 -39.01 25.11
CA THR A 69 -33.47 -37.64 24.62
C THR A 69 -32.35 -36.85 25.25
N MET A 70 -31.43 -36.35 24.43
CA MET A 70 -30.30 -35.54 24.87
C MET A 70 -30.52 -34.08 24.49
N THR A 71 -30.22 -33.19 25.42
CA THR A 71 -30.43 -31.76 25.27
C THR A 71 -29.19 -31.04 25.81
N ARG A 72 -29.19 -29.71 25.70
CA ARG A 72 -28.09 -28.91 26.22
C ARG A 72 -28.59 -27.51 26.53
N ASP A 73 -27.94 -26.89 27.51
CA ASP A 73 -28.13 -25.47 27.83
C ASP A 73 -26.79 -24.78 27.64
N ARG A 74 -26.69 -23.96 26.60
CA ARG A 74 -25.41 -23.35 26.25
C ARG A 74 -24.97 -22.32 27.28
N SER A 75 -25.92 -21.68 27.96
CA SER A 75 -25.58 -20.60 28.89
C SER A 75 -24.72 -21.11 30.04
N ILE A 76 -25.07 -22.27 30.60
CA ILE A 76 -24.33 -22.85 31.71
C ILE A 76 -23.40 -23.97 31.25
N SER A 77 -23.21 -24.14 29.93
CA SER A 77 -22.24 -25.09 29.38
C SER A 77 -22.46 -26.51 29.90
N THR A 78 -23.73 -26.91 29.94
CA THR A 78 -24.16 -28.20 30.48
C THR A 78 -24.93 -28.97 29.43
N ALA A 79 -24.72 -30.28 29.40
CA ALA A 79 -25.42 -31.21 28.53
C ALA A 79 -26.21 -32.19 29.38
N TYR A 80 -27.27 -32.73 28.78
CA TYR A 80 -28.17 -33.64 29.47
C TYR A 80 -28.50 -34.82 28.56
N MET A 81 -28.81 -35.95 29.19
CA MET A 81 -29.27 -37.15 28.50
C MET A 81 -30.37 -37.77 29.35
N GLU A 82 -31.55 -37.95 28.77
CA GLU A 82 -32.72 -38.43 29.49
C GLU A 82 -33.16 -39.76 28.90
N LEU A 83 -32.89 -40.85 29.63
CA LEU A 83 -33.31 -42.19 29.23
C LEU A 83 -34.67 -42.49 29.87
N ARG A 84 -35.72 -42.42 29.06
CA ARG A 84 -37.07 -42.73 29.50
C ARG A 84 -37.34 -44.22 29.37
N GLY A 85 -38.47 -44.66 29.92
CA GLY A 85 -38.90 -46.05 29.80
C GLY A 85 -37.88 -47.05 30.32
N LEU A 86 -37.35 -46.80 31.52
CA LEU A 86 -36.22 -47.57 32.03
C LEU A 86 -36.59 -49.04 32.21
N ARG A 87 -35.57 -49.89 32.14
CA ARG A 87 -35.72 -51.33 32.22
C ARG A 87 -34.59 -51.87 33.10
N SER A 88 -34.50 -53.19 33.21
CA SER A 88 -33.53 -53.80 34.11
C SER A 88 -32.11 -53.68 33.56
N ASP A 89 -31.92 -53.95 32.27
CA ASP A 89 -30.57 -53.95 31.70
C ASP A 89 -29.97 -52.56 31.60
N ASP A 90 -30.75 -51.50 31.80
CA ASP A 90 -30.23 -50.14 31.74
C ASP A 90 -29.35 -49.77 32.93
N THR A 91 -29.14 -50.69 33.86
CA THR A 91 -28.22 -50.44 34.96
C THR A 91 -26.81 -50.39 34.40
N ALA A 92 -26.15 -49.24 34.56
CA ALA A 92 -24.85 -49.01 33.93
C ALA A 92 -24.34 -47.65 34.38
N ILE A 93 -23.04 -47.45 34.20
CA ILE A 93 -22.43 -46.14 34.36
C ILE A 93 -22.59 -45.38 33.05
N TYR A 94 -22.93 -44.09 33.14
CA TYR A 94 -23.19 -43.24 31.98
C TYR A 94 -22.19 -42.11 31.99
N TYR A 95 -21.25 -42.13 31.05
CA TYR A 95 -20.22 -41.11 30.94
C TYR A 95 -20.58 -40.10 29.86
N CYS A 96 -20.08 -38.88 30.03
CA CYS A 96 -20.15 -37.83 29.03
C CYS A 96 -18.73 -37.59 28.51
N ALA A 97 -18.57 -37.67 27.19
CA ALA A 97 -17.27 -37.65 26.54
C ALA A 97 -17.20 -36.54 25.49
N ARG A 98 -16.07 -35.82 25.47
CA ARG A 98 -15.81 -34.77 24.49
C ARG A 98 -14.71 -35.26 23.55
N PRO A 99 -14.98 -35.54 22.27
CA PRO A 99 -13.88 -35.86 21.35
C PRO A 99 -12.94 -34.68 21.16
N MET A 100 -11.67 -34.99 20.97
CA MET A 100 -10.66 -33.96 20.81
C MET A 100 -10.60 -33.48 19.36
N HIS A 101 -9.97 -32.33 19.16
CA HIS A 101 -9.86 -31.69 17.84
C HIS A 101 -8.58 -32.19 17.18
N ASP A 102 -8.71 -33.28 16.44
CA ASP A 102 -7.57 -33.86 15.74
C ASP A 102 -7.37 -33.11 14.41
N TYR A 103 -6.43 -33.58 13.60
CA TYR A 103 -6.11 -32.93 12.33
C TYR A 103 -7.04 -33.35 11.19
N ASP A 104 -7.57 -34.56 11.25
CA ASP A 104 -8.43 -35.10 10.18
C ASP A 104 -9.91 -34.88 10.45
N ASP A 105 -10.26 -34.15 11.51
CA ASP A 105 -11.65 -33.93 11.90
C ASP A 105 -12.38 -35.26 12.07
N HIS A 106 -11.70 -36.22 12.67
CA HIS A 106 -12.31 -37.51 13.02
C HIS A 106 -12.67 -37.42 14.49
N ASP A 107 -13.78 -36.73 14.76
CA ASP A 107 -14.15 -36.34 16.12
C ASP A 107 -14.76 -37.52 16.87
N TRP A 108 -13.91 -38.52 17.13
CA TRP A 108 -14.30 -39.74 17.85
C TRP A 108 -13.23 -40.20 18.82
N TYR A 109 -12.25 -39.35 19.12
CA TYR A 109 -11.14 -39.68 20.01
C TYR A 109 -11.46 -39.02 21.34
N PHE A 110 -11.99 -39.79 22.29
CA PHE A 110 -12.46 -39.25 23.57
C PHE A 110 -11.28 -39.14 24.53
N ASP A 111 -10.54 -38.04 24.40
CA ASP A 111 -9.50 -37.74 25.36
C ASP A 111 -10.09 -37.32 26.71
N LEU A 112 -11.23 -36.63 26.69
CA LEU A 112 -11.90 -36.10 27.87
C LEU A 112 -13.17 -36.89 28.12
N TRP A 113 -13.15 -37.75 29.13
CA TRP A 113 -14.32 -38.45 29.62
C TRP A 113 -14.86 -37.75 30.87
N GLY A 114 -16.02 -38.21 31.32
CA GLY A 114 -16.59 -37.79 32.59
C GLY A 114 -16.39 -38.89 33.61
N ARG A 115 -16.47 -38.56 34.90
CA ARG A 115 -16.14 -39.54 35.93
C ARG A 115 -17.16 -40.67 35.97
N GLY A 116 -18.41 -40.40 35.60
CA GLY A 116 -19.46 -41.41 35.56
C GLY A 116 -20.61 -41.10 36.48
N THR A 117 -21.76 -41.73 36.21
CA THR A 117 -22.96 -41.52 37.02
C THR A 117 -23.75 -42.83 36.98
N LEU A 118 -23.66 -43.60 38.06
CA LEU A 118 -24.30 -44.91 38.10
C LEU A 118 -25.80 -44.75 38.27
N VAL A 119 -26.57 -45.43 37.43
CA VAL A 119 -28.02 -45.46 37.48
C VAL A 119 -28.43 -46.89 37.77
N THR A 120 -28.89 -47.15 39.00
CA THR A 120 -29.22 -48.49 39.44
C THR A 120 -30.74 -48.66 39.39
N VAL A 121 -31.22 -49.51 38.49
CA VAL A 121 -32.65 -49.79 38.33
C VAL A 121 -32.98 -51.03 39.14
N SER A 122 -33.91 -50.88 40.08
CA SER A 122 -34.29 -51.97 40.97
C SER A 122 -35.76 -51.83 41.33
N SER A 123 -36.33 -52.91 41.86
CA SER A 123 -37.72 -52.95 42.30
C SER A 123 -37.80 -53.33 43.77
N VAL B 1 -22.83 -50.59 11.57
CA VAL B 1 -21.59 -50.09 12.21
C VAL B 1 -20.46 -51.04 11.84
N SER B 2 -19.29 -50.84 12.44
CA SER B 2 -18.11 -51.67 12.19
C SER B 2 -17.90 -52.60 13.36
N VAL B 3 -17.87 -53.90 13.10
CA VAL B 3 -17.58 -54.87 14.16
C VAL B 3 -16.10 -54.84 14.46
N LEU B 4 -15.77 -54.82 15.75
CA LEU B 4 -14.39 -54.90 16.22
C LEU B 4 -14.24 -56.12 17.11
N THR B 5 -13.28 -56.97 16.78
CA THR B 5 -12.93 -58.12 17.60
C THR B 5 -11.53 -57.89 18.14
N GLN B 6 -11.41 -57.88 19.47
CA GLN B 6 -10.16 -57.59 20.16
C GLN B 6 -9.75 -58.85 20.90
N SER B 7 -8.94 -59.69 20.23
CA SER B 7 -8.45 -60.94 20.79
C SER B 7 -7.08 -60.71 21.42
N PRO B 8 -6.73 -61.40 22.51
CA PRO B 8 -7.41 -62.48 23.21
C PRO B 8 -8.31 -62.00 24.34
N GLY B 9 -9.28 -62.81 24.77
CA GLY B 9 -10.18 -62.39 25.83
C GLY B 9 -9.46 -62.09 27.13
N THR B 10 -8.48 -62.93 27.49
CA THR B 10 -7.69 -62.73 28.69
C THR B 10 -6.24 -63.13 28.41
N LEU B 11 -5.31 -62.24 28.72
CA LEU B 11 -3.89 -62.42 28.42
C LEU B 11 -3.09 -62.30 29.71
N SER B 12 -2.46 -63.40 30.11
CA SER B 12 -1.76 -63.50 31.38
C SER B 12 -0.26 -63.45 31.15
N LEU B 13 0.37 -62.39 31.62
CA LEU B 13 1.82 -62.20 31.52
C LEU B 13 2.33 -61.77 32.90
N SER B 14 3.57 -61.30 32.94
CA SER B 14 4.19 -60.75 34.14
C SER B 14 4.84 -59.42 33.79
N PRO B 15 5.20 -58.61 34.80
CA PRO B 15 5.77 -57.28 34.52
C PRO B 15 6.99 -57.28 33.60
N GLY B 16 7.27 -56.12 33.01
CA GLY B 16 8.50 -55.87 32.30
C GLY B 16 8.64 -56.43 30.91
N GLU B 17 7.78 -57.37 30.51
CA GLU B 17 7.85 -57.96 29.18
C GLU B 17 6.89 -57.24 28.24
N ARG B 18 7.03 -57.54 26.94
CA ARG B 18 6.23 -56.83 25.91
C ARG B 18 4.96 -57.60 25.56
N ALA B 19 3.80 -56.95 25.69
CA ALA B 19 2.53 -57.55 25.31
C ALA B 19 2.04 -56.87 24.03
N THR B 20 1.38 -57.68 23.18
CA THR B 20 0.97 -57.26 21.85
C THR B 20 -0.52 -57.54 21.76
N LEU B 21 -1.32 -56.54 22.14
CA LEU B 21 -2.77 -56.63 22.07
C LEU B 21 -3.24 -56.24 20.67
N SER B 22 -4.20 -57.01 20.14
CA SER B 22 -4.63 -56.89 18.75
C SER B 22 -6.13 -56.68 18.64
N CYS B 23 -6.52 -55.83 17.68
CA CYS B 23 -7.92 -55.62 17.32
C CYS B 23 -8.06 -55.79 15.82
N ARG B 24 -9.17 -56.45 15.43
CA ARG B 24 -9.44 -56.74 13.99
C ARG B 24 -10.82 -56.23 13.61
N ALA B 25 -10.90 -55.23 12.73
CA ALA B 25 -12.15 -54.69 12.23
C ALA B 25 -12.66 -55.51 11.05
N SER B 26 -13.98 -55.68 10.97
CA SER B 26 -14.60 -56.58 10.00
C SER B 26 -15.43 -55.84 8.95
N GLN B 27 -16.43 -55.07 9.39
CA GLN B 27 -17.36 -54.41 8.46
C GLN B 27 -16.92 -52.97 8.21
N THR B 28 -15.77 -52.84 7.54
CA THR B 28 -15.17 -51.55 7.25
C THR B 28 -14.75 -51.47 5.78
N VAL B 29 -14.01 -50.41 5.44
CA VAL B 29 -13.47 -50.25 4.06
C VAL B 29 -11.94 -50.29 4.17
N GLY B 30 -11.39 -49.97 5.34
CA GLY B 30 -9.97 -50.02 5.56
C GLY B 30 -9.32 -48.65 5.58
N SER B 31 -8.95 -48.19 6.76
CA SER B 31 -8.31 -46.89 6.92
C SER B 31 -7.50 -46.90 8.21
N SER B 32 -7.00 -45.73 8.59
CA SER B 32 -6.17 -45.56 9.79
C SER B 32 -6.96 -44.95 10.95
N TYR B 33 -8.24 -45.27 11.06
CA TYR B 33 -9.13 -44.70 12.06
C TYR B 33 -9.30 -45.72 13.18
N LEU B 34 -8.51 -45.59 14.23
CA LEU B 34 -8.67 -46.44 15.40
C LEU B 34 -8.15 -45.68 16.61
N ALA B 35 -8.68 -46.01 17.78
CA ALA B 35 -8.17 -45.49 19.04
C ALA B 35 -8.10 -46.61 20.07
N TRP B 36 -7.14 -46.49 20.98
CA TRP B 36 -6.95 -47.46 22.06
C TRP B 36 -7.22 -46.75 23.38
N TYR B 37 -8.12 -47.32 24.19
CA TYR B 37 -8.53 -46.74 25.46
C TYR B 37 -8.14 -47.68 26.58
N GLN B 38 -7.65 -47.11 27.68
CA GLN B 38 -7.31 -47.87 28.88
C GLN B 38 -8.33 -47.51 29.96
N GLN B 39 -8.94 -48.54 30.55
CA GLN B 39 -9.93 -48.38 31.62
C GLN B 39 -9.48 -49.23 32.81
N LYS B 40 -8.89 -48.59 33.82
CA LYS B 40 -8.61 -49.28 35.06
C LYS B 40 -9.91 -49.51 35.83
N PRO B 41 -9.96 -50.51 36.71
CA PRO B 41 -11.21 -50.78 37.43
C PRO B 41 -11.61 -49.61 38.32
N GLY B 42 -12.89 -49.26 38.27
CA GLY B 42 -13.41 -48.15 39.06
C GLY B 42 -13.18 -46.78 38.46
N GLN B 43 -12.54 -46.69 37.30
CA GLN B 43 -12.23 -45.44 36.64
C GLN B 43 -12.82 -45.44 35.24
N ALA B 44 -13.07 -44.24 34.73
CA ALA B 44 -13.53 -44.08 33.36
C ALA B 44 -12.38 -44.37 32.39
N PRO B 45 -12.68 -44.70 31.13
CA PRO B 45 -11.60 -44.95 30.18
C PRO B 45 -10.72 -43.73 29.97
N ARG B 46 -9.52 -43.98 29.46
CA ARG B 46 -8.55 -42.94 29.15
C ARG B 46 -7.94 -43.22 27.79
N LEU B 47 -7.78 -42.17 26.99
CA LEU B 47 -7.29 -42.31 25.63
C LEU B 47 -5.78 -42.47 25.65
N LEU B 48 -5.28 -43.52 24.98
CA LEU B 48 -3.85 -43.75 24.80
C LEU B 48 -3.40 -43.41 23.38
N ILE B 49 -4.05 -44.03 22.39
CA ILE B 49 -3.69 -43.91 20.99
C ILE B 49 -4.84 -43.22 20.28
N TYR B 50 -4.52 -42.17 19.54
CA TYR B 50 -5.49 -41.39 18.76
C TYR B 50 -5.00 -41.42 17.31
N GLY B 51 -5.59 -42.33 16.54
CA GLY B 51 -5.10 -42.69 15.22
C GLY B 51 -4.59 -44.12 15.20
N ALA B 52 -4.18 -44.53 14.00
CA ALA B 52 -3.62 -45.88 13.85
C ALA B 52 -2.35 -46.05 14.68
N SER B 53 -1.55 -44.98 14.80
CA SER B 53 -0.23 -45.05 15.44
C SER B 53 0.07 -43.92 16.41
N SER B 54 -0.58 -42.77 16.29
CA SER B 54 -0.18 -41.62 17.10
C SER B 54 -0.58 -41.82 18.56
N ARG B 55 -0.02 -40.96 19.41
CA ARG B 55 -0.15 -41.07 20.87
C ARG B 55 -0.82 -39.84 21.44
N ALA B 56 -1.73 -40.08 22.39
CA ALA B 56 -2.39 -38.98 23.09
C ALA B 56 -1.40 -38.20 23.93
N THR B 57 -1.65 -36.90 24.06
CA THR B 57 -0.80 -36.03 24.86
C THR B 57 -0.69 -36.53 26.30
N GLY B 58 0.54 -36.60 26.80
CA GLY B 58 0.81 -36.96 28.18
C GLY B 58 1.09 -38.43 28.40
N ILE B 59 0.75 -39.28 27.45
CA ILE B 59 0.90 -40.73 27.62
C ILE B 59 2.39 -41.09 27.43
N PRO B 60 3.00 -41.90 28.33
CA PRO B 60 4.42 -42.25 28.15
C PRO B 60 4.67 -42.99 26.85
N ASP B 61 5.94 -43.13 26.48
CA ASP B 61 6.30 -43.77 25.22
C ASP B 61 6.23 -45.29 25.28
N ARG B 62 6.07 -45.89 26.47
CA ARG B 62 5.94 -47.34 26.53
C ARG B 62 4.69 -47.81 25.81
N PHE B 63 3.64 -47.00 25.82
CA PHE B 63 2.41 -47.27 25.08
C PHE B 63 2.61 -46.83 23.64
N SER B 64 2.66 -47.79 22.71
CA SER B 64 2.74 -47.48 21.29
C SER B 64 1.91 -48.49 20.51
N GLY B 65 1.45 -48.06 19.34
CA GLY B 65 0.59 -48.88 18.51
C GLY B 65 0.87 -48.64 17.03
N SER B 66 0.34 -49.55 16.22
CA SER B 66 0.53 -49.50 14.77
C SER B 66 -0.59 -50.29 14.12
N GLY B 67 -0.60 -50.28 12.79
CA GLY B 67 -1.58 -51.00 12.01
C GLY B 67 -2.13 -50.17 10.87
N SER B 68 -2.87 -50.84 10.01
CA SER B 68 -3.52 -50.20 8.88
C SER B 68 -4.52 -51.18 8.28
N GLY B 69 -5.46 -50.66 7.52
CA GLY B 69 -6.46 -51.50 6.90
C GLY B 69 -7.48 -52.04 7.88
N THR B 70 -7.39 -53.34 8.16
CA THR B 70 -8.32 -54.03 9.06
C THR B 70 -7.62 -54.79 10.18
N ASP B 71 -6.33 -54.55 10.41
CA ASP B 71 -5.60 -55.19 11.49
C ASP B 71 -4.75 -54.14 12.19
N PHE B 72 -4.94 -54.01 13.50
CA PHE B 72 -4.21 -53.05 14.31
C PHE B 72 -3.81 -53.73 15.62
N THR B 73 -2.81 -53.14 16.28
CA THR B 73 -2.30 -53.71 17.51
C THR B 73 -1.75 -52.63 18.43
N LEU B 74 -1.90 -52.87 19.73
CA LEU B 74 -1.28 -52.06 20.78
C LEU B 74 -0.09 -52.81 21.33
N THR B 75 1.05 -52.11 21.45
CA THR B 75 2.28 -52.69 21.98
C THR B 75 2.72 -51.90 23.21
N ILE B 76 2.52 -52.51 24.38
CA ILE B 76 3.08 -52.00 25.63
C ILE B 76 4.50 -52.54 25.75
N SER B 77 5.48 -51.65 25.65
CA SER B 77 6.88 -52.08 25.64
C SER B 77 7.29 -52.66 26.99
N ARG B 78 6.90 -51.99 28.08
CA ARG B 78 7.34 -52.36 29.43
C ARG B 78 6.11 -52.40 30.32
N LEU B 79 5.78 -53.59 30.82
CA LEU B 79 4.58 -53.77 31.64
C LEU B 79 4.89 -53.33 33.08
N GLU B 80 4.94 -52.01 33.24
CA GLU B 80 5.11 -51.39 34.55
C GLU B 80 3.88 -51.68 35.41
N PRO B 81 3.96 -51.57 36.73
CA PRO B 81 2.78 -51.91 37.54
C PRO B 81 1.55 -51.06 37.25
N GLU B 82 1.72 -49.79 36.89
CA GLU B 82 0.57 -48.95 36.53
C GLU B 82 0.26 -49.09 35.05
N ASP B 83 0.15 -50.33 34.54
CA ASP B 83 -0.20 -50.58 33.14
C ASP B 83 -1.14 -51.77 32.99
N PHE B 84 -1.80 -52.21 34.05
CA PHE B 84 -2.71 -53.34 34.02
C PHE B 84 -4.13 -52.83 34.14
N ALA B 85 -4.91 -53.00 33.08
CA ALA B 85 -6.26 -52.46 32.98
C ALA B 85 -6.98 -53.23 31.87
N VAL B 86 -8.16 -52.75 31.50
CA VAL B 86 -8.89 -53.25 30.33
C VAL B 86 -8.59 -52.30 29.18
N TYR B 87 -8.25 -52.86 28.02
CA TYR B 87 -7.92 -52.09 26.83
C TYR B 87 -9.01 -52.30 25.78
N TYR B 88 -9.46 -51.20 25.17
CA TYR B 88 -10.54 -51.21 24.19
C TYR B 88 -10.06 -50.58 22.88
N CYS B 89 -10.56 -51.08 21.76
CA CYS B 89 -10.32 -50.51 20.45
C CYS B 89 -11.62 -49.89 19.92
N GLN B 90 -11.51 -48.71 19.31
CA GLN B 90 -12.67 -47.94 18.84
C GLN B 90 -12.55 -47.57 17.38
N GLN B 91 -13.56 -47.94 16.59
CA GLN B 91 -13.69 -47.59 15.18
C GLN B 91 -14.99 -46.79 15.06
N TYR B 92 -14.87 -45.46 15.07
CA TYR B 92 -16.03 -44.57 15.07
C TYR B 92 -16.84 -44.82 16.35
N GLU B 93 -18.10 -45.26 16.22
CA GLU B 93 -18.98 -45.45 17.36
C GLU B 93 -18.90 -46.85 17.97
N ALA B 94 -18.20 -47.78 17.33
CA ALA B 94 -18.11 -49.15 17.80
C ALA B 94 -16.92 -49.32 18.73
N PHE B 95 -17.05 -50.25 19.66
CA PHE B 95 -16.04 -50.52 20.66
C PHE B 95 -15.74 -52.01 20.70
N GLY B 96 -14.53 -52.34 21.13
CA GLY B 96 -14.14 -53.73 21.27
C GLY B 96 -14.77 -54.37 22.50
N GLN B 97 -14.57 -55.69 22.60
CA GLN B 97 -15.11 -56.42 23.74
C GLN B 97 -14.31 -56.15 25.01
N GLY B 98 -12.99 -56.04 24.89
CA GLY B 98 -12.11 -55.76 26.00
C GLY B 98 -11.09 -56.85 26.23
N THR B 99 -9.84 -56.45 26.50
CA THR B 99 -8.74 -57.37 26.75
C THR B 99 -8.25 -57.17 28.17
N LYS B 100 -8.24 -58.24 28.95
CA LYS B 100 -7.74 -58.22 30.31
C LYS B 100 -6.26 -58.57 30.32
N VAL B 101 -5.44 -57.67 30.84
CA VAL B 101 -4.03 -57.93 31.14
C VAL B 101 -3.96 -58.12 32.66
N GLU B 102 -3.68 -59.35 33.08
CA GLU B 102 -3.69 -59.72 34.49
C GLU B 102 -2.34 -60.32 34.87
N ILE B 103 -1.89 -60.00 36.09
CA ILE B 103 -0.61 -60.46 36.57
C ILE B 103 -0.62 -61.98 36.72
N LYS B 104 0.49 -62.61 36.33
CA LYS B 104 0.64 -64.05 36.48
C LYS B 104 2.11 -64.44 36.42
N GLU C 1 13.51 -42.28 -44.09
CA GLU C 1 12.43 -41.37 -43.63
C GLU C 1 12.79 -39.90 -43.86
N VAL C 2 14.00 -39.48 -43.47
CA VAL C 2 14.42 -38.10 -43.70
C VAL C 2 14.91 -37.95 -45.13
N GLN C 3 14.39 -36.96 -45.84
CA GLN C 3 14.75 -36.70 -47.23
C GLN C 3 14.79 -35.20 -47.45
N LEU C 4 15.93 -34.70 -47.94
CA LEU C 4 16.11 -33.31 -48.30
C LEU C 4 16.40 -33.23 -49.79
N VAL C 5 15.61 -32.42 -50.51
CA VAL C 5 15.65 -32.36 -51.97
C VAL C 5 15.97 -30.92 -52.35
N GLU C 6 17.13 -30.70 -52.94
CA GLU C 6 17.52 -29.38 -53.41
C GLU C 6 17.02 -29.13 -54.82
N THR C 7 16.64 -27.88 -55.09
CA THR C 7 16.19 -27.45 -56.40
C THR C 7 16.67 -26.03 -56.63
N GLY C 8 16.70 -25.64 -57.91
CA GLY C 8 17.07 -24.30 -58.30
C GLY C 8 18.48 -24.14 -58.83
N GLY C 9 19.22 -25.24 -59.02
CA GLY C 9 20.53 -25.13 -59.63
C GLY C 9 20.44 -24.74 -61.09
N GLY C 10 21.50 -24.10 -61.58
CA GLY C 10 21.52 -23.66 -62.95
C GLY C 10 22.86 -23.03 -63.30
N LEU C 11 22.92 -22.52 -64.52
CA LEU C 11 24.12 -21.90 -65.07
C LEU C 11 23.96 -20.38 -65.02
N VAL C 12 24.85 -19.72 -64.29
CA VAL C 12 24.78 -18.28 -64.05
C VAL C 12 26.05 -17.65 -64.61
N GLN C 13 25.95 -16.35 -64.94
CA GLN C 13 27.08 -15.57 -65.44
C GLN C 13 27.69 -14.78 -64.29
N PRO C 14 29.03 -14.58 -64.25
CA PRO C 14 29.64 -13.83 -63.14
C PRO C 14 28.97 -12.50 -62.83
N GLY C 15 28.51 -12.34 -61.58
CA GLY C 15 27.75 -11.18 -61.17
C GLY C 15 26.25 -11.38 -61.14
N GLY C 16 25.76 -12.57 -61.50
CA GLY C 16 24.33 -12.83 -61.54
C GLY C 16 23.75 -13.15 -60.18
N SER C 17 22.44 -13.33 -60.16
CA SER C 17 21.68 -13.59 -58.94
C SER C 17 20.91 -14.91 -59.09
N LEU C 18 21.10 -15.77 -58.10
CA LEU C 18 20.42 -17.08 -58.08
C LEU C 18 19.71 -17.25 -56.73
N LYS C 19 18.82 -18.22 -56.63
CA LYS C 19 18.01 -18.51 -55.44
C LYS C 19 17.92 -20.04 -55.34
N LEU C 20 18.83 -20.61 -54.56
CA LEU C 20 18.78 -22.04 -54.30
C LEU C 20 17.70 -22.34 -53.26
N SER C 21 17.19 -23.57 -53.29
CA SER C 21 16.15 -23.96 -52.36
C SER C 21 16.31 -25.44 -52.02
N CYS C 22 15.79 -25.82 -50.86
CA CYS C 22 15.85 -27.18 -50.35
C CYS C 22 14.52 -27.51 -49.69
N ARG C 23 13.98 -28.67 -50.10
CA ARG C 23 12.70 -29.14 -49.52
C ARG C 23 13.04 -30.28 -48.56
N ALA C 24 12.23 -30.46 -47.53
CA ALA C 24 12.47 -31.47 -46.50
C ALA C 24 11.19 -32.26 -46.24
N SER C 25 11.35 -33.54 -45.94
CA SER C 25 10.25 -34.37 -45.51
C SER C 25 10.79 -35.49 -44.62
N GLY C 26 10.06 -35.77 -43.54
CA GLY C 26 10.39 -36.90 -42.67
C GLY C 26 10.63 -36.55 -41.22
N TYR C 27 10.54 -35.28 -40.86
CA TYR C 27 10.84 -34.86 -39.50
C TYR C 27 10.21 -33.51 -39.25
N THR C 28 10.29 -33.06 -38.01
CA THR C 28 9.82 -31.73 -37.63
C THR C 28 10.84 -30.70 -38.10
N PHE C 29 10.51 -29.98 -39.17
CA PHE C 29 11.45 -29.04 -39.77
C PHE C 29 11.75 -27.87 -38.84
N SER C 30 10.81 -27.51 -37.97
CA SER C 30 10.93 -26.32 -37.15
C SER C 30 11.77 -26.53 -35.89
N SER C 31 12.24 -27.74 -35.63
CA SER C 31 13.02 -28.04 -34.42
C SER C 31 14.48 -28.34 -34.71
N PHE C 32 14.96 -28.03 -35.92
CA PHE C 32 16.35 -28.25 -36.29
C PHE C 32 16.90 -27.03 -36.99
N ALA C 33 18.18 -26.77 -36.77
CA ALA C 33 18.91 -25.79 -37.57
C ALA C 33 19.31 -26.41 -38.90
N MET C 34 19.55 -25.55 -39.89
CA MET C 34 19.86 -25.98 -41.25
C MET C 34 21.08 -25.22 -41.75
N SER C 35 21.89 -25.89 -42.56
CA SER C 35 23.14 -25.34 -43.07
C SER C 35 23.26 -25.62 -44.56
N TRP C 36 24.04 -24.78 -45.23
CA TRP C 36 24.44 -24.98 -46.62
C TRP C 36 25.94 -25.22 -46.66
N VAL C 37 26.35 -26.32 -47.30
CA VAL C 37 27.75 -26.71 -47.42
C VAL C 37 28.02 -26.97 -48.90
N ARG C 38 29.11 -26.40 -49.41
CA ARG C 38 29.44 -26.48 -50.83
C ARG C 38 30.67 -27.36 -51.03
N GLN C 39 30.66 -28.12 -52.12
CA GLN C 39 31.82 -28.87 -52.59
C GLN C 39 32.14 -28.42 -54.01
N ALA C 40 33.28 -27.77 -54.18
CA ALA C 40 33.74 -27.46 -55.51
C ALA C 40 34.04 -28.77 -56.25
N PRO C 41 34.01 -28.77 -57.59
CA PRO C 41 34.17 -30.04 -58.32
C PRO C 41 35.45 -30.78 -58.02
N GLY C 42 36.55 -30.07 -57.78
CA GLY C 42 37.85 -30.68 -57.56
C GLY C 42 38.42 -30.54 -56.16
N LYS C 43 37.67 -29.95 -55.23
CA LYS C 43 38.12 -29.71 -53.86
C LYS C 43 37.09 -30.28 -52.88
N GLY C 44 37.40 -30.14 -51.59
CA GLY C 44 36.58 -30.71 -50.54
C GLY C 44 35.45 -29.80 -50.11
N LEU C 45 34.86 -30.16 -48.98
CA LEU C 45 33.68 -29.48 -48.47
C LEU C 45 34.05 -28.13 -47.83
N GLU C 46 33.09 -27.21 -47.87
CA GLU C 46 33.26 -25.90 -47.25
C GLU C 46 31.90 -25.43 -46.75
N TRP C 47 31.84 -25.01 -45.50
CA TRP C 47 30.59 -24.52 -44.90
C TRP C 47 30.32 -23.10 -45.37
N VAL C 48 29.07 -22.84 -45.75
CA VAL C 48 28.66 -21.56 -46.34
C VAL C 48 27.82 -20.76 -45.36
N SER C 49 26.71 -21.34 -44.88
CA SER C 49 25.73 -20.59 -44.13
C SER C 49 25.07 -21.48 -43.09
N LEU C 50 24.48 -20.83 -42.08
CA LEU C 50 23.78 -21.50 -40.99
C LEU C 50 22.59 -20.66 -40.59
N ILE C 51 21.46 -21.32 -40.35
CA ILE C 51 20.25 -20.67 -39.83
C ILE C 51 19.68 -21.52 -38.70
N ASN C 52 19.22 -20.85 -37.65
CA ASN C 52 18.67 -21.51 -36.49
C ASN C 52 17.29 -22.09 -36.78
N ASP C 53 16.76 -22.81 -35.79
CA ASP C 53 15.47 -23.49 -35.95
C ASP C 53 14.34 -22.49 -36.22
N ARG C 54 14.32 -21.39 -35.45
CA ARG C 54 13.24 -20.42 -35.60
C ARG C 54 13.36 -19.66 -36.91
N GLY C 55 14.59 -19.31 -37.30
CA GLY C 55 14.85 -18.58 -38.52
C GLY C 55 15.32 -17.15 -38.36
N GLY C 56 15.76 -16.76 -37.16
CA GLY C 56 16.15 -15.39 -36.89
C GLY C 56 17.60 -15.21 -36.44
N LEU C 57 18.41 -16.25 -36.56
CA LEU C 57 19.85 -16.17 -36.33
C LEU C 57 20.53 -16.77 -37.55
N THR C 58 21.27 -15.93 -38.27
CA THR C 58 21.84 -16.27 -39.56
C THR C 58 23.33 -15.98 -39.51
N PHE C 59 24.11 -16.97 -39.94
CA PHE C 59 25.57 -16.90 -39.91
C PHE C 59 26.11 -17.30 -41.27
N TYR C 60 27.20 -16.65 -41.66
CA TYR C 60 27.76 -16.78 -43.00
C TYR C 60 29.27 -16.91 -42.90
N VAL C 61 29.86 -17.58 -43.87
CA VAL C 61 31.31 -17.63 -43.98
C VAL C 61 31.81 -16.26 -44.44
N ASP C 62 33.01 -15.89 -43.99
CA ASP C 62 33.58 -14.57 -44.21
C ASP C 62 33.50 -14.11 -45.67
N SER C 63 33.66 -15.05 -46.61
CA SER C 63 33.66 -14.71 -48.02
C SER C 63 32.29 -14.17 -48.47
N VAL C 64 31.21 -14.78 -48.00
CA VAL C 64 29.89 -14.61 -48.59
C VAL C 64 28.94 -13.82 -47.69
N LYS C 65 29.48 -13.07 -46.72
CA LYS C 65 28.64 -12.48 -45.68
C LYS C 65 27.66 -11.46 -46.27
N GLY C 66 28.16 -10.50 -47.03
CA GLY C 66 27.30 -9.46 -47.59
C GLY C 66 26.51 -9.88 -48.80
N ARG C 67 26.94 -10.93 -49.49
CA ARG C 67 26.31 -11.35 -50.74
C ARG C 67 25.21 -12.39 -50.53
N PHE C 68 25.50 -13.46 -49.81
CA PHE C 68 24.54 -14.54 -49.64
C PHE C 68 23.57 -14.21 -48.51
N THR C 69 22.37 -14.77 -48.61
CA THR C 69 21.34 -14.61 -47.58
C THR C 69 20.58 -15.92 -47.43
N ILE C 70 20.57 -16.45 -46.22
CA ILE C 70 19.87 -17.69 -45.89
C ILE C 70 18.54 -17.33 -45.26
N SER C 71 17.53 -18.17 -45.53
CA SER C 71 16.20 -17.97 -44.96
C SER C 71 15.44 -19.28 -45.01
N ARG C 72 14.46 -19.38 -44.11
CA ARG C 72 13.67 -20.64 -44.00
C ARG C 72 12.21 -20.35 -43.65
N ASP C 73 11.28 -21.14 -44.19
CA ASP C 73 9.84 -21.06 -43.94
C ASP C 73 9.44 -22.36 -43.26
N ASN C 74 9.11 -22.28 -41.97
CA ASN C 74 8.80 -23.47 -41.20
C ASN C 74 7.38 -23.98 -41.42
N SER C 75 6.57 -23.28 -42.21
CA SER C 75 5.26 -23.76 -42.61
C SER C 75 5.30 -24.51 -43.94
N LYS C 76 6.15 -24.08 -44.86
CA LYS C 76 6.35 -24.75 -46.14
C LYS C 76 7.45 -25.80 -46.09
N ASN C 77 8.18 -25.91 -44.98
CA ASN C 77 9.29 -26.84 -44.84
C ASN C 77 10.31 -26.65 -45.97
N THR C 78 10.66 -25.39 -46.21
CA THR C 78 11.60 -25.01 -47.26
C THR C 78 12.71 -24.14 -46.70
N LEU C 79 13.93 -24.41 -47.15
CA LEU C 79 15.10 -23.59 -46.89
C LEU C 79 15.55 -22.96 -48.21
N SER C 80 15.95 -21.70 -48.17
CA SER C 80 16.33 -20.95 -49.35
C SER C 80 17.66 -20.24 -49.13
N LEU C 81 18.38 -20.03 -50.24
CA LEU C 81 19.64 -19.30 -50.24
C LEU C 81 19.65 -18.35 -51.43
N GLN C 82 19.56 -17.05 -51.15
CA GLN C 82 19.70 -16.02 -52.17
C GLN C 82 21.17 -15.64 -52.30
N MET C 83 21.71 -15.77 -53.51
CA MET C 83 23.12 -15.48 -53.81
C MET C 83 23.17 -14.37 -54.85
N HIS C 84 23.55 -13.18 -54.42
CA HIS C 84 23.74 -12.03 -55.31
C HIS C 84 25.22 -11.87 -55.65
N SER C 85 25.47 -11.35 -56.86
CA SER C 85 26.83 -11.01 -57.29
C SER C 85 27.76 -12.22 -57.23
N LEU C 86 27.32 -13.32 -57.85
CA LEU C 86 28.11 -14.55 -57.85
C LEU C 86 29.43 -14.37 -58.58
N ARG C 87 30.52 -14.62 -57.88
CA ARG C 87 31.86 -14.52 -58.46
C ARG C 87 32.27 -15.90 -59.01
N ASP C 88 33.53 -16.05 -59.40
CA ASP C 88 34.01 -17.28 -60.02
C ASP C 88 34.31 -18.37 -59.01
N GLY C 89 34.58 -18.02 -57.75
CA GLY C 89 34.85 -19.03 -56.74
C GLY C 89 33.61 -19.72 -56.19
N ASP C 90 32.42 -19.29 -56.61
CA ASP C 90 31.16 -19.80 -56.08
C ASP C 90 30.63 -21.01 -56.85
N THR C 91 31.42 -21.60 -57.75
CA THR C 91 30.97 -22.76 -58.51
C THR C 91 31.22 -23.99 -57.66
N ALA C 92 30.16 -24.76 -57.39
CA ALA C 92 30.24 -25.91 -56.51
C ALA C 92 28.87 -26.57 -56.48
N VAL C 93 28.84 -27.79 -55.94
CA VAL C 93 27.60 -28.49 -55.65
C VAL C 93 27.22 -28.20 -54.19
N TYR C 94 26.05 -27.61 -54.00
CA TYR C 94 25.59 -27.14 -52.70
C TYR C 94 24.68 -28.18 -52.06
N TYR C 95 24.94 -28.49 -50.79
CA TYR C 95 24.14 -29.43 -50.03
C TYR C 95 23.43 -28.69 -48.91
N CYS C 96 22.11 -28.85 -48.86
CA CYS C 96 21.37 -28.45 -47.67
C CYS C 96 21.46 -29.56 -46.64
N ALA C 97 21.74 -29.18 -45.40
CA ALA C 97 22.03 -30.14 -44.34
C ALA C 97 21.31 -29.72 -43.07
N THR C 98 21.05 -30.71 -42.22
CA THR C 98 20.34 -30.52 -40.96
C THR C 98 21.36 -30.51 -39.84
N GLY C 99 21.45 -29.39 -39.13
CA GLY C 99 22.31 -29.25 -37.97
C GLY C 99 23.17 -28.02 -38.07
N GLY C 100 24.07 -27.90 -37.09
CA GLY C 100 24.98 -26.78 -36.97
C GLY C 100 24.85 -26.04 -35.66
N MET C 101 23.64 -25.96 -35.13
CA MET C 101 23.39 -25.35 -33.83
C MET C 101 22.04 -25.87 -33.34
N SER C 102 21.67 -25.46 -32.13
CA SER C 102 20.43 -25.92 -31.53
C SER C 102 19.95 -24.88 -30.54
N SER C 103 18.73 -25.08 -30.05
CA SER C 103 18.17 -24.18 -29.06
C SER C 103 18.72 -24.49 -27.68
N ALA C 104 18.53 -23.54 -26.77
CA ALA C 104 18.96 -23.72 -25.39
C ALA C 104 18.25 -24.88 -24.72
N LEU C 105 17.08 -25.26 -25.23
CA LEU C 105 16.23 -26.26 -24.61
C LEU C 105 16.50 -27.65 -25.18
N GLN C 106 17.50 -27.79 -26.04
CA GLN C 106 17.92 -29.04 -26.66
C GLN C 106 19.41 -29.22 -26.45
N SER C 107 19.90 -30.42 -26.77
CA SER C 107 21.32 -30.70 -26.65
C SER C 107 22.10 -30.08 -27.81
N SER C 108 23.43 -30.01 -27.64
CA SER C 108 24.29 -29.47 -28.67
C SER C 108 24.24 -30.33 -29.92
N LYS C 109 24.20 -29.67 -31.07
CA LYS C 109 24.13 -30.33 -32.38
C LYS C 109 25.19 -29.77 -33.32
N TYR C 110 26.44 -29.70 -32.84
CA TYR C 110 27.53 -29.16 -33.65
C TYR C 110 28.02 -30.19 -34.67
N TYR C 111 27.11 -30.54 -35.58
CA TYR C 111 27.39 -31.51 -36.64
C TYR C 111 26.22 -31.50 -37.60
N PHE C 112 26.42 -32.14 -38.75
CA PHE C 112 25.40 -32.27 -39.79
C PHE C 112 25.04 -33.74 -39.91
N ASP C 113 23.83 -34.09 -39.49
CA ASP C 113 23.42 -35.50 -39.43
C ASP C 113 22.70 -35.95 -40.70
N PHE C 114 21.96 -35.06 -41.36
CA PHE C 114 21.23 -35.38 -42.58
C PHE C 114 21.63 -34.37 -43.65
N TRP C 115 21.96 -34.88 -44.83
CA TRP C 115 22.34 -34.08 -45.98
C TRP C 115 21.32 -34.26 -47.09
N GLY C 116 21.53 -33.53 -48.19
CA GLY C 116 20.62 -33.54 -49.33
C GLY C 116 21.28 -34.16 -50.55
N GLN C 117 20.49 -34.22 -51.63
CA GLN C 117 20.98 -34.83 -52.87
C GLN C 117 22.16 -34.03 -53.42
N GLY C 118 21.99 -32.72 -53.56
CA GLY C 118 23.00 -31.84 -54.11
C GLY C 118 22.43 -31.07 -55.29
N ALA C 119 22.97 -29.88 -55.51
CA ALA C 119 22.55 -29.01 -56.61
C ALA C 119 23.77 -28.25 -57.11
N LEU C 120 24.12 -28.45 -58.38
CA LEU C 120 25.33 -27.87 -58.94
C LEU C 120 25.03 -26.47 -59.46
N VAL C 121 25.84 -25.51 -59.05
CA VAL C 121 25.80 -24.14 -59.53
C VAL C 121 27.13 -23.87 -60.22
N THR C 122 27.06 -23.49 -61.51
CA THR C 122 28.22 -23.16 -62.31
C THR C 122 28.17 -21.68 -62.65
N VAL C 123 29.22 -20.94 -62.27
CA VAL C 123 29.26 -19.50 -62.50
C VAL C 123 30.72 -19.04 -62.56
N ALA D 1 41.67 -23.44 -42.01
CA ALA D 1 41.19 -24.79 -42.26
C ALA D 1 42.07 -25.82 -41.59
N LEU D 2 41.71 -27.09 -41.74
CA LEU D 2 42.42 -28.21 -41.14
C LEU D 2 43.21 -28.95 -42.22
N THR D 3 44.17 -29.75 -41.76
CA THR D 3 45.03 -30.54 -42.62
C THR D 3 44.73 -32.02 -42.39
N GLN D 4 44.45 -32.72 -43.49
CA GLN D 4 44.10 -34.13 -43.47
C GLN D 4 45.00 -34.85 -44.46
N PRO D 5 45.38 -36.10 -44.22
CA PRO D 5 46.25 -36.81 -45.18
C PRO D 5 45.59 -36.92 -46.54
N PRO D 6 46.33 -36.75 -47.65
CA PRO D 6 45.68 -36.85 -48.97
C PRO D 6 45.08 -38.20 -49.26
N SER D 7 45.77 -39.28 -48.89
CA SER D 7 45.27 -40.62 -49.11
C SER D 7 45.78 -41.54 -48.01
N VAL D 8 44.96 -42.52 -47.66
CA VAL D 8 45.30 -43.56 -46.71
C VAL D 8 45.03 -44.91 -47.37
N SER D 9 45.96 -45.84 -47.22
CA SER D 9 45.91 -47.14 -47.88
C SER D 9 45.72 -48.24 -46.84
N GLY D 10 44.75 -49.11 -47.10
CA GLY D 10 44.46 -50.21 -46.21
C GLY D 10 44.13 -51.46 -47.00
N SER D 11 44.27 -52.61 -46.34
CA SER D 11 43.97 -53.93 -46.86
C SER D 11 42.80 -54.52 -46.07
N PRO D 12 42.00 -55.41 -46.68
CA PRO D 12 40.83 -55.95 -45.95
C PRO D 12 41.24 -56.68 -44.67
N GLY D 13 40.42 -56.49 -43.62
CA GLY D 13 40.56 -57.20 -42.38
C GLY D 13 41.38 -56.51 -41.31
N GLN D 14 42.36 -55.69 -41.69
CA GLN D 14 43.17 -54.95 -40.73
C GLN D 14 42.53 -53.60 -40.45
N SER D 15 43.26 -52.68 -39.82
CA SER D 15 42.71 -51.39 -39.41
C SER D 15 43.47 -50.28 -40.12
N VAL D 16 42.83 -49.11 -40.16
CA VAL D 16 43.41 -47.90 -40.75
C VAL D 16 43.02 -46.72 -39.86
N THR D 17 43.86 -45.69 -39.87
CA THR D 17 43.69 -44.55 -38.97
C THR D 17 43.95 -43.25 -39.74
N ILE D 18 42.87 -42.57 -40.14
CA ILE D 18 42.99 -41.23 -40.70
C ILE D 18 43.12 -40.23 -39.56
N SER D 19 43.76 -39.10 -39.83
CA SER D 19 44.08 -38.09 -38.83
C SER D 19 43.65 -36.71 -39.30
N CYS D 20 43.48 -35.80 -38.34
CA CYS D 20 43.10 -34.42 -38.62
C CYS D 20 43.68 -33.56 -37.51
N THR D 21 44.81 -32.90 -37.79
CA THR D 21 45.48 -32.03 -36.84
C THR D 21 45.09 -30.58 -37.13
N GLY D 22 44.82 -29.83 -36.07
CA GLY D 22 44.38 -28.45 -36.20
C GLY D 22 45.08 -27.55 -35.19
N THR D 23 44.71 -26.28 -35.25
CA THR D 23 45.25 -25.29 -34.32
C THR D 23 44.62 -25.47 -32.95
N SER D 24 45.08 -24.68 -31.99
CA SER D 24 44.62 -24.80 -30.60
C SER D 24 43.24 -24.19 -30.39
N SER D 25 42.70 -23.45 -31.34
CA SER D 25 41.43 -22.75 -31.17
C SER D 25 40.23 -23.54 -31.67
N ASP D 26 40.43 -24.54 -32.53
CA ASP D 26 39.32 -25.32 -33.09
C ASP D 26 39.23 -26.69 -32.42
N ILE D 27 40.29 -27.51 -32.48
CA ILE D 27 40.22 -28.86 -31.96
C ILE D 27 40.64 -28.91 -30.50
N GLY D 28 41.61 -28.08 -30.12
CA GLY D 28 42.08 -28.04 -28.75
C GLY D 28 41.27 -27.18 -27.82
N SER D 29 40.21 -26.54 -28.31
CA SER D 29 39.33 -25.70 -27.52
C SER D 29 37.91 -26.21 -27.44
N TYR D 30 37.46 -26.99 -28.42
CA TYR D 30 36.08 -27.47 -28.51
C TYR D 30 36.10 -28.95 -28.83
N ASN D 31 35.37 -29.74 -28.05
CA ASN D 31 35.24 -31.17 -28.28
C ASN D 31 34.09 -31.48 -29.23
N TYR D 32 34.12 -30.82 -30.40
CA TYR D 32 33.10 -30.96 -31.44
C TYR D 32 33.85 -31.21 -32.75
N VAL D 33 34.17 -32.49 -32.98
CA VAL D 33 34.89 -32.91 -34.19
C VAL D 33 34.07 -34.02 -34.83
N SER D 34 33.69 -33.80 -36.09
CA SER D 34 32.83 -34.72 -36.83
C SER D 34 33.56 -35.23 -38.06
N TRP D 35 33.24 -36.48 -38.44
CA TRP D 35 33.81 -37.14 -39.59
C TRP D 35 32.68 -37.54 -40.53
N TYR D 36 32.89 -37.31 -41.82
CA TYR D 36 31.88 -37.54 -42.84
C TYR D 36 32.45 -38.47 -43.90
N GLN D 37 31.58 -39.33 -44.44
CA GLN D 37 31.95 -40.23 -45.53
C GLN D 37 31.15 -39.84 -46.76
N GLN D 38 31.85 -39.48 -47.83
CA GLN D 38 31.25 -39.18 -49.13
C GLN D 38 31.72 -40.23 -50.12
N HIS D 39 30.82 -41.13 -50.49
CA HIS D 39 31.10 -42.08 -51.55
C HIS D 39 31.24 -41.32 -52.87
N PRO D 40 31.99 -41.86 -53.84
CA PRO D 40 32.05 -41.18 -55.14
C PRO D 40 30.67 -41.14 -55.79
N GLY D 41 30.23 -39.93 -56.13
CA GLY D 41 28.99 -39.71 -56.83
C GLY D 41 27.78 -39.39 -55.96
N LYS D 42 27.85 -39.63 -54.65
CA LYS D 42 26.74 -39.35 -53.75
C LYS D 42 27.13 -38.22 -52.79
N ALA D 43 26.23 -37.91 -51.86
CA ALA D 43 26.39 -36.83 -50.90
C ALA D 43 27.01 -37.35 -49.62
N PRO D 44 27.55 -36.47 -48.77
CA PRO D 44 28.19 -36.95 -47.53
C PRO D 44 27.18 -37.55 -46.55
N LYS D 45 27.73 -38.32 -45.61
CA LYS D 45 26.97 -38.98 -44.56
C LYS D 45 27.73 -38.81 -43.26
N LEU D 46 27.01 -38.58 -42.16
CA LEU D 46 27.63 -38.45 -40.86
C LEU D 46 28.08 -39.82 -40.36
N MET D 47 29.37 -39.94 -40.05
CA MET D 47 29.96 -41.15 -39.49
C MET D 47 30.23 -41.00 -38.00
N ILE D 48 30.85 -39.91 -37.59
CA ILE D 48 31.20 -39.64 -36.20
C ILE D 48 30.85 -38.18 -35.90
N TYR D 49 30.39 -37.94 -34.68
CA TYR D 49 30.19 -36.59 -34.17
C TYR D 49 30.68 -36.52 -32.73
N ASP D 50 30.96 -35.31 -32.29
CA ASP D 50 31.41 -35.06 -30.90
C ASP D 50 32.63 -35.91 -30.56
N VAL D 51 33.56 -36.00 -31.52
CA VAL D 51 34.83 -36.73 -31.38
C VAL D 51 34.57 -38.23 -31.36
N THR D 52 33.86 -38.74 -30.34
CA THR D 52 33.74 -40.17 -30.09
C THR D 52 32.35 -40.73 -30.25
N GLN D 53 31.34 -39.91 -30.55
CA GLN D 53 29.95 -40.36 -30.59
C GLN D 53 29.57 -40.75 -32.01
N ARG D 54 28.75 -41.79 -32.12
CA ARG D 54 28.43 -42.46 -33.36
C ARG D 54 26.93 -42.37 -33.63
N PRO D 55 26.48 -41.99 -34.83
CA PRO D 55 25.04 -42.01 -35.10
C PRO D 55 24.49 -43.43 -35.15
N SER D 56 23.19 -43.53 -34.89
CA SER D 56 22.50 -44.81 -35.01
C SER D 56 22.51 -45.27 -36.46
N GLY D 57 22.65 -46.58 -36.65
CA GLY D 57 22.73 -47.14 -37.99
C GLY D 57 24.13 -47.24 -38.56
N VAL D 58 25.16 -46.99 -37.76
CA VAL D 58 26.55 -47.01 -38.19
C VAL D 58 27.29 -48.04 -37.34
N SER D 59 28.04 -48.92 -38.01
CA SER D 59 28.69 -50.02 -37.32
C SER D 59 29.77 -49.50 -36.38
N ASP D 60 30.13 -50.34 -35.41
CA ASP D 60 31.15 -50.03 -34.41
C ASP D 60 32.56 -50.02 -35.02
N ARG D 61 32.70 -50.47 -36.27
CA ARG D 61 34.02 -50.44 -36.92
C ARG D 61 34.55 -49.01 -37.02
N PHE D 62 33.68 -48.05 -37.26
CA PHE D 62 34.09 -46.65 -37.27
C PHE D 62 34.18 -46.13 -35.84
N SER D 63 35.36 -45.65 -35.44
CA SER D 63 35.61 -45.16 -34.10
C SER D 63 36.43 -43.88 -34.17
N GLY D 64 36.17 -42.99 -33.22
CA GLY D 64 36.80 -41.67 -33.20
C GLY D 64 37.54 -41.44 -31.90
N SER D 65 38.57 -40.59 -31.96
CA SER D 65 39.38 -40.25 -30.79
C SER D 65 40.03 -38.90 -31.05
N LYS D 66 40.55 -38.30 -29.98
CA LYS D 66 41.23 -37.02 -30.08
C LYS D 66 42.33 -36.98 -29.04
N SER D 67 43.47 -36.40 -29.41
CA SER D 67 44.60 -36.22 -28.51
C SER D 67 45.16 -34.82 -28.76
N GLY D 68 45.06 -33.95 -27.76
CA GLY D 68 45.52 -32.58 -27.93
C GLY D 68 44.73 -31.87 -29.01
N ASN D 69 45.46 -31.29 -29.97
CA ASN D 69 44.86 -30.59 -31.10
C ASN D 69 44.72 -31.47 -32.33
N THR D 70 44.71 -32.79 -32.15
CA THR D 70 44.68 -33.75 -33.25
C THR D 70 43.54 -34.73 -33.02
N ALA D 71 42.78 -34.99 -34.08
CA ALA D 71 41.67 -35.94 -34.06
C ALA D 71 41.97 -37.09 -35.01
N SER D 72 41.47 -38.27 -34.66
CA SER D 72 41.76 -39.49 -35.41
C SER D 72 40.49 -40.32 -35.58
N LEU D 73 40.28 -40.80 -36.80
CA LEU D 73 39.22 -41.73 -37.13
C LEU D 73 39.84 -43.07 -37.47
N THR D 74 39.40 -44.13 -36.78
CA THR D 74 39.92 -45.48 -36.97
C THR D 74 38.82 -46.36 -37.52
N ILE D 75 39.11 -47.01 -38.65
CA ILE D 75 38.19 -47.93 -39.31
C ILE D 75 38.80 -49.32 -39.20
N SER D 76 38.17 -50.19 -38.41
CA SER D 76 38.58 -51.58 -38.28
C SER D 76 37.85 -52.44 -39.29
N GLY D 77 38.47 -53.57 -39.64
CA GLY D 77 37.84 -54.53 -40.54
C GLY D 77 37.40 -53.94 -41.86
N LEU D 78 38.36 -53.35 -42.59
CA LEU D 78 38.04 -52.64 -43.82
C LEU D 78 37.34 -53.53 -44.83
N GLN D 79 36.34 -52.95 -45.49
CA GLN D 79 35.52 -53.63 -46.49
C GLN D 79 35.47 -52.78 -47.74
N ALA D 80 34.85 -53.32 -48.79
CA ALA D 80 34.78 -52.60 -50.06
C ALA D 80 33.97 -51.31 -49.91
N ASP D 81 32.86 -51.37 -49.17
CA ASP D 81 32.02 -50.18 -49.01
C ASP D 81 32.76 -49.04 -48.31
N ASP D 82 33.79 -49.36 -47.51
CA ASP D 82 34.54 -48.34 -46.81
C ASP D 82 35.24 -47.36 -47.76
N GLU D 83 35.53 -47.78 -48.99
CA GLU D 83 36.20 -46.89 -49.94
C GLU D 83 35.34 -45.66 -50.19
N ALA D 84 35.91 -44.49 -49.88
CA ALA D 84 35.19 -43.23 -49.97
C ALA D 84 36.12 -42.06 -49.70
N ASP D 85 35.59 -40.84 -49.82
CA ASP D 85 36.31 -39.63 -49.44
C ASP D 85 35.86 -39.23 -48.04
N TYR D 86 36.81 -39.05 -47.14
CA TYR D 86 36.56 -38.78 -45.73
C TYR D 86 37.02 -37.38 -45.39
N TYR D 87 36.14 -36.61 -44.75
CA TYR D 87 36.41 -35.23 -44.35
C TYR D 87 36.19 -35.06 -42.86
N CYS D 88 37.09 -34.31 -42.22
CA CYS D 88 36.97 -33.95 -40.82
C CYS D 88 36.50 -32.50 -40.71
N SER D 89 35.55 -32.26 -39.81
CA SER D 89 35.06 -30.92 -39.51
C SER D 89 35.22 -30.64 -38.03
N ALA D 90 35.51 -29.38 -37.70
CA ALA D 90 35.63 -28.92 -36.32
C ALA D 90 34.89 -27.61 -36.15
N TYR D 91 34.24 -27.46 -35.00
CA TYR D 91 33.60 -26.19 -34.66
C TYR D 91 34.66 -25.26 -34.07
N ALA D 92 34.86 -24.11 -34.73
CA ALA D 92 35.99 -23.24 -34.44
C ALA D 92 35.63 -22.01 -33.61
N GLY D 93 34.34 -21.76 -33.34
CA GLY D 93 33.91 -20.64 -32.55
C GLY D 93 32.65 -20.04 -33.13
N ARG D 94 32.23 -18.89 -32.58
CA ARG D 94 30.95 -18.27 -33.03
C ARG D 94 31.20 -17.20 -34.09
N GLN D 95 32.47 -16.85 -34.35
CA GLN D 95 32.77 -15.91 -35.43
C GLN D 95 32.97 -16.67 -36.73
N THR D 96 33.92 -17.61 -36.74
CA THR D 96 34.04 -18.62 -37.79
C THR D 96 33.51 -19.92 -37.21
N PHE D 97 32.52 -20.51 -37.88
CA PHE D 97 31.76 -21.60 -37.28
C PHE D 97 32.37 -22.97 -37.57
N TYR D 98 32.47 -23.35 -38.84
CA TYR D 98 32.84 -24.70 -39.24
C TYR D 98 33.97 -24.65 -40.24
N ILE D 99 35.05 -25.37 -39.92
CA ILE D 99 36.21 -25.53 -40.79
C ILE D 99 36.32 -27.00 -41.16
N PHE D 100 36.43 -27.25 -42.46
CA PHE D 100 36.59 -28.60 -43.00
C PHE D 100 38.03 -28.86 -43.41
N GLY D 101 38.38 -30.14 -43.47
CA GLY D 101 39.65 -30.58 -43.98
C GLY D 101 39.53 -31.15 -45.38
N GLY D 102 40.67 -31.25 -46.07
CA GLY D 102 40.66 -31.84 -47.39
C GLY D 102 40.33 -33.32 -47.34
N GLY D 103 39.82 -33.82 -48.48
CA GLY D 103 39.35 -35.19 -48.52
C GLY D 103 40.49 -36.18 -48.42
N THR D 104 40.11 -37.44 -48.20
CA THR D 104 41.06 -38.54 -48.06
C THR D 104 40.49 -39.79 -48.72
N ARG D 105 41.20 -40.30 -49.72
CA ARG D 105 40.80 -41.52 -50.40
C ARG D 105 41.25 -42.74 -49.61
N LEU D 106 40.34 -43.68 -49.41
CA LEU D 106 40.64 -44.97 -48.80
C LEU D 106 40.50 -46.03 -49.87
N THR D 107 41.58 -46.76 -50.12
CA THR D 107 41.64 -47.80 -51.15
C THR D 107 41.80 -49.15 -50.45
N VAL D 108 40.81 -50.02 -50.61
CA VAL D 108 40.78 -51.32 -49.96
C VAL D 108 40.95 -52.41 -51.01
N ASN E 38 28.84 -27.62 -18.86
CA ASN E 38 27.84 -28.21 -19.74
C ASN E 38 26.51 -27.48 -19.61
N LEU E 39 25.92 -27.53 -18.41
CA LEU E 39 24.63 -26.92 -18.12
C LEU E 39 24.81 -25.83 -17.07
N TRP E 40 23.98 -24.80 -17.17
CA TRP E 40 24.10 -23.60 -16.37
C TRP E 40 22.71 -23.20 -15.87
N VAL E 41 22.70 -22.44 -14.78
CA VAL E 41 21.44 -21.96 -14.22
C VAL E 41 20.89 -20.85 -15.10
N THR E 42 19.63 -20.99 -15.52
CA THR E 42 18.89 -19.96 -16.23
C THR E 42 17.65 -19.62 -15.43
N VAL E 43 17.45 -18.33 -15.18
CA VAL E 43 16.34 -17.86 -14.35
C VAL E 43 15.18 -17.51 -15.27
N TYR E 44 14.00 -18.05 -14.92
CA TYR E 44 12.77 -17.81 -15.66
C TYR E 44 11.77 -17.14 -14.74
N TYR E 45 11.24 -16.00 -15.18
CA TYR E 45 10.20 -15.27 -14.46
C TYR E 45 8.90 -15.38 -15.24
N GLY E 46 7.81 -15.69 -14.53
CA GLY E 46 6.52 -15.88 -15.13
C GLY E 46 6.18 -17.31 -15.45
N VAL E 47 6.84 -18.26 -14.78
CA VAL E 47 6.58 -19.71 -15.02
C VAL E 47 5.19 -20.07 -14.45
N PRO E 48 4.44 -20.99 -15.07
CA PRO E 48 3.09 -21.34 -14.60
C PRO E 48 3.13 -22.33 -13.43
N VAL E 49 3.80 -21.94 -12.33
CA VAL E 49 3.90 -22.83 -11.14
C VAL E 49 3.02 -22.25 -10.03
N TRP E 50 2.31 -23.10 -9.29
CA TRP E 50 1.51 -22.61 -8.18
C TRP E 50 1.59 -23.55 -6.99
N LYS E 51 1.21 -23.03 -5.83
CA LYS E 51 1.06 -23.79 -4.60
C LYS E 51 -0.27 -23.43 -3.95
N ASP E 52 -0.77 -24.33 -3.11
CA ASP E 52 -1.96 -24.04 -2.33
C ASP E 52 -1.71 -22.91 -1.36
N ALA E 53 -2.69 -22.01 -1.22
CA ALA E 53 -2.52 -20.83 -0.39
C ALA E 53 -3.87 -20.36 0.12
N GLU E 54 -3.81 -19.47 1.12
CA GLU E 54 -4.98 -18.86 1.73
C GLU E 54 -4.83 -17.35 1.64
N THR E 55 -5.80 -16.69 0.99
CA THR E 55 -5.80 -15.24 0.81
C THR E 55 -7.16 -14.67 1.17
N THR E 56 -7.23 -13.33 1.15
CA THR E 56 -8.47 -12.61 1.39
C THR E 56 -9.07 -12.25 0.04
N LEU E 57 -10.14 -12.94 -0.34
CA LEU E 57 -10.81 -12.73 -1.60
C LEU E 57 -11.75 -11.54 -1.50
N PHE E 58 -11.99 -10.90 -2.63
CA PHE E 58 -12.92 -9.77 -2.73
C PHE E 58 -14.04 -10.19 -3.68
N CYS E 59 -15.26 -9.70 -3.43
CA CYS E 59 -16.41 -10.18 -4.14
C CYS E 59 -16.39 -9.56 -5.53
N ALA E 60 -17.33 -9.97 -6.36
CA ALA E 60 -17.79 -9.14 -7.46
C ALA E 60 -19.30 -9.30 -7.61
N SER E 61 -19.97 -8.19 -7.91
CA SER E 61 -21.42 -8.17 -8.00
C SER E 61 -21.85 -7.33 -9.21
N ASP E 62 -23.13 -7.44 -9.55
CA ASP E 62 -23.69 -6.65 -10.64
C ASP E 62 -23.96 -5.23 -10.16
N ALA E 63 -23.46 -4.25 -10.91
CA ALA E 63 -23.80 -2.87 -10.62
C ALA E 63 -25.29 -2.60 -10.88
N LYS E 64 -25.83 -3.25 -11.91
CA LYS E 64 -27.25 -3.19 -12.27
C LYS E 64 -28.15 -3.40 -11.05
N ALA E 65 -28.01 -4.57 -10.41
CA ALA E 65 -28.81 -4.88 -9.24
C ALA E 65 -28.57 -3.89 -8.11
N TYR E 66 -27.35 -3.33 -8.02
CA TYR E 66 -27.10 -2.30 -7.02
C TYR E 66 -27.93 -1.05 -7.30
N GLU E 67 -28.11 -0.68 -8.57
CA GLU E 67 -29.03 0.42 -8.86
C GLU E 67 -30.46 0.05 -8.53
N THR E 68 -30.83 -1.22 -8.76
CA THR E 68 -32.19 -1.67 -8.38
C THR E 68 -32.29 -1.84 -6.88
N LYS E 69 -31.18 -2.16 -6.20
CA LYS E 69 -31.25 -2.46 -4.74
C LYS E 69 -30.64 -1.31 -3.91
N LYS E 70 -31.49 -0.44 -3.36
CA LYS E 70 -30.99 0.64 -2.48
C LYS E 70 -30.01 0.02 -1.46
N HIS E 71 -30.44 -1.02 -0.75
CA HIS E 71 -29.56 -1.70 0.19
C HIS E 71 -29.95 -3.17 0.25
N ASN E 72 -28.94 -4.03 0.43
CA ASN E 72 -29.20 -5.48 0.60
C ASN E 72 -28.26 -5.85 1.75
N VAL E 73 -28.75 -6.62 2.73
CA VAL E 73 -27.93 -6.99 3.93
C VAL E 73 -26.52 -7.34 3.47
N TRP E 74 -26.39 -8.11 2.38
CA TRP E 74 -25.09 -8.55 1.90
C TRP E 74 -24.66 -7.45 0.96
N ALA E 75 -23.79 -6.58 1.45
CA ALA E 75 -23.53 -5.30 0.80
C ALA E 75 -22.85 -5.49 -0.55
N THR E 76 -23.36 -4.76 -1.54
CA THR E 76 -22.67 -4.57 -2.81
C THR E 76 -21.74 -3.35 -2.77
N HIS E 77 -21.60 -2.70 -1.61
CA HIS E 77 -20.69 -1.57 -1.45
C HIS E 77 -19.33 -1.99 -0.91
N ALA E 78 -19.31 -2.91 0.05
CA ALA E 78 -18.05 -3.55 0.43
C ALA E 78 -17.44 -4.29 -0.74
N CYS E 79 -18.24 -4.78 -1.65
CA CYS E 79 -17.80 -5.48 -2.84
C CYS E 79 -17.60 -4.52 -4.03
N VAL E 80 -17.42 -5.08 -5.22
CA VAL E 80 -17.00 -4.34 -6.41
C VAL E 80 -17.93 -4.72 -7.57
N PRO E 81 -18.16 -3.80 -8.50
CA PRO E 81 -18.89 -4.18 -9.72
C PRO E 81 -18.15 -5.24 -10.53
N THR E 82 -18.92 -6.22 -11.01
CA THR E 82 -18.33 -7.33 -11.76
C THR E 82 -17.98 -6.92 -13.18
N ASP E 83 -17.13 -7.74 -13.81
CA ASP E 83 -16.63 -7.49 -15.15
C ASP E 83 -17.43 -8.30 -16.16
N PRO E 84 -18.11 -7.69 -17.15
CA PRO E 84 -18.81 -8.50 -18.15
C PRO E 84 -17.85 -9.33 -18.98
N ASN E 85 -18.36 -10.49 -19.44
CA ASN E 85 -17.58 -11.45 -20.21
C ASN E 85 -16.36 -11.89 -19.41
N PRO E 86 -16.56 -12.62 -18.31
CA PRO E 86 -15.42 -13.16 -17.56
C PRO E 86 -14.73 -14.27 -18.33
N GLN E 87 -13.46 -14.48 -17.97
CA GLN E 87 -12.58 -15.41 -18.67
C GLN E 87 -12.41 -16.69 -17.87
N GLU E 88 -12.46 -17.82 -18.56
CA GLU E 88 -12.17 -19.13 -17.99
C GLU E 88 -11.25 -19.84 -18.98
N ILE E 89 -10.01 -20.07 -18.57
CA ILE E 89 -9.01 -20.74 -19.41
C ILE E 89 -8.91 -22.19 -18.96
N HIS E 90 -9.03 -23.11 -19.90
CA HIS E 90 -8.91 -24.53 -19.62
C HIS E 90 -7.44 -24.91 -19.47
N LEU E 91 -7.08 -25.45 -18.31
CA LEU E 91 -5.72 -25.92 -18.06
C LEU E 91 -5.62 -27.35 -18.57
N GLU E 92 -5.41 -27.48 -19.87
CA GLU E 92 -5.31 -28.80 -20.47
C GLU E 92 -4.06 -29.52 -19.97
N ASN E 93 -4.21 -30.82 -19.69
CA ASN E 93 -3.17 -31.72 -19.21
C ASN E 93 -2.81 -31.49 -17.75
N VAL E 94 -3.55 -30.63 -17.04
CA VAL E 94 -3.29 -30.32 -15.65
C VAL E 94 -4.28 -31.08 -14.78
N THR E 95 -3.75 -31.82 -13.81
CA THR E 95 -4.54 -32.53 -12.81
C THR E 95 -4.18 -31.98 -11.44
N GLU E 96 -5.18 -31.45 -10.74
CA GLU E 96 -4.97 -30.75 -9.48
C GLU E 96 -5.73 -31.47 -8.37
N GLU E 97 -5.16 -31.42 -7.16
CA GLU E 97 -5.76 -32.01 -5.98
C GLU E 97 -6.66 -30.98 -5.31
N PHE E 98 -7.92 -31.34 -5.09
CA PHE E 98 -8.90 -30.50 -4.42
C PHE E 98 -9.33 -31.15 -3.12
N ASN E 99 -9.65 -30.31 -2.13
CA ASN E 99 -10.24 -30.75 -0.87
C ASN E 99 -11.40 -29.83 -0.54
N MET E 100 -12.61 -30.32 -0.78
CA MET E 100 -13.81 -29.58 -0.46
C MET E 100 -13.93 -29.32 1.03
N TRP E 101 -13.39 -30.20 1.86
CA TRP E 101 -13.58 -30.17 3.30
C TRP E 101 -12.49 -29.37 4.03
N LYS E 102 -11.43 -28.98 3.33
CA LYS E 102 -10.45 -28.01 3.83
C LYS E 102 -10.31 -26.95 2.75
N ASN E 103 -11.21 -25.98 2.79
CA ASN E 103 -11.22 -24.85 1.86
C ASN E 103 -11.46 -23.57 2.65
N ASN E 104 -10.55 -22.62 2.54
CA ASN E 104 -10.67 -21.36 3.26
C ASN E 104 -11.62 -20.38 2.59
N MET E 105 -12.06 -20.66 1.37
CA MET E 105 -13.08 -19.83 0.75
C MET E 105 -14.39 -19.93 1.49
N VAL E 106 -14.70 -21.13 2.01
CA VAL E 106 -15.93 -21.32 2.78
C VAL E 106 -15.86 -20.54 4.08
N GLU E 107 -14.71 -20.57 4.75
CA GLU E 107 -14.57 -19.85 6.01
C GLU E 107 -14.62 -18.34 5.79
N GLN E 108 -13.98 -17.86 4.71
CA GLN E 108 -14.05 -16.43 4.43
C GLN E 108 -15.47 -16.02 4.08
N MET E 109 -16.20 -16.84 3.33
CA MET E 109 -17.60 -16.52 3.06
C MET E 109 -18.41 -16.48 4.34
N HIS E 110 -18.17 -17.40 5.27
CA HIS E 110 -18.88 -17.36 6.54
C HIS E 110 -18.62 -16.06 7.26
N THR E 111 -17.34 -15.71 7.40
CA THR E 111 -16.97 -14.47 8.07
C THR E 111 -17.60 -13.26 7.39
N ASP E 112 -17.56 -13.22 6.05
CA ASP E 112 -18.05 -12.07 5.31
C ASP E 112 -19.56 -11.92 5.45
N ILE E 113 -20.31 -13.02 5.33
CA ILE E 113 -21.76 -12.94 5.43
C ILE E 113 -22.19 -12.52 6.84
N ILE E 114 -21.58 -13.11 7.88
CA ILE E 114 -21.93 -12.70 9.25
C ILE E 114 -21.58 -11.23 9.47
N SER E 115 -20.41 -10.79 9.00
CA SER E 115 -20.00 -9.42 9.25
C SER E 115 -20.87 -8.42 8.46
N LEU E 116 -21.25 -8.79 7.24
CA LEU E 116 -22.16 -7.94 6.46
C LEU E 116 -23.51 -7.82 7.14
N TRP E 117 -24.02 -8.92 7.70
CA TRP E 117 -25.26 -8.86 8.47
C TRP E 117 -25.10 -7.94 9.67
N ASP E 118 -23.99 -8.07 10.38
CA ASP E 118 -23.80 -7.27 11.59
C ASP E 118 -23.76 -5.78 11.26
N GLN E 119 -23.02 -5.40 10.22
CA GLN E 119 -22.97 -3.97 9.91
C GLN E 119 -24.28 -3.47 9.30
N SER E 120 -25.01 -4.34 8.60
CA SER E 120 -26.34 -3.96 8.13
C SER E 120 -27.33 -3.81 9.27
N LEU E 121 -27.05 -4.37 10.45
CA LEU E 121 -27.94 -4.26 11.60
C LEU E 121 -27.46 -3.29 12.68
N LYS E 122 -26.23 -2.77 12.57
CA LYS E 122 -25.81 -1.73 13.52
C LYS E 122 -26.65 -0.47 13.42
N PRO E 123 -26.89 0.14 12.23
CA PRO E 123 -27.63 1.40 12.22
C PRO E 123 -29.08 1.26 12.65
N CYS E 124 -29.69 0.11 12.43
CA CYS E 124 -31.12 -0.04 12.67
C CYS E 124 -31.44 0.02 14.18
N VAL E 125 -32.72 0.23 14.46
CA VAL E 125 -33.17 0.48 15.83
C VAL E 125 -33.02 -0.77 16.69
N LYS E 126 -32.62 -0.57 17.94
CA LYS E 126 -32.49 -1.65 18.93
C LYS E 126 -33.71 -1.64 19.84
N LEU E 127 -34.40 -2.78 19.94
CA LEU E 127 -35.68 -2.88 20.66
C LEU E 127 -35.47 -3.30 22.12
N THR E 128 -34.69 -2.51 22.84
CA THR E 128 -34.63 -2.56 24.29
C THR E 128 -35.86 -1.98 25.01
N PRO E 129 -36.50 -0.90 24.54
CA PRO E 129 -37.68 -0.42 25.28
C PRO E 129 -38.84 -1.41 25.29
N LEU E 130 -38.84 -2.41 24.42
CA LEU E 130 -39.94 -3.38 24.30
C LEU E 130 -39.83 -4.53 25.28
N CYS E 131 -38.82 -4.56 26.15
CA CYS E 131 -38.67 -5.63 27.14
C CYS E 131 -39.52 -5.28 28.35
N VAL E 132 -40.83 -5.46 28.20
CA VAL E 132 -41.80 -5.16 29.25
C VAL E 132 -42.78 -6.32 29.37
N THR E 133 -43.47 -6.37 30.51
CA THR E 133 -44.49 -7.37 30.73
C THR E 133 -45.62 -7.20 29.71
N LEU E 134 -46.05 -8.32 29.15
CA LEU E 134 -47.05 -8.34 28.09
C LEU E 134 -48.27 -9.09 28.60
N GLN E 135 -49.43 -8.44 28.59
CA GLN E 135 -50.70 -9.09 28.93
C GLN E 135 -51.32 -9.62 27.65
N CYS E 136 -51.35 -10.94 27.49
CA CYS E 136 -51.64 -11.58 26.22
C CYS E 136 -52.90 -12.41 26.34
N THR E 137 -53.73 -12.36 25.29
CA THR E 137 -54.95 -13.14 25.21
C THR E 137 -55.04 -13.78 23.83
N ASN E 138 -55.83 -14.85 23.75
CA ASN E 138 -55.95 -15.60 22.51
C ASN E 138 -56.63 -14.78 21.43
N VAL E 139 -56.22 -15.02 20.19
CA VAL E 139 -56.85 -14.45 18.99
C VAL E 139 -57.69 -15.54 18.36
N THR E 140 -59.02 -15.36 18.36
CA THR E 140 -59.96 -16.36 17.84
C THR E 140 -60.94 -15.76 16.83
N ASN E 141 -60.54 -14.71 16.11
CA ASN E 141 -61.47 -14.06 15.19
C ASN E 141 -61.89 -15.00 14.06
N ASN E 142 -60.92 -15.61 13.36
CA ASN E 142 -61.19 -16.61 12.33
C ASN E 142 -59.99 -17.56 12.35
N ILE E 143 -60.13 -18.69 13.03
CA ILE E 143 -59.00 -19.55 13.36
C ILE E 143 -59.36 -20.98 12.99
N THR E 144 -58.46 -21.63 12.23
CA THR E 144 -58.55 -23.06 11.97
C THR E 144 -57.93 -23.85 13.12
N ASP E 145 -58.27 -25.14 13.19
CA ASP E 145 -57.86 -25.97 14.31
C ASP E 145 -56.34 -26.13 14.42
N ASP E 146 -55.61 -25.98 13.31
CA ASP E 146 -54.16 -26.12 13.36
C ASP E 146 -53.49 -24.86 13.91
N MET E 147 -54.02 -23.70 13.55
CA MET E 147 -53.45 -22.40 13.93
C MET E 147 -53.93 -21.95 15.33
N ARG E 148 -54.44 -22.85 16.16
CA ARG E 148 -55.02 -22.44 17.43
C ARG E 148 -53.90 -22.07 18.41
N GLY E 149 -53.86 -20.80 18.81
CA GLY E 149 -52.92 -20.35 19.82
C GLY E 149 -51.60 -19.83 19.29
N GLU E 150 -51.35 -19.93 17.98
CA GLU E 150 -50.08 -19.49 17.44
C GLU E 150 -49.88 -17.98 17.63
N LEU E 151 -50.91 -17.20 17.35
CA LEU E 151 -50.87 -15.75 17.49
C LEU E 151 -51.61 -15.34 18.76
N LYS E 152 -51.06 -14.35 19.46
CA LYS E 152 -51.66 -13.81 20.68
C LYS E 152 -51.73 -12.30 20.63
N ASN E 153 -52.86 -11.77 21.11
CA ASN E 153 -53.09 -10.34 21.23
C ASN E 153 -52.53 -9.86 22.56
N CYS E 154 -51.52 -9.00 22.50
CA CYS E 154 -50.72 -8.62 23.67
C CYS E 154 -50.70 -7.12 23.83
N SER E 155 -50.98 -6.65 25.04
CA SER E 155 -51.02 -5.24 25.38
C SER E 155 -49.87 -4.92 26.32
N PHE E 156 -49.33 -3.70 26.18
CA PHE E 156 -48.17 -3.32 26.99
C PHE E 156 -48.03 -1.80 26.96
N ASN E 157 -47.37 -1.28 27.99
CA ASN E 157 -47.04 0.14 28.08
C ASN E 157 -45.74 0.40 27.34
N MET E 158 -45.71 1.48 26.57
CA MET E 158 -44.61 1.81 25.68
C MET E 158 -44.22 3.27 25.81
N THR E 159 -42.93 3.54 25.58
CA THR E 159 -42.42 4.89 25.56
C THR E 159 -42.87 5.61 24.29
N THR E 160 -42.92 6.93 24.36
CA THR E 160 -43.25 7.80 23.24
C THR E 160 -42.07 8.75 23.00
N GLU E 161 -42.21 9.58 21.96
CA GLU E 161 -41.11 10.46 21.55
C GLU E 161 -40.71 11.43 22.66
N LEU E 162 -41.67 11.87 23.46
CA LEU E 162 -41.40 12.74 24.60
C LEU E 162 -41.02 11.88 25.79
N ARG E 163 -39.96 12.26 26.50
CA ARG E 163 -39.46 11.38 27.54
C ARG E 163 -40.34 11.37 28.79
N ASP E 164 -41.29 12.29 28.91
CA ASP E 164 -42.09 12.45 30.12
C ASP E 164 -43.48 11.83 30.02
N LYS E 165 -43.84 11.27 28.87
CA LYS E 165 -45.16 10.72 28.64
C LYS E 165 -45.02 9.28 28.17
N ARG E 166 -46.11 8.52 28.32
CA ARG E 166 -46.13 7.11 27.98
C ARG E 166 -47.46 6.77 27.34
N GLN E 167 -47.48 5.64 26.64
CA GLN E 167 -48.64 5.18 25.90
C GLN E 167 -48.83 3.69 26.13
N LYS E 168 -50.07 3.24 25.97
CA LYS E 168 -50.43 1.83 26.03
C LYS E 168 -50.76 1.40 24.60
N VAL E 169 -50.04 0.40 24.11
CA VAL E 169 -50.13 -0.04 22.72
C VAL E 169 -50.29 -1.56 22.68
N HIS E 170 -50.98 -2.03 21.66
CA HIS E 170 -51.28 -3.44 21.43
C HIS E 170 -50.62 -3.93 20.15
N ALA E 171 -50.16 -5.17 20.16
CA ALA E 171 -49.60 -5.81 18.98
C ALA E 171 -49.84 -7.31 19.08
N LEU E 172 -49.91 -7.96 17.91
CA LEU E 172 -50.03 -9.41 17.85
C LEU E 172 -48.64 -10.02 17.83
N PHE E 173 -48.45 -11.07 18.61
CA PHE E 173 -47.17 -11.77 18.71
C PHE E 173 -47.38 -13.25 18.52
N TYR E 174 -46.34 -13.92 18.06
CA TYR E 174 -46.36 -15.36 17.82
C TYR E 174 -45.98 -16.09 19.10
N LYS E 175 -46.59 -17.26 19.31
CA LYS E 175 -46.28 -18.06 20.49
C LYS E 175 -44.81 -18.39 20.63
N LEU E 176 -44.09 -18.52 19.52
CA LEU E 176 -42.68 -18.87 19.58
C LEU E 176 -41.81 -17.70 20.00
N ASP E 177 -42.31 -16.47 19.88
CA ASP E 177 -41.57 -15.27 20.25
C ASP E 177 -41.87 -14.79 21.67
N ILE E 178 -42.78 -15.45 22.39
CA ILE E 178 -43.19 -15.02 23.73
C ILE E 178 -43.11 -16.23 24.65
N VAL E 179 -42.72 -15.98 25.90
CA VAL E 179 -42.52 -17.01 26.91
C VAL E 179 -43.33 -16.64 28.15
N PRO E 180 -43.95 -17.57 28.87
CA PRO E 180 -44.61 -17.21 30.14
C PRO E 180 -43.61 -16.64 31.14
N ILE E 181 -43.97 -15.48 31.71
CA ILE E 181 -43.14 -14.90 32.77
C ILE E 181 -43.17 -15.79 34.01
N ASN E 182 -44.34 -16.27 34.38
CA ASN E 182 -44.53 -17.06 35.59
C ASN E 182 -45.37 -18.30 35.28
N GLU E 183 -45.19 -19.33 36.11
CA GLU E 183 -45.93 -20.57 35.92
C GLU E 183 -47.42 -20.35 36.10
N ASN E 184 -47.80 -19.55 37.11
CA ASN E 184 -49.20 -19.27 37.36
C ASN E 184 -49.85 -18.60 36.15
N GLN E 185 -51.13 -18.87 35.95
CA GLN E 185 -51.83 -18.43 34.75
C GLN E 185 -52.27 -16.97 34.84
N ASN E 186 -51.30 -16.07 35.08
CA ASN E 186 -51.58 -14.63 35.03
C ASN E 186 -51.71 -14.14 33.59
N THR E 187 -51.31 -14.94 32.60
CA THR E 187 -51.29 -14.54 31.20
C THR E 187 -50.31 -13.39 30.94
N SER E 188 -49.27 -13.30 31.77
CA SER E 188 -48.19 -12.34 31.57
C SER E 188 -47.07 -13.00 30.78
N TYR E 189 -46.56 -12.28 29.78
CA TYR E 189 -45.62 -12.82 28.82
C TYR E 189 -44.45 -11.86 28.60
N ARG E 190 -43.33 -12.45 28.18
CA ARG E 190 -42.09 -11.72 27.92
C ARG E 190 -41.52 -12.24 26.61
N LEU E 191 -40.80 -11.37 25.91
CA LEU E 191 -40.12 -11.79 24.69
C LEU E 191 -38.96 -12.70 25.04
N ILE E 192 -38.77 -13.73 24.21
CA ILE E 192 -37.88 -14.83 24.57
C ILE E 192 -36.44 -14.35 24.76
N ASN E 193 -36.02 -13.35 23.97
CA ASN E 193 -34.64 -12.87 24.04
C ASN E 193 -34.34 -12.08 25.31
N CYS E 194 -35.36 -11.44 25.89
CA CYS E 194 -35.13 -10.29 26.77
C CYS E 194 -34.28 -10.63 27.98
N ASN E 195 -34.37 -11.87 28.47
CA ASN E 195 -33.57 -12.25 29.64
C ASN E 195 -32.08 -12.23 29.31
N THR E 196 -31.70 -12.88 28.21
CA THR E 196 -30.29 -13.10 27.91
C THR E 196 -29.65 -11.99 27.08
N ALA E 197 -30.42 -11.20 26.35
CA ALA E 197 -29.83 -10.31 25.34
C ALA E 197 -30.85 -9.24 24.95
N ALA E 198 -30.42 -8.37 24.05
CA ALA E 198 -31.24 -7.31 23.48
C ALA E 198 -31.43 -7.59 22.00
N ILE E 199 -32.62 -7.27 21.49
CA ILE E 199 -33.05 -7.70 20.16
C ILE E 199 -33.08 -6.47 19.26
N THR E 200 -32.30 -6.51 18.19
CA THR E 200 -32.31 -5.45 17.20
C THR E 200 -33.49 -5.64 16.25
N GLN E 201 -33.89 -4.57 15.57
CA GLN E 201 -34.93 -4.59 14.56
C GLN E 201 -34.30 -4.35 13.20
N ALA E 202 -34.62 -5.21 12.23
CA ALA E 202 -34.16 -4.99 10.87
C ALA E 202 -34.83 -3.74 10.28
N CYS E 203 -34.03 -2.94 9.58
CA CYS E 203 -34.58 -1.75 8.94
C CYS E 203 -35.60 -2.16 7.89
N PRO E 204 -36.76 -1.50 7.82
CA PRO E 204 -37.79 -1.93 6.84
C PRO E 204 -37.34 -1.80 5.41
N LYS E 205 -36.44 -0.86 5.10
CA LYS E 205 -36.02 -0.62 3.74
C LYS E 205 -35.02 -1.66 3.26
N VAL E 206 -34.18 -2.17 4.18
CA VAL E 206 -33.19 -3.17 3.81
C VAL E 206 -33.89 -4.44 3.35
N SER E 207 -33.41 -4.99 2.24
CA SER E 207 -33.99 -6.17 1.62
C SER E 207 -33.21 -7.43 1.99
N PHE E 208 -33.88 -8.57 1.86
CA PHE E 208 -33.35 -9.87 2.24
C PHE E 208 -33.16 -10.82 1.06
N GLU E 209 -33.41 -10.36 -0.16
CA GLU E 209 -33.31 -11.26 -1.31
C GLU E 209 -31.85 -11.60 -1.56
N PRO E 210 -31.45 -12.88 -1.58
CA PRO E 210 -30.08 -13.20 -1.95
C PRO E 210 -29.78 -12.83 -3.39
N ILE E 211 -28.76 -12.00 -3.58
CA ILE E 211 -28.28 -11.62 -4.90
C ILE E 211 -26.94 -12.33 -5.13
N PRO E 212 -26.61 -12.78 -6.33
CA PRO E 212 -25.36 -13.51 -6.52
C PRO E 212 -24.14 -12.64 -6.25
N ILE E 213 -23.16 -13.21 -5.55
CA ILE E 213 -21.85 -12.62 -5.34
C ILE E 213 -20.80 -13.55 -5.92
N HIS E 214 -19.83 -12.97 -6.64
CA HIS E 214 -18.73 -13.70 -7.24
C HIS E 214 -17.47 -13.41 -6.44
N TYR E 215 -16.77 -14.46 -6.03
CA TYR E 215 -15.54 -14.34 -5.25
C TYR E 215 -14.33 -14.35 -6.17
N CYS E 216 -13.56 -13.27 -6.13
CA CYS E 216 -12.44 -13.03 -7.02
C CYS E 216 -11.14 -13.07 -6.21
N ALA E 217 -10.03 -13.34 -6.90
CA ALA E 217 -8.73 -13.46 -6.28
C ALA E 217 -7.89 -12.21 -6.52
N PRO E 218 -7.13 -11.72 -5.54
CA PRO E 218 -6.26 -10.57 -5.81
C PRO E 218 -5.13 -10.91 -6.77
N ALA E 219 -4.29 -9.92 -7.09
CA ALA E 219 -3.18 -10.16 -7.99
C ALA E 219 -2.19 -11.14 -7.38
N GLY E 220 -1.67 -12.02 -8.23
CA GLY E 220 -0.76 -13.05 -7.77
C GLY E 220 -1.43 -14.29 -7.22
N PHE E 221 -2.75 -14.39 -7.34
CA PHE E 221 -3.51 -15.56 -6.90
C PHE E 221 -4.45 -15.95 -8.03
N ALA E 222 -4.78 -17.24 -8.07
CA ALA E 222 -5.69 -17.78 -9.06
C ALA E 222 -6.69 -18.70 -8.40
N ILE E 223 -7.86 -18.79 -9.00
CA ILE E 223 -8.92 -19.69 -8.59
C ILE E 223 -8.98 -20.81 -9.62
N LEU E 224 -8.74 -22.04 -9.18
CA LEU E 224 -8.79 -23.20 -10.04
C LEU E 224 -10.14 -23.89 -9.86
N LYS E 225 -10.81 -24.17 -10.98
CA LYS E 225 -12.16 -24.71 -10.98
C LYS E 225 -12.12 -26.13 -11.52
N CYS E 226 -12.65 -27.08 -10.75
CA CYS E 226 -12.76 -28.45 -11.20
C CYS E 226 -13.94 -28.57 -12.16
N LYS E 227 -13.65 -28.97 -13.40
CA LYS E 227 -14.66 -29.16 -14.43
C LYS E 227 -15.09 -30.61 -14.58
N ASP E 228 -14.63 -31.49 -13.70
CA ASP E 228 -15.10 -32.88 -13.71
C ASP E 228 -16.54 -32.91 -13.21
N LYS E 229 -17.39 -33.64 -13.93
CA LYS E 229 -18.81 -33.68 -13.65
C LYS E 229 -19.20 -34.71 -12.60
N LYS E 230 -18.29 -35.64 -12.25
CA LYS E 230 -18.55 -36.68 -11.27
C LYS E 230 -17.72 -36.51 -10.00
N PHE E 231 -17.12 -35.33 -9.80
CA PHE E 231 -16.24 -35.11 -8.66
C PHE E 231 -17.04 -35.08 -7.37
N ASN E 232 -16.48 -35.69 -6.31
CA ASN E 232 -17.11 -35.68 -4.99
C ASN E 232 -16.47 -34.65 -4.06
N GLY E 233 -15.70 -33.71 -4.59
CA GLY E 233 -15.08 -32.67 -3.80
C GLY E 233 -13.76 -33.01 -3.16
N THR E 234 -13.26 -34.24 -3.34
CA THR E 234 -11.96 -34.63 -2.80
C THR E 234 -11.20 -35.46 -3.81
N GLY E 235 -9.87 -35.39 -3.73
CA GLY E 235 -9.01 -36.15 -4.59
C GLY E 235 -8.63 -35.42 -5.85
N PRO E 236 -7.85 -36.07 -6.72
CA PRO E 236 -7.40 -35.42 -7.95
C PRO E 236 -8.54 -35.11 -8.90
N CYS E 237 -8.42 -33.98 -9.58
CA CYS E 237 -9.41 -33.52 -10.55
C CYS E 237 -8.74 -33.41 -11.91
N PRO E 238 -8.96 -34.33 -12.87
CA PRO E 238 -8.18 -34.30 -14.11
C PRO E 238 -8.54 -33.18 -15.05
N SER E 239 -9.68 -32.53 -14.89
CA SER E 239 -10.14 -31.45 -15.76
C SER E 239 -10.21 -30.17 -14.92
N VAL E 240 -9.24 -29.29 -15.12
CA VAL E 240 -9.09 -28.08 -14.33
C VAL E 240 -9.12 -26.87 -15.27
N SER E 241 -9.71 -25.80 -14.76
CA SER E 241 -9.69 -24.49 -15.43
C SER E 241 -9.41 -23.43 -14.39
N THR E 242 -8.89 -22.29 -14.85
CA THR E 242 -8.62 -21.13 -14.01
C THR E 242 -9.61 -20.03 -14.37
N VAL E 243 -10.22 -19.44 -13.35
CA VAL E 243 -11.28 -18.46 -13.49
C VAL E 243 -10.89 -17.20 -12.73
N GLN E 244 -11.23 -16.04 -13.30
CA GLN E 244 -10.99 -14.78 -12.59
C GLN E 244 -11.82 -14.73 -11.31
N CYS E 245 -13.08 -15.13 -11.40
CA CYS E 245 -14.00 -15.09 -10.27
C CYS E 245 -14.87 -16.33 -10.31
N THR E 246 -15.38 -16.71 -9.14
CA THR E 246 -16.35 -17.80 -9.06
C THR E 246 -17.67 -17.37 -9.67
N HIS E 247 -18.51 -18.36 -9.98
CA HIS E 247 -19.84 -18.05 -10.45
C HIS E 247 -20.62 -17.38 -9.34
N GLY E 248 -21.70 -16.68 -9.73
CA GLY E 248 -22.52 -15.99 -8.77
C GLY E 248 -23.15 -16.93 -7.77
N ILE E 249 -22.88 -16.71 -6.48
CA ILE E 249 -23.37 -17.55 -5.40
C ILE E 249 -24.31 -16.70 -4.56
N LYS E 250 -25.56 -17.12 -4.48
CA LYS E 250 -26.55 -16.38 -3.72
C LYS E 250 -26.48 -16.80 -2.25
N PRO E 251 -26.30 -15.85 -1.29
CA PRO E 251 -26.22 -16.30 0.11
C PRO E 251 -27.58 -16.73 0.67
N VAL E 252 -27.97 -17.95 0.29
CA VAL E 252 -29.25 -18.52 0.71
C VAL E 252 -29.03 -19.25 2.02
N VAL E 253 -29.75 -18.80 3.06
CA VAL E 253 -29.64 -19.36 4.40
C VAL E 253 -30.80 -20.33 4.59
N SER E 254 -30.49 -21.59 4.83
CA SER E 254 -31.52 -22.61 4.94
C SER E 254 -30.97 -23.83 5.67
N THR E 255 -31.89 -24.65 6.18
CA THR E 255 -31.58 -25.90 6.84
C THR E 255 -32.42 -27.02 6.22
N GLN E 256 -31.81 -28.20 6.14
CA GLN E 256 -32.41 -29.44 5.65
C GLN E 256 -32.62 -29.48 4.14
N LEU E 257 -32.44 -28.36 3.44
CA LEU E 257 -32.71 -28.30 2.02
C LEU E 257 -31.96 -27.10 1.46
N LEU E 258 -31.18 -27.32 0.41
CA LEU E 258 -30.44 -26.26 -0.25
C LEU E 258 -31.30 -25.67 -1.35
N LEU E 259 -31.56 -24.36 -1.27
CA LEU E 259 -32.50 -23.68 -2.14
C LEU E 259 -31.79 -22.73 -3.08
N ASN E 260 -32.24 -22.71 -4.34
CA ASN E 260 -31.76 -21.76 -5.35
C ASN E 260 -30.27 -21.92 -5.60
N GLY E 261 -29.75 -23.14 -5.45
CA GLY E 261 -28.34 -23.42 -5.65
C GLY E 261 -28.07 -23.98 -7.04
N SER E 262 -26.84 -24.48 -7.19
CA SER E 262 -26.44 -25.13 -8.42
C SER E 262 -26.93 -26.58 -8.45
N LEU E 263 -26.93 -27.16 -9.65
CA LEU E 263 -27.45 -28.49 -9.89
C LEU E 263 -26.37 -29.35 -10.54
N ALA E 264 -26.40 -30.64 -10.22
CA ALA E 264 -25.44 -31.58 -10.79
C ALA E 264 -25.70 -31.74 -12.28
N GLU E 265 -24.61 -31.88 -13.05
CA GLU E 265 -24.73 -31.92 -14.49
C GLU E 265 -25.28 -33.27 -14.97
N GLU E 266 -24.80 -34.36 -14.39
CA GLU E 266 -25.09 -35.71 -14.87
C GLU E 266 -25.90 -36.55 -13.89
N GLU E 267 -25.45 -36.68 -12.65
CA GLU E 267 -26.07 -37.56 -11.67
C GLU E 267 -26.10 -36.89 -10.31
N VAL E 268 -26.98 -37.41 -9.45
CA VAL E 268 -27.04 -36.94 -8.07
C VAL E 268 -25.72 -37.21 -7.38
N MET E 269 -25.23 -36.22 -6.66
CA MET E 269 -23.89 -36.23 -6.07
C MET E 269 -23.99 -36.34 -4.56
N ILE E 270 -23.31 -37.32 -3.99
CA ILE E 270 -23.25 -37.55 -2.55
C ILE E 270 -21.86 -37.18 -2.09
N ARG E 271 -21.77 -36.25 -1.14
CA ARG E 271 -20.49 -35.69 -0.70
C ARG E 271 -20.47 -35.60 0.82
N SER E 272 -19.62 -36.41 1.44
CA SER E 272 -19.37 -36.37 2.87
C SER E 272 -17.86 -36.43 3.10
N LYS E 273 -17.42 -35.80 4.20
CA LYS E 273 -16.00 -35.84 4.53
C LYS E 273 -15.55 -37.28 4.77
N ASP E 274 -16.34 -38.03 5.53
CA ASP E 274 -16.23 -39.48 5.63
C ASP E 274 -17.64 -40.04 5.66
N ILE E 275 -17.99 -40.83 4.66
CA ILE E 275 -19.34 -41.36 4.57
C ILE E 275 -19.60 -42.37 5.67
N ARG E 276 -18.55 -43.07 6.13
CA ARG E 276 -18.73 -44.03 7.22
C ARG E 276 -18.99 -43.30 8.54
N ASN E 277 -18.37 -42.13 8.71
CA ASN E 277 -18.61 -41.33 9.91
C ASN E 277 -19.99 -40.72 9.89
N ASN E 278 -20.71 -40.87 11.01
CA ASN E 278 -22.04 -40.31 11.18
C ASN E 278 -22.04 -38.91 11.76
N ALA E 279 -20.91 -38.43 12.28
CA ALA E 279 -20.82 -37.10 12.85
C ALA E 279 -20.62 -36.02 11.80
N LYS E 280 -20.42 -36.41 10.53
CA LYS E 280 -20.24 -35.48 9.43
C LYS E 280 -21.47 -35.50 8.55
N ASN E 281 -22.01 -34.32 8.26
CA ASN E 281 -23.22 -34.21 7.46
C ASN E 281 -22.93 -34.60 6.01
N ILE E 282 -23.91 -35.23 5.39
CA ILE E 282 -23.84 -35.62 3.98
C ILE E 282 -24.57 -34.56 3.16
N LEU E 283 -23.87 -34.01 2.17
CA LEU E 283 -24.43 -33.02 1.27
C LEU E 283 -24.84 -33.69 -0.04
N VAL E 284 -26.09 -33.50 -0.42
CA VAL E 284 -26.67 -34.09 -1.62
C VAL E 284 -26.91 -32.98 -2.63
N GLN E 285 -26.53 -33.22 -3.88
CA GLN E 285 -26.78 -32.32 -4.99
C GLN E 285 -27.73 -33.00 -5.97
N PHE E 286 -28.84 -32.35 -6.27
CA PHE E 286 -29.79 -32.85 -7.26
C PHE E 286 -29.32 -32.46 -8.65
N ASN E 287 -29.56 -33.36 -9.62
CA ASN E 287 -29.37 -33.04 -11.02
C ASN E 287 -30.60 -32.37 -11.63
N THR E 288 -31.77 -32.57 -11.04
CA THR E 288 -33.02 -31.92 -11.45
C THR E 288 -33.65 -31.30 -10.20
N PRO E 289 -34.01 -30.02 -10.20
CA PRO E 289 -34.58 -29.42 -9.00
C PRO E 289 -36.01 -29.88 -8.74
N VAL E 290 -36.41 -29.79 -7.47
CA VAL E 290 -37.79 -30.01 -7.05
C VAL E 290 -38.37 -28.64 -6.74
N GLN E 291 -39.41 -28.27 -7.48
CA GLN E 291 -40.06 -26.99 -7.26
C GLN E 291 -40.87 -27.04 -5.97
N ILE E 292 -40.70 -26.02 -5.13
CA ILE E 292 -41.40 -25.92 -3.85
C ILE E 292 -42.10 -24.57 -3.80
N ASN E 293 -43.41 -24.61 -3.54
CA ASN E 293 -44.26 -23.41 -3.50
C ASN E 293 -44.66 -23.17 -2.05
N CYS E 294 -44.21 -22.04 -1.50
CA CYS E 294 -44.44 -21.69 -0.11
C CYS E 294 -45.29 -20.43 -0.01
N THR E 295 -46.15 -20.39 1.00
CA THR E 295 -47.06 -19.26 1.16
C THR E 295 -47.42 -19.08 2.63
N ARG E 296 -47.65 -17.81 2.99
CA ARG E 296 -48.33 -17.43 4.22
C ARG E 296 -49.63 -16.74 3.81
N PRO E 297 -50.77 -17.44 3.78
CA PRO E 297 -51.96 -16.85 3.15
C PRO E 297 -52.56 -15.67 3.89
N ASN E 298 -52.13 -15.40 5.13
CA ASN E 298 -52.68 -14.29 5.88
C ASN E 298 -52.35 -12.95 5.23
N ASN E 299 -53.36 -12.08 5.12
CA ASN E 299 -53.16 -10.72 4.66
C ASN E 299 -52.67 -9.89 5.84
N ASN E 300 -51.37 -9.63 5.89
CA ASN E 300 -50.76 -8.95 7.02
C ASN E 300 -50.74 -7.45 6.80
N THR E 301 -50.68 -6.72 7.91
CA THR E 301 -50.54 -5.27 7.92
C THR E 301 -49.36 -4.90 8.81
N ARG E 302 -48.81 -3.72 8.57
CA ARG E 302 -47.68 -3.19 9.34
C ARG E 302 -48.13 -1.93 10.07
N LYS E 303 -47.94 -1.94 11.39
CA LYS E 303 -48.34 -0.85 12.27
C LYS E 303 -47.09 -0.16 12.80
N SER E 304 -46.97 1.14 12.51
CA SER E 304 -45.86 1.91 13.05
C SER E 304 -46.16 2.31 14.49
N ILE E 305 -45.19 2.07 15.37
CA ILE E 305 -45.26 2.47 16.77
C ILE E 305 -44.00 3.28 17.06
N ARG E 306 -44.16 4.49 17.59
CA ARG E 306 -43.02 5.33 17.94
C ARG E 306 -42.57 5.02 19.35
N ILE E 307 -41.29 4.70 19.49
CA ILE E 307 -40.66 4.34 20.76
C ILE E 307 -39.57 5.31 21.16
N GLY E 308 -39.30 6.33 20.36
CA GLY E 308 -38.23 7.27 20.63
C GLY E 308 -38.28 8.45 19.68
N PRO E 309 -37.33 9.39 19.85
CA PRO E 309 -37.34 10.58 18.99
C PRO E 309 -37.25 10.27 17.50
N GLY E 310 -36.40 9.32 17.11
CA GLY E 310 -36.26 8.91 15.73
C GLY E 310 -36.40 7.41 15.51
N GLN E 311 -36.84 6.69 16.54
CA GLN E 311 -36.87 5.23 16.54
C GLN E 311 -38.32 4.76 16.45
N TRP E 312 -38.58 3.84 15.52
CA TRP E 312 -39.89 3.26 15.31
C TRP E 312 -39.83 1.76 15.55
N PHE E 313 -40.97 1.20 15.95
CA PHE E 313 -41.17 -0.25 16.07
C PHE E 313 -42.37 -0.64 15.22
N TYR E 314 -42.14 -1.55 14.28
CA TYR E 314 -43.18 -2.02 13.39
C TYR E 314 -43.77 -3.32 13.93
N ALA E 315 -45.11 -3.41 13.90
CA ALA E 315 -45.85 -4.48 14.56
C ALA E 315 -46.82 -5.11 13.57
N THR E 316 -47.35 -6.27 13.97
CA THR E 316 -48.16 -7.10 13.09
C THR E 316 -49.49 -6.46 12.71
N GLY E 317 -49.94 -5.46 13.45
CA GLY E 317 -51.20 -4.83 13.10
C GLY E 317 -52.37 -5.78 13.23
N ASP E 318 -53.28 -5.72 12.26
CA ASP E 318 -54.46 -6.57 12.21
C ASP E 318 -54.47 -7.30 10.87
N ILE E 319 -54.83 -8.58 10.91
CA ILE E 319 -54.81 -9.44 9.73
C ILE E 319 -56.17 -9.33 9.03
N ILE E 320 -56.17 -8.67 7.87
CA ILE E 320 -57.39 -8.55 7.08
C ILE E 320 -57.81 -9.94 6.62
N GLY E 321 -59.04 -10.31 6.94
CA GLY E 321 -59.60 -11.56 6.45
C GLY E 321 -59.25 -12.76 7.32
N ASP E 322 -59.52 -13.93 6.75
CA ASP E 322 -59.31 -15.18 7.46
C ASP E 322 -57.83 -15.44 7.72
N ILE E 323 -57.56 -16.17 8.78
CA ILE E 323 -56.21 -16.52 9.21
C ILE E 323 -56.02 -18.01 8.97
N ARG E 324 -55.01 -18.35 8.16
CA ARG E 324 -54.66 -19.74 7.85
C ARG E 324 -53.16 -19.93 8.01
N GLN E 325 -52.78 -21.17 8.31
CA GLN E 325 -51.37 -21.47 8.57
C GLN E 325 -50.54 -21.38 7.30
N ALA E 326 -49.29 -20.96 7.46
CA ALA E 326 -48.33 -21.01 6.37
C ALA E 326 -47.97 -22.46 6.07
N HIS E 327 -47.67 -22.73 4.80
CA HIS E 327 -47.40 -24.09 4.37
C HIS E 327 -46.59 -24.04 3.07
N CYS E 328 -46.00 -25.18 2.73
CA CYS E 328 -45.22 -25.33 1.50
C CYS E 328 -45.67 -26.59 0.78
N ASN E 329 -45.73 -26.50 -0.55
CA ASN E 329 -46.13 -27.61 -1.41
C ASN E 329 -44.93 -28.05 -2.24
N VAL E 330 -44.72 -29.36 -2.31
CA VAL E 330 -43.77 -29.96 -3.24
C VAL E 330 -44.50 -31.03 -4.03
N SER E 331 -44.12 -31.19 -5.29
CA SER E 331 -44.67 -32.25 -6.12
C SER E 331 -44.26 -33.60 -5.56
N LYS E 332 -45.24 -34.50 -5.39
CA LYS E 332 -44.95 -35.79 -4.77
C LYS E 332 -44.20 -36.70 -5.71
N ALA E 333 -44.58 -36.74 -6.99
CA ALA E 333 -43.87 -37.59 -7.95
C ALA E 333 -42.43 -37.13 -8.13
N THR E 334 -42.22 -35.82 -8.24
CA THR E 334 -40.86 -35.29 -8.39
C THR E 334 -40.03 -35.61 -7.17
N TRP E 335 -40.60 -35.42 -5.98
CA TRP E 335 -39.89 -35.75 -4.75
C TRP E 335 -39.53 -37.23 -4.69
N ASN E 336 -40.47 -38.11 -5.09
CA ASN E 336 -40.20 -39.54 -5.03
C ASN E 336 -39.12 -39.95 -6.02
N GLU E 337 -39.11 -39.37 -7.22
CA GLU E 337 -38.08 -39.74 -8.19
C GLU E 337 -36.71 -39.25 -7.73
N THR E 338 -36.62 -38.03 -7.20
CA THR E 338 -35.34 -37.55 -6.69
C THR E 338 -34.90 -38.39 -5.49
N LEU E 339 -35.83 -38.79 -4.61
CA LEU E 339 -35.45 -39.64 -3.48
C LEU E 339 -34.93 -40.98 -3.95
N GLY E 340 -35.55 -41.55 -4.99
CA GLY E 340 -35.01 -42.79 -5.55
C GLY E 340 -33.61 -42.62 -6.09
N LYS E 341 -33.35 -41.50 -6.76
CA LYS E 341 -32.00 -41.23 -7.27
C LYS E 341 -31.00 -41.11 -6.13
N VAL E 342 -31.37 -40.38 -5.06
CA VAL E 342 -30.51 -40.28 -3.89
C VAL E 342 -30.29 -41.64 -3.26
N VAL E 343 -31.32 -42.49 -3.26
CA VAL E 343 -31.19 -43.83 -2.71
C VAL E 343 -30.19 -44.64 -3.51
N LYS E 344 -30.23 -44.51 -4.84
CA LYS E 344 -29.28 -45.22 -5.69
C LYS E 344 -27.85 -44.77 -5.41
N GLN E 345 -27.63 -43.46 -5.30
CA GLN E 345 -26.29 -42.97 -4.99
C GLN E 345 -25.84 -43.41 -3.60
N LEU E 346 -26.75 -43.44 -2.64
CA LEU E 346 -26.39 -43.91 -1.30
C LEU E 346 -26.07 -45.40 -1.31
N ARG E 347 -26.79 -46.17 -2.14
CA ARG E 347 -26.49 -47.59 -2.29
C ARG E 347 -25.11 -47.79 -2.88
N LYS E 348 -24.66 -46.88 -3.73
CA LYS E 348 -23.29 -46.95 -4.24
C LYS E 348 -22.25 -46.83 -3.14
N HIS E 349 -22.62 -46.33 -1.94
CA HIS E 349 -21.69 -46.18 -0.83
C HIS E 349 -21.98 -47.12 0.34
N PHE E 350 -23.17 -47.72 0.41
CA PHE E 350 -23.60 -48.48 1.58
C PHE E 350 -24.05 -49.90 1.25
N GLY E 351 -23.85 -50.37 0.03
CA GLY E 351 -24.20 -51.72 -0.37
C GLY E 351 -25.32 -51.72 -1.39
N ASN E 352 -25.33 -52.75 -2.23
CA ASN E 352 -26.32 -52.84 -3.31
C ASN E 352 -27.66 -53.38 -2.83
N ASN E 353 -27.72 -54.02 -1.67
CA ASN E 353 -28.96 -54.57 -1.10
C ASN E 353 -29.29 -53.96 0.25
N THR E 354 -28.69 -52.81 0.58
CA THR E 354 -29.00 -52.13 1.83
C THR E 354 -30.32 -51.37 1.71
N ILE E 355 -31.06 -51.31 2.80
CA ILE E 355 -32.33 -50.59 2.86
C ILE E 355 -32.06 -49.16 3.26
N ILE E 356 -32.43 -48.22 2.39
CA ILE E 356 -32.26 -46.80 2.64
C ILE E 356 -33.59 -46.26 3.15
N ARG E 357 -33.61 -45.87 4.43
CA ARG E 357 -34.79 -45.31 5.07
C ARG E 357 -34.58 -43.83 5.31
N PHE E 358 -35.59 -43.04 4.98
CA PHE E 358 -35.63 -41.61 5.29
C PHE E 358 -36.60 -41.37 6.43
N ALA E 359 -36.13 -40.67 7.46
CA ALA E 359 -36.93 -40.32 8.62
C ALA E 359 -36.67 -38.86 8.95
N ASN E 360 -37.46 -38.32 9.88
CA ASN E 360 -37.42 -36.91 10.19
C ASN E 360 -36.51 -36.65 11.38
N SER E 361 -36.33 -35.37 11.69
CA SER E 361 -35.31 -34.96 12.65
C SER E 361 -35.57 -35.55 14.03
N SER E 362 -34.49 -36.03 14.67
CA SER E 362 -34.59 -36.57 16.01
C SER E 362 -34.92 -35.48 17.02
N GLY E 363 -34.33 -34.30 16.86
CA GLY E 363 -34.61 -33.20 17.76
C GLY E 363 -33.61 -32.09 17.55
N GLY E 364 -33.74 -31.08 18.42
CA GLY E 364 -32.86 -29.93 18.45
C GLY E 364 -33.65 -28.65 18.42
N ASP E 365 -32.95 -27.57 18.09
CA ASP E 365 -33.60 -26.27 17.96
C ASP E 365 -34.55 -26.27 16.77
N LEU E 366 -35.39 -25.23 16.71
CA LEU E 366 -36.38 -25.16 15.63
C LEU E 366 -35.72 -25.04 14.27
N GLU E 367 -34.57 -24.37 14.21
CA GLU E 367 -33.87 -24.19 12.94
C GLU E 367 -33.54 -25.53 12.29
N VAL E 368 -32.98 -26.46 13.08
CA VAL E 368 -32.53 -27.73 12.51
C VAL E 368 -33.69 -28.72 12.40
N THR E 369 -34.62 -28.73 13.36
CA THR E 369 -35.71 -29.69 13.33
C THR E 369 -36.67 -29.45 12.17
N THR E 370 -36.76 -28.22 11.67
CA THR E 370 -37.64 -27.85 10.58
C THR E 370 -36.81 -27.32 9.43
N HIS E 371 -37.40 -27.30 8.24
CA HIS E 371 -36.77 -26.65 7.09
C HIS E 371 -36.91 -25.15 7.30
N SER E 372 -35.88 -24.53 7.86
CA SER E 372 -35.88 -23.10 8.09
C SER E 372 -35.43 -22.39 6.83
N PHE E 373 -36.13 -21.30 6.50
CA PHE E 373 -35.70 -20.45 5.40
C PHE E 373 -36.38 -19.10 5.56
N ASN E 374 -35.92 -18.14 4.77
CA ASN E 374 -36.51 -16.81 4.70
C ASN E 374 -36.67 -16.43 3.25
N CYS E 375 -37.90 -16.07 2.87
CA CYS E 375 -38.20 -15.61 1.53
C CYS E 375 -39.24 -14.49 1.66
N GLY E 376 -38.95 -13.35 1.05
CA GLY E 376 -39.81 -12.19 1.15
C GLY E 376 -39.58 -11.33 2.38
N GLY E 377 -38.71 -11.75 3.29
CA GLY E 377 -38.50 -11.09 4.57
C GLY E 377 -39.14 -11.77 5.75
N GLU E 378 -39.99 -12.76 5.51
CA GLU E 378 -40.62 -13.54 6.57
C GLU E 378 -39.88 -14.85 6.73
N PHE E 379 -39.67 -15.25 7.98
CA PHE E 379 -38.86 -16.42 8.32
C PHE E 379 -39.78 -17.61 8.60
N PHE E 380 -39.68 -18.63 7.76
CA PHE E 380 -40.53 -19.81 7.81
C PHE E 380 -39.81 -20.95 8.54
N TYR E 381 -40.61 -21.92 8.97
CA TYR E 381 -40.09 -23.10 9.68
C TYR E 381 -41.03 -24.25 9.38
N CYS E 382 -40.63 -25.11 8.44
CA CYS E 382 -41.51 -26.13 7.88
C CYS E 382 -41.17 -27.51 8.39
N ASP E 383 -42.22 -28.24 8.81
CA ASP E 383 -42.08 -29.61 9.26
C ASP E 383 -41.96 -30.51 8.05
N THR E 384 -40.78 -31.08 7.85
CA THR E 384 -40.48 -31.92 6.70
C THR E 384 -40.67 -33.40 7.01
N SER E 385 -41.56 -33.72 7.94
CA SER E 385 -41.83 -35.13 8.24
C SER E 385 -42.45 -35.83 7.05
N GLY E 386 -43.23 -35.12 6.24
CA GLY E 386 -43.76 -35.72 5.03
C GLY E 386 -42.67 -36.01 4.00
N LEU E 387 -41.66 -35.16 3.93
CA LEU E 387 -40.61 -35.33 2.93
C LEU E 387 -39.79 -36.59 3.19
N PHE E 388 -39.52 -36.90 4.46
CA PHE E 388 -38.63 -38.00 4.84
C PHE E 388 -39.48 -39.01 5.62
N ASN E 389 -40.22 -39.83 4.87
CA ASN E 389 -41.15 -40.78 5.46
C ASN E 389 -41.18 -42.07 4.63
N SER E 390 -40.02 -42.55 4.20
CA SER E 390 -39.97 -43.61 3.19
C SER E 390 -38.89 -44.62 3.52
N THR E 391 -39.22 -45.88 3.33
CA THR E 391 -38.29 -47.01 3.37
C THR E 391 -38.15 -47.55 1.95
N TRP E 392 -36.91 -47.70 1.50
CA TRP E 392 -36.61 -48.08 0.11
C TRP E 392 -35.97 -49.47 0.13
N ILE E 393 -36.74 -50.46 -0.31
CA ILE E 393 -36.25 -51.84 -0.38
C ILE E 393 -35.48 -52.02 -1.67
N SER E 394 -34.50 -52.92 -1.64
CA SER E 394 -33.63 -53.17 -2.80
C SER E 394 -34.43 -53.95 -3.84
N ASN E 395 -35.07 -53.24 -4.75
CA ASN E 395 -35.83 -53.85 -5.85
C ASN E 395 -36.10 -52.80 -6.92
N ASP E 408 -50.96 -34.03 -7.70
CA ASP E 408 -50.86 -34.40 -6.30
C ASP E 408 -49.56 -33.85 -5.70
N SER E 409 -49.65 -33.36 -4.45
CA SER E 409 -48.54 -32.68 -3.81
C SER E 409 -48.51 -33.02 -2.33
N ILE E 410 -47.34 -32.82 -1.73
CA ILE E 410 -47.14 -32.99 -0.29
C ILE E 410 -47.12 -31.60 0.33
N THR E 411 -47.96 -31.40 1.35
CA THR E 411 -48.09 -30.13 2.03
C THR E 411 -47.34 -30.20 3.37
N LEU E 412 -46.46 -29.22 3.59
CA LEU E 412 -45.64 -29.16 4.79
C LEU E 412 -46.17 -28.09 5.72
N PRO E 413 -46.65 -28.40 6.95
CA PRO E 413 -47.13 -27.32 7.82
C PRO E 413 -46.00 -26.45 8.35
N CYS E 414 -45.95 -25.21 7.91
CA CYS E 414 -44.90 -24.27 8.30
C CYS E 414 -45.39 -23.27 9.35
N ARG E 415 -44.42 -22.72 10.07
CA ARG E 415 -44.64 -21.81 11.17
C ARG E 415 -43.79 -20.57 10.93
N ILE E 416 -44.21 -19.46 11.53
CA ILE E 416 -43.57 -18.17 11.29
C ILE E 416 -43.02 -17.64 12.61
N LYS E 417 -41.91 -16.91 12.50
CA LYS E 417 -41.28 -16.28 13.65
C LYS E 417 -40.78 -14.90 13.25
N GLN E 418 -40.60 -14.06 14.26
CA GLN E 418 -40.05 -12.72 14.10
C GLN E 418 -38.76 -12.50 14.87
N ILE E 419 -38.54 -13.25 15.94
CA ILE E 419 -37.29 -13.23 16.69
C ILE E 419 -36.43 -14.35 16.12
N ILE E 420 -35.33 -13.97 15.45
CA ILE E 420 -34.51 -14.90 14.69
C ILE E 420 -33.09 -14.83 15.25
N ASN E 421 -32.57 -15.98 15.66
CA ASN E 421 -31.17 -16.12 16.08
C ASN E 421 -30.42 -16.81 14.94
N MET E 422 -29.67 -16.04 14.17
CA MET E 422 -29.02 -16.56 12.98
C MET E 422 -27.60 -17.03 13.29
N TRP E 423 -27.22 -18.12 12.62
CA TRP E 423 -25.84 -18.59 12.53
C TRP E 423 -25.38 -19.15 13.87
N GLN E 424 -26.32 -19.73 14.60
CA GLN E 424 -26.00 -20.61 15.73
C GLN E 424 -25.32 -19.83 16.85
N ARG E 425 -25.64 -18.53 16.94
CA ARG E 425 -25.08 -17.63 17.94
C ARG E 425 -26.12 -17.32 19.00
N ILE E 426 -25.71 -17.36 20.27
CA ILE E 426 -26.59 -17.05 21.39
C ILE E 426 -26.26 -15.64 21.86
N GLY E 427 -27.23 -14.73 21.72
CA GLY E 427 -27.15 -13.39 22.29
C GLY E 427 -27.29 -12.25 21.30
N GLN E 428 -27.59 -12.50 20.01
CA GLN E 428 -27.60 -11.45 18.98
C GLN E 428 -28.85 -11.61 18.11
N ALA E 429 -30.01 -11.74 18.76
CA ALA E 429 -31.26 -11.90 18.05
C ALA E 429 -31.65 -10.61 17.31
N MET E 430 -32.50 -10.77 16.30
CA MET E 430 -33.04 -9.66 15.53
C MET E 430 -34.56 -9.84 15.46
N TYR E 431 -35.28 -8.73 15.38
CA TYR E 431 -36.72 -8.72 15.16
C TYR E 431 -36.97 -8.47 13.68
N ALA E 432 -37.70 -9.38 13.04
CA ALA E 432 -38.05 -9.23 11.63
C ALA E 432 -39.35 -8.43 11.54
N PRO E 433 -39.35 -7.23 10.95
CA PRO E 433 -40.61 -6.50 10.80
C PRO E 433 -41.61 -7.28 9.96
N PRO E 434 -42.90 -7.24 10.29
CA PRO E 434 -43.87 -7.97 9.47
C PRO E 434 -43.96 -7.43 8.06
N ILE E 435 -44.28 -8.33 7.14
CA ILE E 435 -44.40 -8.03 5.72
C ILE E 435 -45.88 -7.91 5.40
N GLN E 436 -46.27 -6.78 4.79
CA GLN E 436 -47.67 -6.51 4.52
C GLN E 436 -48.13 -7.27 3.29
N GLY E 437 -49.31 -7.89 3.39
CA GLY E 437 -49.92 -8.59 2.29
C GLY E 437 -49.70 -10.08 2.37
N VAL E 438 -50.30 -10.79 1.41
CA VAL E 438 -50.09 -12.22 1.27
C VAL E 438 -48.81 -12.45 0.49
N ILE E 439 -47.99 -13.37 0.98
CA ILE E 439 -46.70 -13.70 0.36
C ILE E 439 -46.81 -15.08 -0.26
N ARG E 440 -46.49 -15.15 -1.55
CA ARG E 440 -46.33 -16.38 -2.29
C ARG E 440 -44.89 -16.47 -2.77
N CYS E 441 -44.38 -17.70 -2.85
CA CYS E 441 -42.94 -17.91 -2.85
C CYS E 441 -42.63 -19.20 -3.60
N VAL E 442 -41.74 -19.12 -4.59
CA VAL E 442 -41.34 -20.25 -5.41
C VAL E 442 -39.83 -20.40 -5.31
N SER E 443 -39.37 -21.63 -5.07
CA SER E 443 -37.96 -21.92 -4.97
C SER E 443 -37.68 -23.30 -5.55
N ASN E 444 -36.40 -23.52 -5.88
CA ASN E 444 -35.91 -24.82 -6.33
C ASN E 444 -35.19 -25.50 -5.19
N ILE E 445 -35.59 -26.73 -4.86
CA ILE E 445 -34.81 -27.56 -3.95
C ILE E 445 -33.73 -28.22 -4.78
N THR E 446 -32.49 -27.78 -4.60
CA THR E 446 -31.35 -28.27 -5.37
C THR E 446 -30.48 -29.25 -4.59
N GLY E 447 -30.82 -29.56 -3.35
CA GLY E 447 -29.99 -30.47 -2.59
C GLY E 447 -30.54 -30.69 -1.20
N LEU E 448 -29.82 -31.53 -0.45
CA LEU E 448 -30.20 -31.90 0.91
C LEU E 448 -28.98 -31.84 1.81
N ILE E 449 -29.24 -31.77 3.11
CA ILE E 449 -28.23 -31.96 4.15
C ILE E 449 -28.76 -33.06 5.06
N LEU E 450 -27.99 -34.14 5.19
CA LEU E 450 -28.45 -35.35 5.86
C LEU E 450 -27.43 -35.78 6.91
N THR E 451 -27.92 -36.58 7.85
CA THR E 451 -27.08 -37.25 8.84
C THR E 451 -27.54 -38.68 8.97
N ARG E 452 -26.59 -39.61 8.95
CA ARG E 452 -26.90 -41.04 8.98
C ARG E 452 -26.91 -41.51 10.43
N ASP E 453 -27.94 -42.27 10.78
CA ASP E 453 -28.08 -42.75 12.15
C ASP E 453 -27.02 -43.79 12.47
N GLY E 454 -26.48 -43.71 13.69
CA GLY E 454 -25.46 -44.62 14.15
C GLY E 454 -26.01 -45.77 14.98
N GLY E 455 -25.09 -46.59 15.48
CA GLY E 455 -25.44 -47.66 16.38
C GLY E 455 -26.40 -48.68 15.82
N SER E 456 -26.40 -48.86 14.50
CA SER E 456 -27.36 -49.76 13.87
C SER E 456 -27.16 -51.19 14.36
N THR E 457 -28.18 -51.74 15.00
CA THR E 457 -28.09 -53.12 15.49
C THR E 457 -28.04 -54.10 14.32
N ASP E 458 -28.90 -53.90 13.33
CA ASP E 458 -28.91 -54.68 12.10
C ASP E 458 -28.25 -53.87 10.99
N SER E 459 -27.50 -54.57 10.14
CA SER E 459 -26.65 -53.93 9.14
C SER E 459 -27.30 -53.83 7.76
N THR E 460 -28.54 -54.31 7.60
CA THR E 460 -29.18 -54.28 6.30
C THR E 460 -29.83 -52.94 5.97
N THR E 461 -30.01 -52.06 6.95
CA THR E 461 -30.69 -50.79 6.77
C THR E 461 -29.77 -49.63 7.15
N GLU E 462 -29.99 -48.50 6.50
CA GLU E 462 -29.29 -47.26 6.81
C GLU E 462 -30.32 -46.13 6.83
N THR E 463 -30.41 -45.43 7.95
CA THR E 463 -31.38 -44.36 8.15
C THR E 463 -30.70 -43.01 8.01
N PHE E 464 -31.32 -42.11 7.26
CA PHE E 464 -30.80 -40.77 7.00
C PHE E 464 -31.86 -39.76 7.37
N ARG E 465 -31.51 -38.81 8.24
CA ARG E 465 -32.38 -37.78 8.76
C ARG E 465 -31.89 -36.41 8.33
N PRO E 466 -32.79 -35.49 7.98
CA PRO E 466 -32.35 -34.15 7.58
C PRO E 466 -31.67 -33.40 8.72
N SER E 467 -30.76 -32.52 8.36
CA SER E 467 -29.96 -31.79 9.34
C SER E 467 -29.61 -30.42 8.78
N GLY E 468 -28.72 -29.73 9.49
CA GLY E 468 -28.29 -28.41 9.11
C GLY E 468 -28.06 -27.57 10.34
N GLY E 469 -27.97 -26.26 10.12
CA GLY E 469 -27.82 -25.29 11.19
C GLY E 469 -26.56 -24.47 10.99
N ASP E 470 -25.50 -25.13 10.54
CA ASP E 470 -24.28 -24.45 10.13
C ASP E 470 -24.34 -24.19 8.63
N MET E 471 -24.19 -22.93 8.26
CA MET E 471 -24.27 -22.54 6.85
C MET E 471 -22.94 -22.69 6.14
N ARG E 472 -21.89 -23.10 6.86
CA ARG E 472 -20.64 -23.45 6.19
C ARG E 472 -20.80 -24.72 5.37
N ASP E 473 -21.74 -25.59 5.73
CA ASP E 473 -22.11 -26.75 4.94
C ASP E 473 -23.18 -26.44 3.89
N ASN E 474 -23.71 -25.22 3.88
CA ASN E 474 -24.64 -24.77 2.85
C ASN E 474 -23.94 -24.02 1.74
N TRP E 475 -22.92 -23.26 2.10
CA TRP E 475 -22.08 -22.51 1.18
C TRP E 475 -20.89 -23.32 0.67
N ARG E 476 -20.63 -24.49 1.26
CA ARG E 476 -19.62 -25.40 0.75
C ARG E 476 -20.16 -26.30 -0.35
N SER E 477 -21.48 -26.33 -0.54
CA SER E 477 -22.10 -27.06 -1.64
C SER E 477 -22.05 -26.28 -2.95
N GLU E 478 -21.63 -25.01 -2.91
CA GLU E 478 -21.42 -24.20 -4.11
C GLU E 478 -19.95 -23.95 -4.39
N LEU E 479 -19.12 -23.85 -3.36
CA LEU E 479 -17.69 -23.63 -3.49
C LEU E 479 -16.90 -24.94 -3.48
N TYR E 480 -17.57 -26.08 -3.63
CA TYR E 480 -16.89 -27.37 -3.56
C TYR E 480 -15.86 -27.55 -4.68
N LYS E 481 -16.03 -26.86 -5.80
CA LYS E 481 -15.23 -27.07 -6.99
C LYS E 481 -14.17 -25.99 -7.17
N TYR E 482 -13.91 -25.19 -6.15
CA TYR E 482 -13.02 -24.04 -6.22
C TYR E 482 -11.92 -24.16 -5.18
N LYS E 483 -10.69 -23.86 -5.60
CA LYS E 483 -9.56 -23.74 -4.70
C LYS E 483 -8.71 -22.56 -5.14
N VAL E 484 -8.29 -21.76 -4.18
CA VAL E 484 -7.39 -20.65 -4.44
C VAL E 484 -5.96 -21.15 -4.38
N VAL E 485 -5.13 -20.70 -5.34
CA VAL E 485 -3.72 -21.05 -5.40
C VAL E 485 -2.87 -19.80 -5.53
N LYS E 486 -1.65 -19.90 -5.02
CA LYS E 486 -0.60 -18.91 -5.15
C LYS E 486 0.28 -19.22 -6.34
N ILE E 487 0.48 -18.22 -7.19
CA ILE E 487 1.40 -18.32 -8.32
C ILE E 487 2.83 -18.10 -7.83
N GLU E 488 3.74 -19.02 -8.17
CA GLU E 488 5.16 -18.88 -7.91
C GLU E 488 5.88 -18.62 -9.22
N PRO E 489 6.04 -17.36 -9.65
CA PRO E 489 6.48 -17.09 -11.02
C PRO E 489 7.97 -17.20 -11.28
N LEU E 490 8.78 -17.45 -10.25
CA LEU E 490 10.23 -17.53 -10.39
C LEU E 490 10.66 -18.99 -10.48
N GLY E 491 11.35 -19.32 -11.56
CA GLY E 491 11.85 -20.68 -11.76
C GLY E 491 13.29 -20.66 -12.19
N VAL E 492 13.99 -21.75 -11.83
CA VAL E 492 15.38 -21.97 -12.21
C VAL E 492 15.48 -23.36 -12.80
N ALA E 493 16.05 -23.46 -14.00
CA ALA E 493 16.16 -24.70 -14.74
C ALA E 493 17.50 -24.73 -15.45
N PRO E 494 18.03 -25.93 -15.75
CA PRO E 494 19.30 -26.01 -16.46
C PRO E 494 19.16 -25.71 -17.95
N THR E 495 20.08 -24.90 -18.45
CA THR E 495 20.26 -24.70 -19.88
C THR E 495 21.75 -24.65 -20.16
N ARG E 496 22.10 -24.70 -21.44
CA ARG E 496 23.50 -24.65 -21.86
C ARG E 496 23.97 -23.22 -22.09
N CYS E 497 23.17 -22.23 -21.71
CA CYS E 497 23.48 -20.84 -22.05
C CYS E 497 24.22 -20.21 -20.88
N LYS E 498 25.20 -19.37 -21.21
CA LYS E 498 26.11 -18.80 -20.23
C LYS E 498 26.16 -17.29 -20.40
N ARG E 499 26.14 -16.58 -19.28
CA ARG E 499 26.23 -15.14 -19.30
C ARG E 499 27.61 -14.72 -19.79
N ARG E 500 27.66 -13.80 -20.75
CA ARG E 500 28.93 -13.32 -21.25
C ARG E 500 29.56 -12.35 -20.26
N VAL F 7 -5.98 -9.23 -20.91
CA VAL F 7 -4.83 -9.45 -20.05
C VAL F 7 -4.87 -10.86 -19.49
N PHE F 8 -6.02 -11.21 -18.89
CA PHE F 8 -6.16 -12.53 -18.28
C PHE F 8 -6.14 -13.66 -19.30
N LEU F 9 -6.38 -13.37 -20.57
CA LEU F 9 -6.47 -14.43 -21.58
C LEU F 9 -5.16 -15.19 -21.67
N GLY F 10 -5.25 -16.51 -21.66
CA GLY F 10 -4.08 -17.37 -21.70
C GLY F 10 -3.40 -17.59 -20.36
N PHE F 11 -3.93 -17.03 -19.28
CA PHE F 11 -3.28 -17.16 -17.97
C PHE F 11 -3.21 -18.62 -17.55
N LEU F 12 -2.01 -19.05 -17.20
CA LEU F 12 -1.71 -20.41 -16.74
C LEU F 12 -2.05 -21.48 -17.78
N GLY F 13 -2.28 -21.10 -19.03
CA GLY F 13 -2.69 -22.05 -20.05
C GLY F 13 -1.61 -23.01 -20.49
N ALA F 14 -0.36 -22.75 -20.14
CA ALA F 14 0.77 -23.64 -20.42
C ALA F 14 1.27 -24.32 -19.14
N ALA F 15 0.38 -24.53 -18.18
CA ALA F 15 0.73 -25.22 -16.95
C ALA F 15 0.72 -26.73 -17.09
N GLY F 16 0.12 -27.25 -18.16
CA GLY F 16 0.18 -28.66 -18.51
C GLY F 16 1.02 -28.91 -19.74
N SER F 17 1.61 -27.87 -20.30
CA SER F 17 2.50 -27.98 -21.45
C SER F 17 3.92 -28.26 -20.97
N THR F 18 4.77 -28.67 -21.91
CA THR F 18 6.16 -28.91 -21.59
C THR F 18 6.81 -27.61 -21.13
N MET F 19 7.95 -27.75 -20.45
CA MET F 19 8.63 -26.59 -19.90
C MET F 19 9.06 -25.63 -21.00
N GLY F 20 9.51 -26.16 -22.13
CA GLY F 20 9.88 -25.30 -23.24
C GLY F 20 8.69 -24.60 -23.86
N ALA F 21 7.60 -25.33 -24.08
CA ALA F 21 6.39 -24.71 -24.60
C ALA F 21 5.85 -23.67 -23.63
N ALA F 22 6.01 -23.90 -22.32
CA ALA F 22 5.57 -22.96 -21.31
C ALA F 22 6.53 -21.79 -21.10
N SER F 23 7.76 -21.89 -21.61
CA SER F 23 8.71 -20.79 -21.55
C SER F 23 8.52 -19.77 -22.65
N MET F 24 7.43 -19.85 -23.41
CA MET F 24 7.11 -18.92 -24.48
C MET F 24 5.87 -18.08 -24.17
N THR F 25 5.35 -18.18 -22.93
CA THR F 25 4.15 -17.46 -22.51
C THR F 25 4.39 -16.73 -21.19
N LEU F 26 5.65 -16.41 -20.89
CA LEU F 26 5.98 -15.85 -19.58
C LEU F 26 5.36 -14.49 -19.36
N THR F 27 5.17 -13.72 -20.43
CA THR F 27 4.57 -12.39 -20.28
C THR F 27 3.11 -12.49 -19.85
N VAL F 28 2.43 -13.57 -20.21
CA VAL F 28 1.03 -13.72 -19.84
C VAL F 28 0.89 -13.84 -18.33
N GLN F 29 1.82 -14.54 -17.70
CA GLN F 29 1.82 -14.71 -16.26
C GLN F 29 2.51 -13.57 -15.53
N ALA F 30 3.38 -12.82 -16.21
CA ALA F 30 3.99 -11.65 -15.61
C ALA F 30 3.03 -10.47 -15.56
N ARG F 31 2.18 -10.32 -16.57
CA ARG F 31 1.19 -9.25 -16.57
C ARG F 31 0.06 -9.49 -15.58
N ASN F 32 -0.12 -10.71 -15.09
CA ASN F 32 -1.21 -11.07 -14.19
C ASN F 32 -0.76 -11.11 -12.73
N LEU F 33 0.42 -10.58 -12.42
CA LEU F 33 0.93 -10.55 -11.07
C LEU F 33 0.70 -9.21 -10.37
N LEU F 34 0.25 -8.20 -11.11
CA LEU F 34 0.02 -6.85 -10.60
C LEU F 34 -1.44 -6.50 -10.81
N SER F 35 -2.04 -5.86 -9.82
CA SER F 35 -3.47 -5.54 -9.83
C SER F 35 -3.83 -4.68 -11.03
N THR F 58 -14.07 1.19 4.80
CA THR F 58 -14.63 0.26 5.77
C THR F 58 -13.58 -0.80 6.13
N VAL F 59 -13.96 -1.76 6.98
CA VAL F 59 -13.04 -2.83 7.34
C VAL F 59 -12.71 -3.68 6.11
N TRP F 60 -13.69 -3.85 5.23
CA TRP F 60 -13.45 -4.59 3.99
C TRP F 60 -12.42 -3.87 3.13
N GLY F 61 -12.48 -2.53 3.13
CA GLY F 61 -11.54 -1.76 2.35
C GLY F 61 -10.11 -1.90 2.85
N ILE F 62 -9.91 -2.04 4.15
CA ILE F 62 -8.55 -2.25 4.65
C ILE F 62 -8.10 -3.69 4.43
N LYS F 63 -9.01 -4.66 4.46
CA LYS F 63 -8.61 -6.02 4.14
C LYS F 63 -8.15 -6.12 2.69
N GLN F 64 -8.90 -5.49 1.77
CA GLN F 64 -8.51 -5.53 0.37
C GLN F 64 -7.27 -4.68 0.10
N LEU F 65 -7.10 -3.58 0.84
CA LEU F 65 -5.87 -2.80 0.74
C LEU F 65 -4.68 -3.61 1.23
N GLN F 66 -4.86 -4.41 2.27
CA GLN F 66 -3.76 -5.24 2.73
C GLN F 66 -3.41 -6.32 1.72
N ALA F 67 -4.43 -6.86 1.04
CA ALA F 67 -4.15 -7.82 -0.02
C ALA F 67 -3.38 -7.18 -1.17
N ARG F 68 -3.80 -5.98 -1.58
CA ARG F 68 -3.14 -5.28 -2.68
C ARG F 68 -1.71 -4.89 -2.30
N VAL F 69 -1.51 -4.42 -1.07
CA VAL F 69 -0.17 -4.05 -0.62
C VAL F 69 0.72 -5.27 -0.53
N LEU F 70 0.18 -6.42 -0.13
CA LEU F 70 1.01 -7.62 -0.09
C LEU F 70 1.35 -8.09 -1.48
N ALA F 71 0.45 -7.93 -2.45
CA ALA F 71 0.78 -8.25 -3.82
C ALA F 71 1.90 -7.35 -4.34
N VAL F 72 1.84 -6.06 -4.00
CA VAL F 72 2.89 -5.13 -4.42
C VAL F 72 4.22 -5.52 -3.78
N GLU F 73 4.22 -5.83 -2.49
CA GLU F 73 5.46 -6.18 -1.79
C GLU F 73 6.04 -7.47 -2.35
N ARG F 74 5.17 -8.40 -2.73
CA ARG F 74 5.62 -9.68 -3.28
C ARG F 74 6.25 -9.49 -4.66
N TYR F 75 5.63 -8.65 -5.50
CA TYR F 75 6.21 -8.35 -6.80
C TYR F 75 7.56 -7.66 -6.63
N LEU F 76 7.64 -6.73 -5.67
CA LEU F 76 8.91 -6.04 -5.44
C LEU F 76 9.99 -6.98 -4.93
N ARG F 77 9.63 -7.94 -4.08
CA ARG F 77 10.61 -8.91 -3.61
C ARG F 77 11.13 -9.76 -4.76
N ASP F 78 10.23 -10.20 -5.64
CA ASP F 78 10.67 -10.99 -6.79
C ASP F 78 11.58 -10.17 -7.70
N GLN F 79 11.21 -8.92 -7.97
CA GLN F 79 12.05 -8.08 -8.82
C GLN F 79 13.38 -7.76 -8.17
N GLN F 80 13.41 -7.62 -6.84
CA GLN F 80 14.68 -7.43 -6.15
C GLN F 80 15.57 -8.66 -6.27
N LEU F 81 14.97 -9.85 -6.17
CA LEU F 81 15.74 -11.07 -6.37
C LEU F 81 16.31 -11.14 -7.79
N LEU F 82 15.51 -10.76 -8.79
CA LEU F 82 16.03 -10.70 -10.15
C LEU F 82 17.15 -9.68 -10.28
N GLY F 83 17.01 -8.53 -9.63
CA GLY F 83 18.01 -7.48 -9.77
C GLY F 83 19.32 -7.77 -9.09
N ILE F 84 19.31 -8.53 -7.98
CA ILE F 84 20.56 -8.90 -7.33
C ILE F 84 21.22 -10.10 -8.00
N TRP F 85 20.67 -10.58 -9.12
CA TRP F 85 21.28 -11.63 -9.93
C TRP F 85 21.72 -11.12 -11.30
N GLY F 86 21.63 -9.81 -11.55
CA GLY F 86 21.90 -9.29 -12.86
C GLY F 86 20.85 -9.67 -13.88
N CYS F 87 19.58 -9.76 -13.45
CA CYS F 87 18.49 -10.26 -14.26
C CYS F 87 17.33 -9.27 -14.30
N SER F 88 17.63 -7.97 -14.18
CA SER F 88 16.58 -6.96 -14.18
C SER F 88 15.99 -6.79 -15.56
N GLY F 89 14.67 -6.58 -15.61
CA GLY F 89 13.99 -6.41 -16.88
C GLY F 89 14.13 -7.59 -17.81
N LYS F 90 14.23 -8.79 -17.25
CA LYS F 90 14.51 -9.99 -18.02
C LYS F 90 13.58 -11.09 -17.53
N LEU F 91 12.87 -11.72 -18.45
CA LEU F 91 12.03 -12.86 -18.14
C LEU F 91 12.77 -14.18 -18.28
N ILE F 92 13.76 -14.22 -19.16
CA ILE F 92 14.75 -15.29 -19.25
C ILE F 92 16.10 -14.65 -19.01
N CYS F 93 16.89 -15.22 -18.10
CA CYS F 93 18.17 -14.66 -17.71
C CYS F 93 19.18 -15.78 -17.51
N CYS F 94 20.24 -15.77 -18.32
CA CYS F 94 21.34 -16.69 -18.12
C CYS F 94 22.36 -16.14 -17.14
N THR F 95 23.08 -17.06 -16.51
CA THR F 95 23.97 -16.79 -15.38
C THR F 95 25.28 -17.52 -15.62
N ASN F 96 26.22 -17.34 -14.70
CA ASN F 96 27.52 -18.02 -14.73
C ASN F 96 27.61 -19.11 -13.68
N VAL F 97 26.46 -19.65 -13.26
CA VAL F 97 26.40 -20.64 -12.19
C VAL F 97 26.27 -22.01 -12.84
N PRO F 98 27.26 -22.90 -12.70
CA PRO F 98 27.11 -24.25 -13.28
C PRO F 98 25.98 -25.01 -12.60
N TRP F 99 25.29 -25.83 -13.39
CA TRP F 99 24.33 -26.75 -12.82
C TRP F 99 25.03 -27.93 -12.17
N ASN F 100 24.58 -28.28 -10.97
CA ASN F 100 25.06 -29.44 -10.23
C ASN F 100 24.14 -30.61 -10.50
N SER F 101 24.71 -31.75 -10.89
CA SER F 101 23.92 -32.95 -11.10
C SER F 101 23.28 -33.45 -9.81
N SER F 102 23.78 -33.04 -8.65
CA SER F 102 23.11 -33.36 -7.40
C SER F 102 21.73 -32.72 -7.35
N TRP F 103 21.62 -31.49 -7.84
CA TRP F 103 20.31 -30.85 -7.92
C TRP F 103 19.37 -31.62 -8.82
N SER F 104 19.85 -32.00 -10.00
CA SER F 104 19.07 -32.78 -10.94
C SER F 104 20.01 -33.33 -12.01
N ASN F 105 19.94 -34.64 -12.26
CA ASN F 105 20.80 -35.31 -13.21
C ASN F 105 20.03 -35.68 -14.48
N ARG F 106 18.92 -35.01 -14.74
CA ARG F 106 18.11 -35.32 -15.91
C ARG F 106 18.66 -34.65 -17.16
N ASN F 107 18.34 -35.25 -18.31
CA ASN F 107 18.86 -34.77 -19.58
C ASN F 107 17.94 -33.67 -20.11
N LEU F 108 18.46 -32.88 -21.06
CA LEU F 108 17.76 -31.67 -21.46
C LEU F 108 16.40 -31.96 -22.08
N SER F 109 16.30 -33.04 -22.87
CA SER F 109 15.02 -33.39 -23.47
C SER F 109 14.00 -33.77 -22.41
N GLU F 110 14.44 -34.51 -21.37
CA GLU F 110 13.54 -34.87 -20.28
C GLU F 110 12.93 -33.64 -19.63
N ILE F 111 13.75 -32.62 -19.40
CA ILE F 111 13.31 -31.45 -18.65
C ILE F 111 12.43 -30.56 -19.54
N TRP F 112 12.90 -30.26 -20.74
CA TRP F 112 12.30 -29.20 -21.54
C TRP F 112 11.22 -29.70 -22.50
N ASP F 113 11.28 -30.97 -22.91
CA ASP F 113 10.31 -31.55 -23.82
C ASP F 113 9.48 -32.67 -23.20
N ASN F 114 9.74 -33.02 -21.93
CA ASN F 114 9.01 -34.11 -21.28
C ASN F 114 8.65 -33.80 -19.83
N MET F 115 8.64 -32.53 -19.42
CA MET F 115 8.25 -32.18 -18.06
C MET F 115 7.61 -30.81 -18.07
N THR F 116 6.75 -30.58 -17.08
CA THR F 116 6.10 -29.30 -16.84
C THR F 116 6.80 -28.58 -15.71
N TRP F 117 6.59 -27.27 -15.63
CA TRP F 117 7.23 -26.48 -14.59
C TRP F 117 6.76 -26.85 -13.19
N LEU F 118 5.53 -27.34 -13.05
CA LEU F 118 5.03 -27.76 -11.75
C LEU F 118 5.80 -28.97 -11.23
N GLN F 119 5.96 -29.98 -12.07
CA GLN F 119 6.74 -31.15 -11.70
C GLN F 119 8.18 -30.76 -11.41
N TRP F 120 8.75 -29.88 -12.24
CA TRP F 120 10.11 -29.39 -12.00
C TRP F 120 10.22 -28.74 -10.62
N ASP F 121 9.29 -27.86 -10.29
CA ASP F 121 9.31 -27.18 -8.99
C ASP F 121 9.18 -28.18 -7.86
N LYS F 122 8.38 -29.23 -8.06
CA LYS F 122 8.30 -30.28 -7.06
C LYS F 122 9.64 -30.97 -6.89
N GLU F 123 10.36 -31.19 -8.00
CA GLU F 123 11.63 -31.91 -7.92
C GLU F 123 12.73 -31.06 -7.25
N ILE F 124 12.81 -29.76 -7.58
CA ILE F 124 13.93 -28.94 -7.13
C ILE F 124 13.62 -28.12 -5.89
N SER F 125 12.45 -28.29 -5.28
CA SER F 125 12.01 -27.45 -4.17
C SER F 125 13.00 -27.42 -3.01
N ASN F 126 13.68 -28.54 -2.76
CA ASN F 126 14.65 -28.65 -1.68
C ASN F 126 16.05 -28.22 -2.08
N TYR F 127 16.24 -27.77 -3.33
CA TYR F 127 17.52 -27.25 -3.80
C TYR F 127 17.45 -25.79 -4.20
N THR F 128 16.27 -25.16 -4.12
CA THR F 128 16.08 -23.81 -4.64
C THR F 128 16.98 -22.80 -3.92
N GLN F 129 17.07 -22.91 -2.60
CA GLN F 129 17.83 -21.91 -1.84
C GLN F 129 19.32 -21.99 -2.10
N ILE F 130 19.85 -23.19 -2.36
CA ILE F 130 21.26 -23.33 -2.72
C ILE F 130 21.55 -22.59 -4.01
N ILE F 131 20.68 -22.76 -5.00
CA ILE F 131 20.83 -22.07 -6.28
C ILE F 131 20.69 -20.57 -6.07
N TYR F 132 19.73 -20.17 -5.23
CA TYR F 132 19.48 -18.76 -5.00
C TYR F 132 20.60 -18.10 -4.22
N GLY F 133 21.38 -18.86 -3.46
CA GLY F 133 22.51 -18.30 -2.75
C GLY F 133 23.76 -18.33 -3.59
N LEU F 134 23.80 -19.22 -4.58
CA LEU F 134 24.87 -19.21 -5.56
C LEU F 134 24.67 -18.13 -6.62
N LEU F 135 23.45 -17.65 -6.79
CA LEU F 135 23.14 -16.49 -7.63
C LEU F 135 23.17 -15.18 -6.86
N GLU F 136 22.67 -15.20 -5.61
CA GLU F 136 22.56 -14.00 -4.80
C GLU F 136 23.88 -13.28 -4.67
N GLU F 137 24.89 -13.96 -4.11
CA GLU F 137 26.08 -13.28 -3.60
C GLU F 137 27.35 -13.65 -4.34
N SER F 138 27.56 -14.92 -4.68
CA SER F 138 28.78 -15.30 -5.37
C SER F 138 28.84 -14.67 -6.75
N GLN F 139 27.95 -15.11 -7.63
CA GLN F 139 28.07 -14.79 -9.05
C GLN F 139 27.94 -13.29 -9.30
N ASN F 140 26.89 -12.67 -8.76
CA ASN F 140 26.63 -11.28 -9.11
C ASN F 140 27.63 -10.32 -8.51
N GLN F 141 27.95 -10.43 -7.21
CA GLN F 141 28.93 -9.48 -6.70
C GLN F 141 30.31 -9.73 -7.26
N GLN F 142 30.68 -10.99 -7.49
CA GLN F 142 31.95 -11.23 -8.18
C GLN F 142 31.96 -10.56 -9.55
N GLU F 143 30.95 -10.85 -10.39
CA GLU F 143 30.90 -10.29 -11.73
C GLU F 143 30.90 -8.76 -11.69
N LYS F 144 30.16 -8.18 -10.75
CA LYS F 144 29.99 -6.75 -10.69
C LYS F 144 31.29 -6.05 -10.28
N ASN F 145 32.01 -6.63 -9.32
CA ASN F 145 33.33 -6.12 -8.97
C ASN F 145 34.28 -6.24 -10.15
N GLU F 146 34.19 -7.33 -10.92
CA GLU F 146 35.09 -7.45 -12.07
C GLU F 146 34.75 -6.43 -13.15
N GLN F 147 33.47 -6.13 -13.36
CA GLN F 147 33.16 -5.07 -14.32
C GLN F 147 33.67 -3.72 -13.85
N ASP F 148 33.60 -3.45 -12.54
CA ASP F 148 34.14 -2.19 -12.04
C ASP F 148 35.65 -2.12 -12.31
N LEU F 149 36.37 -3.21 -12.00
CA LEU F 149 37.83 -3.22 -12.18
C LEU F 149 38.25 -3.27 -13.64
N LEU F 150 37.40 -3.78 -14.53
CA LEU F 150 37.66 -3.67 -15.96
C LEU F 150 37.37 -2.28 -16.47
N ALA F 151 36.35 -1.62 -15.93
CA ALA F 151 36.08 -0.23 -16.28
C ALA F 151 37.22 0.68 -15.84
N LEU F 152 37.99 0.27 -14.83
CA LEU F 152 39.20 1.00 -14.47
C LEU F 152 40.28 0.97 -15.54
N ASP F 153 40.36 -0.10 -16.32
CA ASP F 153 41.43 -0.25 -17.30
C ASP F 153 41.20 0.72 -18.46
N VAL G 2 -3.65 33.15 28.24
CA VAL G 2 -2.56 32.79 29.13
C VAL G 2 -2.54 33.79 30.28
N GLN G 3 -3.03 33.38 31.43
CA GLN G 3 -3.13 34.26 32.58
C GLN G 3 -3.35 33.42 33.84
N LEU G 4 -2.73 33.86 34.93
CA LEU G 4 -2.89 33.22 36.25
C LEU G 4 -3.41 34.28 37.21
N VAL G 5 -4.67 34.15 37.61
CA VAL G 5 -5.29 35.03 38.60
C VAL G 5 -5.24 34.33 39.95
N GLN G 6 -4.63 35.00 40.93
CA GLN G 6 -4.49 34.49 42.28
C GLN G 6 -5.64 35.01 43.14
N SER G 7 -5.57 34.76 44.45
CA SER G 7 -6.56 35.26 45.39
C SER G 7 -6.16 36.63 45.89
N GLY G 8 -7.08 37.27 46.62
CA GLY G 8 -6.81 38.60 47.14
C GLY G 8 -5.89 38.58 48.34
N ALA G 9 -5.35 39.76 48.66
CA ALA G 9 -4.50 39.89 49.81
C ALA G 9 -5.30 39.67 51.10
N GLU G 10 -4.62 39.14 52.12
CA GLU G 10 -5.28 38.73 53.34
C GLU G 10 -4.36 38.98 54.53
N VAL G 11 -4.97 39.09 55.71
CA VAL G 11 -4.27 39.35 56.96
C VAL G 11 -4.63 38.26 57.96
N LYS G 12 -3.62 37.76 58.67
CA LYS G 12 -3.77 36.62 59.56
C LYS G 12 -2.98 36.84 60.85
N GLN G 13 -3.31 36.02 61.87
CA GLN G 13 -2.63 36.02 63.17
C GLN G 13 -1.55 34.94 63.19
N PRO G 14 -0.52 35.06 64.03
CA PRO G 14 0.43 33.95 64.20
C PRO G 14 -0.28 32.70 64.70
N GLY G 15 0.16 31.56 64.16
CA GLY G 15 -0.38 30.27 64.54
C GLY G 15 -1.52 29.78 63.64
N ALA G 16 -2.09 30.65 62.82
CA ALA G 16 -3.19 30.28 61.95
C ALA G 16 -2.62 29.64 60.68
N SER G 17 -3.49 29.40 59.70
CA SER G 17 -3.12 28.82 58.41
C SER G 17 -3.72 29.66 57.30
N VAL G 18 -2.91 29.93 56.28
CA VAL G 18 -3.32 30.66 55.10
C VAL G 18 -3.35 29.69 53.94
N LYS G 19 -4.26 29.93 52.98
CA LYS G 19 -4.40 29.10 51.78
C LYS G 19 -4.56 30.01 50.56
N VAL G 20 -3.43 30.31 49.90
CA VAL G 20 -3.48 31.02 48.64
C VAL G 20 -3.89 30.07 47.52
N SER G 21 -4.48 30.63 46.47
CA SER G 21 -4.96 29.87 45.31
C SER G 21 -4.45 30.52 44.03
N CYS G 22 -4.52 29.75 42.95
CA CYS G 22 -4.03 30.23 41.65
C CYS G 22 -4.87 29.56 40.55
N LYS G 23 -5.91 30.26 40.11
CA LYS G 23 -6.66 29.86 38.92
C LYS G 23 -5.84 30.14 37.67
N ALA G 24 -5.94 29.23 36.70
CA ALA G 24 -5.18 29.28 35.46
C ALA G 24 -6.13 29.29 34.27
N SER G 25 -5.81 30.12 33.28
CA SER G 25 -6.63 30.25 32.08
C SER G 25 -5.72 30.40 30.87
N GLY G 26 -6.18 29.87 29.74
CA GLY G 26 -5.50 30.05 28.47
C GLY G 26 -4.72 28.85 27.99
N TYR G 27 -4.02 28.18 28.91
CA TYR G 27 -3.16 27.05 28.61
C TYR G 27 -3.70 25.79 29.28
N THR G 28 -3.25 24.65 28.77
CA THR G 28 -3.63 23.37 29.37
C THR G 28 -2.97 23.26 30.74
N PHE G 29 -3.80 23.24 31.79
CA PHE G 29 -3.29 23.28 33.15
C PHE G 29 -2.50 22.02 33.50
N SER G 30 -2.83 20.88 32.90
CA SER G 30 -2.18 19.63 33.25
C SER G 30 -0.79 19.48 32.63
N ASP G 31 -0.49 20.22 31.56
CA ASP G 31 0.75 20.00 30.83
C ASP G 31 1.97 20.56 31.57
N HIS G 32 1.80 21.63 32.33
CA HIS G 32 2.88 22.33 33.00
C HIS G 32 2.81 22.12 34.51
N PHE G 33 3.97 22.17 35.14
CA PHE G 33 4.03 22.20 36.59
C PHE G 33 3.63 23.58 37.10
N MET G 34 3.34 23.66 38.40
CA MET G 34 2.99 24.91 39.06
C MET G 34 3.90 25.09 40.26
N HIS G 35 4.66 26.18 40.26
CA HIS G 35 5.60 26.49 41.32
C HIS G 35 5.07 27.65 42.14
N TRP G 36 5.43 27.66 43.42
CA TRP G 36 5.04 28.71 44.35
C TRP G 36 6.30 29.38 44.88
N VAL G 37 6.36 30.70 44.75
CA VAL G 37 7.57 31.48 45.03
C VAL G 37 7.23 32.57 46.03
N ARG G 38 8.17 32.87 46.91
CA ARG G 38 8.01 33.78 48.03
C ARG G 38 8.92 34.98 47.84
N GLN G 39 8.34 36.18 47.88
CA GLN G 39 9.09 37.44 47.86
C GLN G 39 8.79 38.15 49.18
N ALA G 40 9.72 38.05 50.12
CA ALA G 40 9.61 38.80 51.36
C ALA G 40 9.92 40.28 51.11
N PRO G 41 9.39 41.19 51.92
CA PRO G 41 9.60 42.62 51.64
C PRO G 41 11.08 42.99 51.75
N GLY G 42 11.57 43.68 50.71
CA GLY G 42 12.96 44.09 50.67
C GLY G 42 13.94 42.95 50.69
N GLN G 43 13.55 41.79 50.18
CA GLN G 43 14.40 40.60 50.12
C GLN G 43 14.30 40.00 48.72
N GLY G 44 15.21 39.07 48.43
CA GLY G 44 15.21 38.41 47.15
C GLY G 44 14.10 37.38 47.02
N LEU G 45 13.93 36.88 45.80
CA LEU G 45 12.98 35.82 45.52
C LEU G 45 13.37 34.55 46.28
N GLU G 46 12.36 33.75 46.62
CA GLU G 46 12.58 32.57 47.46
C GLU G 46 11.59 31.49 47.03
N TRP G 47 12.11 30.45 46.38
CA TRP G 47 11.30 29.33 45.93
C TRP G 47 10.85 28.48 47.10
N MET G 48 9.59 28.02 47.06
CA MET G 48 8.99 27.21 48.11
C MET G 48 8.74 25.77 47.69
N GLY G 49 8.13 25.56 46.52
CA GLY G 49 7.81 24.21 46.09
C GLY G 49 7.18 24.22 44.72
N TRP G 50 6.99 23.01 44.18
CA TRP G 50 6.20 22.81 42.98
C TRP G 50 5.23 21.65 43.20
N ILE G 51 4.25 21.56 42.32
CA ILE G 51 3.26 20.50 42.32
C ILE G 51 3.00 20.06 40.89
N ASN G 52 2.95 18.75 40.67
CA ASN G 52 2.56 18.21 39.37
C ASN G 52 1.04 18.21 39.30
N PRO G 53 0.43 18.95 38.37
CA PRO G 53 -1.04 18.90 38.26
C PRO G 53 -1.58 17.53 37.89
N LYS G 54 -0.86 16.77 37.09
CA LYS G 54 -1.40 15.51 36.59
C LYS G 54 -1.42 14.44 37.67
N SER G 55 -0.52 14.53 38.65
CA SER G 55 -0.41 13.55 39.72
C SER G 55 -0.76 14.11 41.09
N GLY G 56 -0.46 15.37 41.34
CA GLY G 56 -0.63 15.95 42.66
C GLY G 56 0.57 15.81 43.56
N GLY G 57 1.67 15.23 43.08
CA GLY G 57 2.83 15.01 43.91
C GLY G 57 3.63 16.29 44.08
N PRO G 58 3.69 16.85 45.32
CA PRO G 58 4.44 18.08 45.52
C PRO G 58 5.85 17.89 46.06
N ASN G 59 6.73 18.80 45.66
CA ASN G 59 8.07 18.94 46.24
C ASN G 59 8.12 20.23 47.03
N TYR G 60 8.64 20.16 48.24
CA TYR G 60 8.78 21.31 49.12
C TYR G 60 10.25 21.59 49.38
N ALA G 61 10.52 22.83 49.77
CA ALA G 61 11.82 23.20 50.29
C ALA G 61 11.92 22.80 51.76
N GLN G 62 13.16 22.56 52.20
CA GLN G 62 13.36 22.00 53.54
C GLN G 62 12.82 22.92 54.62
N LYS G 63 12.96 24.24 54.43
CA LYS G 63 12.44 25.18 55.41
C LYS G 63 10.91 25.10 55.51
N PHE G 64 10.23 24.83 54.40
CA PHE G 64 8.78 24.74 54.40
C PHE G 64 8.24 23.33 54.59
N GLN G 65 9.11 22.31 54.67
CA GLN G 65 8.66 20.96 54.93
C GLN G 65 7.88 20.91 56.24
N GLY G 66 6.70 20.29 56.19
CA GLY G 66 5.84 20.16 57.34
C GLY G 66 4.79 21.25 57.49
N ARG G 67 5.10 22.46 57.03
CA ARG G 67 4.21 23.61 57.23
C ARG G 67 3.40 23.98 55.99
N VAL G 68 3.83 23.56 54.80
CA VAL G 68 3.18 23.93 53.55
C VAL G 68 2.58 22.68 52.92
N THR G 69 1.35 22.82 52.40
CA THR G 69 0.68 21.76 51.66
C THR G 69 0.07 22.37 50.41
N MET G 70 0.53 21.90 49.25
CA MET G 70 0.02 22.36 47.96
C MET G 70 -0.83 21.27 47.33
N THR G 71 -1.97 21.69 46.76
CA THR G 71 -2.96 20.80 46.17
C THR G 71 -3.42 21.41 44.84
N ARG G 72 -4.29 20.69 44.15
CA ARG G 72 -4.84 21.18 42.89
C ARG G 72 -6.18 20.54 42.64
N ASP G 73 -7.05 21.27 41.93
CA ASP G 73 -8.31 20.75 41.42
C ASP G 73 -8.26 20.88 39.90
N ARG G 74 -8.16 19.73 39.22
CA ARG G 74 -7.96 19.76 37.78
C ARG G 74 -9.21 20.23 37.04
N SER G 75 -10.39 20.01 37.62
CA SER G 75 -11.63 20.35 36.93
C SER G 75 -11.73 21.84 36.66
N ILE G 76 -11.38 22.67 37.64
CA ILE G 76 -11.43 24.13 37.51
C ILE G 76 -10.05 24.73 37.23
N SER G 77 -9.04 23.90 36.94
CA SER G 77 -7.72 24.37 36.52
C SER G 77 -7.11 25.33 37.54
N THR G 78 -7.25 24.98 38.81
CA THR G 78 -6.81 25.83 39.92
C THR G 78 -5.84 25.05 40.81
N ALA G 79 -4.82 25.76 41.29
CA ALA G 79 -3.84 25.23 42.22
C ALA G 79 -3.92 25.99 43.54
N TYR G 80 -3.50 25.33 44.61
CA TYR G 80 -3.56 25.88 45.95
C TYR G 80 -2.25 25.62 46.68
N MET G 81 -1.95 26.50 47.64
CA MET G 81 -0.80 26.34 48.53
C MET G 81 -1.25 26.79 49.90
N GLU G 82 -1.12 25.91 50.90
CA GLU G 82 -1.60 26.16 52.25
C GLU G 82 -0.42 26.16 53.21
N LEU G 83 -0.03 27.35 53.67
CA LEU G 83 1.04 27.51 54.65
C LEU G 83 0.42 27.53 56.05
N ARG G 84 0.57 26.42 56.76
CA ARG G 84 0.08 26.30 58.12
C ARG G 84 1.14 26.80 59.10
N GLY G 85 0.76 26.92 60.38
CA GLY G 85 1.67 27.30 61.43
C GLY G 85 2.37 28.63 61.18
N LEU G 86 1.60 29.65 60.81
CA LEU G 86 2.18 30.89 60.34
C LEU G 86 2.99 31.58 61.44
N ARG G 87 3.96 32.39 61.02
CA ARG G 87 4.89 33.07 61.90
C ARG G 87 5.06 34.50 61.37
N SER G 88 5.96 35.25 62.00
CA SER G 88 6.13 36.67 61.65
C SER G 88 6.84 36.82 60.31
N ASP G 89 7.90 36.05 60.07
CA ASP G 89 8.69 36.23 58.85
C ASP G 89 7.96 35.74 57.61
N ASP G 90 6.83 35.05 57.75
CA ASP G 90 6.06 34.57 56.59
C ASP G 90 5.32 35.69 55.86
N THR G 91 5.45 36.93 56.32
CA THR G 91 4.87 38.05 55.59
C THR G 91 5.63 38.24 54.29
N ALA G 92 4.93 38.10 53.18
CA ALA G 92 5.56 38.09 51.86
C ALA G 92 4.47 38.00 50.80
N ILE G 93 4.84 38.36 49.57
CA ILE G 93 4.00 38.12 48.41
C ILE G 93 4.24 36.69 47.93
N TYR G 94 3.17 35.99 47.57
CA TYR G 94 3.22 34.60 47.16
C TYR G 94 2.72 34.51 45.73
N TYR G 95 3.63 34.22 44.80
CA TYR G 95 3.29 34.10 43.38
C TYR G 95 3.15 32.64 42.99
N CYS G 96 2.33 32.42 41.96
CA CYS G 96 2.19 31.12 41.31
C CYS G 96 2.79 31.24 39.91
N ALA G 97 3.73 30.35 39.59
CA ALA G 97 4.53 30.43 38.38
C ALA G 97 4.43 29.13 37.58
N ARG G 98 4.29 29.27 36.26
CA ARG G 98 4.25 28.15 35.34
C ARG G 98 5.53 28.15 34.50
N PRO G 99 6.45 27.21 34.67
CA PRO G 99 7.61 27.16 33.76
C PRO G 99 7.18 26.86 32.33
N MET G 100 7.93 27.44 31.39
CA MET G 100 7.61 27.27 29.98
C MET G 100 8.21 25.97 29.44
N HIS G 101 7.71 25.54 28.28
CA HIS G 101 8.12 24.29 27.64
C HIS G 101 9.30 24.60 26.72
N ASP G 102 10.50 24.51 27.27
CA ASP G 102 11.71 24.75 26.50
C ASP G 102 12.08 23.48 25.72
N TYR G 103 13.22 23.50 25.04
CA TYR G 103 13.66 22.37 24.22
C TYR G 103 14.39 21.31 25.02
N ASP G 104 15.04 21.69 26.12
CA ASP G 104 15.82 20.75 26.92
C ASP G 104 15.04 20.19 28.11
N ASP G 105 13.74 20.49 28.19
CA ASP G 105 12.90 20.07 29.31
C ASP G 105 13.51 20.49 30.64
N HIS G 106 14.03 21.72 30.67
CA HIS G 106 14.53 22.33 31.90
C HIS G 106 13.42 23.25 32.41
N ASP G 107 12.42 22.62 33.03
CA ASP G 107 11.17 23.31 33.36
C ASP G 107 11.34 24.16 34.61
N TRP G 108 12.15 25.22 34.47
CA TRP G 108 12.43 26.17 35.53
C TRP G 108 12.49 27.60 35.03
N TYR G 109 12.00 27.86 33.82
CA TYR G 109 12.02 29.18 33.21
C TYR G 109 10.60 29.74 33.35
N PHE G 110 10.39 30.58 34.36
CA PHE G 110 9.06 31.08 34.69
C PHE G 110 8.74 32.28 33.80
N ASP G 111 8.27 31.99 32.59
CA ASP G 111 7.78 33.05 31.72
C ASP G 111 6.45 33.59 32.22
N LEU G 112 5.61 32.73 32.81
CA LEU G 112 4.28 33.08 33.29
C LEU G 112 4.29 33.08 34.82
N TRP G 113 4.26 34.28 35.41
CA TRP G 113 4.08 34.45 36.84
C TRP G 113 2.63 34.84 37.14
N GLY G 114 2.31 34.87 38.42
CA GLY G 114 1.03 35.39 38.90
C GLY G 114 1.22 36.77 39.46
N ARG G 115 0.15 37.55 39.57
CA ARG G 115 0.30 38.94 39.97
C ARG G 115 0.76 39.06 41.42
N GLY G 116 0.41 38.10 42.27
CA GLY G 116 0.83 38.09 43.66
C GLY G 116 -0.34 38.11 44.63
N THR G 117 -0.08 37.70 45.87
CA THR G 117 -1.12 37.70 46.90
C THR G 117 -0.41 37.93 48.24
N LEU G 118 -0.51 39.16 48.75
CA LEU G 118 0.19 39.53 49.97
C LEU G 118 -0.51 38.92 51.17
N VAL G 119 0.27 38.26 52.02
CA VAL G 119 -0.20 37.67 53.27
C VAL G 119 0.51 38.40 54.40
N THR G 120 -0.23 39.24 55.12
CA THR G 120 0.34 40.07 56.18
C THR G 120 0.02 39.43 57.53
N VAL G 121 1.05 38.95 58.22
CA VAL G 121 0.89 38.32 59.53
C VAL G 121 1.16 39.39 60.59
N SER G 122 0.16 39.61 61.45
CA SER G 122 0.26 40.64 62.48
C SER G 122 -0.53 40.19 63.70
N SER G 123 -0.27 40.85 64.83
CA SER G 123 -0.96 40.59 66.08
C SER G 123 -1.65 41.85 66.59
N VAL H 1 21.45 22.82 47.28
CA VAL H 1 21.06 23.61 46.08
C VAL H 1 22.32 24.28 45.55
N SER H 2 22.18 25.17 44.57
CA SER H 2 23.28 25.89 43.97
C SER H 2 23.27 27.32 44.47
N VAL H 3 24.37 27.77 45.07
CA VAL H 3 24.48 29.15 45.51
C VAL H 3 24.73 30.03 44.30
N LEU H 4 24.00 31.14 44.22
CA LEU H 4 24.19 32.14 43.18
C LEU H 4 24.54 33.47 43.85
N THR H 5 25.66 34.05 43.42
CA THR H 5 26.07 35.38 43.86
C THR H 5 26.00 36.31 42.66
N GLN H 6 25.18 37.36 42.77
CA GLN H 6 24.93 38.30 41.68
C GLN H 6 25.50 39.65 42.12
N SER H 7 26.75 39.90 41.75
CA SER H 7 27.44 41.14 42.08
C SER H 7 27.31 42.11 40.92
N PRO H 8 27.22 43.43 41.15
CA PRO H 8 27.35 44.18 42.42
C PRO H 8 26.00 44.39 43.12
N GLY H 9 26.01 44.69 44.42
CA GLY H 9 24.75 44.88 45.13
C GLY H 9 23.94 46.05 44.58
N THR H 10 24.61 47.15 44.25
CA THR H 10 23.96 48.32 43.68
C THR H 10 24.88 48.93 42.63
N LEU H 11 24.34 49.16 41.44
CA LEU H 11 25.10 49.65 40.29
C LEU H 11 24.46 50.93 39.77
N SER H 12 25.18 52.04 39.87
CA SER H 12 24.66 53.37 39.56
C SER H 12 25.25 53.83 38.23
N LEU H 13 24.38 53.96 37.22
CA LEU H 13 24.77 54.44 35.90
C LEU H 13 23.76 55.50 35.48
N SER H 14 23.78 55.85 34.20
CA SER H 14 22.83 56.78 33.59
C SER H 14 22.31 56.17 32.30
N PRO H 15 21.20 56.70 31.74
CA PRO H 15 20.62 56.11 30.53
C PRO H 15 21.58 55.95 29.36
N GLY H 16 21.22 55.06 28.43
CA GLY H 16 21.87 54.97 27.14
C GLY H 16 23.20 54.24 27.09
N GLU H 17 23.85 54.01 28.23
CA GLU H 17 25.13 53.31 28.26
C GLU H 17 24.91 51.83 28.53
N ARG H 18 25.99 51.05 28.35
CA ARG H 18 25.89 49.58 28.49
C ARG H 18 26.26 49.12 29.89
N ALA H 19 25.35 48.39 30.55
CA ALA H 19 25.61 47.82 31.86
C ALA H 19 25.80 46.32 31.72
N THR H 20 26.69 45.76 32.54
CA THR H 20 27.12 44.37 32.45
C THR H 20 26.90 43.77 33.84
N LEU H 21 25.71 43.23 34.05
CA LEU H 21 25.37 42.58 35.31
C LEU H 21 25.82 41.13 35.27
N SER H 22 26.40 40.66 36.38
CA SER H 22 27.07 39.36 36.45
C SER H 22 26.51 38.52 37.57
N CYS H 23 26.40 37.20 37.31
CA CYS H 23 26.03 36.20 38.31
C CYS H 23 27.06 35.08 38.27
N ARG H 24 27.43 34.61 39.47
CA ARG H 24 28.45 33.54 39.61
C ARG H 24 27.91 32.40 40.46
N ALA H 25 27.72 31.22 39.85
CA ALA H 25 27.26 30.01 40.54
C ALA H 25 28.43 29.29 41.19
N SER H 26 28.19 28.74 42.38
CA SER H 26 29.25 28.15 43.20
C SER H 26 29.13 26.65 43.34
N GLN H 27 28.00 26.14 43.86
CA GLN H 27 27.82 24.73 44.14
C GLN H 27 27.09 24.04 42.98
N THR H 28 27.79 23.98 41.84
CA THR H 28 27.24 23.40 40.62
C THR H 28 28.24 22.46 39.98
N VAL H 29 27.93 22.01 38.75
CA VAL H 29 28.87 21.14 37.99
C VAL H 29 29.31 21.90 36.75
N GLY H 30 28.51 22.89 36.32
CA GLY H 30 28.85 23.72 35.19
C GLY H 30 28.07 23.35 33.94
N SER H 31 27.11 24.20 33.58
CA SER H 31 26.29 23.97 32.39
C SER H 31 25.73 25.32 31.93
N SER H 32 24.82 25.28 30.98
CA SER H 32 24.20 26.47 30.39
C SER H 32 22.79 26.71 30.92
N TYR H 33 22.55 26.38 32.19
CA TYR H 33 21.23 26.45 32.81
C TYR H 33 21.20 27.71 33.67
N LEU H 34 20.69 28.81 33.10
CA LEU H 34 20.50 30.03 33.87
C LEU H 34 19.36 30.81 33.24
N ALA H 35 18.69 31.62 34.05
CA ALA H 35 17.68 32.55 33.57
C ALA H 35 17.85 33.89 34.26
N TRP H 36 17.50 34.96 33.54
CA TRP H 36 17.55 36.32 34.07
C TRP H 36 16.13 36.86 34.14
N TYR H 37 15.75 37.34 35.33
CA TYR H 37 14.40 37.84 35.58
C TYR H 37 14.48 39.32 35.92
N GLN H 38 13.54 40.09 35.40
CA GLN H 38 13.42 41.52 35.71
C GLN H 38 12.17 41.71 36.55
N GLN H 39 12.33 42.38 37.70
CA GLN H 39 11.23 42.69 38.62
C GLN H 39 11.23 44.18 38.88
N LYS H 40 10.32 44.90 38.22
CA LYS H 40 10.11 46.30 38.54
C LYS H 40 9.37 46.41 39.89
N PRO H 41 9.52 47.53 40.60
CA PRO H 41 8.86 47.64 41.91
C PRO H 41 7.35 47.59 41.78
N GLY H 42 6.73 46.81 42.67
CA GLY H 42 5.28 46.65 42.66
C GLY H 42 4.76 45.64 41.66
N GLN H 43 5.63 45.01 40.89
CA GLN H 43 5.26 44.04 39.87
C GLN H 43 5.96 42.72 40.13
N ALA H 44 5.35 41.65 39.63
CA ALA H 44 5.96 40.34 39.70
C ALA H 44 7.14 40.25 38.74
N PRO H 45 8.07 39.31 38.94
CA PRO H 45 9.19 39.19 38.01
C PRO H 45 8.73 38.84 36.61
N ARG H 46 9.61 39.12 35.65
CA ARG H 46 9.37 38.82 34.24
C ARG H 46 10.62 38.19 33.65
N LEU H 47 10.43 37.15 32.85
CA LEU H 47 11.55 36.41 32.27
C LEU H 47 12.11 37.17 31.08
N LEU H 48 13.44 37.39 31.11
CA LEU H 48 14.15 38.00 29.99
C LEU H 48 14.96 36.96 29.21
N ILE H 49 15.82 36.22 29.90
CA ILE H 49 16.73 35.27 29.31
C ILE H 49 16.32 33.88 29.80
N TYR H 50 16.15 32.95 28.86
CA TYR H 50 15.79 31.57 29.14
C TYR H 50 16.88 30.71 28.51
N GLY H 51 17.83 30.29 29.35
CA GLY H 51 19.07 29.69 28.90
C GLY H 51 20.26 30.57 29.22
N ALA H 52 21.43 30.05 28.88
CA ALA H 52 22.65 30.83 29.08
C ALA H 52 22.64 32.10 28.24
N SER H 53 22.08 32.05 27.04
CA SER H 53 22.13 33.15 26.08
C SER H 53 20.81 33.47 25.40
N SER H 54 19.86 32.54 25.33
CA SER H 54 18.66 32.77 24.53
C SER H 54 17.76 33.81 25.21
N ARG H 55 16.79 34.29 24.44
CA ARG H 55 15.90 35.38 24.84
C ARG H 55 14.46 34.93 24.87
N ALA H 56 13.74 35.37 25.91
CA ALA H 56 12.32 35.07 26.02
C ALA H 56 11.53 35.78 24.91
N THR H 57 10.46 35.15 24.48
CA THR H 57 9.59 35.70 23.45
C THR H 57 9.08 37.09 23.86
N GLY H 58 9.19 38.04 22.94
CA GLY H 58 8.66 39.38 23.12
C GLY H 58 9.65 40.37 23.69
N ILE H 59 10.76 39.92 24.26
CA ILE H 59 11.72 40.81 24.90
C ILE H 59 12.56 41.49 23.82
N PRO H 60 12.76 42.83 23.87
CA PRO H 60 13.56 43.49 22.83
C PRO H 60 15.00 42.98 22.79
N ASP H 61 15.72 43.32 21.73
CA ASP H 61 17.08 42.85 21.55
C ASP H 61 18.11 43.58 22.41
N ARG H 62 17.72 44.69 23.05
CA ARG H 62 18.67 45.39 23.92
C ARG H 62 19.07 44.51 25.09
N PHE H 63 18.16 43.66 25.55
CA PHE H 63 18.45 42.68 26.61
C PHE H 63 19.10 41.46 25.97
N SER H 64 20.38 41.25 26.27
CA SER H 64 21.08 40.06 25.81
C SER H 64 22.03 39.58 26.89
N GLY H 65 22.32 38.29 26.87
CA GLY H 65 23.16 37.66 27.87
C GLY H 65 24.01 36.56 27.27
N SER H 66 25.00 36.15 28.05
CA SER H 66 25.94 35.11 27.62
C SER H 66 26.56 34.49 28.87
N GLY H 67 27.40 33.48 28.65
CA GLY H 67 28.09 32.79 29.72
C GLY H 67 28.04 31.29 29.55
N SER H 68 28.84 30.62 30.39
CA SER H 68 28.90 29.16 30.42
C SER H 68 29.67 28.75 31.67
N GLY H 69 29.48 27.50 32.06
CA GLY H 69 30.16 26.98 33.23
C GLY H 69 29.60 27.54 34.52
N THR H 70 30.36 28.42 35.17
CA THR H 70 29.99 29.01 36.45
C THR H 70 30.05 30.53 36.45
N ASP H 71 30.14 31.16 35.28
CA ASP H 71 30.14 32.61 35.17
C ASP H 71 29.21 33.02 34.03
N PHE H 72 28.24 33.87 34.34
CA PHE H 72 27.27 34.35 33.37
C PHE H 72 27.05 35.83 33.60
N THR H 73 26.53 36.50 32.57
CA THR H 73 26.32 37.94 32.64
C THR H 73 25.14 38.36 31.77
N LEU H 74 24.44 39.39 32.23
CA LEU H 74 23.40 40.07 31.47
C LEU H 74 23.95 41.38 30.95
N THR H 75 23.73 41.64 29.65
CA THR H 75 24.20 42.86 29.00
C THR H 75 23.00 43.61 28.44
N ILE H 76 22.63 44.70 29.11
CA ILE H 76 21.65 45.65 28.58
C ILE H 76 22.41 46.64 27.69
N SER H 77 22.14 46.57 26.39
CA SER H 77 22.89 47.39 25.44
C SER H 77 22.58 48.87 25.62
N ARG H 78 21.30 49.21 25.78
CA ARG H 78 20.84 50.60 25.82
C ARG H 78 19.92 50.74 27.03
N LEU H 79 20.35 51.55 28.00
CA LEU H 79 19.58 51.72 29.24
C LEU H 79 18.46 52.74 28.99
N GLU H 80 17.44 52.25 28.29
CA GLU H 80 16.22 53.02 28.04
C GLU H 80 15.50 53.26 29.37
N PRO H 81 14.61 54.25 29.46
CA PRO H 81 13.97 54.51 30.76
C PRO H 81 13.17 53.33 31.31
N GLU H 82 12.55 52.52 30.45
CA GLU H 82 11.82 51.34 30.92
C GLU H 82 12.76 50.13 31.01
N ASP H 83 13.93 50.30 31.65
CA ASP H 83 14.87 49.21 31.84
C ASP H 83 15.52 49.24 33.23
N PHE H 84 14.95 49.96 34.19
CA PHE H 84 15.50 50.08 35.53
C PHE H 84 14.61 49.28 36.48
N ALA H 85 15.17 48.22 37.05
CA ALA H 85 14.42 47.30 37.89
C ALA H 85 15.43 46.50 38.70
N VAL H 86 14.96 45.45 39.37
CA VAL H 86 15.83 44.50 40.05
C VAL H 86 15.98 43.30 39.13
N TYR H 87 17.21 42.84 38.94
CA TYR H 87 17.52 41.71 38.07
C TYR H 87 17.99 40.53 38.91
N TYR H 88 17.46 39.35 38.62
CA TYR H 88 17.74 38.13 39.37
C TYR H 88 18.27 37.06 38.41
N CYS H 89 19.18 36.22 38.91
CA CYS H 89 19.68 35.05 38.20
C CYS H 89 19.17 33.79 38.88
N GLN H 90 18.75 32.80 38.08
CA GLN H 90 18.14 31.57 38.58
C GLN H 90 18.84 30.33 38.04
N GLN H 91 19.29 29.47 38.95
CA GLN H 91 19.88 28.17 38.65
C GLN H 91 18.98 27.12 39.30
N TYR H 92 18.08 26.55 38.52
CA TYR H 92 17.08 25.60 39.03
C TYR H 92 16.20 26.33 40.05
N GLU H 93 16.19 25.88 41.31
CA GLU H 93 15.34 26.46 42.34
C GLU H 93 15.97 27.62 43.09
N ALA H 94 17.25 27.88 42.88
CA ALA H 94 17.96 28.94 43.60
C ALA H 94 17.86 30.25 42.84
N PHE H 95 17.89 31.35 43.59
CA PHE H 95 17.76 32.69 43.04
C PHE H 95 18.90 33.56 43.57
N GLY H 96 19.24 34.58 42.80
CA GLY H 96 20.25 35.53 43.21
C GLY H 96 19.73 36.48 44.28
N GLN H 97 20.66 37.28 44.80
CA GLN H 97 20.30 38.25 45.83
C GLN H 97 19.55 39.44 45.22
N GLY H 98 19.96 39.88 44.04
CA GLY H 98 19.33 40.98 43.34
C GLY H 98 20.28 42.14 43.08
N THR H 99 20.22 42.70 41.88
CA THR H 99 21.06 43.82 41.47
C THR H 99 20.18 45.02 41.19
N LYS H 100 20.45 46.12 41.88
CA LYS H 100 19.72 47.37 41.66
C LYS H 100 20.44 48.20 40.61
N VAL H 101 19.72 48.52 39.53
CA VAL H 101 20.15 49.51 38.54
C VAL H 101 19.35 50.78 38.83
N GLU H 102 20.04 51.81 39.30
CA GLU H 102 19.41 53.05 39.73
C GLU H 102 20.02 54.22 38.97
N ILE H 103 19.17 55.19 38.64
CA ILE H 103 19.59 56.35 37.87
C ILE H 103 20.57 57.18 38.69
N LYS H 104 21.61 57.68 38.02
CA LYS H 104 22.58 58.56 38.66
C LYS H 104 23.35 59.35 37.62
N GLU I 1 62.07 -7.15 3.22
CA GLU I 1 60.79 -7.72 3.74
C GLU I 1 60.01 -8.43 2.64
N VAL I 2 59.85 -7.80 1.48
CA VAL I 2 59.14 -8.45 0.37
C VAL I 2 60.09 -9.38 -0.36
N GLN I 3 59.68 -10.63 -0.55
CA GLN I 3 60.48 -11.65 -1.22
C GLN I 3 59.57 -12.51 -2.07
N LEU I 4 59.88 -12.61 -3.36
CA LEU I 4 59.18 -13.47 -4.29
C LEU I 4 60.16 -14.51 -4.82
N VAL I 5 59.79 -15.79 -4.70
CA VAL I 5 60.68 -16.90 -5.01
C VAL I 5 60.00 -17.75 -6.07
N GLU I 6 60.58 -17.78 -7.27
CA GLU I 6 60.06 -18.59 -8.35
C GLU I 6 60.62 -20.01 -8.29
N THR I 7 59.78 -20.97 -8.68
CA THR I 7 60.17 -22.37 -8.73
C THR I 7 59.46 -23.01 -9.91
N GLY I 8 59.99 -24.15 -10.35
CA GLY I 8 59.40 -24.92 -11.43
C GLY I 8 60.07 -24.78 -12.77
N GLY I 9 61.19 -24.07 -12.86
CA GLY I 9 61.91 -23.99 -14.12
C GLY I 9 62.53 -25.32 -14.49
N GLY I 10 62.72 -25.53 -15.79
CA GLY I 10 63.28 -26.78 -16.27
C GLY I 10 63.48 -26.75 -17.76
N LEU I 11 63.90 -27.89 -18.29
CA LEU I 11 64.18 -28.06 -19.71
C LEU I 11 63.03 -28.83 -20.35
N VAL I 12 62.37 -28.19 -21.32
CA VAL I 12 61.18 -28.74 -21.96
C VAL I 12 61.49 -28.90 -23.45
N GLN I 13 60.74 -29.80 -24.10
CA GLN I 13 60.86 -30.05 -25.52
C GLN I 13 59.75 -29.30 -26.25
N PRO I 14 60.01 -28.76 -27.48
CA PRO I 14 58.96 -28.00 -28.20
C PRO I 14 57.62 -28.71 -28.27
N GLY I 15 56.58 -28.04 -27.75
CA GLY I 15 55.26 -28.62 -27.65
C GLY I 15 54.91 -29.19 -26.28
N GLY I 16 55.82 -29.10 -25.32
CA GLY I 16 55.58 -29.64 -23.99
C GLY I 16 54.76 -28.71 -23.12
N SER I 17 54.48 -29.19 -21.91
CA SER I 17 53.66 -28.48 -20.93
C SER I 17 54.44 -28.31 -19.64
N LEU I 18 54.49 -27.07 -19.19
CA LEU I 18 55.19 -26.72 -17.93
C LEU I 18 54.24 -25.93 -17.02
N LYS I 19 54.59 -25.79 -15.75
CA LYS I 19 53.79 -25.11 -14.73
C LYS I 19 54.78 -24.34 -13.85
N LEU I 20 54.98 -23.07 -14.19
CA LEU I 20 55.81 -22.22 -13.36
C LEU I 20 55.02 -21.76 -12.14
N SER I 21 55.76 -21.43 -11.07
CA SER I 21 55.13 -21.00 -9.83
C SER I 21 56.01 -19.97 -9.15
N CYS I 22 55.38 -19.13 -8.33
CA CYS I 22 56.05 -18.08 -7.59
C CYS I 22 55.45 -18.00 -6.18
N ARG I 23 56.35 -18.01 -5.21
CA ARG I 23 55.93 -17.91 -3.79
C ARG I 23 56.23 -16.49 -3.33
N ALA I 24 55.46 -15.98 -2.38
CA ALA I 24 55.60 -14.61 -1.88
C ALA I 24 55.59 -14.60 -0.36
N SER I 25 56.37 -13.68 0.22
CA SER I 25 56.34 -13.46 1.65
C SER I 25 56.74 -12.01 1.92
N GLY I 26 56.03 -11.37 2.85
CA GLY I 26 56.38 -10.04 3.30
C GLY I 26 55.30 -8.99 3.16
N TYR I 27 54.13 -9.37 2.64
CA TYR I 27 53.07 -8.40 2.40
C TYR I 27 51.76 -9.15 2.27
N THR I 28 50.68 -8.38 2.16
CA THR I 28 49.35 -8.94 1.94
C THR I 28 49.23 -9.34 0.47
N PHE I 29 49.29 -10.64 0.20
CA PHE I 29 49.30 -11.13 -1.17
C PHE I 29 47.99 -10.85 -1.88
N SER I 30 46.88 -10.78 -1.13
CA SER I 30 45.56 -10.68 -1.71
C SER I 30 45.17 -9.26 -2.10
N SER I 31 46.01 -8.25 -1.83
CA SER I 31 45.70 -6.86 -2.12
C SER I 31 46.56 -6.29 -3.24
N PHE I 32 47.25 -7.14 -4.01
CA PHE I 32 48.08 -6.69 -5.12
C PHE I 32 47.82 -7.57 -6.33
N ALA I 33 47.90 -6.96 -7.51
CA ALA I 33 47.94 -7.70 -8.75
C ALA I 33 49.35 -8.23 -8.98
N MET I 34 49.44 -9.28 -9.80
CA MET I 34 50.70 -9.98 -10.06
C MET I 34 50.86 -10.17 -11.56
N SER I 35 52.10 -10.11 -12.03
CA SER I 35 52.42 -10.20 -13.44
C SER I 35 53.60 -11.14 -13.66
N TRP I 36 53.67 -11.70 -14.86
CA TRP I 36 54.81 -12.48 -15.32
C TRP I 36 55.47 -11.73 -16.46
N VAL I 37 56.79 -11.51 -16.34
CA VAL I 37 57.58 -10.79 -17.33
C VAL I 37 58.78 -11.66 -17.67
N ARG I 38 59.05 -11.83 -18.96
CA ARG I 38 60.10 -12.72 -19.44
C ARG I 38 61.23 -11.91 -20.05
N GLN I 39 62.46 -12.37 -19.82
CA GLN I 39 63.65 -11.86 -20.49
C GLN I 39 64.32 -13.01 -21.22
N ALA I 40 64.33 -12.93 -22.55
CA ALA I 40 65.10 -13.89 -23.31
C ALA I 40 66.59 -13.69 -23.01
N PRO I 41 67.42 -14.71 -23.21
CA PRO I 41 68.83 -14.59 -22.80
C PRO I 41 69.58 -13.44 -23.45
N GLY I 42 69.25 -13.10 -24.70
CA GLY I 42 69.96 -12.07 -25.43
C GLY I 42 69.15 -10.82 -25.75
N LYS I 43 67.92 -10.74 -25.27
CA LYS I 43 67.02 -9.62 -25.55
C LYS I 43 66.48 -9.05 -24.23
N GLY I 44 65.67 -8.01 -24.34
CA GLY I 44 65.15 -7.30 -23.19
C GLY I 44 63.88 -7.92 -22.65
N LEU I 45 63.23 -7.15 -21.78
CA LEU I 45 62.06 -7.62 -21.05
C LEU I 45 60.82 -7.62 -21.95
N GLU I 46 59.89 -8.51 -21.63
CA GLU I 46 58.62 -8.59 -22.35
C GLU I 46 57.55 -9.05 -21.36
N TRP I 47 56.44 -8.32 -21.32
CA TRP I 47 55.33 -8.66 -20.43
C TRP I 47 54.53 -9.81 -21.02
N VAL I 48 54.19 -10.79 -20.16
CA VAL I 48 53.53 -12.01 -20.58
C VAL I 48 52.08 -12.04 -20.12
N SER I 49 51.84 -11.90 -18.82
CA SER I 49 50.52 -12.13 -18.25
C SER I 49 50.30 -11.20 -17.07
N LEU I 50 49.01 -11.01 -16.75
CA LEU I 50 48.58 -10.18 -15.63
C LEU I 50 47.35 -10.81 -15.00
N ILE I 51 47.32 -10.81 -13.67
CA ILE I 51 46.16 -11.26 -12.90
C ILE I 51 45.87 -10.25 -11.80
N ASN I 52 44.58 -9.98 -11.59
CA ASN I 52 44.15 -9.03 -10.59
C ASN I 52 44.31 -9.59 -9.18
N ASP I 53 44.03 -8.73 -8.19
CA ASP I 53 44.21 -9.11 -6.78
C ASP I 53 43.31 -10.28 -6.41
N ARG I 54 42.05 -10.24 -6.82
CA ARG I 54 41.11 -11.30 -6.45
C ARG I 54 41.44 -12.60 -7.17
N GLY I 55 41.82 -12.52 -8.44
CA GLY I 55 42.16 -13.67 -9.23
C GLY I 55 41.19 -14.02 -10.34
N GLY I 56 40.30 -13.10 -10.72
CA GLY I 56 39.27 -13.38 -11.71
C GLY I 56 39.31 -12.49 -12.94
N LEU I 57 40.39 -11.72 -13.11
CA LEU I 57 40.63 -10.94 -14.32
C LEU I 57 42.03 -11.29 -14.79
N THR I 58 42.13 -11.91 -15.95
CA THR I 58 43.36 -12.46 -16.47
C THR I 58 43.59 -11.89 -17.86
N PHE I 59 44.81 -11.40 -18.08
CA PHE I 59 45.19 -10.76 -19.33
C PHE I 59 46.51 -11.36 -19.81
N TYR I 60 46.63 -11.48 -21.12
CA TYR I 60 47.75 -12.18 -21.74
C TYR I 60 48.24 -11.38 -22.93
N VAL I 61 49.52 -11.52 -23.24
CA VAL I 61 50.08 -10.94 -24.45
C VAL I 61 49.56 -11.72 -25.65
N ASP I 62 49.39 -11.03 -26.77
CA ASP I 62 48.77 -11.58 -27.98
C ASP I 62 49.34 -12.93 -28.40
N SER I 63 50.64 -13.12 -28.19
CA SER I 63 51.29 -14.36 -28.61
C SER I 63 50.77 -15.56 -27.82
N VAL I 64 50.56 -15.40 -26.51
CA VAL I 64 50.41 -16.51 -25.58
C VAL I 64 48.98 -16.62 -25.05
N LYS I 65 48.01 -16.00 -25.73
CA LYS I 65 46.66 -15.88 -25.16
C LYS I 65 46.01 -17.24 -24.96
N GLY I 66 45.97 -18.07 -26.00
CA GLY I 66 45.31 -19.36 -25.90
C GLY I 66 46.12 -20.44 -25.24
N ARG I 67 47.44 -20.26 -25.16
CA ARG I 67 48.33 -21.29 -24.62
C ARG I 67 48.58 -21.12 -23.13
N PHE I 68 48.99 -19.93 -22.70
CA PHE I 68 49.35 -19.72 -21.30
C PHE I 68 48.10 -19.45 -20.47
N THR I 69 48.18 -19.79 -19.19
CA THR I 69 47.09 -19.55 -18.25
C THR I 69 47.69 -19.15 -16.91
N ILE I 70 47.29 -17.98 -16.42
CA ILE I 70 47.75 -17.45 -15.14
C ILE I 70 46.69 -17.73 -14.09
N SER I 71 47.13 -17.98 -12.86
CA SER I 71 46.21 -18.24 -11.76
C SER I 71 46.94 -17.99 -10.45
N ARG I 72 46.14 -17.69 -9.41
CA ARG I 72 46.71 -17.37 -8.09
C ARG I 72 45.82 -17.89 -6.95
N ASP I 73 46.44 -18.33 -5.86
CA ASP I 73 45.77 -18.82 -4.65
C ASP I 73 46.14 -17.86 -3.53
N ASN I 74 45.17 -17.07 -3.08
CA ASN I 74 45.43 -16.05 -2.07
C ASN I 74 45.48 -16.60 -0.66
N SER I 75 45.24 -17.90 -0.47
CA SER I 75 45.42 -18.56 0.82
C SER I 75 46.80 -19.19 0.95
N LYS I 76 47.35 -19.72 -0.14
CA LYS I 76 48.70 -20.27 -0.17
C LYS I 76 49.75 -19.24 -0.54
N ASN I 77 49.35 -18.03 -0.91
CA ASN I 77 50.28 -16.97 -1.34
C ASN I 77 51.17 -17.47 -2.49
N THR I 78 50.54 -18.10 -3.48
CA THR I 78 51.23 -18.67 -4.62
C THR I 78 50.60 -18.17 -5.91
N LEU I 79 51.46 -17.83 -6.88
CA LEU I 79 51.07 -17.51 -8.24
C LEU I 79 51.60 -18.61 -9.16
N SER I 80 50.81 -19.00 -10.15
CA SER I 80 51.14 -20.08 -11.05
C SER I 80 50.92 -19.66 -12.50
N LEU I 81 51.69 -20.28 -13.40
CA LEU I 81 51.57 -20.07 -14.83
C LEU I 81 51.65 -21.42 -15.53
N GLN I 82 50.53 -21.87 -16.08
CA GLN I 82 50.49 -23.08 -16.90
C GLN I 82 50.76 -22.71 -18.35
N MET I 83 51.78 -23.32 -18.93
CA MET I 83 52.20 -23.05 -20.32
C MET I 83 52.09 -24.35 -21.11
N HIS I 84 51.09 -24.43 -21.97
CA HIS I 84 50.90 -25.56 -22.87
C HIS I 84 51.47 -25.25 -24.25
N SER I 85 51.94 -26.28 -24.93
CA SER I 85 52.40 -26.17 -26.32
C SER I 85 53.51 -25.14 -26.47
N LEU I 86 54.54 -25.28 -25.64
CA LEU I 86 55.65 -24.34 -25.66
C LEU I 86 56.40 -24.40 -26.98
N ARG I 87 56.48 -23.26 -27.65
CA ARG I 87 57.20 -23.15 -28.92
C ARG I 87 58.64 -22.73 -28.64
N ASP I 88 59.39 -22.39 -29.69
CA ASP I 88 60.81 -22.05 -29.55
C ASP I 88 61.04 -20.63 -29.08
N GLY I 89 60.08 -19.72 -29.27
CA GLY I 89 60.24 -18.36 -28.81
C GLY I 89 59.99 -18.17 -27.33
N ASP I 90 59.59 -19.21 -26.61
CA ASP I 90 59.22 -19.12 -25.21
C ASP I 90 60.40 -19.37 -24.27
N THR I 91 61.63 -19.43 -24.77
CA THR I 91 62.79 -19.64 -23.92
C THR I 91 63.21 -18.30 -23.34
N ALA I 92 63.24 -18.20 -22.02
CA ALA I 92 63.53 -16.94 -21.34
C ALA I 92 63.55 -17.21 -19.84
N VAL I 93 64.07 -16.24 -19.11
CA VAL I 93 63.99 -16.23 -17.65
C VAL I 93 62.75 -15.44 -17.24
N TYR I 94 61.85 -16.10 -16.53
CA TYR I 94 60.54 -15.54 -16.18
C TYR I 94 60.59 -14.96 -14.77
N TYR I 95 60.09 -13.73 -14.61
CA TYR I 95 60.03 -13.05 -13.33
C TYR I 95 58.58 -12.89 -12.93
N CYS I 96 58.24 -13.35 -11.73
CA CYS I 96 56.98 -12.98 -11.12
C CYS I 96 57.14 -11.63 -10.45
N ALA I 97 56.17 -10.74 -10.67
CA ALA I 97 56.28 -9.36 -10.24
C ALA I 97 54.95 -8.91 -9.65
N THR I 98 55.04 -7.92 -8.77
CA THR I 98 53.89 -7.37 -8.07
C THR I 98 53.49 -6.06 -8.74
N GLY I 99 52.27 -6.03 -9.28
CA GLY I 99 51.71 -4.83 -9.88
C GLY I 99 51.16 -5.11 -11.26
N GLY I 100 50.75 -4.03 -11.91
CA GLY I 100 50.16 -4.08 -13.24
C GLY I 100 48.77 -3.50 -13.30
N MET I 101 47.99 -3.66 -12.23
CA MET I 101 46.67 -3.09 -12.12
C MET I 101 46.31 -3.07 -10.64
N SER I 102 45.14 -2.51 -10.34
CA SER I 102 44.70 -2.39 -8.96
C SER I 102 43.18 -2.36 -8.93
N SER I 103 42.63 -2.42 -7.73
CA SER I 103 41.19 -2.36 -7.55
C SER I 103 40.72 -0.91 -7.63
N ALA I 104 39.40 -0.77 -7.81
CA ALA I 104 38.79 0.55 -7.84
C ALA I 104 38.97 1.30 -6.53
N LEU I 105 39.20 0.58 -5.45
CA LEU I 105 39.25 1.15 -4.11
C LEU I 105 40.68 1.51 -3.71
N GLN I 106 41.64 1.36 -4.62
CA GLN I 106 43.04 1.67 -4.43
C GLN I 106 43.50 2.59 -5.56
N SER I 107 44.70 3.13 -5.41
CA SER I 107 45.28 3.99 -6.43
C SER I 107 45.82 3.16 -7.59
N SER I 108 46.07 3.85 -8.71
CA SER I 108 46.61 3.19 -9.89
C SER I 108 48.00 2.63 -9.60
N LYS I 109 48.25 1.43 -10.10
CA LYS I 109 49.52 0.72 -9.92
C LYS I 109 50.04 0.22 -11.26
N TYR I 110 50.08 1.09 -12.27
CA TYR I 110 50.54 0.72 -13.59
C TYR I 110 52.08 0.65 -13.64
N TYR I 111 52.62 -0.27 -12.85
CA TYR I 111 54.06 -0.49 -12.76
C TYR I 111 54.29 -1.74 -11.94
N PHE I 112 55.53 -2.22 -11.96
CA PHE I 112 55.97 -3.40 -11.21
C PHE I 112 56.97 -2.94 -10.17
N ASP I 113 56.58 -2.99 -8.90
CA ASP I 113 57.41 -2.46 -7.82
C ASP I 113 58.31 -3.52 -7.19
N PHE I 114 57.87 -4.77 -7.14
CA PHE I 114 58.63 -5.88 -6.57
C PHE I 114 58.73 -6.99 -7.60
N TRP I 115 59.93 -7.49 -7.81
CA TRP I 115 60.21 -8.57 -8.74
C TRP I 115 60.72 -9.78 -7.96
N GLY I 116 60.96 -10.87 -8.70
CA GLY I 116 61.40 -12.12 -8.13
C GLY I 116 62.82 -12.47 -8.56
N GLN I 117 63.30 -13.60 -8.05
CA GLN I 117 64.66 -14.04 -8.35
C GLN I 117 64.82 -14.31 -9.84
N GLY I 118 63.92 -15.12 -10.40
CA GLY I 118 63.97 -15.50 -11.80
C GLY I 118 63.98 -17.02 -11.92
N ALA I 119 63.44 -17.52 -13.03
CA ALA I 119 63.39 -18.94 -13.30
C ALA I 119 63.55 -19.15 -14.80
N LEU I 120 64.61 -19.86 -15.20
CA LEU I 120 64.92 -20.03 -16.61
C LEU I 120 64.17 -21.23 -17.17
N VAL I 121 63.48 -21.01 -18.29
CA VAL I 121 62.79 -22.05 -19.04
C VAL I 121 63.46 -22.12 -20.40
N THR I 122 63.99 -23.30 -20.75
CA THR I 122 64.61 -23.55 -22.04
C THR I 122 63.76 -24.54 -22.82
N VAL I 123 63.33 -24.13 -24.01
CA VAL I 123 62.47 -24.97 -24.83
C VAL I 123 62.63 -24.60 -26.30
N ALA J 1 56.19 -2.06 -29.82
CA ALA J 1 57.15 -1.83 -28.75
C ALA J 1 57.74 -0.42 -28.85
N LEU J 2 58.62 -0.09 -27.91
CA LEU J 2 59.26 1.21 -27.83
C LEU J 2 60.72 1.10 -28.28
N THR J 3 61.29 2.26 -28.61
CA THR J 3 62.67 2.37 -29.06
C THR J 3 63.47 3.11 -28.00
N GLN J 4 64.58 2.49 -27.58
CA GLN J 4 65.46 3.02 -26.56
C GLN J 4 66.88 3.01 -27.10
N PRO J 5 67.73 3.97 -26.74
CA PRO J 5 69.11 3.97 -27.26
C PRO J 5 69.84 2.70 -26.87
N PRO J 6 70.66 2.11 -27.77
CA PRO J 6 71.35 0.86 -27.39
C PRO J 6 72.31 1.03 -26.24
N SER J 7 73.06 2.13 -26.19
CA SER J 7 74.00 2.39 -25.11
C SER J 7 74.11 3.88 -24.89
N VAL J 8 74.33 4.25 -23.63
CA VAL J 8 74.57 5.62 -23.22
C VAL J 8 75.86 5.65 -22.40
N SER J 9 76.71 6.62 -22.68
CA SER J 9 78.04 6.73 -22.08
C SER J 9 78.11 7.94 -21.17
N GLY J 10 78.58 7.74 -19.95
CA GLY J 10 78.71 8.81 -19.00
C GLY J 10 79.99 8.66 -18.20
N SER J 11 80.43 9.78 -17.61
CA SER J 11 81.60 9.88 -16.76
C SER J 11 81.17 10.23 -15.34
N PRO J 12 81.93 9.84 -14.31
CA PRO J 12 81.48 10.14 -12.93
C PRO J 12 81.31 11.63 -12.68
N GLY J 13 80.26 11.96 -11.92
CA GLY J 13 80.03 13.33 -11.46
C GLY J 13 79.12 14.16 -12.33
N GLN J 14 79.09 13.91 -13.64
CA GLN J 14 78.21 14.66 -14.55
C GLN J 14 76.88 13.93 -14.66
N SER J 15 76.05 14.29 -15.64
CA SER J 15 74.70 13.75 -15.79
C SER J 15 74.60 13.01 -17.11
N VAL J 16 73.60 12.13 -17.20
CA VAL J 16 73.29 11.37 -18.40
C VAL J 16 71.78 11.30 -18.53
N THR J 17 71.31 11.18 -19.78
CA THR J 17 69.87 11.24 -20.08
C THR J 17 69.53 10.14 -21.09
N ILE J 18 68.96 9.04 -20.61
CA ILE J 18 68.40 8.03 -21.49
C ILE J 18 67.00 8.47 -21.93
N SER J 19 66.57 8.00 -23.10
CA SER J 19 65.33 8.43 -23.72
C SER J 19 64.52 7.21 -24.15
N CYS J 20 63.21 7.43 -24.32
CA CYS J 20 62.29 6.38 -24.77
C CYS J 20 61.15 7.08 -25.52
N THR J 21 61.22 7.05 -26.85
CA THR J 21 60.21 7.66 -27.70
C THR J 21 59.25 6.58 -28.17
N GLY J 22 57.96 6.89 -28.16
CA GLY J 22 56.92 5.94 -28.53
C GLY J 22 55.87 6.57 -29.42
N THR J 23 54.88 5.76 -29.77
CA THR J 23 53.77 6.23 -30.58
C THR J 23 52.84 7.08 -29.72
N SER J 24 51.81 7.63 -30.37
CA SER J 24 50.88 8.53 -29.68
C SER J 24 49.88 7.80 -28.81
N SER J 25 49.78 6.47 -28.90
CA SER J 25 48.79 5.70 -28.17
C SER J 25 49.28 5.17 -26.84
N ASP J 26 50.60 5.09 -26.63
CA ASP J 26 51.16 4.56 -25.39
C ASP J 26 51.68 5.67 -24.49
N ILE J 27 52.62 6.48 -24.97
CA ILE J 27 53.24 7.49 -24.11
C ILE J 27 52.47 8.81 -24.20
N GLY J 28 51.96 9.14 -25.38
CA GLY J 28 51.21 10.37 -25.57
C GLY J 28 49.76 10.30 -25.19
N SER J 29 49.28 9.14 -24.71
CA SER J 29 47.91 8.95 -24.27
C SER J 29 47.78 8.62 -22.80
N TYR J 30 48.81 8.05 -22.18
CA TYR J 30 48.77 7.61 -20.80
C TYR J 30 50.04 8.08 -20.10
N ASN J 31 49.86 8.73 -18.95
CA ASN J 31 50.99 9.18 -18.13
C ASN J 31 51.45 8.09 -17.17
N TYR J 32 51.73 6.90 -17.73
CA TYR J 32 52.17 5.73 -16.97
C TYR J 32 53.41 5.19 -17.68
N VAL J 33 54.56 5.76 -17.34
CA VAL J 33 55.85 5.38 -17.92
C VAL J 33 56.78 5.05 -16.77
N SER J 34 57.31 3.83 -16.76
CA SER J 34 58.16 3.33 -15.69
C SER J 34 59.53 2.97 -16.24
N TRP J 35 60.55 3.13 -15.39
CA TRP J 35 61.93 2.83 -15.72
C TRP J 35 62.45 1.81 -14.72
N TYR J 36 63.16 0.81 -15.23
CA TYR J 36 63.66 -0.29 -14.42
C TYR J 36 65.17 -0.41 -14.60
N GLN J 37 65.85 -0.78 -13.52
CA GLN J 37 67.29 -1.02 -13.54
C GLN J 37 67.54 -2.50 -13.27
N GLN J 38 68.18 -3.17 -14.23
CA GLN J 38 68.60 -4.55 -14.10
C GLN J 38 70.12 -4.60 -14.11
N HIS J 39 70.71 -4.84 -12.95
CA HIS J 39 72.14 -5.06 -12.88
C HIS J 39 72.47 -6.37 -13.61
N PRO J 40 73.71 -6.51 -14.11
CA PRO J 40 74.07 -7.80 -14.72
C PRO J 40 74.01 -8.92 -13.70
N GLY J 41 73.23 -9.96 -14.02
CA GLY J 41 73.14 -11.14 -13.20
C GLY J 41 71.98 -11.17 -12.21
N LYS J 42 71.34 -10.02 -11.93
CA LYS J 42 70.24 -9.97 -10.99
C LYS J 42 68.95 -9.61 -11.74
N ALA J 43 67.85 -9.47 -10.99
CA ALA J 43 66.53 -9.19 -11.53
C ALA J 43 66.28 -7.68 -11.57
N PRO J 44 65.30 -7.21 -12.33
CA PRO J 44 65.05 -5.78 -12.42
C PRO J 44 64.54 -5.19 -11.10
N LYS J 45 64.67 -3.87 -11.00
CA LYS J 45 64.23 -3.10 -9.85
C LYS J 45 63.52 -1.85 -10.36
N LEU J 46 62.45 -1.45 -9.68
CA LEU J 46 61.73 -0.25 -10.07
C LEU J 46 62.52 0.98 -9.65
N MET J 47 62.82 1.85 -10.62
CA MET J 47 63.50 3.11 -10.40
C MET J 47 62.55 4.29 -10.45
N ILE J 48 61.70 4.34 -11.47
CA ILE J 48 60.74 5.42 -11.67
C ILE J 48 59.41 4.81 -12.09
N TYR J 49 58.32 5.41 -11.63
CA TYR J 49 56.98 5.06 -12.07
C TYR J 49 56.18 6.33 -12.27
N ASP J 50 55.12 6.22 -13.07
CA ASP J 50 54.22 7.34 -13.34
C ASP J 50 54.98 8.55 -13.87
N VAL J 51 55.94 8.29 -14.76
CA VAL J 51 56.77 9.30 -15.42
C VAL J 51 57.74 9.93 -14.42
N THR J 52 57.23 10.62 -13.40
CA THR J 52 58.05 11.44 -12.52
C THR J 52 58.11 10.97 -11.08
N GLN J 53 57.41 9.90 -10.71
CA GLN J 53 57.32 9.48 -9.32
C GLN J 53 58.37 8.42 -9.04
N ARG J 54 58.92 8.46 -7.82
CA ARG J 54 60.09 7.70 -7.41
C ARG J 54 59.72 6.78 -6.24
N PRO J 55 60.07 5.49 -6.27
CA PRO J 55 59.80 4.66 -5.09
C PRO J 55 60.67 5.05 -3.91
N SER J 56 60.17 4.72 -2.71
CA SER J 56 60.94 4.94 -1.50
C SER J 56 62.18 4.06 -1.50
N GLY J 57 63.27 4.60 -0.98
CA GLY J 57 64.55 3.90 -0.98
C GLY J 57 65.41 4.13 -2.19
N VAL J 58 65.05 5.08 -3.06
CA VAL J 58 65.78 5.38 -4.28
C VAL J 58 66.20 6.84 -4.23
N SER J 59 67.48 7.10 -4.51
CA SER J 59 68.03 8.44 -4.37
C SER J 59 67.40 9.39 -5.40
N ASP J 60 67.50 10.68 -5.10
CA ASP J 60 66.97 11.73 -5.96
C ASP J 60 67.78 11.90 -7.24
N ARG J 61 68.93 11.23 -7.34
CA ARG J 61 69.74 11.30 -8.57
C ARG J 61 68.96 10.79 -9.77
N PHE J 62 68.14 9.76 -9.58
CA PHE J 62 67.29 9.26 -10.65
C PHE J 62 66.05 10.14 -10.75
N SER J 63 65.83 10.72 -11.93
CA SER J 63 64.71 11.62 -12.17
C SER J 63 64.10 11.31 -13.53
N GLY J 64 62.79 11.50 -13.62
CA GLY J 64 62.04 11.17 -14.83
C GLY J 64 61.28 12.37 -15.36
N SER J 65 61.04 12.37 -16.66
CA SER J 65 60.31 13.44 -17.32
C SER J 65 59.72 12.90 -18.61
N LYS J 66 58.78 13.66 -19.18
CA LYS J 66 58.15 13.27 -20.43
C LYS J 66 57.81 14.53 -21.20
N SER J 67 57.99 14.48 -22.52
CA SER J 67 57.64 15.58 -23.42
C SER J 67 56.99 14.97 -24.65
N GLY J 68 55.71 15.26 -24.85
CA GLY J 68 54.99 14.68 -25.98
C GLY J 68 54.92 13.17 -25.86
N ASN J 69 55.34 12.49 -26.92
CA ASN J 69 55.36 11.03 -26.98
C ASN J 69 56.73 10.47 -26.61
N THR J 70 57.55 11.23 -25.89
CA THR J 70 58.92 10.83 -25.54
C THR J 70 59.11 10.98 -24.05
N ALA J 71 59.72 9.97 -23.44
CA ALA J 71 60.04 9.94 -22.02
C ALA J 71 61.55 9.90 -21.84
N SER J 72 62.01 10.50 -20.74
CA SER J 72 63.44 10.66 -20.48
C SER J 72 63.74 10.36 -19.02
N LEU J 73 64.79 9.57 -18.80
CA LEU J 73 65.33 9.29 -17.47
C LEU J 73 66.68 9.95 -17.36
N THR J 74 66.85 10.79 -16.33
CA THR J 74 68.09 11.53 -16.10
C THR J 74 68.73 11.03 -14.81
N ILE J 75 69.99 10.61 -14.91
CA ILE J 75 70.77 10.16 -13.76
C ILE J 75 71.88 11.17 -13.55
N SER J 76 71.80 11.91 -12.43
CA SER J 76 72.83 12.85 -12.04
C SER J 76 73.86 12.17 -11.14
N GLY J 77 75.07 12.72 -11.13
CA GLY J 77 76.11 12.22 -10.26
C GLY J 77 76.40 10.75 -10.42
N LEU J 78 76.75 10.34 -11.64
CA LEU J 78 76.91 8.92 -11.95
C LEU J 78 77.96 8.27 -11.06
N GLN J 79 77.66 7.04 -10.64
CA GLN J 79 78.51 6.25 -9.76
C GLN J 79 78.68 4.87 -10.38
N ALA J 80 79.54 4.07 -9.74
CA ALA J 80 79.80 2.73 -10.27
C ALA J 80 78.55 1.87 -10.22
N ASP J 81 77.78 1.96 -9.14
CA ASP J 81 76.56 1.14 -9.03
C ASP J 81 75.55 1.46 -10.13
N ASP J 82 75.59 2.67 -10.69
CA ASP J 82 74.65 3.04 -11.74
C ASP J 82 74.78 2.17 -12.98
N GLU J 83 75.95 1.56 -13.21
CA GLU J 83 76.13 0.71 -14.39
C GLU J 83 75.13 -0.44 -14.36
N ALA J 84 74.30 -0.52 -15.39
CA ALA J 84 73.23 -1.50 -15.45
C ALA J 84 72.53 -1.44 -16.79
N ASP J 85 71.57 -2.35 -17.00
CA ASP J 85 70.70 -2.31 -18.16
C ASP J 85 69.39 -1.66 -17.76
N TYR J 86 68.98 -0.63 -18.51
CA TYR J 86 67.83 0.19 -18.19
C TYR J 86 66.76 -0.02 -19.26
N TYR J 87 65.54 -0.29 -18.81
CA TYR J 87 64.39 -0.54 -19.68
C TYR J 87 63.26 0.42 -19.33
N CYS J 88 62.61 0.94 -20.37
CA CYS J 88 61.42 1.77 -20.23
C CYS J 88 60.18 0.96 -20.57
N SER J 89 59.14 1.11 -19.75
CA SER J 89 57.85 0.47 -19.97
C SER J 89 56.77 1.53 -20.01
N ALA J 90 55.76 1.30 -20.85
CA ALA J 90 54.61 2.18 -20.96
C ALA J 90 53.33 1.35 -20.99
N TYR J 91 52.29 1.86 -20.33
CA TYR J 91 50.97 1.24 -20.40
C TYR J 91 50.28 1.70 -21.67
N ALA J 92 49.94 0.75 -22.54
CA ALA J 92 49.49 1.04 -23.89
C ALA J 92 47.98 0.93 -24.09
N GLY J 93 47.24 0.44 -23.09
CA GLY J 93 45.81 0.30 -23.18
C GLY J 93 45.35 -0.99 -22.54
N ARG J 94 44.06 -1.29 -22.67
CA ARG J 94 43.50 -2.49 -22.00
C ARG J 94 43.49 -3.70 -22.95
N GLN J 95 43.80 -3.50 -24.23
CA GLN J 95 43.92 -4.63 -25.15
C GLN J 95 45.34 -5.17 -25.14
N THR J 96 46.30 -4.30 -25.45
CA THR J 96 47.72 -4.57 -25.20
C THR J 96 48.12 -3.73 -23.98
N PHE J 97 48.64 -4.40 -22.96
CA PHE J 97 48.81 -3.77 -21.65
C PHE J 97 50.15 -3.06 -21.51
N TYR J 98 51.25 -3.81 -21.61
CA TYR J 98 52.57 -3.29 -21.29
C TYR J 98 53.53 -3.56 -22.43
N ILE J 99 54.17 -2.51 -22.91
CA ILE J 99 55.19 -2.57 -23.95
C ILE J 99 56.51 -2.10 -23.33
N PHE J 100 57.55 -2.90 -23.51
CA PHE J 100 58.89 -2.61 -23.04
C PHE J 100 59.78 -2.14 -24.19
N GLY J 101 60.84 -1.42 -23.82
CA GLY J 101 61.87 -1.04 -24.75
C GLY J 101 63.12 -1.88 -24.58
N GLY J 102 63.99 -1.85 -25.59
CA GLY J 102 65.24 -2.56 -25.51
C GLY J 102 66.16 -1.98 -24.45
N GLY J 103 67.06 -2.81 -23.96
CA GLY J 103 67.92 -2.40 -22.87
C GLY J 103 68.92 -1.34 -23.29
N THR J 104 69.55 -0.74 -22.28
CA THR J 104 70.53 0.31 -22.49
C THR J 104 71.65 0.15 -21.48
N ARG J 105 72.88 -0.04 -21.97
CA ARG J 105 74.05 -0.16 -21.10
C ARG J 105 74.56 1.23 -20.73
N LEU J 106 74.81 1.43 -19.44
CA LEU J 106 75.43 2.64 -18.93
C LEU J 106 76.82 2.28 -18.44
N THR J 107 77.83 2.92 -19.01
CA THR J 107 79.24 2.66 -18.69
C THR J 107 79.80 3.90 -18.02
N VAL J 108 80.21 3.76 -16.76
CA VAL J 108 80.71 4.87 -15.95
C VAL J 108 82.20 4.66 -15.71
N ASN K 38 40.52 11.77 -13.04
CA ASN K 38 41.18 10.94 -12.04
C ASN K 38 40.17 10.09 -11.28
N LEU K 39 39.26 10.76 -10.56
CA LEU K 39 38.24 10.12 -9.75
C LEU K 39 36.86 10.47 -10.29
N TRP K 40 35.94 9.53 -10.14
CA TRP K 40 34.61 9.61 -10.73
C TRP K 40 33.58 9.18 -9.69
N VAL K 41 32.35 9.64 -9.89
CA VAL K 41 31.26 9.27 -8.98
C VAL K 41 30.86 7.83 -9.24
N THR K 42 30.83 7.03 -8.18
CA THR K 42 30.32 5.67 -8.21
C THR K 42 29.18 5.55 -7.22
N VAL K 43 28.05 5.05 -7.67
CA VAL K 43 26.84 4.94 -6.85
C VAL K 43 26.82 3.58 -6.20
N TYR K 44 26.61 3.56 -4.88
CA TYR K 44 26.52 2.34 -4.10
C TYR K 44 25.15 2.27 -3.46
N TYR K 45 24.45 1.15 -3.67
CA TYR K 45 23.16 0.89 -3.05
C TYR K 45 23.31 -0.23 -2.04
N GLY K 46 22.75 -0.02 -0.85
CA GLY K 46 22.87 -0.96 0.24
C GLY K 46 23.98 -0.67 1.22
N VAL K 47 24.43 0.59 1.26
CA VAL K 47 25.52 0.98 2.19
C VAL K 47 24.98 0.97 3.63
N PRO K 48 25.80 0.60 4.65
CA PRO K 48 25.33 0.53 6.03
C PRO K 48 25.30 1.91 6.70
N VAL K 49 24.54 2.85 6.12
CA VAL K 49 24.44 4.23 6.70
C VAL K 49 23.06 4.40 7.31
N TRP K 50 22.97 5.04 8.49
CA TRP K 50 21.68 5.29 9.08
C TRP K 50 21.62 6.68 9.70
N LYS K 51 20.39 7.13 9.94
CA LYS K 51 20.10 8.36 10.66
C LYS K 51 19.03 8.09 11.70
N ASP K 52 18.97 8.95 12.71
CA ASP K 52 17.92 8.87 13.71
C ASP K 52 16.57 9.17 13.06
N ALA K 53 15.54 8.42 13.44
CA ALA K 53 14.23 8.54 12.83
C ALA K 53 13.15 8.11 13.80
N GLU K 54 11.91 8.47 13.46
CA GLU K 54 10.73 8.11 14.23
C GLU K 54 9.76 7.39 13.30
N THR K 55 9.40 6.16 13.67
CA THR K 55 8.49 5.34 12.89
C THR K 55 7.43 4.72 13.79
N THR K 56 6.48 4.04 13.16
CA THR K 56 5.43 3.32 13.88
C THR K 56 5.83 1.86 13.97
N LEU K 57 6.22 1.43 15.15
CA LEU K 57 6.66 0.07 15.40
C LEU K 57 5.46 -0.84 15.59
N PHE K 58 5.64 -2.11 15.27
CA PHE K 58 4.62 -3.14 15.45
C PHE K 58 5.16 -4.15 16.44
N CYS K 59 4.28 -4.74 17.25
CA CYS K 59 4.71 -5.57 18.36
C CYS K 59 5.15 -6.90 17.79
N ALA K 60 5.67 -7.75 18.66
CA ALA K 60 5.64 -9.18 18.43
C ALA K 60 5.37 -9.89 19.74
N SER K 61 4.56 -10.95 19.69
CA SER K 61 4.15 -11.68 20.88
C SER K 61 4.19 -13.18 20.61
N ASP K 62 4.08 -13.96 21.68
CA ASP K 62 4.04 -15.42 21.56
C ASP K 62 2.64 -15.85 21.14
N ALA K 63 2.57 -16.66 20.08
CA ALA K 63 1.30 -17.26 19.69
C ALA K 63 0.82 -18.24 20.77
N LYS K 64 1.76 -18.95 21.39
CA LYS K 64 1.49 -19.88 22.48
C LYS K 64 0.59 -19.25 23.55
N ALA K 65 1.07 -18.16 24.15
CA ALA K 65 0.29 -17.48 25.18
C ALA K 65 -1.05 -16.98 24.65
N TYR K 66 -1.12 -16.65 23.35
CA TYR K 66 -2.40 -16.27 22.77
C TYR K 66 -3.37 -17.44 22.78
N GLU K 67 -2.89 -18.66 22.52
CA GLU K 67 -3.78 -19.82 22.67
C GLU K 67 -4.16 -20.04 24.13
N THR K 68 -3.24 -19.76 25.06
CA THR K 68 -3.59 -19.87 26.49
C THR K 68 -4.44 -18.69 26.91
N LYS K 69 -4.30 -17.53 26.26
CA LYS K 69 -5.03 -16.31 26.72
C LYS K 69 -6.17 -15.96 25.76
N LYS K 70 -7.41 -16.34 26.10
CA LYS K 70 -8.58 -15.96 25.27
C LYS K 70 -8.47 -14.46 24.94
N HIS K 71 -8.32 -13.62 25.96
CA HIS K 71 -8.15 -12.19 25.72
C HIS K 71 -7.27 -11.62 26.83
N ASN K 72 -6.46 -10.62 26.46
CA ASN K 72 -5.62 -9.91 27.45
C ASN K 72 -5.79 -8.44 27.05
N VAL K 73 -6.01 -7.55 28.02
CA VAL K 73 -6.25 -6.10 27.72
C VAL K 73 -5.27 -5.65 26.63
N TRP K 74 -4.00 -6.05 26.74
CA TRP K 74 -2.97 -5.63 25.81
C TRP K 74 -3.03 -6.69 24.71
N ALA K 75 -3.69 -6.33 23.61
CA ALA K 75 -4.11 -7.31 22.62
C ALA K 75 -2.90 -7.96 21.93
N THR K 76 -2.95 -9.28 21.82
CA THR K 76 -2.08 -10.02 20.92
C THR K 76 -2.66 -10.16 19.53
N HIS K 77 -3.81 -9.53 19.26
CA HIS K 77 -4.44 -9.55 17.94
C HIS K 77 -4.05 -8.34 17.10
N ALA K 78 -4.01 -7.15 17.72
CA ALA K 78 -3.40 -6.00 17.06
C ALA K 78 -1.94 -6.26 16.73
N CYS K 79 -1.27 -7.07 17.51
CA CYS K 79 0.12 -7.45 17.30
C CYS K 79 0.25 -8.71 16.44
N VAL K 80 1.45 -9.27 16.39
CA VAL K 80 1.82 -10.34 15.45
C VAL K 80 2.52 -11.44 16.23
N PRO K 81 2.39 -12.69 15.80
CA PRO K 81 3.20 -13.77 16.41
C PRO K 81 4.70 -13.53 16.21
N THR K 82 5.46 -13.78 17.27
CA THR K 82 6.90 -13.55 17.23
C THR K 82 7.62 -14.66 16.48
N ASP K 83 8.86 -14.37 16.10
CA ASP K 83 9.69 -15.29 15.33
C ASP K 83 10.65 -16.02 16.25
N PRO K 84 10.63 -17.36 16.33
CA PRO K 84 11.61 -18.04 17.18
C PRO K 84 13.03 -17.85 16.67
N ASN K 85 13.98 -17.87 17.61
CA ASN K 85 15.40 -17.64 17.33
C ASN K 85 15.58 -16.27 16.67
N PRO K 86 15.35 -15.18 17.40
CA PRO K 86 15.61 -13.86 16.85
C PRO K 86 17.10 -13.60 16.71
N GLN K 87 17.42 -12.66 15.81
CA GLN K 87 18.80 -12.36 15.44
C GLN K 87 19.25 -11.06 16.09
N GLU K 88 20.48 -11.07 16.61
CA GLU K 88 21.13 -9.88 17.14
C GLU K 88 22.55 -9.88 16.57
N ILE K 89 22.85 -8.90 15.72
CA ILE K 89 24.15 -8.78 15.08
C ILE K 89 24.93 -7.70 15.82
N HIS K 90 26.14 -8.03 16.24
CA HIS K 90 27.00 -7.08 16.92
C HIS K 90 27.65 -6.14 15.91
N LEU K 91 27.40 -4.84 16.07
CA LEU K 91 28.00 -3.82 15.22
C LEU K 91 29.37 -3.47 15.79
N GLU K 92 30.36 -4.30 15.47
CA GLU K 92 31.71 -4.08 15.98
C GLU K 92 32.28 -2.81 15.38
N ASN K 93 32.98 -2.04 16.22
CA ASN K 93 33.65 -0.78 15.89
C ASN K 93 32.67 0.37 15.72
N VAL K 94 31.38 0.17 16.01
CA VAL K 94 30.36 1.20 15.85
C VAL K 94 30.05 1.79 17.23
N THR K 95 30.12 3.10 17.33
CA THR K 95 29.75 3.84 18.53
C THR K 95 28.61 4.78 18.17
N GLU K 96 27.47 4.62 18.84
CA GLU K 96 26.24 5.33 18.52
C GLU K 96 25.81 6.18 19.70
N GLU K 97 25.20 7.32 19.41
CA GLU K 97 24.68 8.24 20.41
C GLU K 97 23.25 7.84 20.74
N PHE K 98 22.97 7.63 22.02
CA PHE K 98 21.65 7.28 22.53
C PHE K 98 21.15 8.40 23.44
N ASN K 99 19.83 8.60 23.43
CA ASN K 99 19.16 9.50 24.36
C ASN K 99 17.93 8.80 24.91
N MET K 100 18.06 8.32 26.15
CA MET K 100 16.96 7.67 26.84
C MET K 100 15.79 8.62 27.04
N TRP K 101 16.06 9.91 27.19
CA TRP K 101 15.06 10.90 27.56
C TRP K 101 14.38 11.54 26.35
N LYS K 102 14.87 11.31 25.14
CA LYS K 102 14.17 11.66 23.90
C LYS K 102 14.15 10.40 23.05
N ASN K 103 13.15 9.55 23.32
CA ASN K 103 12.94 8.32 22.58
C ASN K 103 11.46 8.19 22.26
N ASN K 104 11.14 8.05 20.99
CA ASN K 104 9.75 7.94 20.55
C ASN K 104 9.19 6.54 20.74
N MET K 105 10.02 5.56 21.04
CA MET K 105 9.50 4.23 21.36
C MET K 105 8.70 4.27 22.65
N VAL K 106 9.12 5.08 23.61
CA VAL K 106 8.39 5.22 24.86
C VAL K 106 7.03 5.86 24.62
N GLU K 107 6.99 6.90 23.79
CA GLU K 107 5.72 7.57 23.50
C GLU K 107 4.78 6.65 22.72
N GLN K 108 5.32 5.90 21.76
CA GLN K 108 4.46 4.97 21.04
C GLN K 108 3.94 3.87 21.95
N MET K 109 4.77 3.37 22.87
CA MET K 109 4.29 2.40 23.83
C MET K 109 3.19 2.99 24.70
N HIS K 110 3.34 4.24 25.14
CA HIS K 110 2.29 4.86 25.92
C HIS K 110 0.98 4.89 25.15
N THR K 111 1.05 5.40 23.91
CA THR K 111 -0.15 5.48 23.07
C THR K 111 -0.76 4.11 22.87
N ASP K 112 0.07 3.10 22.59
CA ASP K 112 -0.44 1.77 22.28
C ASP K 112 -1.10 1.14 23.49
N ILE K 113 -0.48 1.24 24.67
CA ILE K 113 -1.06 0.63 25.87
C ILE K 113 -2.38 1.30 26.24
N ILE K 114 -2.43 2.64 26.21
CA ILE K 114 -3.69 3.32 26.51
C ILE K 114 -4.77 2.95 25.50
N SER K 115 -4.41 2.91 24.21
CA SER K 115 -5.42 2.61 23.20
C SER K 115 -5.89 1.15 23.28
N LEU K 116 -4.98 0.23 23.58
CA LEU K 116 -5.37 -1.16 23.78
C LEU K 116 -6.31 -1.31 24.96
N TRP K 117 -6.05 -0.59 26.05
CA TRP K 117 -6.96 -0.58 27.19
C TRP K 117 -8.32 -0.05 26.79
N ASP K 118 -8.34 1.06 26.03
CA ASP K 118 -9.61 1.67 25.66
C ASP K 118 -10.44 0.72 24.81
N GLN K 119 -9.83 0.08 23.81
CA GLN K 119 -10.62 -0.81 22.97
C GLN K 119 -11.00 -2.10 23.72
N SER K 120 -10.17 -2.53 24.67
CA SER K 120 -10.56 -3.66 25.50
C SER K 120 -11.70 -3.32 26.45
N LEU K 121 -11.95 -2.03 26.71
CA LEU K 121 -13.04 -1.61 27.59
C LEU K 121 -14.25 -1.03 26.85
N LYS K 122 -14.18 -0.82 25.53
CA LYS K 122 -15.38 -0.41 24.80
C LYS K 122 -16.48 -1.47 24.83
N PRO K 123 -16.23 -2.75 24.53
CA PRO K 123 -17.35 -3.70 24.49
C PRO K 123 -17.99 -3.96 25.85
N CYS K 124 -17.21 -3.85 26.93
CA CYS K 124 -17.71 -4.22 28.24
C CYS K 124 -18.80 -3.26 28.73
N VAL K 125 -19.53 -3.72 29.75
CA VAL K 125 -20.71 -3.00 30.22
C VAL K 125 -20.32 -1.69 30.88
N LYS K 126 -21.13 -0.65 30.66
CA LYS K 126 -20.95 0.66 31.26
C LYS K 126 -21.91 0.82 32.44
N LEU K 127 -21.37 1.13 33.62
CA LEU K 127 -22.17 1.16 34.86
C LEU K 127 -22.72 2.55 35.16
N THR K 128 -23.49 3.06 34.21
CA THR K 128 -24.36 4.22 34.42
C THR K 128 -25.61 3.94 35.27
N PRO K 129 -26.27 2.78 35.18
CA PRO K 129 -27.45 2.59 36.04
C PRO K 129 -27.12 2.55 37.52
N LEU K 130 -25.86 2.37 37.90
CA LEU K 130 -25.44 2.25 39.30
C LEU K 130 -25.20 3.59 39.98
N CYS K 131 -25.42 4.71 39.29
CA CYS K 131 -25.24 6.05 39.87
C CYS K 131 -26.53 6.41 40.61
N VAL K 132 -26.71 5.80 41.78
CA VAL K 132 -27.89 6.03 42.61
C VAL K 132 -27.45 6.24 44.04
N THR K 133 -28.35 6.81 44.84
CA THR K 133 -28.09 7.01 46.26
C THR K 133 -27.92 5.65 46.95
N LEU K 134 -26.91 5.56 47.80
CA LEU K 134 -26.54 4.33 48.47
C LEU K 134 -26.71 4.54 49.97
N GLN K 135 -27.53 3.70 50.60
CA GLN K 135 -27.68 3.72 52.06
C GLN K 135 -26.69 2.71 52.64
N CYS K 136 -25.66 3.22 53.32
CA CYS K 136 -24.49 2.44 53.69
C CYS K 136 -24.37 2.35 55.20
N THR K 137 -24.01 1.17 55.69
CA THR K 137 -23.79 0.94 57.11
C THR K 137 -22.49 0.16 57.29
N ASN K 138 -21.92 0.26 58.49
CA ASN K 138 -20.64 -0.36 58.77
C ASN K 138 -20.75 -1.89 58.74
N VAL K 139 -19.67 -2.54 58.32
CA VAL K 139 -19.53 -3.99 58.34
C VAL K 139 -18.61 -4.32 59.51
N THR K 140 -19.15 -5.00 60.54
CA THR K 140 -18.42 -5.33 61.75
C THR K 140 -18.51 -6.81 62.10
N ASN K 141 -18.67 -7.69 61.10
CA ASN K 141 -18.84 -9.11 61.39
C ASN K 141 -17.59 -9.70 62.04
N ASN K 142 -16.41 -9.50 61.43
CA ASN K 142 -15.14 -9.92 62.00
C ASN K 142 -14.10 -8.93 61.49
N ILE K 143 -13.77 -7.93 62.30
CA ILE K 143 -13.02 -6.77 61.86
C ILE K 143 -11.88 -6.53 62.84
N THR K 144 -10.66 -6.38 62.30
CA THR K 144 -9.51 -5.95 63.07
C THR K 144 -9.48 -4.41 63.14
N ASP K 145 -8.71 -3.90 64.11
CA ASP K 145 -8.71 -2.47 64.38
C ASP K 145 -8.20 -1.64 63.21
N ASP K 146 -7.37 -2.22 62.33
CA ASP K 146 -6.84 -1.48 61.19
C ASP K 146 -7.87 -1.36 60.08
N MET K 147 -8.64 -2.43 59.86
CA MET K 147 -9.62 -2.51 58.78
C MET K 147 -10.98 -1.88 59.17
N ARG K 148 -11.03 -1.04 60.20
CA ARG K 148 -12.30 -0.53 60.68
C ARG K 148 -12.82 0.52 59.72
N GLY K 149 -13.97 0.25 59.10
CA GLY K 149 -14.63 1.20 58.24
C GLY K 149 -14.26 1.14 56.78
N GLU K 150 -13.27 0.32 56.41
CA GLU K 150 -12.85 0.26 55.01
C GLU K 150 -13.97 -0.23 54.10
N LEU K 151 -14.68 -1.27 54.51
CA LEU K 151 -15.78 -1.84 53.75
C LEU K 151 -17.11 -1.41 54.37
N LYS K 152 -18.08 -1.11 53.51
CA LYS K 152 -19.42 -0.71 53.95
C LYS K 152 -20.48 -1.49 53.21
N ASN K 153 -21.51 -1.89 53.96
CA ASN K 153 -22.67 -2.59 53.43
C ASN K 153 -23.68 -1.56 52.94
N CYS K 154 -23.94 -1.57 51.63
CA CYS K 154 -24.69 -0.50 50.97
C CYS K 154 -25.85 -1.10 50.19
N SER K 155 -27.03 -0.53 50.39
CA SER K 155 -28.27 -0.96 49.75
C SER K 155 -28.73 0.09 48.76
N PHE K 156 -29.33 -0.34 47.67
CA PHE K 156 -29.75 0.59 46.63
C PHE K 156 -30.77 -0.08 45.72
N ASN K 157 -31.58 0.74 45.06
CA ASN K 157 -32.54 0.28 44.07
C ASN K 157 -31.86 0.17 42.72
N MET K 158 -32.13 -0.92 42.01
CA MET K 158 -31.45 -1.26 40.77
C MET K 158 -32.45 -1.68 39.70
N THR K 159 -32.09 -1.42 38.45
CA THR K 159 -32.88 -1.86 37.32
C THR K 159 -32.72 -3.36 37.11
N THR K 160 -33.72 -3.96 36.47
CA THR K 160 -33.74 -5.37 36.11
C THR K 160 -33.89 -5.48 34.59
N GLU K 161 -33.87 -6.73 34.11
CA GLU K 161 -33.88 -6.97 32.67
C GLU K 161 -35.15 -6.42 32.01
N LEU K 162 -36.27 -6.45 32.72
CA LEU K 162 -37.52 -5.88 32.24
C LEU K 162 -37.54 -4.39 32.56
N ARG K 163 -37.93 -3.57 31.59
CA ARG K 163 -37.80 -2.13 31.80
C ARG K 163 -38.86 -1.58 32.76
N ASP K 164 -39.89 -2.35 33.09
CA ASP K 164 -41.02 -1.87 33.88
C ASP K 164 -40.95 -2.27 35.35
N LYS K 165 -39.94 -3.03 35.74
CA LYS K 165 -39.81 -3.53 37.11
C LYS K 165 -38.45 -3.13 37.66
N ARG K 166 -38.35 -3.14 38.99
CA ARG K 166 -37.14 -2.73 39.68
C ARG K 166 -36.91 -3.65 40.86
N GLN K 167 -35.67 -3.64 41.35
CA GLN K 167 -35.25 -4.50 42.44
C GLN K 167 -34.39 -3.69 43.41
N LYS K 168 -34.36 -4.15 44.66
CA LYS K 168 -33.51 -3.60 45.70
C LYS K 168 -32.41 -4.62 45.96
N VAL K 169 -31.15 -4.19 45.79
CA VAL K 169 -29.99 -5.07 45.87
C VAL K 169 -28.95 -4.44 46.77
N HIS K 170 -28.18 -5.31 47.44
CA HIS K 170 -27.13 -4.93 48.38
C HIS K 170 -25.77 -5.38 47.86
N ALA K 171 -24.75 -4.57 48.12
CA ALA K 171 -23.38 -4.90 47.79
C ALA K 171 -22.45 -4.22 48.78
N LEU K 172 -21.28 -4.82 48.99
CA LEU K 172 -20.24 -4.23 49.83
C LEU K 172 -19.36 -3.33 48.97
N PHE K 173 -19.04 -2.16 49.49
CA PHE K 173 -18.23 -1.19 48.79
C PHE K 173 -17.11 -0.70 49.71
N TYR K 174 -16.02 -0.27 49.09
CA TYR K 174 -14.86 0.21 49.81
C TYR K 174 -15.03 1.70 50.09
N LYS K 175 -14.52 2.16 51.25
CA LYS K 175 -14.60 3.57 51.59
C LYS K 175 -13.99 4.49 50.55
N LEU K 176 -12.98 4.03 49.83
CA LEU K 176 -12.33 4.87 48.84
C LEU K 176 -13.15 5.02 47.57
N ASP K 177 -14.10 4.12 47.33
CA ASP K 177 -14.96 4.15 46.15
C ASP K 177 -16.28 4.87 46.39
N ILE K 178 -16.57 5.31 47.62
CA ILE K 178 -17.83 5.94 47.97
C ILE K 178 -17.54 7.26 48.67
N VAL K 179 -18.39 8.25 48.43
CA VAL K 179 -18.23 9.60 48.96
C VAL K 179 -19.53 10.00 49.64
N PRO K 180 -19.51 10.72 50.78
CA PRO K 180 -20.78 11.21 51.35
C PRO K 180 -21.50 12.14 50.38
N ILE K 181 -22.80 11.87 50.18
CA ILE K 181 -23.62 12.76 49.36
C ILE K 181 -23.78 14.11 50.05
N ASN K 182 -24.05 14.10 51.35
CA ASN K 182 -24.31 15.31 52.12
C ASN K 182 -23.50 15.29 53.40
N GLU K 183 -23.23 16.49 53.92
CA GLU K 183 -22.46 16.62 55.15
C GLU K 183 -23.20 15.98 56.32
N ASN K 184 -24.52 16.19 56.39
CA ASN K 184 -25.31 15.63 57.47
C ASN K 184 -25.23 14.11 57.46
N GLN K 185 -25.31 13.51 58.65
CA GLN K 185 -25.08 12.08 58.81
C GLN K 185 -26.32 11.25 58.43
N ASN K 186 -26.81 11.44 57.20
CA ASN K 186 -27.87 10.59 56.68
C ASN K 186 -27.36 9.20 56.30
N THR K 187 -26.04 9.02 56.21
CA THR K 187 -25.44 7.76 55.75
C THR K 187 -25.78 7.47 54.29
N SER K 188 -26.04 8.52 53.51
CA SER K 188 -26.26 8.38 52.08
C SER K 188 -24.94 8.59 51.35
N TYR K 189 -24.66 7.72 50.38
CA TYR K 189 -23.37 7.67 49.70
C TYR K 189 -23.54 7.56 48.20
N ARG K 190 -22.53 8.03 47.48
CA ARG K 190 -22.48 8.03 46.03
C ARG K 190 -21.11 7.55 45.60
N LEU K 191 -21.06 6.91 44.43
CA LEU K 191 -19.78 6.49 43.87
C LEU K 191 -18.99 7.71 43.43
N ILE K 192 -17.68 7.66 43.66
CA ILE K 192 -16.84 8.85 43.54
C ILE K 192 -16.86 9.40 42.11
N ASN K 193 -16.94 8.52 41.13
CA ASN K 193 -16.88 8.96 39.73
C ASN K 193 -18.15 9.67 39.28
N CYS K 194 -19.30 9.36 39.90
CA CYS K 194 -20.59 9.56 39.26
C CYS K 194 -20.86 11.03 38.91
N ASN K 195 -20.32 11.95 39.71
CA ASN K 195 -20.53 13.37 39.44
C ASN K 195 -19.87 13.78 38.13
N THR K 196 -18.60 13.42 37.95
CA THR K 196 -17.81 13.94 36.83
C THR K 196 -17.87 13.06 35.59
N ALA K 197 -18.22 11.79 35.70
CA ALA K 197 -18.03 10.86 34.58
C ALA K 197 -18.85 9.60 34.81
N ALA K 198 -18.77 8.69 33.85
CA ALA K 198 -19.42 7.38 33.90
C ALA K 198 -18.34 6.31 33.96
N ILE K 199 -18.61 5.25 34.71
CA ILE K 199 -17.61 4.26 35.07
C ILE K 199 -17.92 2.97 34.31
N THR K 200 -16.97 2.52 33.51
CA THR K 200 -17.10 1.26 32.79
C THR K 200 -16.73 0.11 33.73
N GLN K 201 -17.19 -1.09 33.39
CA GLN K 201 -16.86 -2.32 34.11
C GLN K 201 -15.97 -3.18 33.23
N ALA K 202 -14.86 -3.65 33.79
CA ALA K 202 -14.01 -4.58 33.06
C ALA K 202 -14.73 -5.90 32.88
N CYS K 203 -14.60 -6.47 31.68
CA CYS K 203 -15.22 -7.76 31.41
C CYS K 203 -14.58 -8.83 32.31
N PRO K 204 -15.37 -9.71 32.93
CA PRO K 204 -14.76 -10.69 33.85
C PRO K 204 -13.81 -11.65 33.17
N LYS K 205 -14.01 -11.93 31.87
CA LYS K 205 -13.18 -12.89 31.17
C LYS K 205 -11.83 -12.31 30.79
N VAL K 206 -11.79 -11.01 30.50
CA VAL K 206 -10.53 -10.36 30.14
C VAL K 206 -9.57 -10.41 31.30
N SER K 207 -8.31 -10.77 31.01
CA SER K 207 -7.27 -10.94 32.00
C SER K 207 -6.37 -9.70 32.05
N PHE K 208 -5.69 -9.56 33.18
CA PHE K 208 -4.84 -8.41 33.48
C PHE K 208 -3.36 -8.78 33.61
N GLU K 209 -2.99 -10.03 33.38
CA GLU K 209 -1.60 -10.42 33.57
C GLU K 209 -0.74 -9.80 32.48
N PRO K 210 0.30 -9.02 32.81
CA PRO K 210 1.19 -8.53 31.75
C PRO K 210 1.93 -9.67 31.07
N ILE K 211 1.78 -9.76 29.76
CA ILE K 211 2.49 -10.72 28.93
C ILE K 211 3.56 -9.97 28.15
N PRO K 212 4.75 -10.52 27.91
CA PRO K 212 5.78 -9.75 27.19
C PRO K 212 5.37 -9.42 25.77
N ILE K 213 5.64 -8.18 25.36
CA ILE K 213 5.50 -7.73 23.99
C ILE K 213 6.85 -7.25 23.49
N HIS K 214 7.19 -7.64 22.26
CA HIS K 214 8.43 -7.26 21.61
C HIS K 214 8.12 -6.23 20.53
N TYR K 215 8.83 -5.10 20.56
CA TYR K 215 8.62 -4.03 19.59
C TYR K 215 9.60 -4.18 18.44
N CYS K 216 9.05 -4.32 17.24
CA CYS K 216 9.79 -4.60 16.03
C CYS K 216 9.71 -3.40 15.09
N ALA K 217 10.68 -3.31 14.18
CA ALA K 217 10.78 -2.20 13.25
C ALA K 217 10.32 -2.61 11.86
N PRO K 218 9.59 -1.76 11.13
CA PRO K 218 9.21 -2.12 9.76
C PRO K 218 10.41 -2.18 8.83
N ALA K 219 10.18 -2.54 7.57
CA ALA K 219 11.26 -2.61 6.60
C ALA K 219 11.89 -1.24 6.39
N GLY K 220 13.20 -1.22 6.25
CA GLY K 220 13.93 0.02 6.11
C GLY K 220 14.25 0.73 7.40
N PHE K 221 13.99 0.11 8.54
CA PHE K 221 14.30 0.65 9.85
C PHE K 221 14.99 -0.42 10.66
N ALA K 222 15.82 0.01 11.59
CA ALA K 222 16.56 -0.89 12.48
C ALA K 222 16.48 -0.39 13.90
N ILE K 223 16.55 -1.32 14.83
CA ILE K 223 16.60 -1.04 16.26
C ILE K 223 18.03 -1.32 16.71
N LEU K 224 18.70 -0.30 17.23
CA LEU K 224 20.06 -0.41 17.72
C LEU K 224 20.01 -0.55 19.24
N LYS K 225 20.69 -1.56 19.76
CA LYS K 225 20.66 -1.89 21.18
C LYS K 225 22.03 -1.62 21.78
N CYS K 226 22.05 -0.81 22.85
CA CYS K 226 23.27 -0.55 23.58
C CYS K 226 23.59 -1.73 24.48
N LYS K 227 24.75 -2.35 24.23
CA LYS K 227 25.22 -3.50 25.00
C LYS K 227 26.20 -3.10 26.09
N ASP K 228 26.42 -1.81 26.31
CA ASP K 228 27.26 -1.37 27.42
C ASP K 228 26.52 -1.61 28.73
N LYS K 229 27.23 -2.19 29.70
CA LYS K 229 26.63 -2.59 30.96
C LYS K 229 26.58 -1.46 32.00
N LYS K 230 27.30 -0.36 31.76
CA LYS K 230 27.34 0.77 32.69
C LYS K 230 26.67 2.02 32.11
N PHE K 231 25.90 1.87 31.04
CA PHE K 231 25.29 3.02 30.37
C PHE K 231 24.21 3.63 31.24
N ASN K 232 24.16 4.97 31.27
CA ASN K 232 23.11 5.68 32.00
C ASN K 232 22.00 6.19 31.09
N GLY K 233 21.91 5.67 29.87
CA GLY K 233 20.86 6.05 28.95
C GLY K 233 21.11 7.29 28.11
N THR K 234 22.25 7.95 28.29
CA THR K 234 22.59 9.13 27.50
C THR K 234 24.06 9.10 27.13
N GLY K 235 24.37 9.71 25.98
CA GLY K 235 25.73 9.82 25.51
C GLY K 235 26.12 8.67 24.61
N PRO K 236 27.38 8.68 24.15
CA PRO K 236 27.82 7.64 23.22
C PRO K 236 27.86 6.26 23.87
N CYS K 237 27.52 5.26 23.07
CA CYS K 237 27.51 3.86 23.51
C CYS K 237 28.50 3.08 22.65
N PRO K 238 29.68 2.69 23.16
CA PRO K 238 30.69 2.09 22.28
C PRO K 238 30.37 0.68 21.84
N SER K 239 29.46 -0.02 22.50
CA SER K 239 29.09 -1.40 22.18
C SER K 239 27.64 -1.40 21.72
N VAL K 240 27.44 -1.54 20.41
CA VAL K 240 26.13 -1.45 19.78
C VAL K 240 25.85 -2.75 19.03
N SER K 241 24.59 -3.15 19.05
CA SER K 241 24.09 -4.27 18.26
C SER K 241 22.77 -3.87 17.64
N THR K 242 22.42 -4.53 16.54
CA THR K 242 21.15 -4.33 15.85
C THR K 242 20.28 -5.56 16.05
N VAL K 243 19.03 -5.34 16.43
CA VAL K 243 18.09 -6.40 16.78
C VAL K 243 16.84 -6.25 15.93
N GLN K 244 16.27 -7.40 15.52
CA GLN K 244 15.00 -7.35 14.79
C GLN K 244 13.90 -6.77 15.67
N CYS K 245 13.85 -7.22 16.92
CA CYS K 245 12.82 -6.79 17.86
C CYS K 245 13.45 -6.60 19.23
N THR K 246 12.82 -5.76 20.05
CA THR K 246 13.24 -5.61 21.42
C THR K 246 12.91 -6.87 22.22
N HIS K 247 13.54 -7.00 23.38
CA HIS K 247 13.20 -8.10 24.27
C HIS K 247 11.78 -7.93 24.76
N GLY K 248 11.20 -9.04 25.23
CA GLY K 248 9.84 -9.00 25.72
C GLY K 248 9.69 -8.07 26.90
N ILE K 249 8.79 -7.09 26.78
CA ILE K 249 8.55 -6.09 27.80
C ILE K 249 7.13 -6.27 28.29
N LYS K 250 6.98 -6.57 29.57
CA LYS K 250 5.67 -6.78 30.15
C LYS K 250 5.06 -5.44 30.55
N PRO K 251 3.84 -5.10 30.07
CA PRO K 251 3.30 -3.78 30.47
C PRO K 251 2.83 -3.75 31.93
N VAL K 252 3.80 -3.63 32.82
CA VAL K 252 3.55 -3.62 34.25
C VAL K 252 3.30 -2.17 34.67
N VAL K 253 2.10 -1.92 35.20
CA VAL K 253 1.68 -0.58 35.63
C VAL K 253 1.90 -0.50 37.14
N SER K 254 2.74 0.44 37.57
CA SER K 254 3.07 0.55 38.98
C SER K 254 3.64 1.92 39.27
N THR K 255 3.60 2.29 40.55
CA THR K 255 4.18 3.53 41.05
C THR K 255 5.10 3.23 42.23
N GLN K 256 6.18 4.00 42.32
CA GLN K 256 7.19 3.95 43.38
C GLN K 256 8.10 2.73 43.33
N LEU K 257 7.81 1.76 42.48
CA LEU K 257 8.57 0.52 42.43
C LEU K 257 8.31 -0.14 41.09
N LEU K 258 9.38 -0.49 40.39
CA LEU K 258 9.28 -1.16 39.11
C LEU K 258 9.28 -2.66 39.34
N LEU K 259 8.22 -3.34 38.89
CA LEU K 259 7.99 -4.74 39.19
C LEU K 259 8.14 -5.59 37.94
N ASN K 260 8.77 -6.76 38.10
CA ASN K 260 8.89 -7.76 37.04
C ASN K 260 9.63 -7.21 35.83
N GLY K 261 10.55 -6.28 36.05
CA GLY K 261 11.32 -5.68 34.98
C GLY K 261 12.68 -6.34 34.81
N SER K 262 13.52 -5.66 34.01
CA SER K 262 14.89 -6.11 33.81
C SER K 262 15.77 -5.66 34.96
N LEU K 263 16.94 -6.28 35.06
CA LEU K 263 17.88 -6.06 36.15
C LEU K 263 19.24 -5.65 35.58
N ALA K 264 19.94 -4.81 36.32
CA ALA K 264 21.27 -4.38 35.91
C ALA K 264 22.24 -5.53 35.96
N GLU K 265 23.16 -5.57 34.99
CA GLU K 265 24.07 -6.70 34.88
C GLU K 265 25.15 -6.65 35.96
N GLU K 266 25.71 -5.47 36.22
CA GLU K 266 26.89 -5.33 37.08
C GLU K 266 26.61 -4.54 38.36
N GLU K 267 26.05 -3.33 38.24
CA GLU K 267 25.87 -2.45 39.38
C GLU K 267 24.52 -1.76 39.29
N VAL K 268 24.07 -1.25 40.45
CA VAL K 268 22.85 -0.46 40.48
C VAL K 268 23.02 0.77 39.62
N MET K 269 22.01 1.07 38.82
CA MET K 269 22.07 2.11 37.80
C MET K 269 21.15 3.26 38.19
N ILE K 270 21.71 4.47 38.23
CA ILE K 270 20.98 5.70 38.54
C ILE K 270 20.86 6.49 37.24
N ARG K 271 19.62 6.80 36.84
CA ARG K 271 19.35 7.43 35.56
C ARG K 271 18.33 8.55 35.75
N SER K 272 18.78 9.79 35.56
CA SER K 272 17.93 10.97 35.56
C SER K 272 18.29 11.83 34.36
N LYS K 273 17.30 12.56 33.85
CA LYS K 273 17.57 13.47 32.74
C LYS K 273 18.57 14.54 33.14
N ASP K 274 18.37 15.12 34.32
CA ASP K 274 19.36 15.93 34.99
C ASP K 274 19.31 15.60 36.47
N ILE K 275 20.40 15.07 37.01
CA ILE K 275 20.41 14.65 38.40
C ILE K 275 20.35 15.86 39.33
N ARG K 276 20.88 17.00 38.89
CA ARG K 276 20.82 18.20 39.71
C ARG K 276 19.38 18.73 39.78
N ASN K 277 18.64 18.59 38.68
CA ASN K 277 17.24 19.01 38.66
C ASN K 277 16.38 18.08 39.50
N ASN K 278 15.56 18.68 40.37
CA ASN K 278 14.64 17.96 41.22
C ASN K 278 13.27 17.72 40.59
N ALA K 279 12.97 18.39 39.49
CA ALA K 279 11.69 18.21 38.81
C ALA K 279 11.65 17.00 37.91
N LYS K 280 12.78 16.31 37.74
CA LYS K 280 12.88 15.11 36.92
C LYS K 280 13.07 13.91 37.82
N ASN K 281 12.24 12.89 37.61
CA ASN K 281 12.30 11.69 38.44
C ASN K 281 13.57 10.91 38.15
N ILE K 282 14.11 10.30 39.20
CA ILE K 282 15.31 9.45 39.12
C ILE K 282 14.83 8.01 39.03
N LEU K 283 15.30 7.30 38.01
CA LEU K 283 14.98 5.89 37.81
C LEU K 283 16.16 5.04 38.28
N VAL K 284 15.87 4.10 39.17
CA VAL K 284 16.86 3.22 39.77
C VAL K 284 16.64 1.82 39.22
N GLN K 285 17.72 1.16 38.82
CA GLN K 285 17.71 -0.22 38.38
C GLN K 285 18.51 -1.06 39.37
N PHE K 286 17.89 -2.11 39.92
CA PHE K 286 18.58 -3.03 40.80
C PHE K 286 19.33 -4.06 39.99
N ASN K 287 20.50 -4.46 40.48
CA ASN K 287 21.21 -5.60 39.93
C ASN K 287 20.74 -6.92 40.51
N THR K 288 20.15 -6.90 41.70
CA THR K 288 19.55 -8.07 42.34
C THR K 288 18.14 -7.71 42.76
N PRO K 289 17.11 -8.49 42.40
CA PRO K 289 15.75 -8.11 42.76
C PRO K 289 15.46 -8.33 44.24
N VAL K 290 14.47 -7.60 44.74
CA VAL K 290 13.93 -7.78 46.08
C VAL K 290 12.58 -8.46 45.92
N GLN K 291 12.46 -9.67 46.48
CA GLN K 291 11.20 -10.40 46.39
C GLN K 291 10.18 -9.76 47.32
N ILE K 292 8.97 -9.54 46.78
CA ILE K 292 7.87 -8.92 47.52
C ILE K 292 6.67 -9.85 47.43
N ASN K 293 6.11 -10.21 48.58
CA ASN K 293 4.98 -11.12 48.68
C ASN K 293 3.77 -10.33 49.14
N CYS K 294 2.77 -10.25 48.27
CA CYS K 294 1.56 -9.46 48.51
C CYS K 294 0.34 -10.37 48.59
N THR K 295 -0.59 -10.01 49.46
CA THR K 295 -1.78 -10.83 49.66
C THR K 295 -2.96 -9.98 50.11
N ARG K 296 -4.15 -10.40 49.71
CA ARG K 296 -5.41 -9.96 50.29
C ARG K 296 -6.05 -11.18 50.95
N PRO K 297 -5.89 -11.37 52.27
CA PRO K 297 -6.28 -12.66 52.86
C PRO K 297 -7.78 -12.92 52.87
N ASN K 298 -8.62 -11.93 52.57
CA ASN K 298 -10.05 -12.14 52.58
C ASN K 298 -10.47 -13.13 51.51
N ASN K 299 -11.34 -14.06 51.89
CA ASN K 299 -11.96 -14.99 50.94
C ASN K 299 -13.14 -14.26 50.30
N ASN K 300 -12.95 -13.78 49.08
CA ASN K 300 -13.95 -12.98 48.41
C ASN K 300 -14.88 -13.86 47.57
N THR K 301 -16.08 -13.33 47.33
CA THR K 301 -17.07 -13.96 46.46
C THR K 301 -17.51 -12.94 45.43
N ARG K 302 -18.04 -13.44 44.31
CA ARG K 302 -18.54 -12.60 43.23
C ARG K 302 -20.04 -12.85 43.06
N LYS K 303 -20.81 -11.77 43.12
CA LYS K 303 -22.27 -11.80 43.05
C LYS K 303 -22.69 -11.18 41.73
N SER K 304 -23.39 -11.96 40.91
CA SER K 304 -23.94 -11.42 39.67
C SER K 304 -25.22 -10.66 39.95
N ILE K 305 -25.31 -9.46 39.40
CA ILE K 305 -26.50 -8.61 39.48
C ILE K 305 -26.86 -8.22 38.06
N ARG K 306 -28.10 -8.47 37.66
CA ARG K 306 -28.55 -8.10 36.33
C ARG K 306 -29.10 -6.68 36.34
N ILE K 307 -28.55 -5.86 35.46
CA ILE K 307 -28.90 -4.44 35.33
C ILE K 307 -29.50 -4.11 33.98
N GLY K 308 -29.64 -5.10 33.08
CA GLY K 308 -30.13 -4.85 31.75
C GLY K 308 -30.39 -6.16 31.02
N PRO K 309 -30.87 -6.06 29.77
CA PRO K 309 -31.17 -7.29 29.01
C PRO K 309 -29.99 -8.23 28.85
N GLY K 310 -28.81 -7.69 28.56
CA GLY K 310 -27.60 -8.48 28.43
C GLY K 310 -26.44 -7.99 29.29
N GLN K 311 -26.71 -7.05 30.20
CA GLN K 311 -25.69 -6.38 30.98
C GLN K 311 -25.75 -6.86 32.43
N TRP K 312 -24.60 -7.23 32.96
CA TRP K 312 -24.45 -7.71 34.33
C TRP K 312 -23.52 -6.79 35.11
N PHE K 313 -23.73 -6.72 36.42
CA PHE K 313 -22.85 -6.03 37.35
C PHE K 313 -22.40 -7.00 38.42
N TYR K 314 -21.10 -7.18 38.55
CA TYR K 314 -20.52 -8.10 39.51
C TYR K 314 -20.12 -7.34 40.77
N ALA K 315 -20.47 -7.90 41.93
CA ALA K 315 -20.35 -7.22 43.22
C ALA K 315 -19.58 -8.10 44.19
N THR K 316 -19.18 -7.47 45.31
CA THR K 316 -18.29 -8.10 46.27
C THR K 316 -18.92 -9.30 46.99
N GLY K 317 -20.24 -9.41 46.98
CA GLY K 317 -20.86 -10.54 47.65
C GLY K 317 -20.62 -10.50 49.15
N ASP K 318 -20.34 -11.67 49.71
CA ASP K 318 -20.07 -11.83 51.14
C ASP K 318 -18.71 -12.50 51.31
N ILE K 319 -17.95 -12.02 52.27
CA ILE K 319 -16.58 -12.49 52.50
C ILE K 319 -16.65 -13.68 53.47
N ILE K 320 -16.38 -14.87 52.94
CA ILE K 320 -16.35 -16.07 53.77
C ILE K 320 -15.21 -15.95 54.76
N GLY K 321 -15.52 -16.06 56.05
CA GLY K 321 -14.51 -16.08 57.07
C GLY K 321 -14.10 -14.70 57.55
N ASP K 322 -12.99 -14.69 58.29
CA ASP K 322 -12.48 -13.46 58.88
C ASP K 322 -12.00 -12.50 57.82
N ILE K 323 -12.07 -11.21 58.14
CA ILE K 323 -11.67 -10.12 57.26
C ILE K 323 -10.40 -9.51 57.83
N ARG K 324 -9.34 -9.51 57.03
CA ARG K 324 -8.05 -8.92 57.40
C ARG K 324 -7.54 -8.04 56.27
N GLN K 325 -6.73 -7.05 56.64
CA GLN K 325 -6.25 -6.08 55.65
C GLN K 325 -5.25 -6.71 54.70
N ALA K 326 -5.26 -6.24 53.45
CA ALA K 326 -4.23 -6.62 52.50
C ALA K 326 -2.90 -5.99 52.89
N HIS K 327 -1.81 -6.69 52.58
CA HIS K 327 -0.49 -6.25 52.98
C HIS K 327 0.55 -6.89 52.06
N CYS K 328 1.75 -6.34 52.10
CA CYS K 328 2.88 -6.85 51.31
C CYS K 328 4.08 -7.00 52.22
N ASN K 329 4.84 -8.08 52.01
CA ASN K 329 6.04 -8.38 52.77
C ASN K 329 7.27 -8.26 51.87
N VAL K 330 8.30 -7.59 52.35
CA VAL K 330 9.61 -7.58 51.71
C VAL K 330 10.65 -8.00 52.75
N SER K 331 11.67 -8.71 52.29
CA SER K 331 12.78 -9.07 53.18
C SER K 331 13.51 -7.81 53.62
N LYS K 332 13.74 -7.69 54.94
CA LYS K 332 14.34 -6.48 55.46
C LYS K 332 15.83 -6.41 55.15
N ALA K 333 16.54 -7.54 55.27
CA ALA K 333 17.97 -7.55 54.96
C ALA K 333 18.21 -7.27 53.48
N THR K 334 17.41 -7.88 52.60
CA THR K 334 17.56 -7.64 51.18
C THR K 334 17.27 -6.19 50.84
N TRP K 335 16.21 -5.63 51.43
CA TRP K 335 15.89 -4.22 51.20
C TRP K 335 17.02 -3.33 51.68
N ASN K 336 17.59 -3.62 52.85
CA ASN K 336 18.65 -2.76 53.37
C ASN K 336 19.91 -2.84 52.52
N GLU K 337 20.26 -4.03 52.01
CA GLU K 337 21.46 -4.12 51.18
C GLU K 337 21.25 -3.39 49.85
N THR K 338 20.08 -3.54 49.23
CA THR K 338 19.82 -2.81 48.00
C THR K 338 19.79 -1.30 48.25
N LEU K 339 19.23 -0.86 49.39
CA LEU K 339 19.22 0.56 49.70
C LEU K 339 20.65 1.08 49.88
N GLY K 340 21.52 0.29 50.52
CA GLY K 340 22.92 0.70 50.62
C GLY K 340 23.58 0.84 49.26
N LYS K 341 23.29 -0.10 48.36
CA LYS K 341 23.84 -0.01 47.00
C LYS K 341 23.33 1.24 46.28
N VAL K 342 22.04 1.53 46.40
CA VAL K 342 21.49 2.76 45.82
C VAL K 342 22.13 3.98 46.44
N VAL K 343 22.40 3.93 47.74
CA VAL K 343 23.05 5.05 48.42
C VAL K 343 24.45 5.27 47.87
N LYS K 344 25.18 4.19 47.61
CA LYS K 344 26.52 4.31 47.04
C LYS K 344 26.46 4.94 45.65
N GLN K 345 25.54 4.48 44.81
CA GLN K 345 25.41 5.09 43.48
C GLN K 345 24.99 6.55 43.56
N LEU K 346 24.12 6.89 44.51
CA LEU K 346 23.72 8.29 44.67
C LEU K 346 24.88 9.14 45.17
N ARG K 347 25.73 8.57 46.03
CA ARG K 347 26.92 9.26 46.49
C ARG K 347 27.87 9.52 45.35
N LYS K 348 27.89 8.63 44.34
CA LYS K 348 28.70 8.89 43.15
C LYS K 348 28.24 10.13 42.39
N HIS K 349 27.02 10.64 42.65
CA HIS K 349 26.50 11.82 41.98
C HIS K 349 26.34 13.02 42.90
N PHE K 350 26.35 12.85 44.22
CA PHE K 350 26.02 13.89 45.17
C PHE K 350 27.09 14.12 46.23
N GLY K 351 28.25 13.52 46.09
CA GLY K 351 29.35 13.70 47.02
C GLY K 351 29.65 12.44 47.80
N ASN K 352 30.90 12.28 48.20
CA ASN K 352 31.34 11.08 48.90
C ASN K 352 31.00 11.09 50.38
N ASN K 353 30.71 12.26 50.96
CA ASN K 353 30.35 12.40 52.37
C ASN K 353 28.96 12.98 52.56
N THR K 354 28.12 12.95 51.52
CA THR K 354 26.75 13.42 51.63
C THR K 354 25.88 12.38 52.33
N ILE K 355 24.91 12.87 53.09
CA ILE K 355 23.98 12.00 53.81
C ILE K 355 22.79 11.74 52.90
N ILE K 356 22.55 10.46 52.58
CA ILE K 356 21.44 10.04 51.74
C ILE K 356 20.32 9.59 52.66
N ARG K 357 19.23 10.35 52.69
CA ARG K 357 18.06 10.05 53.50
C ARG K 357 16.93 9.62 52.60
N PHE K 358 16.25 8.53 52.98
CA PHE K 358 15.04 8.07 52.33
C PHE K 358 13.84 8.39 53.21
N ALA K 359 12.84 9.04 52.62
CA ALA K 359 11.62 9.40 53.30
C ALA K 359 10.45 9.06 52.38
N ASN K 360 9.24 9.15 52.92
CA ASN K 360 8.04 8.72 52.21
C ASN K 360 7.40 9.91 51.50
N SER K 361 6.35 9.62 50.74
CA SER K 361 5.77 10.60 49.84
C SER K 361 5.23 11.82 50.59
N SER K 362 5.51 13.00 50.03
CA SER K 362 5.01 14.24 50.62
C SER K 362 3.50 14.33 50.50
N GLY K 363 2.95 13.90 49.37
CA GLY K 363 1.51 13.94 49.19
C GLY K 363 1.17 13.70 47.74
N GLY K 364 -0.14 13.81 47.46
CA GLY K 364 -0.70 13.68 46.13
C GLY K 364 -1.84 12.69 46.13
N ASP K 365 -2.17 12.23 44.93
CA ASP K 365 -3.21 11.23 44.78
C ASP K 365 -2.76 9.90 45.38
N LEU K 366 -3.72 8.99 45.55
CA LEU K 366 -3.41 7.69 46.15
C LEU K 366 -2.42 6.91 45.31
N GLU K 367 -2.50 7.04 43.99
CA GLU K 367 -1.60 6.31 43.10
C GLU K 367 -0.14 6.62 43.41
N VAL K 368 0.20 7.90 43.55
CA VAL K 368 1.60 8.27 43.74
C VAL K 368 2.01 8.16 45.20
N THR K 369 1.11 8.47 46.14
CA THR K 369 1.48 8.42 47.56
C THR K 369 1.74 7.00 48.05
N THR K 370 1.16 6.00 47.40
CA THR K 370 1.30 4.59 47.77
C THR K 370 1.92 3.83 46.60
N HIS K 371 2.47 2.66 46.90
CA HIS K 371 2.92 1.77 45.84
C HIS K 371 1.69 1.14 45.21
N SER K 372 1.22 1.73 44.12
CA SER K 372 0.06 1.23 43.41
C SER K 372 0.48 0.13 42.46
N PHE K 373 -0.29 -0.95 42.43
CA PHE K 373 -0.07 -2.00 41.45
C PHE K 373 -1.34 -2.83 41.34
N ASN K 374 -1.37 -3.68 40.33
CA ASN K 374 -2.46 -4.62 40.12
C ASN K 374 -1.86 -5.99 39.82
N CYS K 375 -2.26 -6.99 40.61
CA CYS K 375 -1.84 -8.36 40.40
C CYS K 375 -3.03 -9.26 40.72
N GLY K 376 -3.37 -10.13 39.77
CA GLY K 376 -4.53 -11.00 39.91
C GLY K 376 -5.84 -10.39 39.49
N GLY K 377 -5.85 -9.10 39.12
CA GLY K 377 -7.06 -8.36 38.81
C GLY K 377 -7.52 -7.43 39.90
N GLU K 378 -6.93 -7.51 41.09
CA GLU K 378 -7.24 -6.61 42.20
C GLU K 378 -6.18 -5.53 42.28
N PHE K 379 -6.63 -4.29 42.51
CA PHE K 379 -5.75 -3.13 42.50
C PHE K 379 -5.38 -2.76 43.93
N PHE K 380 -4.10 -2.86 44.24
CA PHE K 380 -3.55 -2.62 45.57
C PHE K 380 -2.98 -1.21 45.67
N TYR K 381 -2.81 -0.77 46.92
CA TYR K 381 -2.27 0.55 47.21
C TYR K 381 -1.54 0.46 48.55
N CYS K 382 -0.22 0.34 48.50
CA CYS K 382 0.58 0.01 49.67
C CYS K 382 1.34 1.20 50.19
N ASP K 383 1.26 1.41 51.51
CA ASP K 383 2.00 2.46 52.19
C ASP K 383 3.44 2.03 52.35
N THR K 384 4.34 2.68 51.62
CA THR K 384 5.76 2.34 51.61
C THR K 384 6.55 3.20 52.59
N SER K 385 5.91 3.66 53.66
CA SER K 385 6.64 4.44 54.66
C SER K 385 7.70 3.60 55.36
N GLY K 386 7.45 2.30 55.50
CA GLY K 386 8.47 1.43 56.05
C GLY K 386 9.68 1.28 55.12
N LEU K 387 9.43 1.27 53.81
CA LEU K 387 10.51 1.07 52.86
C LEU K 387 11.50 2.23 52.87
N PHE K 388 11.00 3.45 53.02
CA PHE K 388 11.82 4.66 52.91
C PHE K 388 11.78 5.36 54.26
N ASN K 389 12.60 4.86 55.19
CA ASN K 389 12.62 5.34 56.56
C ASN K 389 14.04 5.33 57.12
N SER K 390 15.01 5.75 56.31
CA SER K 390 16.42 5.51 56.65
C SER K 390 17.27 6.72 56.32
N THR K 391 18.18 7.04 57.23
CA THR K 391 19.25 8.02 57.03
C THR K 391 20.57 7.26 56.96
N TRP K 392 21.35 7.54 55.92
CA TRP K 392 22.59 6.82 55.63
C TRP K 392 23.76 7.77 55.83
N ILE K 393 24.51 7.57 56.91
CA ILE K 393 25.68 8.40 57.20
C ILE K 393 26.87 7.85 56.44
N SER K 394 27.79 8.74 56.08
CA SER K 394 28.97 8.36 55.29
C SER K 394 29.93 7.60 56.19
N ASN K 395 29.80 6.28 56.21
CA ASN K 395 30.69 5.41 56.97
C ASN K 395 30.54 3.97 56.48
N ASP K 408 13.07 -12.21 59.11
CA ASP K 408 12.47 -10.93 59.45
C ASP K 408 12.11 -10.16 58.18
N SER K 409 10.96 -9.49 58.21
CA SER K 409 10.42 -8.83 57.03
C SER K 409 9.73 -7.54 57.43
N ILE K 410 9.57 -6.66 56.44
CA ILE K 410 8.85 -5.40 56.59
C ILE K 410 7.48 -5.58 55.97
N THR K 411 6.43 -5.29 56.74
CA THR K 411 5.05 -5.43 56.29
C THR K 411 4.49 -4.05 55.92
N LEU K 412 3.93 -3.95 54.72
CA LEU K 412 3.39 -2.71 54.20
C LEU K 412 1.88 -2.76 54.24
N PRO K 413 1.17 -1.90 55.00
CA PRO K 413 -0.30 -1.97 55.00
C PRO K 413 -0.89 -1.48 53.69
N CYS K 414 -1.49 -2.39 52.92
CA CYS K 414 -2.07 -2.07 51.62
C CYS K 414 -3.59 -1.97 51.70
N ARG K 415 -4.13 -1.26 50.72
CA ARG K 415 -5.54 -0.94 50.61
C ARG K 415 -6.00 -1.35 49.22
N ILE K 416 -7.31 -1.61 49.09
CA ILE K 416 -7.86 -2.13 47.85
C ILE K 416 -8.89 -1.14 47.34
N LYS K 417 -9.00 -1.08 46.01
CA LYS K 417 -9.98 -0.23 45.34
C LYS K 417 -10.55 -0.97 44.14
N GLN K 418 -11.73 -0.53 43.72
CA GLN K 418 -12.40 -1.06 42.54
C GLN K 418 -12.64 0.01 41.47
N ILE K 419 -12.72 1.28 41.85
CA ILE K 419 -12.82 2.38 40.91
C ILE K 419 -11.39 2.87 40.67
N ILE K 420 -10.89 2.67 39.46
CA ILE K 420 -9.50 2.90 39.11
C ILE K 420 -9.46 3.92 37.98
N ASN K 421 -8.74 5.02 38.21
CA ASN K 421 -8.46 6.03 37.17
C ASN K 421 -7.02 5.83 36.71
N MET K 422 -6.86 5.21 35.55
CA MET K 422 -5.53 4.84 35.08
C MET K 422 -4.94 5.93 34.19
N TRP K 423 -3.63 6.12 34.32
CA TRP K 423 -2.81 6.89 33.39
C TRP K 423 -3.12 8.37 33.52
N GLN K 424 -3.46 8.80 34.73
CA GLN K 424 -3.45 10.21 35.10
C GLN K 424 -4.50 10.98 34.31
N ARG K 425 -5.58 10.30 33.92
CA ARG K 425 -6.67 10.87 33.15
C ARG K 425 -7.88 11.06 34.05
N ILE K 426 -8.53 12.21 33.93
CA ILE K 426 -9.73 12.54 34.69
C ILE K 426 -10.93 12.35 33.76
N GLY K 427 -11.79 11.39 34.08
CA GLY K 427 -13.07 11.20 33.42
C GLY K 427 -13.30 9.84 32.78
N GLN K 428 -12.41 8.87 32.94
CA GLN K 428 -12.50 7.57 32.24
C GLN K 428 -12.23 6.43 33.23
N ALA K 429 -12.90 6.48 34.38
CA ALA K 429 -12.73 5.45 35.40
C ALA K 429 -13.31 4.11 34.93
N MET K 430 -12.81 3.04 35.56
CA MET K 430 -13.29 1.69 35.31
C MET K 430 -13.59 1.06 36.67
N TYR K 431 -14.56 0.13 36.68
CA TYR K 431 -14.86 -0.67 37.85
C TYR K 431 -14.19 -2.03 37.68
N ALA K 432 -13.36 -2.40 38.66
CA ALA K 432 -12.70 -3.70 38.64
C ALA K 432 -13.61 -4.73 39.30
N PRO K 433 -14.09 -5.75 38.58
CA PRO K 433 -14.91 -6.78 39.24
C PRO K 433 -14.13 -7.47 40.35
N PRO K 434 -14.78 -7.82 41.46
CA PRO K 434 -14.05 -8.52 42.52
C PRO K 434 -13.56 -9.89 42.09
N ILE K 435 -12.44 -10.29 42.67
CA ILE K 435 -11.80 -11.58 42.37
C ILE K 435 -12.14 -12.54 43.50
N GLN K 436 -12.68 -13.70 43.14
CA GLN K 436 -13.14 -14.67 44.13
C GLN K 436 -11.96 -15.44 44.72
N GLY K 437 -11.96 -15.58 46.04
CA GLY K 437 -10.96 -16.37 46.73
C GLY K 437 -9.88 -15.49 47.33
N VAL K 438 -8.97 -16.14 48.03
CA VAL K 438 -7.79 -15.47 48.58
C VAL K 438 -6.73 -15.39 47.50
N ILE K 439 -6.14 -14.20 47.36
CA ILE K 439 -5.11 -13.94 46.34
C ILE K 439 -3.77 -13.80 47.05
N ARG K 440 -2.81 -14.60 46.60
CA ARG K 440 -1.41 -14.50 46.99
C ARG K 440 -0.59 -14.18 45.75
N CYS K 441 0.48 -13.42 45.94
CA CYS K 441 1.08 -12.70 44.84
C CYS K 441 2.57 -12.50 45.13
N VAL K 442 3.41 -12.88 44.17
CA VAL K 442 4.86 -12.79 44.29
C VAL K 442 5.37 -11.97 43.11
N SER K 443 6.24 -11.00 43.40
CA SER K 443 6.82 -10.15 42.38
C SER K 443 8.26 -9.82 42.76
N ASN K 444 9.02 -9.38 41.76
CA ASN K 444 10.38 -8.89 41.94
C ASN K 444 10.37 -7.38 41.88
N ILE K 445 10.90 -6.72 42.90
CA ILE K 445 11.16 -5.29 42.83
C ILE K 445 12.50 -5.12 42.13
N THR K 446 12.45 -4.64 40.88
CA THR K 446 13.64 -4.48 40.05
C THR K 446 14.12 -3.03 39.96
N GLY K 447 13.45 -2.10 40.61
CA GLY K 447 13.88 -0.71 40.52
C GLY K 447 12.98 0.19 41.32
N LEU K 448 13.33 1.48 41.27
CA LEU K 448 12.62 2.53 42.02
C LEU K 448 12.39 3.72 41.11
N ILE K 449 11.43 4.55 41.51
CA ILE K 449 11.22 5.87 40.93
C ILE K 449 11.26 6.86 42.09
N LEU K 450 12.19 7.81 42.03
CA LEU K 450 12.47 8.69 43.15
C LEU K 450 12.43 10.15 42.69
N THR K 451 12.26 11.04 43.68
CA THR K 451 12.36 12.47 43.47
C THR K 451 13.16 13.04 44.63
N ARG K 452 14.12 13.90 44.30
CA ARG K 452 15.02 14.47 45.31
C ARG K 452 14.45 15.79 45.81
N ASP K 453 14.43 15.97 47.13
CA ASP K 453 13.87 17.17 47.71
C ASP K 453 14.73 18.38 47.41
N GLY K 454 14.08 19.51 47.12
CA GLY K 454 14.75 20.74 46.81
C GLY K 454 14.87 21.67 48.01
N GLY K 455 15.42 22.85 47.74
CA GLY K 455 15.50 23.90 48.74
C GLY K 455 16.28 23.53 49.98
N SER K 456 17.24 22.61 49.86
CA SER K 456 17.98 22.14 51.03
C SER K 456 18.75 23.29 51.67
N THR K 457 18.42 23.59 52.93
CA THR K 457 19.11 24.65 53.64
C THR K 457 20.56 24.26 53.92
N ASP K 458 20.78 23.03 54.38
CA ASP K 458 22.09 22.47 54.57
C ASP K 458 22.43 21.53 53.42
N SER K 459 23.69 21.55 53.00
CA SER K 459 24.16 20.87 51.81
C SER K 459 24.75 19.49 52.07
N THR K 460 24.80 19.05 53.32
CA THR K 460 25.40 17.76 53.64
C THR K 460 24.45 16.59 53.43
N THR K 461 23.15 16.84 53.29
CA THR K 461 22.16 15.78 53.17
C THR K 461 21.38 15.92 51.87
N GLU K 462 20.92 14.78 51.35
CA GLU K 462 20.06 14.74 50.18
C GLU K 462 18.93 13.77 50.46
N THR K 463 17.69 14.24 50.36
CA THR K 463 16.51 13.45 50.65
C THR K 463 15.85 13.00 49.36
N PHE K 464 15.49 11.72 49.29
CA PHE K 464 14.87 11.11 48.12
C PHE K 464 13.58 10.44 48.55
N ARG K 465 12.48 10.80 47.90
CA ARG K 465 11.15 10.31 48.19
C ARG K 465 10.59 9.54 47.00
N PRO K 466 9.88 8.44 47.22
CA PRO K 466 9.33 7.69 46.09
C PRO K 466 8.29 8.50 45.33
N SER K 467 8.16 8.21 44.04
CA SER K 467 7.29 8.96 43.16
C SER K 467 6.78 8.03 42.06
N GLY K 468 6.12 8.63 41.08
CA GLY K 468 5.55 7.90 39.96
C GLY K 468 4.25 8.54 39.54
N GLY K 469 3.49 7.78 38.75
CA GLY K 469 2.17 8.20 38.30
C GLY K 469 2.11 8.21 36.78
N ASP K 470 3.19 8.67 36.16
CA ASP K 470 3.36 8.58 34.72
C ASP K 470 4.09 7.29 34.38
N MET K 471 3.49 6.46 33.55
CA MET K 471 4.08 5.18 33.18
C MET K 471 5.05 5.30 32.02
N ARG K 472 5.21 6.50 31.46
CA ARG K 472 6.27 6.73 30.49
C ARG K 472 7.64 6.65 31.15
N ASP K 473 7.73 6.92 32.45
CA ASP K 473 8.94 6.70 33.23
C ASP K 473 9.05 5.28 33.79
N ASN K 474 8.02 4.46 33.61
CA ASN K 474 8.06 3.05 33.98
C ASN K 474 8.46 2.17 32.82
N TRP K 475 8.01 2.53 31.62
CA TRP K 475 8.33 1.85 30.38
C TRP K 475 9.59 2.38 29.72
N ARG K 476 10.12 3.50 30.20
CA ARG K 476 11.40 4.00 29.74
C ARG K 476 12.57 3.35 30.48
N SER K 477 12.31 2.64 31.58
CA SER K 477 13.32 1.88 32.28
C SER K 477 13.61 0.54 31.62
N GLU K 478 12.82 0.14 30.62
CA GLU K 478 13.06 -1.05 29.82
C GLU K 478 13.52 -0.74 28.41
N LEU K 479 13.06 0.37 27.84
CA LEU K 479 13.44 0.80 26.51
C LEU K 479 14.61 1.79 26.51
N TYR K 480 15.30 1.92 27.65
CA TYR K 480 16.39 2.89 27.75
C TYR K 480 17.54 2.59 26.80
N LYS K 481 17.70 1.33 26.40
CA LYS K 481 18.86 0.89 25.64
C LYS K 481 18.54 0.70 24.16
N TYR K 482 17.41 1.22 23.69
CA TYR K 482 16.91 1.00 22.34
C TYR K 482 16.69 2.34 21.66
N LYS K 483 17.12 2.42 20.40
CA LYS K 483 16.83 3.55 19.54
C LYS K 483 16.54 3.03 18.14
N VAL K 484 15.48 3.56 17.53
CA VAL K 484 15.14 3.23 16.15
C VAL K 484 15.91 4.15 15.22
N VAL K 485 16.45 3.58 14.13
CA VAL K 485 17.18 4.33 13.12
C VAL K 485 16.63 4.01 11.74
N LYS K 486 16.77 4.99 10.86
CA LYS K 486 16.47 4.89 9.44
C LYS K 486 17.72 4.52 8.66
N ILE K 487 17.62 3.49 7.83
CA ILE K 487 18.69 3.09 6.93
C ILE K 487 18.67 3.98 5.69
N GLU K 488 19.82 4.57 5.36
CA GLU K 488 20.01 5.34 4.13
C GLU K 488 20.87 4.53 3.17
N PRO K 489 20.29 3.68 2.31
CA PRO K 489 21.12 2.71 1.59
C PRO K 489 21.81 3.23 0.34
N LEU K 490 21.59 4.49 -0.04
CA LEU K 490 22.19 5.06 -1.24
C LEU K 490 23.42 5.88 -0.86
N GLY K 491 24.55 5.54 -1.44
CA GLY K 491 25.79 6.26 -1.20
C GLY K 491 26.52 6.57 -2.48
N VAL K 492 27.27 7.67 -2.45
CA VAL K 492 28.10 8.11 -3.56
C VAL K 492 29.50 8.36 -3.02
N ALA K 493 30.49 7.76 -3.66
CA ALA K 493 31.88 7.84 -3.23
C ALA K 493 32.78 7.92 -4.45
N PRO K 494 33.98 8.49 -4.32
CA PRO K 494 34.88 8.56 -5.47
C PRO K 494 35.56 7.23 -5.75
N THR K 495 35.60 6.87 -7.03
CA THR K 495 36.42 5.77 -7.52
C THR K 495 37.02 6.20 -8.84
N ARG K 496 37.97 5.41 -9.32
CA ARG K 496 38.64 5.69 -10.59
C ARG K 496 37.92 5.05 -11.76
N CYS K 497 36.72 4.50 -11.55
CA CYS K 497 36.06 3.72 -12.58
C CYS K 497 35.10 4.64 -13.33
N LYS K 498 35.02 4.42 -14.64
CA LYS K 498 34.28 5.29 -15.54
C LYS K 498 33.34 4.46 -16.39
N ARG K 499 32.12 4.96 -16.55
CA ARG K 499 31.14 4.29 -17.38
C ARG K 499 31.58 4.33 -18.84
N ARG K 500 31.54 3.19 -19.51
CA ARG K 500 31.92 3.15 -20.91
C ARG K 500 30.80 3.70 -21.77
N VAL L 7 17.88 -14.08 6.33
CA VAL L 7 17.86 -12.81 5.61
C VAL L 7 18.49 -11.72 6.48
N PHE L 8 18.01 -11.62 7.72
CA PHE L 8 18.51 -10.58 8.63
C PHE L 8 19.96 -10.80 9.03
N LEU L 9 20.49 -12.02 8.87
CA LEU L 9 21.84 -12.31 9.32
C LEU L 9 22.85 -11.43 8.59
N GLY L 10 23.75 -10.83 9.37
CA GLY L 10 24.75 -9.93 8.82
C GLY L 10 24.27 -8.52 8.58
N PHE L 11 23.03 -8.19 8.92
CA PHE L 11 22.51 -6.87 8.65
C PHE L 11 23.29 -5.81 9.42
N LEU L 12 23.75 -4.80 8.70
CA LEU L 12 24.52 -3.67 9.22
C LEU L 12 25.83 -4.09 9.89
N GLY L 13 26.28 -5.33 9.68
CA GLY L 13 27.47 -5.82 10.34
C GLY L 13 28.77 -5.22 9.87
N ALA L 14 28.75 -4.52 8.74
CA ALA L 14 29.91 -3.81 8.21
C ALA L 14 29.74 -2.30 8.35
N ALA L 15 29.01 -1.86 9.37
CA ALA L 15 28.82 -0.44 9.63
C ALA L 15 29.99 0.17 10.40
N GLY L 16 30.84 -0.66 11.00
CA GLY L 16 32.08 -0.22 11.61
C GLY L 16 33.30 -0.66 10.84
N SER L 17 33.09 -1.33 9.70
CA SER L 17 34.18 -1.74 8.83
C SER L 17 34.52 -0.62 7.86
N THR L 18 35.67 -0.74 7.21
CA THR L 18 36.07 0.23 6.21
C THR L 18 35.06 0.24 5.06
N MET L 19 35.09 1.34 4.30
CA MET L 19 34.13 1.50 3.22
C MET L 19 34.28 0.38 2.18
N GLY L 20 35.52 -0.01 1.89
CA GLY L 20 35.72 -1.10 0.94
C GLY L 20 35.24 -2.43 1.48
N ALA L 21 35.55 -2.74 2.74
CA ALA L 21 35.07 -3.96 3.35
C ALA L 21 33.54 -3.97 3.43
N ALA L 22 32.94 -2.80 3.63
CA ALA L 22 31.49 -2.68 3.67
C ALA L 22 30.84 -2.64 2.30
N SER L 23 31.61 -2.45 1.24
CA SER L 23 31.08 -2.49 -0.13
C SER L 23 30.99 -3.90 -0.68
N MET L 24 31.19 -4.93 0.16
CA MET L 24 31.11 -6.32 -0.24
C MET L 24 29.93 -7.03 0.42
N THR L 25 29.06 -6.28 1.12
CA THR L 25 27.91 -6.84 1.83
C THR L 25 26.62 -6.09 1.46
N LEU L 26 26.60 -5.46 0.28
CA LEU L 26 25.48 -4.58 -0.07
C LEU L 26 24.19 -5.34 -0.21
N THR L 27 24.25 -6.60 -0.63
CA THR L 27 23.03 -7.40 -0.78
C THR L 27 22.37 -7.67 0.56
N VAL L 28 23.15 -7.73 1.63
CA VAL L 28 22.59 -8.00 2.95
C VAL L 28 21.67 -6.87 3.38
N GLN L 29 22.07 -5.63 3.08
CA GLN L 29 21.27 -4.47 3.39
C GLN L 29 20.22 -4.15 2.34
N ALA L 30 20.39 -4.63 1.12
CA ALA L 30 19.37 -4.46 0.09
C ALA L 30 18.20 -5.42 0.29
N ARG L 31 18.46 -6.64 0.76
CA ARG L 31 17.40 -7.60 1.05
C ARG L 31 16.59 -7.23 2.28
N ASN L 32 17.10 -6.35 3.14
CA ASN L 32 16.44 -5.99 4.39
C ASN L 32 15.69 -4.67 4.28
N LEU L 33 15.49 -4.15 3.07
CA LEU L 33 14.76 -2.92 2.84
C LEU L 33 13.31 -3.14 2.46
N LEU L 34 12.91 -4.38 2.19
CA LEU L 34 11.57 -4.74 1.77
C LEU L 34 10.99 -5.72 2.78
N SER L 35 9.72 -5.53 3.12
CA SER L 35 9.05 -6.34 4.14
C SER L 35 9.09 -7.82 3.81
N THR L 58 -8.27 -3.19 12.00
CA THR L 58 -8.41 -2.26 13.10
C THR L 58 -7.55 -1.02 12.83
N VAL L 59 -7.53 -0.08 13.79
CA VAL L 59 -6.71 1.11 13.62
C VAL L 59 -5.23 0.73 13.59
N TRP L 60 -4.85 -0.30 14.36
CA TRP L 60 -3.47 -0.77 14.32
C TRP L 60 -3.12 -1.31 12.95
N GLY L 61 -4.08 -1.97 12.31
CA GLY L 61 -3.84 -2.50 10.98
C GLY L 61 -3.60 -1.43 9.95
N ILE L 62 -4.27 -0.28 10.06
CA ILE L 62 -4.02 0.79 9.11
C ILE L 62 -2.71 1.51 9.44
N LYS L 63 -2.33 1.59 10.72
CA LYS L 63 -1.04 2.19 11.02
C LYS L 63 0.09 1.33 10.46
N GLN L 64 0.00 0.01 10.60
CA GLN L 64 1.02 -0.86 10.06
C GLN L 64 0.98 -0.91 8.54
N LEU L 65 -0.21 -0.81 7.95
CA LEU L 65 -0.31 -0.71 6.50
C LEU L 65 0.32 0.57 5.99
N GLN L 66 0.18 1.67 6.74
CA GLN L 66 0.82 2.91 6.32
C GLN L 66 2.33 2.80 6.42
N ALA L 67 2.82 2.10 7.44
CA ALA L 67 4.26 1.88 7.53
C ALA L 67 4.78 1.05 6.36
N ARG L 68 4.05 -0.02 6.02
CA ARG L 68 4.45 -0.89 4.93
C ARG L 68 4.38 -0.17 3.58
N VAL L 69 3.35 0.63 3.38
CA VAL L 69 3.21 1.38 2.14
C VAL L 69 4.29 2.45 2.04
N LEU L 70 4.69 3.05 3.14
CA LEU L 70 5.77 4.02 3.08
C LEU L 70 7.10 3.35 2.81
N ALA L 71 7.31 2.13 3.32
CA ALA L 71 8.52 1.39 2.99
C ALA L 71 8.55 1.07 1.49
N VAL L 72 7.41 0.69 0.93
CA VAL L 72 7.33 0.40 -0.50
C VAL L 72 7.62 1.65 -1.32
N GLU L 73 7.03 2.78 -0.94
CA GLU L 73 7.23 4.02 -1.67
C GLU L 73 8.68 4.47 -1.59
N ARG L 74 9.30 4.25 -0.45
CA ARG L 74 10.69 4.64 -0.25
C ARG L 74 11.63 3.79 -1.10
N TYR L 75 11.37 2.48 -1.15
CA TYR L 75 12.16 1.61 -2.02
C TYR L 75 11.98 2.01 -3.49
N LEU L 76 10.74 2.32 -3.88
CA LEU L 76 10.50 2.73 -5.26
C LEU L 76 11.19 4.04 -5.59
N ARG L 77 11.22 4.99 -4.65
CA ARG L 77 11.92 6.25 -4.89
C ARG L 77 13.41 6.02 -5.07
N ASP L 78 14.00 5.16 -4.24
CA ASP L 78 15.42 4.86 -4.39
C ASP L 78 15.70 4.18 -5.73
N GLN L 79 14.87 3.21 -6.11
CA GLN L 79 15.07 2.55 -7.39
C GLN L 79 14.85 3.48 -8.57
N GLN L 80 13.92 4.43 -8.45
CA GLN L 80 13.74 5.43 -9.50
C GLN L 80 14.97 6.31 -9.62
N LEU L 81 15.57 6.70 -8.49
CA LEU L 81 16.81 7.47 -8.53
C LEU L 81 17.92 6.68 -9.22
N LEU L 82 18.03 5.40 -8.91
CA LEU L 82 19.01 4.56 -9.60
C LEU L 82 18.73 4.48 -11.09
N GLY L 83 17.45 4.35 -11.46
CA GLY L 83 17.11 4.19 -12.86
C GLY L 83 17.29 5.43 -13.70
N ILE L 84 17.13 6.62 -13.12
CA ILE L 84 17.38 7.85 -13.86
C ILE L 84 18.85 8.21 -13.91
N TRP L 85 19.73 7.35 -13.39
CA TRP L 85 21.17 7.51 -13.49
C TRP L 85 21.82 6.42 -14.35
N GLY L 86 21.02 5.58 -14.99
CA GLY L 86 21.56 4.45 -15.70
C GLY L 86 22.14 3.38 -14.80
N CYS L 87 21.53 3.19 -13.62
CA CYS L 87 22.06 2.33 -12.58
C CYS L 87 21.02 1.31 -12.13
N SER L 88 20.12 0.91 -13.03
CA SER L 88 19.08 -0.03 -12.66
C SER L 88 19.65 -1.43 -12.49
N GLY L 89 19.12 -2.15 -11.50
CA GLY L 89 19.58 -3.49 -11.23
C GLY L 89 21.05 -3.57 -10.88
N LYS L 90 21.58 -2.53 -10.26
CA LYS L 90 23.01 -2.41 -9.99
C LYS L 90 23.19 -1.93 -8.56
N LEU L 91 24.00 -2.65 -7.79
CA LEU L 91 24.35 -2.24 -6.44
C LEU L 91 25.59 -1.37 -6.41
N ILE L 92 26.50 -1.58 -7.37
CA ILE L 92 27.62 -0.70 -7.66
C ILE L 92 27.43 -0.23 -9.08
N CYS L 93 27.51 1.08 -9.30
CA CYS L 93 27.27 1.68 -10.60
C CYS L 93 28.25 2.82 -10.83
N CYS L 94 29.09 2.67 -11.86
CA CYS L 94 29.96 3.76 -12.28
C CYS L 94 29.26 4.69 -13.26
N THR L 95 29.74 5.93 -13.28
CA THR L 95 29.12 7.04 -13.97
C THR L 95 30.20 7.80 -14.74
N ASN L 96 29.78 8.83 -15.47
CA ASN L 96 30.69 9.70 -16.22
C ASN L 96 30.83 11.07 -15.55
N VAL L 97 30.58 11.13 -14.24
CA VAL L 97 30.59 12.38 -13.50
C VAL L 97 31.94 12.49 -12.78
N PRO L 98 32.79 13.46 -13.13
CA PRO L 98 34.06 13.60 -12.40
C PRO L 98 33.82 13.98 -10.94
N TRP L 99 34.69 13.47 -10.08
CA TRP L 99 34.68 13.91 -8.69
C TRP L 99 35.33 15.28 -8.57
N ASN L 100 34.68 16.15 -7.81
CA ASN L 100 35.18 17.48 -7.49
C ASN L 100 35.89 17.43 -6.16
N SER L 101 37.13 17.94 -6.12
CA SER L 101 37.87 18.00 -4.86
C SER L 101 37.21 18.92 -3.85
N SER L 102 36.34 19.84 -4.29
CA SER L 102 35.56 20.64 -3.36
C SER L 102 34.65 19.77 -2.52
N TRP L 103 34.05 18.74 -3.14
CA TRP L 103 33.23 17.80 -2.40
C TRP L 103 34.06 17.06 -1.35
N SER L 104 35.22 16.57 -1.76
CA SER L 104 36.12 15.88 -0.85
C SER L 104 37.48 15.75 -1.53
N ASN L 105 38.54 16.16 -0.84
CA ASN L 105 39.90 16.14 -1.37
C ASN L 105 40.72 15.01 -0.75
N ARG L 106 40.06 14.00 -0.20
CA ARG L 106 40.77 12.90 0.45
C ARG L 106 41.26 11.89 -0.57
N ASN L 107 42.30 11.16 -0.19
CA ASN L 107 42.93 10.20 -1.07
C ASN L 107 42.20 8.86 -0.96
N LEU L 108 42.40 8.00 -1.97
CA LEU L 108 41.57 6.80 -2.07
C LEU L 108 41.75 5.87 -0.88
N SER L 109 42.98 5.74 -0.37
CA SER L 109 43.21 4.89 0.78
C SER L 109 42.49 5.42 2.02
N GLU L 110 42.49 6.75 2.20
CA GLU L 110 41.78 7.35 3.33
C GLU L 110 40.31 6.98 3.30
N ILE L 111 39.70 7.04 2.13
CA ILE L 111 38.26 6.84 2.02
C ILE L 111 37.91 5.36 2.14
N TRP L 112 38.60 4.51 1.40
CA TRP L 112 38.17 3.13 1.23
C TRP L 112 38.79 2.16 2.22
N ASP L 113 39.97 2.49 2.76
CA ASP L 113 40.65 1.64 3.72
C ASP L 113 40.79 2.28 5.10
N ASN L 114 40.31 3.53 5.28
CA ASN L 114 40.45 4.21 6.56
C ASN L 114 39.21 5.01 6.95
N MET L 115 38.04 4.71 6.37
CA MET L 115 36.82 5.39 6.75
C MET L 115 35.65 4.44 6.56
N THR L 116 34.59 4.70 7.33
CA THR L 116 33.33 3.98 7.25
C THR L 116 32.32 4.80 6.48
N TRP L 117 31.27 4.14 5.99
CA TRP L 117 30.26 4.84 5.21
C TRP L 117 29.49 5.86 6.04
N LEU L 118 29.37 5.66 7.35
CA LEU L 118 28.68 6.62 8.20
C LEU L 118 29.45 7.93 8.26
N GLN L 119 30.76 7.86 8.52
CA GLN L 119 31.60 9.05 8.52
C GLN L 119 31.59 9.72 7.17
N TRP L 120 31.66 8.92 6.10
CA TRP L 120 31.59 9.47 4.75
C TRP L 120 30.29 10.26 4.54
N ASP L 121 29.16 9.66 4.92
CA ASP L 121 27.87 10.33 4.76
C ASP L 121 27.82 11.61 5.58
N LYS L 122 28.44 11.60 6.76
CA LYS L 122 28.54 12.83 7.54
C LYS L 122 29.34 13.90 6.80
N GLU L 123 30.42 13.48 6.12
CA GLU L 123 31.26 14.44 5.43
C GLU L 123 30.59 15.03 4.19
N ILE L 124 29.91 14.20 3.40
CA ILE L 124 29.39 14.63 2.11
C ILE L 124 27.92 15.05 2.14
N SER L 125 27.30 15.07 3.32
CA SER L 125 25.85 15.31 3.44
C SER L 125 25.42 16.63 2.79
N ASN L 126 26.27 17.65 2.84
CA ASN L 126 25.95 18.95 2.25
C ASN L 126 26.35 19.06 0.79
N TYR L 127 26.88 17.99 0.19
CA TYR L 127 27.21 17.95 -1.23
C TYR L 127 26.41 16.91 -1.99
N THR L 128 25.54 16.15 -1.31
CA THR L 128 24.85 15.03 -1.94
C THR L 128 23.96 15.50 -3.10
N GLN L 129 23.23 16.60 -2.90
CA GLN L 129 22.28 17.02 -3.93
C GLN L 129 22.96 17.52 -5.18
N ILE L 130 24.15 18.13 -5.04
CA ILE L 130 24.91 18.56 -6.21
C ILE L 130 25.29 17.36 -7.06
N ILE L 131 25.77 16.29 -6.40
CA ILE L 131 26.13 15.06 -7.11
C ILE L 131 24.89 14.44 -7.72
N TYR L 132 23.77 14.46 -6.99
CA TYR L 132 22.55 13.86 -7.46
C TYR L 132 21.94 14.63 -8.62
N GLY L 133 22.25 15.90 -8.76
CA GLY L 133 21.76 16.68 -9.87
C GLY L 133 22.70 16.63 -11.05
N LEU L 134 23.97 16.31 -10.78
CA LEU L 134 24.92 16.04 -11.85
C LEU L 134 24.75 14.64 -12.42
N LEU L 135 24.14 13.74 -11.67
CA LEU L 135 23.75 12.42 -12.15
C LEU L 135 22.35 12.38 -12.72
N GLU L 136 21.42 13.10 -12.10
CA GLU L 136 20.02 13.09 -12.48
C GLU L 136 19.83 13.44 -13.95
N GLU L 137 20.28 14.64 -14.35
CA GLU L 137 19.85 15.23 -15.61
C GLU L 137 20.98 15.41 -16.61
N SER L 138 22.15 15.85 -16.19
CA SER L 138 23.24 16.05 -17.12
C SER L 138 23.69 14.74 -17.73
N GLN L 139 24.28 13.88 -16.90
CA GLN L 139 24.98 12.71 -17.41
C GLN L 139 24.04 11.75 -18.11
N ASN L 140 22.92 11.39 -17.46
CA ASN L 140 22.09 10.34 -18.01
C ASN L 140 21.33 10.78 -19.26
N GLN L 141 20.69 11.96 -19.26
CA GLN L 141 20.00 12.33 -20.49
C GLN L 141 20.96 12.65 -21.61
N GLN L 142 22.12 13.24 -21.31
CA GLN L 142 23.12 13.39 -22.36
C GLN L 142 23.52 12.04 -22.94
N GLU L 143 23.93 11.09 -22.08
CA GLU L 143 24.36 9.78 -22.56
C GLU L 143 23.26 9.08 -23.34
N LYS L 144 22.03 9.19 -22.86
CA LYS L 144 20.91 8.48 -23.45
C LYS L 144 20.57 9.03 -24.83
N ASN L 145 20.60 10.36 -24.98
CA ASN L 145 20.43 10.95 -26.29
C ASN L 145 21.55 10.54 -27.23
N GLU L 146 22.79 10.45 -26.72
CA GLU L 146 23.88 10.03 -27.60
C GLU L 146 23.74 8.58 -28.02
N GLN L 147 23.25 7.70 -27.14
CA GLN L 147 23.01 6.33 -27.58
C GLN L 147 21.91 6.27 -28.63
N ASP L 148 20.88 7.10 -28.50
CA ASP L 148 19.83 7.11 -29.52
C ASP L 148 20.43 7.56 -30.86
N LEU L 149 21.23 8.62 -30.85
CA LEU L 149 21.81 9.13 -32.10
C LEU L 149 22.89 8.25 -32.68
N LEU L 150 23.55 7.44 -31.85
CA LEU L 150 24.45 6.43 -32.37
C LEU L 150 23.70 5.23 -32.92
N ALA L 151 22.58 4.88 -32.32
CA ALA L 151 21.73 3.83 -32.86
C ALA L 151 21.16 4.24 -34.22
N LEU L 152 21.06 5.54 -34.48
CA LEU L 152 20.69 6.00 -35.82
C LEU L 152 21.72 5.68 -36.88
N ASP L 153 23.00 5.63 -36.53
CA ASP L 153 24.05 5.44 -37.52
C ASP L 153 24.03 4.00 -38.01
N VAL M 2 -42.49 3.90 -9.42
CA VAL M 2 -42.46 5.23 -9.99
C VAL M 2 -43.89 5.62 -10.35
N GLN M 3 -44.48 6.48 -9.52
CA GLN M 3 -45.87 6.88 -9.70
C GLN M 3 -46.13 8.13 -8.87
N LEU M 4 -46.93 9.04 -9.44
CA LEU M 4 -47.37 10.26 -8.76
C LEU M 4 -48.89 10.26 -8.71
N VAL M 5 -49.45 10.05 -7.52
CA VAL M 5 -50.89 10.11 -7.30
C VAL M 5 -51.23 11.50 -6.75
N GLN M 6 -52.13 12.19 -7.45
CA GLN M 6 -52.58 13.52 -7.07
C GLN M 6 -53.85 13.40 -6.23
N SER M 7 -54.48 14.55 -5.95
CA SER M 7 -55.74 14.58 -5.21
C SER M 7 -56.91 14.48 -6.19
N GLY M 8 -58.10 14.32 -5.62
CA GLY M 8 -59.29 14.20 -6.44
C GLY M 8 -59.75 15.53 -7.01
N ALA M 9 -60.61 15.44 -8.02
CA ALA M 9 -61.18 16.64 -8.62
C ALA M 9 -62.08 17.36 -7.62
N GLU M 10 -62.13 18.68 -7.73
CA GLU M 10 -62.82 19.52 -6.77
C GLU M 10 -63.46 20.70 -7.47
N VAL M 11 -64.48 21.27 -6.83
CA VAL M 11 -65.24 22.41 -7.35
C VAL M 11 -65.21 23.52 -6.31
N LYS M 12 -64.98 24.75 -6.77
CA LYS M 12 -64.78 25.91 -5.90
C LYS M 12 -65.50 27.12 -6.47
N GLN M 13 -65.68 28.14 -5.61
CA GLN M 13 -66.28 29.42 -5.95
C GLN M 13 -65.19 30.44 -6.31
N PRO M 14 -65.49 31.47 -7.09
CA PRO M 14 -64.51 32.55 -7.29
C PRO M 14 -64.15 33.22 -5.96
N GLY M 15 -62.87 33.55 -5.82
CA GLY M 15 -62.36 34.21 -4.64
C GLY M 15 -61.81 33.27 -3.59
N ALA M 16 -62.09 31.97 -3.69
CA ALA M 16 -61.62 31.00 -2.73
C ALA M 16 -60.17 30.60 -3.07
N SER M 17 -59.66 29.59 -2.39
CA SER M 17 -58.33 29.05 -2.62
C SER M 17 -58.39 27.54 -2.72
N VAL M 18 -57.70 27.00 -3.71
CA VAL M 18 -57.60 25.57 -3.95
C VAL M 18 -56.18 25.13 -3.61
N LYS M 19 -56.04 23.89 -3.14
CA LYS M 19 -54.72 23.33 -2.78
C LYS M 19 -54.66 21.90 -3.32
N VAL M 20 -54.10 21.76 -4.53
CA VAL M 20 -53.82 20.43 -5.07
C VAL M 20 -52.57 19.87 -4.42
N SER M 21 -52.49 18.54 -4.39
CA SER M 21 -51.36 17.82 -3.79
C SER M 21 -50.85 16.77 -4.76
N CYS M 22 -49.65 16.27 -4.48
CA CYS M 22 -49.02 15.28 -5.36
C CYS M 22 -48.11 14.39 -4.48
N LYS M 23 -48.65 13.26 -4.05
CA LYS M 23 -47.85 12.22 -3.41
C LYS M 23 -47.00 11.51 -4.44
N ALA M 24 -45.77 11.16 -4.05
CA ALA M 24 -44.80 10.53 -4.93
C ALA M 24 -44.34 9.22 -4.33
N SER M 25 -44.20 8.20 -5.19
CA SER M 25 -43.80 6.87 -4.77
C SER M 25 -42.85 6.29 -5.82
N GLY M 26 -41.90 5.48 -5.34
CA GLY M 26 -41.02 4.73 -6.21
C GLY M 26 -39.62 5.29 -6.33
N TYR M 27 -39.51 6.62 -6.41
CA TYR M 27 -38.25 7.30 -6.60
C TYR M 27 -37.95 8.19 -5.40
N THR M 28 -36.67 8.55 -5.25
CA THR M 28 -36.27 9.45 -4.18
C THR M 28 -36.85 10.83 -4.44
N PHE M 29 -37.75 11.26 -3.57
CA PHE M 29 -38.48 12.50 -3.79
C PHE M 29 -37.57 13.72 -3.75
N SER M 30 -36.48 13.66 -2.97
CA SER M 30 -35.61 14.81 -2.81
C SER M 30 -34.68 15.03 -4.01
N ASP M 31 -34.43 14.00 -4.82
CA ASP M 31 -33.43 14.12 -5.87
C ASP M 31 -33.91 14.94 -7.06
N HIS M 32 -35.21 14.92 -7.35
CA HIS M 32 -35.78 15.59 -8.50
C HIS M 32 -36.60 16.79 -8.08
N PHE M 33 -36.69 17.77 -8.98
CA PHE M 33 -37.61 18.88 -8.80
C PHE M 33 -39.03 18.42 -9.11
N MET M 34 -40.00 19.24 -8.68
CA MET M 34 -41.41 18.98 -8.92
C MET M 34 -42.02 20.20 -9.59
N HIS M 35 -42.55 20.03 -10.79
CA HIS M 35 -43.14 21.10 -11.56
C HIS M 35 -44.66 20.92 -11.58
N TRP M 36 -45.35 22.06 -11.67
CA TRP M 36 -46.81 22.09 -11.74
C TRP M 36 -47.23 22.73 -13.05
N VAL M 37 -48.06 22.03 -13.81
CA VAL M 37 -48.41 22.40 -15.18
C VAL M 37 -49.92 22.47 -15.29
N ARG M 38 -50.40 23.43 -16.09
CA ARG M 38 -51.80 23.77 -16.24
C ARG M 38 -52.25 23.45 -17.66
N GLN M 39 -53.31 22.65 -17.79
CA GLN M 39 -53.96 22.37 -19.07
C GLN M 39 -55.38 22.90 -18.97
N ALA M 40 -55.62 24.06 -19.55
CA ALA M 40 -56.97 24.60 -19.63
C ALA M 40 -57.75 23.83 -20.69
N PRO M 41 -59.08 23.79 -20.59
CA PRO M 41 -59.86 22.98 -21.56
C PRO M 41 -59.73 23.53 -22.97
N GLY M 42 -59.40 22.64 -23.90
CA GLY M 42 -59.24 23.04 -25.30
C GLY M 42 -58.13 24.04 -25.53
N GLN M 43 -57.11 24.03 -24.68
CA GLN M 43 -55.96 24.92 -24.79
C GLN M 43 -54.68 24.11 -24.63
N GLY M 44 -53.56 24.74 -24.95
CA GLY M 44 -52.27 24.09 -24.83
C GLY M 44 -51.81 23.99 -23.38
N LEU M 45 -50.74 23.23 -23.19
CA LEU M 45 -50.11 23.10 -21.88
C LEU M 45 -49.56 24.45 -21.43
N GLU M 46 -49.54 24.65 -20.12
CA GLU M 46 -49.16 25.94 -19.54
C GLU M 46 -48.43 25.70 -18.23
N TRP M 47 -47.12 25.93 -18.23
CA TRP M 47 -46.29 25.77 -17.05
C TRP M 47 -46.57 26.87 -16.04
N MET M 48 -46.60 26.49 -14.75
CA MET M 48 -46.89 27.41 -13.65
C MET M 48 -45.68 27.66 -12.77
N GLY M 49 -44.99 26.61 -12.34
CA GLY M 49 -43.85 26.79 -11.45
C GLY M 49 -43.18 25.47 -11.15
N TRP M 50 -42.05 25.55 -10.45
CA TRP M 50 -41.40 24.38 -9.88
C TRP M 50 -41.02 24.69 -8.44
N ILE M 51 -40.70 23.62 -7.71
CA ILE M 51 -40.26 23.69 -6.32
C ILE M 51 -39.12 22.70 -6.12
N ASN M 52 -38.07 23.14 -5.44
CA ASN M 52 -36.99 22.24 -5.05
C ASN M 52 -37.42 21.50 -3.78
N PRO M 53 -37.55 20.17 -3.81
CA PRO M 53 -37.90 19.46 -2.57
C PRO M 53 -36.87 19.60 -1.47
N LYS M 54 -35.59 19.67 -1.81
CA LYS M 54 -34.56 19.66 -0.79
C LYS M 54 -34.49 20.98 -0.03
N SER M 55 -34.89 22.08 -0.67
CA SER M 55 -34.84 23.41 -0.09
C SER M 55 -36.21 24.02 0.15
N GLY M 56 -37.17 23.75 -0.71
CA GLY M 56 -38.47 24.38 -0.65
C GLY M 56 -38.56 25.68 -1.44
N GLY M 57 -37.50 26.07 -2.14
CA GLY M 57 -37.50 27.32 -2.86
C GLY M 57 -38.27 27.20 -4.17
N PRO M 58 -39.42 27.90 -4.29
CA PRO M 58 -40.20 27.79 -5.54
C PRO M 58 -39.97 28.91 -6.53
N ASN M 59 -40.08 28.57 -7.81
CA ASN M 59 -40.12 29.54 -8.90
C ASN M 59 -41.52 29.54 -9.49
N TYR M 60 -42.08 30.73 -9.68
CA TYR M 60 -43.41 30.90 -10.26
C TYR M 60 -43.31 31.62 -11.59
N ALA M 61 -44.35 31.44 -12.40
CA ALA M 61 -44.53 32.24 -13.58
C ALA M 61 -45.14 33.58 -13.22
N GLN M 62 -44.87 34.59 -14.06
CA GLN M 62 -45.25 35.96 -13.72
C GLN M 62 -46.76 36.09 -13.57
N LYS M 63 -47.53 35.38 -14.40
CA LYS M 63 -48.98 35.45 -14.29
C LYS M 63 -49.47 34.88 -12.95
N PHE M 64 -48.78 33.86 -12.42
CA PHE M 64 -49.17 33.25 -11.15
C PHE M 64 -48.46 33.83 -9.94
N GLN M 65 -47.52 34.77 -10.13
CA GLN M 65 -46.86 35.42 -9.00
C GLN M 65 -47.90 36.09 -8.11
N GLY M 66 -47.80 35.81 -6.81
CA GLY M 66 -48.70 36.36 -5.83
C GLY M 66 -49.89 35.49 -5.49
N ARG M 67 -50.37 34.70 -6.44
CA ARG M 67 -51.58 33.91 -6.26
C ARG M 67 -51.32 32.44 -5.98
N VAL M 68 -50.14 31.91 -6.32
CA VAL M 68 -49.82 30.50 -6.18
C VAL M 68 -48.72 30.36 -5.13
N THR M 69 -48.87 29.36 -4.26
CA THR M 69 -47.86 29.01 -3.27
C THR M 69 -47.69 27.50 -3.27
N MET M 70 -46.49 27.04 -3.62
CA MET M 70 -46.15 25.62 -3.63
C MET M 70 -45.25 25.28 -2.46
N THR M 71 -45.54 24.15 -1.82
CA THR M 71 -44.85 23.69 -0.63
C THR M 71 -44.59 22.20 -0.78
N ARG M 72 -43.91 21.62 0.21
CA ARG M 72 -43.64 20.19 0.20
C ARG M 72 -43.44 19.70 1.63
N ASP M 73 -43.79 18.44 1.86
CA ASP M 73 -43.48 17.74 3.11
C ASP M 73 -42.60 16.56 2.74
N ARG M 74 -41.33 16.62 3.14
CA ARG M 74 -40.37 15.61 2.73
C ARG M 74 -40.63 14.28 3.40
N SER M 75 -41.21 14.29 4.60
CA SER M 75 -41.41 13.05 5.35
C SER M 75 -42.32 12.09 4.62
N ILE M 76 -43.42 12.59 4.05
CA ILE M 76 -44.39 11.77 3.33
C ILE M 76 -44.21 11.88 1.81
N SER M 77 -43.11 12.51 1.35
CA SER M 77 -42.77 12.56 -0.07
C SER M 77 -43.90 13.13 -0.91
N THR M 78 -44.51 14.21 -0.41
CA THR M 78 -45.67 14.85 -1.03
C THR M 78 -45.38 16.31 -1.30
N ALA M 79 -45.87 16.80 -2.44
CA ALA M 79 -45.77 18.19 -2.83
C ALA M 79 -47.16 18.79 -2.94
N TYR M 80 -47.24 20.11 -2.77
CA TYR M 80 -48.51 20.82 -2.79
C TYR M 80 -48.37 22.09 -3.63
N MET M 81 -49.50 22.53 -4.17
CA MET M 81 -49.59 23.78 -4.91
C MET M 81 -50.92 24.42 -4.54
N GLU M 82 -50.88 25.65 -4.03
CA GLU M 82 -52.07 26.33 -3.53
C GLU M 82 -52.31 27.58 -4.36
N LEU M 83 -53.32 27.54 -5.23
CA LEU M 83 -53.71 28.68 -6.05
C LEU M 83 -54.81 29.45 -5.31
N ARG M 84 -54.42 30.59 -4.73
CA ARG M 84 -55.35 31.46 -4.04
C ARG M 84 -55.99 32.44 -5.03
N GLY M 85 -57.00 33.17 -4.55
CA GLY M 85 -57.65 34.19 -5.35
C GLY M 85 -58.22 33.68 -6.66
N LEU M 86 -58.94 32.57 -6.60
CA LEU M 86 -59.35 31.88 -7.82
C LEU M 86 -60.28 32.75 -8.67
N ARG M 87 -60.28 32.46 -9.97
CA ARG M 87 -61.04 33.22 -10.96
C ARG M 87 -61.66 32.22 -11.93
N SER M 88 -62.32 32.73 -12.97
CA SER M 88 -63.04 31.87 -13.89
C SER M 88 -62.08 31.09 -14.80
N ASP M 89 -61.06 31.75 -15.33
CA ASP M 89 -60.16 31.09 -16.28
C ASP M 89 -59.26 30.06 -15.62
N ASP M 90 -59.21 30.00 -14.29
CA ASP M 90 -58.39 29.01 -13.60
C ASP M 90 -58.95 27.59 -13.68
N THR M 91 -60.08 27.40 -14.35
CA THR M 91 -60.59 26.05 -14.56
C THR M 91 -59.66 25.31 -15.51
N ALA M 92 -59.08 24.22 -15.04
CA ALA M 92 -58.05 23.51 -15.78
C ALA M 92 -57.65 22.27 -15.00
N ILE M 93 -57.01 21.34 -15.70
CA ILE M 93 -56.37 20.20 -15.06
C ILE M 93 -54.98 20.63 -14.60
N TYR M 94 -54.60 20.21 -13.40
CA TYR M 94 -53.33 20.59 -12.78
C TYR M 94 -52.51 19.32 -12.56
N TYR M 95 -51.45 19.15 -13.33
CA TYR M 95 -50.57 17.99 -13.22
C TYR M 95 -49.33 18.33 -12.41
N CYS M 96 -48.78 17.30 -11.78
CA CYS M 96 -47.49 17.37 -11.10
C CYS M 96 -46.50 16.52 -11.90
N ALA M 97 -45.37 17.12 -12.28
CA ALA M 97 -44.41 16.52 -13.19
C ALA M 97 -43.03 16.49 -12.57
N ARG M 98 -42.34 15.36 -12.75
CA ARG M 98 -40.97 15.17 -12.28
C ARG M 98 -40.04 15.11 -13.50
N PRO M 99 -39.18 16.10 -13.75
CA PRO M 99 -38.21 15.96 -14.84
C PRO M 99 -37.23 14.82 -14.58
N MET M 100 -36.82 14.16 -15.65
CA MET M 100 -35.90 13.04 -15.53
C MET M 100 -34.45 13.52 -15.45
N HIS M 101 -33.58 12.62 -15.00
CA HIS M 101 -32.16 12.91 -14.81
C HIS M 101 -31.43 12.59 -16.11
N ASP M 102 -31.33 13.59 -16.97
CA ASP M 102 -30.64 13.43 -18.25
C ASP M 102 -29.13 13.62 -18.03
N TYR M 103 -28.35 13.60 -19.11
CA TYR M 103 -26.90 13.71 -19.02
C TYR M 103 -26.42 15.15 -18.95
N ASP M 104 -27.18 16.09 -19.52
CA ASP M 104 -26.79 17.50 -19.56
C ASP M 104 -27.38 18.30 -18.41
N ASP M 105 -28.05 17.66 -17.46
CA ASP M 105 -28.72 18.33 -16.36
C ASP M 105 -29.67 19.41 -16.87
N HIS M 106 -30.40 19.07 -17.93
CA HIS M 106 -31.46 19.93 -18.47
C HIS M 106 -32.77 19.38 -17.92
N ASP M 107 -33.04 19.70 -16.66
CA ASP M 107 -34.12 19.08 -15.91
C ASP M 107 -35.47 19.69 -16.29
N TRP M 108 -35.86 19.44 -17.54
CA TRP M 108 -37.12 19.92 -18.09
C TRP M 108 -37.81 18.87 -18.96
N TYR M 109 -37.38 17.61 -18.89
CA TYR M 109 -37.93 16.53 -19.69
C TYR M 109 -38.85 15.74 -18.76
N PHE M 110 -40.15 16.01 -18.85
CA PHE M 110 -41.13 15.42 -17.94
C PHE M 110 -41.52 14.04 -18.44
N ASP M 111 -40.69 13.04 -18.09
CA ASP M 111 -41.04 11.66 -18.37
C ASP M 111 -42.17 11.19 -17.45
N LEU M 112 -42.20 11.68 -16.21
CA LEU M 112 -43.16 11.28 -15.19
C LEU M 112 -44.13 12.44 -14.95
N TRP M 113 -45.35 12.30 -15.45
CA TRP M 113 -46.43 13.23 -15.15
C TRP M 113 -47.34 12.62 -14.08
N GLY M 114 -48.29 13.43 -13.62
CA GLY M 114 -49.35 12.98 -12.73
C GLY M 114 -50.63 12.83 -13.52
N ARG M 115 -51.59 12.06 -12.99
CA ARG M 115 -52.78 11.77 -13.78
C ARG M 115 -53.64 13.01 -13.99
N GLY M 116 -53.60 13.96 -13.06
CA GLY M 116 -54.35 15.20 -13.17
C GLY M 116 -55.33 15.40 -12.04
N THR M 117 -55.75 16.65 -11.84
CA THR M 117 -56.72 16.98 -10.79
C THR M 117 -57.51 18.19 -11.29
N LEU M 118 -58.73 17.95 -11.75
CA LEU M 118 -59.55 19.00 -12.33
C LEU M 118 -60.09 19.89 -11.23
N VAL M 119 -59.92 21.21 -11.40
CA VAL M 119 -60.43 22.22 -10.49
C VAL M 119 -61.44 23.04 -11.28
N THR M 120 -62.73 22.86 -10.98
CA THR M 120 -63.81 23.52 -11.71
C THR M 120 -64.31 24.70 -10.89
N VAL M 121 -64.08 25.91 -11.38
CA VAL M 121 -64.52 27.14 -10.72
C VAL M 121 -65.86 27.55 -11.31
N SER M 122 -66.87 27.65 -10.45
CA SER M 122 -68.22 27.98 -10.89
C SER M 122 -68.92 28.77 -9.79
N SER M 123 -70.02 29.42 -10.17
CA SER M 123 -70.84 30.18 -9.24
C SER M 123 -72.27 29.66 -9.23
N VAL N 1 -39.35 34.42 -21.97
CA VAL N 1 -39.28 32.96 -22.26
C VAL N 1 -39.03 32.80 -23.76
N SER N 2 -39.08 31.57 -24.25
CA SER N 2 -38.86 31.25 -25.65
C SER N 2 -40.21 30.94 -26.30
N VAL N 3 -40.55 31.68 -27.35
CA VAL N 3 -41.78 31.40 -28.09
C VAL N 3 -41.56 30.17 -28.96
N LEU N 4 -42.53 29.26 -28.94
CA LEU N 4 -42.52 28.07 -29.78
C LEU N 4 -43.77 28.11 -30.65
N THR N 5 -43.57 27.99 -31.97
CA THR N 5 -44.67 27.87 -32.92
C THR N 5 -44.58 26.49 -33.54
N GLN N 6 -45.65 25.72 -33.38
CA GLN N 6 -45.71 24.33 -33.84
C GLN N 6 -46.76 24.26 -34.94
N SER N 7 -46.32 24.42 -36.19
CA SER N 7 -47.19 24.38 -37.35
C SER N 7 -47.19 22.98 -37.94
N PRO N 8 -48.30 22.49 -38.50
CA PRO N 8 -49.59 23.14 -38.79
C PRO N 8 -50.60 22.97 -37.65
N GLY N 9 -51.63 23.82 -37.59
CA GLY N 9 -52.61 23.69 -36.52
C GLY N 9 -53.34 22.37 -36.54
N THR N 10 -53.71 21.89 -37.73
CA THR N 10 -54.38 20.61 -37.88
C THR N 10 -53.87 19.94 -39.14
N LEU N 11 -53.45 18.68 -39.01
CA LEU N 11 -52.83 17.91 -40.09
C LEU N 11 -53.60 16.63 -40.30
N SER N 12 -54.23 16.49 -41.46
CA SER N 12 -55.13 15.39 -41.76
C SER N 12 -54.44 14.42 -42.71
N LEU N 13 -54.17 13.21 -42.22
CA LEU N 13 -53.55 12.15 -43.01
C LEU N 13 -54.36 10.88 -42.78
N SER N 14 -53.80 9.74 -43.21
CA SER N 14 -54.36 8.42 -42.99
C SER N 14 -53.27 7.51 -42.45
N PRO N 15 -53.65 6.34 -41.89
CA PRO N 15 -52.65 5.44 -41.30
C PRO N 15 -51.49 5.06 -42.21
N GLY N 16 -50.39 4.61 -41.60
CA GLY N 16 -49.30 3.98 -42.32
C GLY N 16 -48.34 4.87 -43.07
N GLU N 17 -48.69 6.13 -43.29
CA GLU N 17 -47.81 7.06 -44.00
C GLU N 17 -47.00 7.89 -43.01
N ARG N 18 -46.00 8.60 -43.54
CA ARG N 18 -45.07 9.35 -42.67
C ARG N 18 -45.52 10.80 -42.51
N ALA N 19 -45.70 11.25 -41.26
CA ALA N 19 -46.05 12.63 -40.97
C ALA N 19 -44.83 13.32 -40.37
N THR N 20 -44.68 14.61 -40.70
CA THR N 20 -43.50 15.40 -40.35
C THR N 20 -44.01 16.64 -39.63
N LEU N 21 -44.14 16.53 -38.30
CA LEU N 21 -44.58 17.65 -37.47
C LEU N 21 -43.38 18.51 -37.11
N SER N 22 -43.57 19.83 -37.17
CA SER N 22 -42.49 20.79 -37.05
C SER N 22 -42.77 21.82 -35.95
N CYS N 23 -41.71 22.19 -35.23
CA CYS N 23 -41.74 23.26 -34.24
C CYS N 23 -40.60 24.22 -34.52
N ARG N 24 -40.92 25.53 -34.40
CA ARG N 24 -39.93 26.59 -34.68
C ARG N 24 -39.81 27.54 -33.48
N ALA N 25 -38.65 27.57 -32.82
CA ALA N 25 -38.38 28.45 -31.70
C ALA N 25 -37.91 29.82 -32.19
N SER N 26 -38.34 30.88 -31.51
CA SER N 26 -38.12 32.25 -31.96
C SER N 26 -37.17 33.02 -31.05
N GLN N 27 -37.51 33.15 -29.77
CA GLN N 27 -36.73 33.96 -28.82
C GLN N 27 -35.74 33.10 -28.06
N THR N 28 -34.76 32.57 -28.80
CA THR N 28 -33.75 31.67 -28.24
C THR N 28 -32.36 32.09 -28.70
N VAL N 29 -31.36 31.24 -28.41
CA VAL N 29 -29.97 31.50 -28.87
C VAL N 29 -29.60 30.37 -29.85
N GLY N 30 -30.27 29.23 -29.75
CA GLY N 30 -30.03 28.13 -30.66
C GLY N 30 -29.23 27.01 -30.03
N SER N 31 -29.91 25.90 -29.71
CA SER N 31 -29.25 24.75 -29.10
C SER N 31 -30.10 23.51 -29.42
N SER N 32 -29.74 22.39 -28.78
CA SER N 32 -30.41 21.11 -28.97
C SER N 32 -31.36 20.77 -27.83
N TYR N 33 -32.00 21.78 -27.24
CA TYR N 33 -32.86 21.62 -26.08
C TYR N 33 -34.31 21.65 -26.56
N LEU N 34 -34.88 20.48 -26.79
CA LEU N 34 -36.29 20.40 -27.13
C LEU N 34 -36.80 19.03 -26.69
N ALA N 35 -38.10 18.96 -26.41
CA ALA N 35 -38.76 17.71 -26.12
C ALA N 35 -40.10 17.66 -26.84
N TRP N 36 -40.52 16.45 -27.22
CA TRP N 36 -41.80 16.22 -27.88
C TRP N 36 -42.67 15.39 -26.96
N TYR N 37 -43.88 15.88 -26.69
CA TYR N 37 -44.82 15.24 -25.78
C TYR N 37 -46.06 14.83 -26.55
N GLN N 38 -46.58 13.64 -26.25
CA GLN N 38 -47.82 13.14 -26.84
C GLN N 38 -48.88 13.14 -25.74
N GLN N 39 -50.02 13.75 -26.04
CA GLN N 39 -51.17 13.81 -25.12
C GLN N 39 -52.40 13.30 -25.85
N LYS N 40 -52.77 12.05 -25.57
CA LYS N 40 -54.03 11.53 -26.06
C LYS N 40 -55.19 12.17 -25.27
N PRO N 41 -56.39 12.23 -25.86
CA PRO N 41 -57.50 12.88 -25.15
C PRO N 41 -57.85 12.14 -23.88
N GLY N 42 -58.06 12.90 -22.80
CA GLY N 42 -58.39 12.34 -21.50
C GLY N 42 -57.21 11.82 -20.72
N GLN N 43 -55.99 11.94 -21.25
CA GLN N 43 -54.79 11.45 -20.60
C GLN N 43 -53.79 12.60 -20.46
N ALA N 44 -52.91 12.46 -19.48
CA ALA N 44 -51.83 13.41 -19.29
C ALA N 44 -50.79 13.24 -20.40
N PRO N 45 -49.97 14.27 -20.67
CA PRO N 45 -48.94 14.12 -21.70
C PRO N 45 -47.95 13.01 -21.37
N ARG N 46 -47.27 12.55 -22.40
CA ARG N 46 -46.24 11.52 -22.28
C ARG N 46 -45.03 11.93 -23.10
N LEU N 47 -43.84 11.73 -22.54
CA LEU N 47 -42.61 12.15 -23.19
C LEU N 47 -42.22 11.14 -24.25
N LEU N 48 -41.97 11.64 -25.46
CA LEU N 48 -41.48 10.83 -26.58
C LEU N 48 -39.99 11.08 -26.84
N ILE N 49 -39.64 12.35 -27.07
CA ILE N 49 -38.30 12.76 -27.44
C ILE N 49 -37.75 13.61 -26.30
N TYR N 50 -36.56 13.27 -25.83
CA TYR N 50 -35.87 13.98 -24.76
C TYR N 50 -34.51 14.41 -25.33
N GLY N 51 -34.45 15.65 -25.78
CA GLY N 51 -33.35 16.17 -26.58
C GLY N 51 -33.81 16.51 -27.98
N ALA N 52 -32.87 17.02 -28.76
CA ALA N 52 -33.16 17.34 -30.15
C ALA N 52 -33.54 16.10 -30.94
N SER N 53 -32.91 14.96 -30.63
CA SER N 53 -33.07 13.73 -31.41
C SER N 53 -33.28 12.47 -30.57
N SER N 54 -32.88 12.43 -29.31
CA SER N 54 -32.92 11.19 -28.56
C SER N 54 -34.36 10.81 -28.23
N ARG N 55 -34.52 9.56 -27.79
CA ARG N 55 -35.82 8.95 -27.54
C ARG N 55 -35.97 8.56 -26.09
N ALA N 56 -37.16 8.80 -25.54
CA ALA N 56 -37.46 8.39 -24.18
C ALA N 56 -37.52 6.88 -24.07
N THR N 57 -37.13 6.37 -22.90
CA THR N 57 -37.14 4.93 -22.65
C THR N 57 -38.54 4.36 -22.86
N GLY N 58 -38.61 3.25 -23.61
CA GLY N 58 -39.83 2.52 -23.82
C GLY N 58 -40.59 2.91 -25.08
N ILE N 59 -40.27 4.05 -25.66
CA ILE N 59 -41.02 4.54 -26.83
C ILE N 59 -40.56 3.76 -28.07
N PRO N 60 -41.47 3.26 -28.92
CA PRO N 60 -41.03 2.52 -30.11
C PRO N 60 -40.20 3.36 -31.06
N ASP N 61 -39.54 2.72 -32.02
CA ASP N 61 -38.67 3.42 -32.95
C ASP N 61 -39.41 4.16 -34.03
N ARG N 62 -40.72 3.95 -34.18
CA ARG N 62 -41.46 4.69 -35.20
C ARG N 62 -41.46 6.19 -34.88
N PHE N 63 -41.43 6.54 -33.61
CA PHE N 63 -41.32 7.93 -33.16
C PHE N 63 -39.85 8.32 -33.18
N SER N 64 -39.48 9.22 -34.10
CA SER N 64 -38.13 9.75 -34.15
C SER N 64 -38.18 11.22 -34.51
N GLY N 65 -37.15 11.95 -34.10
CA GLY N 65 -37.09 13.38 -34.31
C GLY N 65 -35.66 13.83 -34.56
N SER N 66 -35.54 15.06 -35.04
CA SER N 66 -34.24 15.65 -35.36
C SER N 66 -34.40 17.16 -35.36
N GLY N 67 -33.29 17.86 -35.57
CA GLY N 67 -33.26 19.30 -35.62
C GLY N 67 -32.10 19.88 -34.83
N SER N 68 -31.90 21.18 -35.02
CA SER N 68 -30.87 21.92 -34.31
C SER N 68 -31.13 23.41 -34.53
N GLY N 69 -30.54 24.23 -33.66
CA GLY N 69 -30.71 25.66 -33.77
C GLY N 69 -32.09 26.12 -33.37
N THR N 70 -32.89 26.54 -34.37
CA THR N 70 -34.23 27.07 -34.14
C THR N 70 -35.30 26.36 -34.98
N ASP N 71 -34.97 25.21 -35.57
CA ASP N 71 -35.94 24.43 -36.35
C ASP N 71 -35.79 22.97 -35.97
N PHE N 72 -36.90 22.35 -35.54
CA PHE N 72 -36.92 20.96 -35.13
C PHE N 72 -38.18 20.32 -35.68
N THR N 73 -38.17 18.99 -35.75
CA THR N 73 -39.30 18.27 -36.31
C THR N 73 -39.42 16.89 -35.69
N LEU N 74 -40.66 16.43 -35.55
CA LEU N 74 -40.99 15.07 -35.16
C LEU N 74 -41.42 14.29 -36.39
N THR N 75 -40.85 13.09 -36.56
CA THR N 75 -41.16 12.21 -37.68
C THR N 75 -41.71 10.90 -37.16
N ILE N 76 -43.02 10.71 -37.30
CA ILE N 76 -43.67 9.43 -37.07
C ILE N 76 -43.58 8.62 -38.36
N SER N 77 -42.79 7.54 -38.32
CA SER N 77 -42.53 6.77 -39.53
C SER N 77 -43.80 6.05 -40.00
N ARG N 78 -44.53 5.45 -39.07
CA ARG N 78 -45.69 4.61 -39.40
C ARG N 78 -46.84 5.04 -38.50
N LEU N 79 -47.90 5.59 -39.12
CA LEU N 79 -49.04 6.10 -38.36
C LEU N 79 -49.95 4.93 -37.98
N GLU N 80 -49.49 4.17 -36.99
CA GLU N 80 -50.26 3.08 -36.41
C GLU N 80 -51.48 3.64 -35.71
N PRO N 81 -52.52 2.84 -35.45
CA PRO N 81 -53.73 3.42 -34.83
C PRO N 81 -53.49 4.05 -33.47
N GLU N 82 -52.57 3.50 -32.66
CA GLU N 82 -52.25 4.10 -31.37
C GLU N 82 -51.16 5.16 -31.52
N ASP N 83 -51.33 6.09 -32.48
CA ASP N 83 -50.37 7.18 -32.67
C ASP N 83 -51.07 8.51 -33.00
N PHE N 84 -52.36 8.63 -32.74
CA PHE N 84 -53.13 9.84 -33.04
C PHE N 84 -53.44 10.54 -31.73
N ALA N 85 -52.87 11.72 -31.55
CA ALA N 85 -52.97 12.47 -30.30
C ALA N 85 -52.61 13.92 -30.61
N VAL N 86 -52.44 14.72 -29.56
CA VAL N 86 -51.92 16.07 -29.67
C VAL N 86 -50.43 16.01 -29.33
N TYR N 87 -49.61 16.63 -30.17
CA TYR N 87 -48.16 16.66 -29.98
C TYR N 87 -47.71 18.07 -29.63
N TYR N 88 -46.85 18.18 -28.61
CA TYR N 88 -46.37 19.46 -28.10
C TYR N 88 -44.85 19.48 -28.15
N CYS N 89 -44.28 20.66 -28.39
CA CYS N 89 -42.84 20.90 -28.32
C CYS N 89 -42.54 21.80 -27.13
N GLN N 90 -41.46 21.48 -26.41
CA GLN N 90 -41.10 22.17 -25.17
C GLN N 90 -39.67 22.67 -25.21
N GLN N 91 -39.48 23.97 -24.98
CA GLN N 91 -38.18 24.62 -24.87
C GLN N 91 -38.13 25.23 -23.46
N TYR N 92 -37.51 24.50 -22.52
CA TYR N 92 -37.48 24.89 -21.12
C TYR N 92 -38.92 24.94 -20.58
N GLU N 93 -39.40 26.10 -20.14
CA GLU N 93 -40.72 26.22 -19.55
C GLU N 93 -41.83 26.52 -20.55
N ALA N 94 -41.48 26.81 -21.80
CA ALA N 94 -42.45 27.15 -22.82
C ALA N 94 -42.93 25.90 -23.54
N PHE N 95 -44.18 25.96 -24.02
CA PHE N 95 -44.83 24.84 -24.69
C PHE N 95 -45.42 25.33 -26.01
N GLY N 96 -45.56 24.41 -26.95
CA GLY N 96 -46.17 24.72 -28.22
C GLY N 96 -47.68 24.85 -28.10
N GLN N 97 -48.29 25.27 -29.21
CA GLN N 97 -49.74 25.42 -29.23
C GLN N 97 -50.44 24.07 -29.32
N GLY N 98 -49.88 23.15 -30.10
CA GLY N 98 -50.41 21.81 -30.25
C GLY N 98 -50.76 21.49 -31.68
N THR N 99 -50.42 20.27 -32.12
CA THR N 99 -50.70 19.80 -33.48
C THR N 99 -51.65 18.62 -33.40
N LYS N 100 -52.78 18.73 -34.09
CA LYS N 100 -53.76 17.66 -34.17
C LYS N 100 -53.46 16.77 -35.37
N VAL N 101 -53.22 15.48 -35.11
CA VAL N 101 -53.16 14.45 -36.15
C VAL N 101 -54.50 13.71 -36.09
N GLU N 102 -55.31 13.88 -37.13
CA GLU N 102 -56.67 13.33 -37.17
C GLU N 102 -56.83 12.46 -38.41
N ILE N 103 -57.57 11.38 -38.26
CA ILE N 103 -57.78 10.43 -39.33
C ILE N 103 -58.57 11.08 -40.45
N LYS N 104 -58.18 10.80 -41.69
CA LYS N 104 -58.90 11.30 -42.85
C LYS N 104 -58.56 10.48 -44.08
N GLU O 1 22.44 33.47 -47.86
CA GLU O 1 22.11 33.57 -46.41
C GLU O 1 23.07 32.72 -45.57
N VAL O 2 23.31 31.46 -45.95
CA VAL O 2 24.24 30.63 -45.21
C VAL O 2 25.67 30.95 -45.64
N GLN O 3 26.54 31.21 -44.67
CA GLN O 3 27.93 31.54 -44.94
C GLN O 3 28.80 30.91 -43.87
N LEU O 4 29.79 30.12 -44.29
CA LEU O 4 30.77 29.51 -43.41
C LEU O 4 32.15 30.05 -43.78
N VAL O 5 32.85 30.58 -42.80
CA VAL O 5 34.12 31.28 -43.01
C VAL O 5 35.18 30.58 -42.18
N GLU O 6 36.14 29.94 -42.86
CA GLU O 6 37.24 29.27 -42.17
C GLU O 6 38.38 30.25 -41.90
N THR O 7 39.04 30.04 -40.76
CA THR O 7 40.20 30.85 -40.36
C THR O 7 41.17 29.95 -39.63
N GLY O 8 42.42 30.40 -39.57
CA GLY O 8 43.47 29.69 -38.85
C GLY O 8 44.42 28.90 -39.71
N GLY O 9 44.33 28.99 -41.04
CA GLY O 9 45.29 28.33 -41.89
C GLY O 9 46.66 28.95 -41.78
N GLY O 10 47.69 28.15 -42.05
CA GLY O 10 49.05 28.64 -41.95
C GLY O 10 50.03 27.58 -42.39
N LEU O 11 51.31 27.92 -42.24
CA LEU O 11 52.42 27.04 -42.61
C LEU O 11 53.00 26.42 -41.36
N VAL O 12 52.97 25.09 -41.29
CA VAL O 12 53.38 24.32 -40.12
C VAL O 12 54.53 23.42 -40.54
N GLN O 13 55.35 23.02 -39.55
CA GLN O 13 56.47 22.12 -39.76
C GLN O 13 56.04 20.71 -39.34
N PRO O 14 56.52 19.64 -40.04
CA PRO O 14 56.11 18.27 -39.68
C PRO O 14 56.23 17.96 -38.19
N GLY O 15 55.11 17.57 -37.57
CA GLY O 15 55.05 17.34 -36.15
C GLY O 15 54.47 18.48 -35.34
N GLY O 16 54.09 19.58 -35.99
CA GLY O 16 53.55 20.73 -35.29
C GLY O 16 52.09 20.59 -34.94
N SER O 17 51.58 21.60 -34.25
CA SER O 17 50.20 21.63 -33.77
C SER O 17 49.50 22.89 -34.30
N LEU O 18 48.35 22.65 -34.91
CA LEU O 18 47.54 23.76 -35.47
C LEU O 18 46.11 23.64 -34.93
N LYS O 19 45.31 24.69 -35.08
CA LYS O 19 43.93 24.78 -34.59
C LYS O 19 43.14 25.52 -35.67
N LEU O 20 42.52 24.75 -36.55
CA LEU O 20 41.64 25.33 -37.57
C LEU O 20 40.30 25.70 -36.93
N SER O 21 39.63 26.66 -37.54
CA SER O 21 38.34 27.12 -37.03
C SER O 21 37.45 27.53 -38.19
N CYS O 22 36.14 27.48 -37.96
CA CYS O 22 35.13 27.83 -38.95
C CYS O 22 34.01 28.59 -38.25
N ARG O 23 33.68 29.74 -38.84
CA ARG O 23 32.57 30.57 -38.30
C ARG O 23 31.37 30.38 -39.22
N ALA O 24 30.17 30.51 -38.68
CA ALA O 24 28.94 30.29 -39.42
C ALA O 24 27.96 31.43 -39.17
N SER O 25 27.19 31.78 -40.19
CA SER O 25 26.12 32.74 -40.05
C SER O 25 25.05 32.43 -41.08
N GLY O 26 23.78 32.52 -40.66
CA GLY O 26 22.66 32.37 -41.58
C GLY O 26 21.67 31.29 -41.23
N TYR O 27 21.91 30.55 -40.15
CA TYR O 27 21.04 29.44 -39.80
C TYR O 27 21.24 29.11 -38.33
N THR O 28 20.42 28.18 -37.84
CA THR O 28 20.54 27.70 -36.47
C THR O 28 21.71 26.72 -36.42
N PHE O 29 22.83 27.17 -35.84
CA PHE O 29 24.04 26.36 -35.82
C PHE O 29 23.88 25.11 -34.98
N SER O 30 23.02 25.15 -33.96
CA SER O 30 22.90 24.07 -32.99
C SER O 30 22.01 22.93 -33.47
N SER O 31 21.39 23.03 -34.65
CA SER O 31 20.49 22.01 -35.16
C SER O 31 21.06 21.26 -36.36
N PHE O 32 22.36 21.39 -36.63
CA PHE O 32 23.01 20.70 -37.74
C PHE O 32 24.32 20.09 -37.27
N ALA O 33 24.65 18.94 -37.85
CA ALA O 33 25.98 18.38 -37.71
C ALA O 33 26.94 19.09 -38.65
N MET O 34 28.23 19.01 -38.32
CA MET O 34 29.28 19.70 -39.06
C MET O 34 30.42 18.73 -39.34
N SER O 35 31.05 18.89 -40.49
CA SER O 35 32.11 18.01 -40.95
C SER O 35 33.28 18.83 -41.49
N TRP O 36 34.46 18.21 -41.45
CA TRP O 36 35.66 18.75 -42.08
C TRP O 36 36.05 17.82 -43.22
N VAL O 37 36.24 18.39 -44.42
CA VAL O 37 36.60 17.64 -45.62
C VAL O 37 37.81 18.35 -46.23
N ARG O 38 38.83 17.57 -46.58
CA ARG O 38 40.09 18.10 -47.09
C ARG O 38 40.25 17.75 -48.56
N GLN O 39 40.83 18.69 -49.31
CA GLN O 39 41.25 18.47 -50.69
C GLN O 39 42.74 18.76 -50.77
N ALA O 40 43.53 17.72 -51.04
CA ALA O 40 44.94 17.95 -51.31
C ALA O 40 45.06 18.74 -52.63
N PRO O 41 46.18 19.45 -52.82
CA PRO O 41 46.27 20.33 -54.01
C PRO O 41 46.09 19.62 -55.33
N GLY O 42 46.55 18.37 -55.44
CA GLY O 42 46.50 17.62 -56.69
C GLY O 42 45.56 16.43 -56.72
N LYS O 43 44.81 16.21 -55.64
CA LYS O 43 43.91 15.06 -55.51
C LYS O 43 42.52 15.54 -55.13
N GLY O 44 41.59 14.60 -55.01
CA GLY O 44 40.20 14.91 -54.75
C GLY O 44 39.89 15.05 -53.27
N LEU O 45 38.59 15.05 -52.98
CA LEU O 45 38.10 15.30 -51.64
C LEU O 45 38.28 14.07 -50.75
N GLU O 46 38.43 14.33 -49.45
CA GLU O 46 38.54 13.26 -48.46
C GLU O 46 37.90 13.74 -47.16
N TRP O 47 37.02 12.93 -46.60
CA TRP O 47 36.35 13.28 -45.34
C TRP O 47 37.29 13.03 -44.17
N VAL O 48 37.33 14.00 -43.25
CA VAL O 48 38.26 13.97 -42.12
C VAL O 48 37.54 13.69 -40.82
N SER O 49 36.53 14.49 -40.48
CA SER O 49 35.93 14.45 -39.16
C SER O 49 34.45 14.80 -39.25
N LEU O 50 33.71 14.38 -38.22
CA LEU O 50 32.28 14.64 -38.11
C LEU O 50 31.95 14.87 -36.64
N ILE O 51 31.10 15.87 -36.39
CA ILE O 51 30.57 16.15 -35.06
C ILE O 51 29.07 16.36 -35.15
N ASN O 52 28.34 15.83 -34.18
CA ASN O 52 26.89 15.94 -34.14
C ASN O 52 26.45 17.35 -33.76
N ASP O 53 25.13 17.56 -33.80
CA ASP O 53 24.57 18.87 -33.52
C ASP O 53 24.88 19.33 -32.10
N ARG O 54 24.72 18.43 -31.12
CA ARG O 54 24.94 18.80 -29.73
C ARG O 54 26.42 19.03 -29.45
N GLY O 55 27.28 18.20 -30.03
CA GLY O 55 28.71 18.30 -29.84
C GLY O 55 29.36 17.19 -29.03
N GLY O 56 28.67 16.08 -28.81
CA GLY O 56 29.16 15.00 -27.98
C GLY O 56 29.32 13.66 -28.68
N LEU O 57 29.22 13.65 -30.00
CA LEU O 57 29.50 12.47 -30.81
C LEU O 57 30.49 12.90 -31.89
N THR O 58 31.69 12.35 -31.84
CA THR O 58 32.80 12.77 -32.68
C THR O 58 33.35 11.55 -33.39
N PHE O 59 33.51 11.69 -34.71
CA PHE O 59 33.98 10.60 -35.56
C PHE O 59 35.11 11.12 -36.45
N TYR O 60 36.07 10.23 -36.70
CA TYR O 60 37.30 10.59 -37.38
C TYR O 60 37.63 9.53 -38.41
N VAL O 61 38.34 9.94 -39.45
CA VAL O 61 38.86 8.99 -40.43
C VAL O 61 40.01 8.23 -39.78
N ASP O 62 40.18 6.97 -40.18
CA ASP O 62 41.13 6.03 -39.58
C ASP O 62 42.54 6.63 -39.43
N SER O 63 42.95 7.45 -40.39
CA SER O 63 44.30 8.02 -40.36
C SER O 63 44.48 8.96 -39.17
N VAL O 64 43.47 9.78 -38.87
CA VAL O 64 43.63 10.95 -38.01
C VAL O 64 42.93 10.76 -36.66
N LYS O 65 42.61 9.52 -36.27
CA LYS O 65 41.75 9.30 -35.12
C LYS O 65 42.38 9.81 -33.83
N GLY O 66 43.62 9.40 -33.54
CA GLY O 66 44.26 9.80 -32.31
C GLY O 66 44.86 11.19 -32.32
N ARG O 67 45.10 11.75 -33.51
CA ARG O 67 45.76 13.03 -33.64
C ARG O 67 44.78 14.20 -33.68
N PHE O 68 43.80 14.14 -34.57
CA PHE O 68 42.87 15.25 -34.75
C PHE O 68 41.76 15.19 -33.70
N THR O 69 41.23 16.37 -33.38
CA THR O 69 40.12 16.49 -32.43
C THR O 69 39.17 17.57 -32.92
N ILE O 70 37.91 17.21 -33.11
CA ILE O 70 36.86 18.12 -33.56
C ILE O 70 36.07 18.57 -32.35
N SER O 71 35.61 19.83 -32.38
CA SER O 71 34.81 20.38 -31.30
C SER O 71 34.04 21.57 -31.81
N ARG O 72 32.92 21.85 -31.13
CA ARG O 72 32.03 22.96 -31.56
C ARG O 72 31.40 23.68 -30.36
N ASP O 73 31.22 24.99 -30.47
CA ASP O 73 30.59 25.84 -29.45
C ASP O 73 29.32 26.39 -30.07
N ASN O 74 28.17 25.93 -29.59
CA ASN O 74 26.89 26.32 -30.17
C ASN O 74 26.41 27.67 -29.69
N SER O 75 27.13 28.33 -28.78
CA SER O 75 26.84 29.70 -28.39
C SER O 75 27.64 30.71 -29.19
N LYS O 76 28.87 30.38 -29.56
CA LYS O 76 29.70 31.22 -30.41
C LYS O 76 29.54 30.92 -31.88
N ASN O 77 28.78 29.88 -32.25
CA ASN O 77 28.61 29.46 -33.63
C ASN O 77 29.95 29.23 -34.32
N THR O 78 30.83 28.50 -33.62
CA THR O 78 32.17 28.21 -34.10
C THR O 78 32.44 26.71 -34.05
N LEU O 79 33.07 26.21 -35.11
CA LEU O 79 33.59 24.86 -35.17
C LEU O 79 35.11 24.92 -35.21
N SER O 80 35.77 24.00 -34.49
CA SER O 80 37.21 23.98 -34.37
C SER O 80 37.76 22.59 -34.63
N LEU O 81 39.01 22.55 -35.11
CA LEU O 81 39.73 21.30 -35.35
C LEU O 81 41.15 21.45 -34.84
N GLN O 82 41.47 20.77 -33.75
CA GLN O 82 42.83 20.70 -33.23
C GLN O 82 43.56 19.54 -33.89
N MET O 83 44.69 19.84 -34.53
CA MET O 83 45.50 18.86 -35.26
C MET O 83 46.89 18.84 -34.62
N HIS O 84 47.18 17.77 -33.88
CA HIS O 84 48.49 17.56 -33.28
C HIS O 84 49.31 16.60 -34.15
N SER O 85 50.63 16.79 -34.12
CA SER O 85 51.58 15.89 -34.80
C SER O 85 51.28 15.78 -36.29
N LEU O 86 51.18 16.93 -36.94
CA LEU O 86 50.87 16.97 -38.37
C LEU O 86 51.99 16.33 -39.18
N ARG O 87 51.62 15.31 -39.95
CA ARG O 87 52.57 14.62 -40.83
C ARG O 87 52.55 15.27 -42.21
N ASP O 88 53.21 14.64 -43.19
CA ASP O 88 53.32 15.21 -44.53
C ASP O 88 52.08 15.00 -45.38
N GLY O 89 51.26 13.99 -45.08
CA GLY O 89 50.05 13.76 -45.84
C GLY O 89 48.90 14.69 -45.49
N ASP O 90 49.07 15.54 -44.48
CA ASP O 90 48.00 16.40 -43.99
C ASP O 90 47.95 17.75 -44.69
N THR O 91 48.69 17.95 -45.78
CA THR O 91 48.67 19.21 -46.50
C THR O 91 47.48 19.18 -47.46
N ALA O 92 46.59 20.16 -47.31
CA ALA O 92 45.36 20.19 -48.09
C ALA O 92 44.61 21.47 -47.73
N VAL O 93 43.62 21.80 -48.54
CA VAL O 93 42.67 22.86 -48.23
C VAL O 93 41.46 22.24 -47.54
N TYR O 94 41.19 22.69 -46.32
CA TYR O 94 40.16 22.11 -45.46
C TYR O 94 38.88 22.92 -45.57
N TYR O 95 37.76 22.23 -45.75
CA TYR O 95 36.45 22.86 -45.84
C TYR O 95 35.62 22.43 -44.64
N CYS O 96 35.09 23.41 -43.92
CA CYS O 96 34.04 23.13 -42.95
C CYS O 96 32.71 23.06 -43.68
N ALA O 97 31.92 22.04 -43.36
CA ALA O 97 30.71 21.75 -44.09
C ALA O 97 29.59 21.39 -43.11
N THR O 98 28.36 21.62 -43.55
CA THR O 98 27.17 21.37 -42.76
C THR O 98 26.54 20.07 -43.21
N GLY O 99 26.48 19.10 -42.30
CA GLY O 99 25.83 17.84 -42.54
C GLY O 99 26.73 16.68 -42.17
N GLY O 100 26.25 15.48 -42.49
CA GLY O 100 26.94 14.23 -42.19
C GLY O 100 26.13 13.29 -41.33
N MET O 101 25.32 13.84 -40.42
CA MET O 101 24.44 13.05 -39.58
C MET O 101 23.37 14.00 -39.05
N SER O 102 22.42 13.45 -38.30
CA SER O 102 21.32 14.24 -37.77
C SER O 102 20.81 13.56 -36.50
N SER O 103 19.92 14.27 -35.81
CA SER O 103 19.32 13.73 -34.61
C SER O 103 18.20 12.77 -34.97
N ALA O 104 17.79 11.98 -33.97
CA ALA O 104 16.69 11.04 -34.15
C ALA O 104 15.38 11.76 -34.47
N LEU O 105 15.28 13.03 -34.11
CA LEU O 105 14.05 13.79 -34.22
C LEU O 105 13.99 14.57 -35.54
N GLN O 106 14.97 14.37 -36.42
CA GLN O 106 15.07 14.99 -37.73
C GLN O 106 15.27 13.90 -38.78
N SER O 107 15.17 14.29 -40.04
CA SER O 107 15.39 13.35 -41.14
C SER O 107 16.87 13.11 -41.36
N SER O 108 17.17 12.05 -42.11
CA SER O 108 18.56 11.71 -42.41
C SER O 108 19.21 12.81 -43.24
N LYS O 109 20.45 13.13 -42.91
CA LYS O 109 21.23 14.15 -43.58
C LYS O 109 22.61 13.62 -43.98
N TYR O 110 22.62 12.46 -44.64
CA TYR O 110 23.88 11.84 -45.05
C TYR O 110 24.43 12.51 -46.31
N TYR O 111 24.76 13.80 -46.16
CA TYR O 111 25.31 14.61 -47.24
C TYR O 111 25.75 15.94 -46.65
N PHE O 112 26.49 16.70 -47.45
CA PHE O 112 26.99 18.02 -47.08
C PHE O 112 26.32 19.04 -47.99
N ASP O 113 25.43 19.86 -47.42
CA ASP O 113 24.63 20.79 -48.21
C ASP O 113 25.27 22.17 -48.32
N PHE O 114 25.99 22.60 -47.28
CA PHE O 114 26.64 23.91 -47.26
C PHE O 114 28.11 23.70 -46.94
N TRP O 115 28.98 24.33 -47.72
CA TRP O 115 30.42 24.26 -47.54
C TRP O 115 30.96 25.66 -47.22
N GLY O 116 32.27 25.72 -46.98
CA GLY O 116 32.93 26.95 -46.61
C GLY O 116 33.89 27.42 -47.69
N GLN O 117 34.52 28.56 -47.43
CA GLN O 117 35.44 29.15 -48.40
C GLN O 117 36.63 28.23 -48.63
N GLY O 118 37.28 27.78 -47.55
CA GLY O 118 38.45 26.93 -47.62
C GLY O 118 39.60 27.57 -46.87
N ALA O 119 40.49 26.73 -46.34
CA ALA O 119 41.66 27.19 -45.61
C ALA O 119 42.80 26.22 -45.88
N LEU O 120 43.89 26.73 -46.46
CA LEU O 120 44.99 25.88 -46.88
C LEU O 120 45.96 25.69 -45.72
N VAL O 121 46.30 24.44 -45.44
CA VAL O 121 47.30 24.06 -44.45
C VAL O 121 48.42 23.36 -45.19
N THR O 122 49.64 23.90 -45.09
CA THR O 122 50.83 23.31 -45.70
C THR O 122 51.75 22.82 -44.60
N VAL O 123 52.09 21.54 -44.64
CA VAL O 123 52.93 20.93 -43.62
C VAL O 123 53.64 19.71 -44.20
N ALA P 1 37.87 3.40 -51.04
CA ALA P 1 37.33 4.53 -51.80
C ALA P 1 36.58 4.03 -53.03
N LEU P 2 36.02 4.98 -53.79
CA LEU P 2 35.25 4.71 -54.98
C LEU P 2 36.07 5.05 -56.22
N THR P 3 35.63 4.52 -57.36
CA THR P 3 36.27 4.74 -58.65
C THR P 3 35.33 5.53 -59.53
N GLN P 4 35.84 6.63 -60.07
CA GLN P 4 35.10 7.55 -60.91
C GLN P 4 35.89 7.77 -62.19
N PRO P 5 35.25 7.98 -63.34
CA PRO P 5 36.00 8.20 -64.59
C PRO P 5 36.89 9.43 -64.48
N PRO P 6 38.13 9.38 -65.00
CA PRO P 6 39.00 10.57 -64.88
C PRO P 6 38.45 11.81 -65.58
N SER P 7 37.88 11.64 -66.77
CA SER P 7 37.31 12.75 -67.51
C SER P 7 36.13 12.26 -68.35
N VAL P 8 35.15 13.13 -68.50
CA VAL P 8 33.99 12.89 -69.35
C VAL P 8 33.86 14.08 -70.31
N SER P 9 33.61 13.77 -71.58
CA SER P 9 33.57 14.77 -72.65
C SER P 9 32.16 14.90 -73.18
N GLY P 10 31.68 16.13 -73.27
CA GLY P 10 30.36 16.40 -73.78
C GLY P 10 30.36 17.65 -74.64
N SER P 11 29.34 17.75 -75.49
CA SER P 11 29.09 18.87 -76.38
C SER P 11 27.80 19.58 -75.97
N PRO P 12 27.67 20.89 -76.23
CA PRO P 12 26.44 21.60 -75.79
C PRO P 12 25.18 20.99 -76.37
N GLY P 13 24.13 20.93 -75.54
CA GLY P 13 22.81 20.54 -75.97
C GLY P 13 22.48 19.07 -75.79
N GLN P 14 23.47 18.18 -75.85
CA GLN P 14 23.25 16.75 -75.64
C GLN P 14 23.42 16.43 -74.17
N SER P 15 23.52 15.14 -73.82
CA SER P 15 23.58 14.69 -72.43
C SER P 15 24.91 14.00 -72.18
N VAL P 16 25.26 13.91 -70.91
CA VAL P 16 26.46 13.22 -70.46
C VAL P 16 26.13 12.47 -69.17
N THR P 17 26.86 11.39 -68.92
CA THR P 17 26.56 10.50 -67.80
C THR P 17 27.86 10.09 -67.12
N ILE P 18 28.16 10.74 -65.98
CA ILE P 18 29.26 10.30 -65.13
C ILE P 18 28.79 9.15 -64.27
N SER P 19 29.73 8.29 -63.86
CA SER P 19 29.44 7.06 -63.13
C SER P 19 30.31 6.95 -61.89
N CYS P 20 29.86 6.14 -60.94
CA CYS P 20 30.59 5.89 -59.70
C CYS P 20 30.22 4.49 -59.23
N THR P 21 31.09 3.52 -59.50
CA THR P 21 30.89 2.13 -59.09
C THR P 21 31.66 1.87 -57.81
N GLY P 22 31.02 1.15 -56.88
CA GLY P 22 31.60 0.87 -55.58
C GLY P 22 31.38 -0.58 -55.18
N THR P 23 31.88 -0.89 -53.99
CA THR P 23 31.71 -2.22 -53.43
C THR P 23 30.28 -2.40 -52.94
N SER P 24 29.97 -3.61 -52.47
CA SER P 24 28.61 -3.94 -52.04
C SER P 24 28.26 -3.37 -50.68
N SER P 25 29.23 -2.84 -49.93
CA SER P 25 29.00 -2.36 -48.57
C SER P 25 28.69 -0.88 -48.50
N ASP P 26 29.03 -0.09 -49.52
CA ASP P 26 28.80 1.35 -49.50
C ASP P 26 27.60 1.73 -50.37
N ILE P 27 27.63 1.40 -51.66
CA ILE P 27 26.56 1.84 -52.56
C ILE P 27 25.45 0.80 -52.62
N GLY P 28 25.80 -0.49 -52.55
CA GLY P 28 24.82 -1.55 -52.59
C GLY P 28 24.17 -1.88 -51.27
N SER P 29 24.53 -1.17 -50.20
CA SER P 29 23.97 -1.36 -48.87
C SER P 29 23.22 -0.14 -48.35
N TYR P 30 23.56 1.06 -48.82
CA TYR P 30 22.99 2.30 -48.32
C TYR P 30 22.61 3.17 -49.52
N ASN P 31 21.37 3.65 -49.51
CA ASN P 31 20.89 4.56 -50.56
C ASN P 31 21.19 6.01 -50.22
N TYR P 32 22.48 6.28 -49.94
CA TYR P 32 22.97 7.61 -49.57
C TYR P 32 24.18 7.88 -50.46
N VAL P 33 23.92 8.38 -51.66
CA VAL P 33 24.96 8.70 -52.64
C VAL P 33 24.76 10.15 -53.06
N SER P 34 25.79 10.96 -52.86
CA SER P 34 25.74 12.38 -53.13
C SER P 34 26.77 12.75 -54.20
N TRP P 35 26.43 13.77 -54.99
CA TRP P 35 27.28 14.29 -56.05
C TRP P 35 27.54 15.76 -55.79
N TYR P 36 28.79 16.17 -55.97
CA TYR P 36 29.22 17.53 -55.67
C TYR P 36 29.89 18.12 -56.91
N GLN P 37 29.69 19.41 -57.11
CA GLN P 37 30.31 20.16 -58.20
C GLN P 37 31.27 21.18 -57.59
N GLN P 38 32.55 21.06 -57.95
CA GLN P 38 33.58 22.01 -57.56
C GLN P 38 34.10 22.70 -58.81
N HIS P 39 33.72 23.96 -58.99
CA HIS P 39 34.28 24.75 -60.06
C HIS P 39 35.77 24.98 -59.79
N PRO P 40 36.58 25.22 -60.83
CA PRO P 40 37.99 25.52 -60.58
C PRO P 40 38.12 26.81 -59.78
N GLY P 41 38.81 26.71 -58.64
CA GLY P 41 39.11 27.86 -57.81
C GLY P 41 38.14 28.11 -56.66
N LYS P 42 36.96 27.49 -56.67
CA LYS P 42 35.97 27.68 -55.61
C LYS P 42 35.79 26.37 -54.85
N ALA P 43 34.87 26.38 -53.88
CA ALA P 43 34.60 25.26 -53.00
C ALA P 43 33.48 24.39 -53.58
N PRO P 44 33.32 23.16 -53.12
CA PRO P 44 32.27 22.30 -53.67
C PRO P 44 30.87 22.79 -53.32
N LYS P 45 29.91 22.28 -54.10
CA LYS P 45 28.50 22.59 -53.95
C LYS P 45 27.72 21.29 -54.08
N LEU P 46 26.68 21.13 -53.27
CA LEU P 46 25.84 19.95 -53.35
C LEU P 46 24.94 20.02 -54.59
N MET P 47 25.04 19.01 -55.44
CA MET P 47 24.21 18.88 -56.63
C MET P 47 23.10 17.85 -56.46
N ILE P 48 23.45 16.67 -55.93
CA ILE P 48 22.51 15.58 -55.73
C ILE P 48 22.79 14.96 -54.36
N TYR P 49 21.74 14.54 -53.68
CA TYR P 49 21.85 13.78 -52.44
C TYR P 49 20.82 12.67 -52.46
N ASP P 50 21.08 11.64 -51.65
CA ASP P 50 20.17 10.49 -51.52
C ASP P 50 19.88 9.86 -52.87
N VAL P 51 20.93 9.73 -53.69
CA VAL P 51 20.89 9.12 -55.02
C VAL P 51 20.13 10.01 -56.00
N THR P 52 18.83 10.22 -55.75
CA THR P 52 17.94 10.86 -56.73
C THR P 52 17.39 12.21 -56.29
N GLN P 53 17.69 12.68 -55.08
CA GLN P 53 17.09 13.90 -54.56
C GLN P 53 17.98 15.10 -54.85
N ARG P 54 17.36 16.23 -55.13
CA ARG P 54 18.01 17.42 -55.65
C ARG P 54 17.80 18.58 -54.67
N PRO P 55 18.84 19.34 -54.31
CA PRO P 55 18.61 20.51 -53.45
C PRO P 55 17.85 21.61 -54.19
N SER P 56 17.17 22.44 -53.40
CA SER P 56 16.49 23.60 -53.96
C SER P 56 17.51 24.58 -54.54
N GLY P 57 17.14 25.20 -55.65
CA GLY P 57 18.03 26.10 -56.36
C GLY P 57 18.91 25.46 -57.41
N VAL P 58 18.67 24.17 -57.73
CA VAL P 58 19.45 23.43 -58.70
C VAL P 58 18.51 22.97 -59.81
N SER P 59 18.91 23.20 -61.06
CA SER P 59 18.04 22.90 -62.19
C SER P 59 17.83 21.40 -62.33
N ASP P 60 16.75 21.05 -63.03
CA ASP P 60 16.38 19.65 -63.27
C ASP P 60 17.33 18.97 -64.25
N ARG P 61 18.22 19.72 -64.89
CA ARG P 61 19.19 19.12 -65.81
C ARG P 61 20.07 18.10 -65.09
N PHE P 62 20.43 18.38 -63.84
CA PHE P 62 21.19 17.43 -63.04
C PHE P 62 20.25 16.38 -62.47
N SER P 63 20.50 15.10 -62.79
CA SER P 63 19.67 13.99 -62.35
C SER P 63 20.56 12.85 -61.91
N GLY P 64 20.08 12.11 -60.91
CA GLY P 64 20.84 11.02 -60.32
C GLY P 64 20.08 9.71 -60.39
N SER P 65 20.83 8.61 -60.40
CA SER P 65 20.26 7.27 -60.46
C SER P 65 21.28 6.29 -59.90
N LYS P 66 20.81 5.08 -59.60
CA LYS P 66 21.67 4.04 -59.07
C LYS P 66 21.15 2.69 -59.56
N SER P 67 22.08 1.81 -59.91
CA SER P 67 21.77 0.45 -60.33
C SER P 67 22.77 -0.49 -59.67
N GLY P 68 22.29 -1.35 -58.78
CA GLY P 68 23.18 -2.24 -58.07
C GLY P 68 24.16 -1.46 -57.21
N ASN P 69 25.45 -1.76 -57.38
CA ASN P 69 26.53 -1.08 -56.66
C ASN P 69 27.12 0.07 -57.45
N THR P 70 26.38 0.62 -58.41
CA THR P 70 26.87 1.67 -59.29
C THR P 70 25.89 2.83 -59.28
N ALA P 71 26.41 4.05 -59.17
CA ALA P 71 25.63 5.27 -59.19
C ALA P 71 26.01 6.11 -60.41
N SER P 72 25.03 6.85 -60.93
CA SER P 72 25.22 7.60 -62.16
C SER P 72 24.59 8.99 -62.01
N LEU P 73 25.34 10.00 -62.45
CA LEU P 73 24.87 11.37 -62.54
C LEU P 73 24.75 11.75 -64.00
N THR P 74 23.57 12.20 -64.40
CA THR P 74 23.28 12.57 -65.79
C THR P 74 23.02 14.07 -65.85
N ILE P 75 23.76 14.75 -66.72
CA ILE P 75 23.62 16.19 -66.94
C ILE P 75 23.10 16.36 -68.37
N SER P 76 21.86 16.82 -68.49
CA SER P 76 21.25 17.12 -69.78
C SER P 76 21.49 18.59 -70.14
N GLY P 77 21.47 18.88 -71.44
CA GLY P 77 21.60 20.24 -71.92
C GLY P 77 22.84 20.94 -71.42
N LEU P 78 24.02 20.37 -71.69
CA LEU P 78 25.26 20.89 -71.16
C LEU P 78 25.49 22.33 -71.55
N GLN P 79 26.00 23.11 -70.60
CA GLN P 79 26.27 24.54 -70.76
C GLN P 79 27.70 24.81 -70.29
N ALA P 80 28.14 26.05 -70.49
CA ALA P 80 29.50 26.41 -70.10
C ALA P 80 29.69 26.29 -68.59
N ASP P 81 28.70 26.73 -67.81
CA ASP P 81 28.83 26.67 -66.35
C ASP P 81 28.99 25.23 -65.85
N ASP P 82 28.49 24.25 -66.61
CA ASP P 82 28.59 22.85 -66.18
C ASP P 82 30.03 22.39 -66.05
N GLU P 83 30.98 23.03 -66.76
CA GLU P 83 32.38 22.62 -66.66
C GLU P 83 32.87 22.75 -65.22
N ALA P 84 33.32 21.63 -64.65
CA ALA P 84 33.71 21.59 -63.25
C ALA P 84 34.31 20.23 -62.91
N ASP P 85 34.78 20.09 -61.67
CA ASP P 85 35.22 18.80 -61.15
C ASP P 85 34.09 18.21 -60.32
N TYR P 86 33.71 16.97 -60.64
CA TYR P 86 32.56 16.30 -60.05
C TYR P 86 33.05 15.11 -59.22
N TYR P 87 32.57 15.04 -57.98
CA TYR P 87 32.94 13.99 -57.04
C TYR P 87 31.69 13.30 -56.52
N CYS P 88 31.77 11.97 -56.42
CA CYS P 88 30.72 11.15 -55.83
C CYS P 88 31.12 10.72 -54.42
N SER P 89 30.18 10.83 -53.49
CA SER P 89 30.37 10.38 -52.12
C SER P 89 29.30 9.36 -51.76
N ALA P 90 29.68 8.38 -50.93
CA ALA P 90 28.76 7.38 -50.44
C ALA P 90 28.97 7.17 -48.94
N TYR P 91 27.87 6.98 -48.23
CA TYR P 91 27.94 6.63 -46.82
C TYR P 91 28.20 5.14 -46.68
N ALA P 92 29.32 4.78 -46.04
CA ALA P 92 29.83 3.42 -46.05
C ALA P 92 29.56 2.66 -44.75
N GLY P 93 29.04 3.31 -43.71
CA GLY P 93 28.75 2.67 -42.45
C GLY P 93 29.12 3.58 -41.29
N ARG P 94 29.01 3.04 -40.07
CA ARG P 94 29.27 3.89 -38.87
C ARG P 94 30.72 3.74 -38.39
N GLN P 95 31.49 2.81 -38.97
CA GLN P 95 32.90 2.71 -38.63
C GLN P 95 33.72 3.60 -39.55
N THR P 96 33.61 3.39 -40.85
CA THR P 96 34.08 4.32 -41.87
C THR P 96 32.84 5.02 -42.43
N PHE P 97 32.84 6.35 -42.36
CA PHE P 97 31.62 7.11 -42.60
C PHE P 97 31.44 7.47 -44.08
N TYR P 98 32.37 8.25 -44.63
CA TYR P 98 32.22 8.84 -45.95
C TYR P 98 33.43 8.53 -46.81
N ILE P 99 33.18 7.94 -47.97
CA ILE P 99 34.19 7.64 -48.97
C ILE P 99 33.90 8.46 -50.21
N PHE P 100 34.91 9.18 -50.70
CA PHE P 100 34.81 9.99 -51.90
C PHE P 100 35.49 9.30 -53.08
N GLY P 101 35.08 9.71 -54.28
CA GLY P 101 35.71 9.27 -55.50
C GLY P 101 36.59 10.36 -56.09
N GLY P 102 37.49 9.96 -56.99
CA GLY P 102 38.33 10.92 -57.66
C GLY P 102 37.53 11.85 -58.56
N GLY P 103 38.10 13.02 -58.80
CA GLY P 103 37.39 14.03 -59.55
C GLY P 103 37.21 13.66 -61.02
N THR P 104 36.35 14.41 -61.68
CA THR P 104 36.04 14.20 -63.09
C THR P 104 35.86 15.53 -63.79
N ARG P 105 36.69 15.80 -64.79
CA ARG P 105 36.59 17.02 -65.57
C ARG P 105 35.53 16.86 -66.65
N LEU P 106 34.65 17.86 -66.75
CA LEU P 106 33.66 17.95 -67.82
C LEU P 106 34.05 19.12 -68.71
N THR P 107 34.27 18.83 -69.99
CA THR P 107 34.69 19.82 -70.98
C THR P 107 33.56 19.98 -71.99
N VAL P 108 33.00 21.18 -72.05
CA VAL P 108 31.86 21.49 -72.91
C VAL P 108 32.31 22.43 -74.02
N ASN Q 38 12.56 2.52 -42.27
CA ASN Q 38 12.72 3.96 -42.22
C ASN Q 38 12.53 4.49 -40.81
N LEU Q 39 11.31 4.32 -40.27
CA LEU Q 39 10.94 4.79 -38.95
C LEU Q 39 10.60 3.60 -38.07
N TRP Q 40 10.88 3.75 -36.78
CA TRP Q 40 10.78 2.67 -35.80
C TRP Q 40 10.10 3.20 -34.55
N VAL Q 41 9.52 2.29 -33.78
CA VAL Q 41 8.87 2.66 -32.52
C VAL Q 41 9.93 2.98 -31.49
N THR Q 42 9.82 4.16 -30.87
CA THR Q 42 10.65 4.55 -29.75
C THR Q 42 9.74 4.85 -28.57
N VAL Q 43 10.04 4.25 -27.42
CA VAL Q 43 9.22 4.38 -26.23
C VAL Q 43 9.76 5.52 -25.39
N TYR Q 44 8.88 6.43 -24.99
CA TYR Q 44 9.22 7.58 -24.16
C TYR Q 44 8.43 7.48 -22.86
N TYR Q 45 9.14 7.54 -21.73
CA TYR Q 45 8.54 7.56 -20.40
C TYR Q 45 8.73 8.94 -19.79
N GLY Q 46 7.66 9.48 -19.22
CA GLY Q 46 7.68 10.81 -18.65
C GLY Q 46 7.20 11.90 -19.57
N VAL Q 47 6.42 11.54 -20.60
CA VAL Q 47 5.90 12.54 -21.57
C VAL Q 47 4.83 13.40 -20.87
N PRO Q 48 4.70 14.69 -21.19
CA PRO Q 48 3.73 15.57 -20.53
C PRO Q 48 2.33 15.41 -21.11
N VAL Q 49 1.78 14.19 -21.06
CA VAL Q 49 0.41 13.92 -21.60
C VAL Q 49 -0.53 13.69 -20.42
N TRP Q 50 -1.76 14.23 -20.49
CA TRP Q 50 -2.72 13.99 -19.43
C TRP Q 50 -4.11 13.76 -20.01
N LYS Q 51 -4.97 13.18 -19.16
CA LYS Q 51 -6.39 13.02 -19.44
C LYS Q 51 -7.18 13.45 -18.21
N ASP Q 52 -8.45 13.78 -18.45
CA ASP Q 52 -9.35 14.10 -17.35
C ASP Q 52 -9.58 12.87 -16.49
N ALA Q 53 -9.61 13.06 -15.17
CA ALA Q 53 -9.72 11.96 -14.24
C ALA Q 53 -10.37 12.42 -12.95
N GLU Q 54 -10.79 11.44 -12.15
CA GLU Q 54 -11.39 11.66 -10.84
C GLU Q 54 -10.60 10.88 -9.81
N THR Q 55 -10.07 11.58 -8.81
CA THR Q 55 -9.28 10.98 -7.75
C THR Q 55 -9.74 11.49 -6.39
N THR Q 56 -9.15 10.91 -5.34
CA THR Q 56 -9.43 11.33 -3.97
C THR Q 56 -8.32 12.28 -3.53
N LEU Q 57 -8.64 13.56 -3.45
CA LEU Q 57 -7.70 14.58 -3.07
C LEU Q 57 -7.55 14.63 -1.56
N PHE Q 58 -6.39 15.08 -1.11
CA PHE Q 58 -6.09 15.26 0.31
C PHE Q 58 -5.83 16.74 0.54
N CYS Q 59 -6.20 17.24 1.73
CA CYS Q 59 -6.18 18.66 1.97
C CYS Q 59 -4.73 19.06 2.21
N ALA Q 60 -4.52 20.36 2.35
CA ALA Q 60 -3.36 20.85 3.08
C ALA Q 60 -3.78 22.07 3.89
N SER Q 61 -3.24 22.18 5.11
CA SER Q 61 -3.61 23.24 6.03
C SER Q 61 -2.36 23.78 6.72
N ASP Q 62 -2.52 24.92 7.39
CA ASP Q 62 -1.43 25.50 8.17
C ASP Q 62 -1.28 24.76 9.50
N ALA Q 63 -0.07 24.32 9.80
CA ALA Q 63 0.21 23.75 11.11
C ALA Q 63 0.07 24.82 12.20
N LYS Q 64 0.48 26.05 11.89
CA LYS Q 64 0.36 27.20 12.77
C LYS Q 64 -1.04 27.31 13.38
N ALA Q 65 -2.04 27.45 12.51
CA ALA Q 65 -3.43 27.55 12.98
C ALA Q 65 -3.86 26.33 13.76
N TYR Q 66 -3.29 25.16 13.43
CA TYR Q 66 -3.60 23.96 14.21
C TYR Q 66 -3.07 24.09 15.64
N GLU Q 67 -1.90 24.70 15.82
CA GLU Q 67 -1.44 24.97 17.19
C GLU Q 67 -2.33 26.00 17.87
N THR Q 68 -2.83 26.98 17.10
CA THR Q 68 -3.76 27.97 17.69
C THR Q 68 -5.14 27.34 17.86
N LYS Q 69 -5.50 26.36 17.04
CA LYS Q 69 -6.88 25.79 17.10
C LYS Q 69 -6.87 24.39 17.72
N LYS Q 70 -7.22 24.28 19.01
CA LYS Q 70 -7.33 22.96 19.66
C LYS Q 70 -8.15 22.04 18.73
N HIS Q 71 -9.34 22.48 18.34
CA HIS Q 71 -10.15 21.69 17.42
C HIS Q 71 -10.97 22.64 16.57
N ASN Q 72 -11.20 22.23 15.31
CA ASN Q 72 -12.07 23.03 14.40
C ASN Q 72 -12.91 21.94 13.71
N VAL Q 73 -14.23 22.15 13.60
CA VAL Q 73 -15.13 21.12 13.01
C VAL Q 73 -14.47 20.53 11.77
N TRP Q 74 -13.85 21.36 10.93
CA TRP Q 74 -13.24 20.91 9.69
C TRP Q 74 -11.82 20.56 10.11
N ALA Q 75 -11.58 19.27 10.29
CA ALA Q 75 -10.39 18.81 10.99
C ALA Q 75 -9.12 19.12 10.19
N THR Q 76 -8.13 19.65 10.90
CA THR Q 76 -6.76 19.72 10.40
C THR Q 76 -5.96 18.46 10.73
N HIS Q 77 -6.60 17.45 11.33
CA HIS Q 77 -5.95 16.18 11.64
C HIS Q 77 -6.16 15.14 10.56
N ALA Q 78 -7.38 15.05 10.00
CA ALA Q 78 -7.59 14.28 8.78
C ALA Q 78 -6.74 14.80 7.65
N CYS Q 79 -6.45 16.07 7.63
CA CYS Q 79 -5.62 16.71 6.62
C CYS Q 79 -4.13 16.73 7.03
N VAL Q 80 -3.33 17.49 6.30
CA VAL Q 80 -1.86 17.46 6.39
C VAL Q 80 -1.35 18.89 6.50
N PRO Q 81 -0.23 19.10 7.19
CA PRO Q 81 0.39 20.43 7.16
C PRO Q 81 0.83 20.84 5.75
N THR Q 82 0.56 22.10 5.41
CA THR Q 82 0.88 22.59 4.08
C THR Q 82 2.37 22.88 3.93
N ASP Q 83 2.79 23.00 2.67
CA ASP Q 83 4.19 23.23 2.32
C ASP Q 83 4.42 24.70 2.05
N PRO Q 84 5.32 25.40 2.77
CA PRO Q 84 5.57 26.81 2.44
C PRO Q 84 6.20 26.96 1.06
N ASN Q 85 5.92 28.10 0.44
CA ASN Q 85 6.38 28.41 -0.91
C ASN Q 85 5.88 27.35 -1.89
N PRO Q 86 4.58 27.27 -2.13
CA PRO Q 86 4.07 26.33 -3.13
C PRO Q 86 4.44 26.76 -4.54
N GLN Q 87 4.44 25.78 -5.44
CA GLN Q 87 4.89 25.96 -6.82
C GLN Q 87 3.70 26.04 -7.76
N GLU Q 88 3.76 26.97 -8.70
CA GLU Q 88 2.79 27.10 -9.78
C GLU Q 88 3.59 27.30 -11.06
N ILE Q 89 3.53 26.32 -11.96
CA ILE Q 89 4.25 26.37 -13.23
C ILE Q 89 3.26 26.75 -14.32
N HIS Q 90 3.60 27.77 -15.09
CA HIS Q 90 2.77 28.21 -16.20
C HIS Q 90 2.94 27.27 -17.39
N LEU Q 91 1.85 26.68 -17.83
CA LEU Q 91 1.85 25.80 -19.01
C LEU Q 91 1.67 26.68 -20.24
N GLU Q 92 2.77 27.27 -20.69
CA GLU Q 92 2.71 28.15 -21.85
C GLU Q 92 2.36 27.33 -23.09
N ASN Q 93 1.51 27.93 -23.94
CA ASN Q 93 1.03 27.38 -25.20
C ASN Q 93 0.02 26.25 -25.01
N VAL Q 94 -0.43 26.00 -23.78
CA VAL Q 94 -1.37 24.93 -23.48
C VAL Q 94 -2.76 25.56 -23.28
N THR Q 95 -3.74 25.03 -24.02
CA THR Q 95 -5.13 25.42 -23.89
C THR Q 95 -5.92 24.18 -23.47
N GLU Q 96 -6.59 24.27 -22.32
CA GLU Q 96 -7.27 23.14 -21.72
C GLU Q 96 -8.76 23.45 -21.59
N GLU Q 97 -9.58 22.40 -21.72
CA GLU Q 97 -11.02 22.50 -21.59
C GLU Q 97 -11.40 22.30 -20.13
N PHE Q 98 -12.14 23.24 -19.58
CA PHE Q 98 -12.63 23.19 -18.20
C PHE Q 98 -14.15 23.13 -18.21
N ASN Q 99 -14.71 22.44 -17.21
CA ASN Q 99 -16.15 22.42 -16.96
C ASN Q 99 -16.37 22.64 -15.47
N MET Q 100 -16.78 23.86 -15.13
CA MET Q 100 -17.09 24.19 -13.74
C MET Q 100 -18.26 23.36 -13.23
N TRP Q 101 -19.19 22.99 -14.10
CA TRP Q 101 -20.43 22.35 -13.72
C TRP Q 101 -20.35 20.83 -13.68
N LYS Q 102 -19.26 20.25 -14.17
CA LYS Q 102 -18.95 18.82 -13.98
C LYS Q 102 -17.51 18.78 -13.44
N ASN Q 103 -17.40 18.94 -12.12
CA ASN Q 103 -16.12 18.88 -11.42
C ASN Q 103 -16.30 18.03 -10.17
N ASN Q 104 -15.49 16.99 -10.03
CA ASN Q 104 -15.57 16.10 -8.89
C ASN Q 104 -14.87 16.65 -7.66
N MET Q 105 -14.10 17.74 -7.80
CA MET Q 105 -13.53 18.37 -6.62
C MET Q 105 -14.61 18.97 -5.75
N VAL Q 106 -15.67 19.50 -6.37
CA VAL Q 106 -16.79 20.06 -5.62
C VAL Q 106 -17.51 18.96 -4.85
N GLU Q 107 -17.74 17.82 -5.50
CA GLU Q 107 -18.42 16.72 -4.83
C GLU Q 107 -17.58 16.15 -3.69
N GLN Q 108 -16.26 16.02 -3.91
CA GLN Q 108 -15.42 15.54 -2.83
C GLN Q 108 -15.39 16.52 -1.68
N MET Q 109 -15.35 17.83 -1.96
CA MET Q 109 -15.42 18.80 -0.89
C MET Q 109 -16.73 18.69 -0.12
N HIS Q 110 -17.85 18.49 -0.83
CA HIS Q 110 -19.11 18.32 -0.14
C HIS Q 110 -19.05 17.13 0.82
N THR Q 111 -18.61 15.98 0.29
CA THR Q 111 -18.52 14.78 1.10
C THR Q 111 -17.60 15.00 2.30
N ASP Q 112 -16.45 15.65 2.08
CA ASP Q 112 -15.47 15.83 3.14
C ASP Q 112 -16.00 16.76 4.23
N ILE Q 113 -16.61 17.87 3.86
CA ILE Q 113 -17.11 18.81 4.86
C ILE Q 113 -18.24 18.19 5.68
N ILE Q 114 -19.20 17.51 5.01
CA ILE Q 114 -20.26 16.84 5.78
C ILE Q 114 -19.69 15.77 6.70
N SER Q 115 -18.74 14.98 6.22
CA SER Q 115 -18.20 13.90 7.05
C SER Q 115 -17.38 14.45 8.21
N LEU Q 116 -16.62 15.53 7.98
CA LEU Q 116 -15.88 16.18 9.06
C LEU Q 116 -16.82 16.72 10.11
N TRP Q 117 -17.94 17.32 9.70
CA TRP Q 117 -18.95 17.77 10.65
C TRP Q 117 -19.49 16.60 11.46
N ASP Q 118 -19.81 15.50 10.77
CA ASP Q 118 -20.40 14.36 11.45
C ASP Q 118 -19.45 13.79 12.50
N GLN Q 119 -18.17 13.62 12.16
CA GLN Q 119 -17.26 13.06 13.15
C GLN Q 119 -16.94 14.07 14.25
N SER Q 120 -16.97 15.37 13.94
CA SER Q 120 -16.82 16.37 14.99
C SER Q 120 -18.02 16.41 15.92
N LEU Q 121 -19.17 15.87 15.51
CA LEU Q 121 -20.37 15.85 16.36
C LEU Q 121 -20.68 14.49 16.96
N LYS Q 122 -19.98 13.42 16.56
CA LYS Q 122 -20.18 12.14 17.24
C LYS Q 122 -19.80 12.18 18.71
N PRO Q 123 -18.62 12.68 19.11
CA PRO Q 123 -18.27 12.60 20.55
C PRO Q 123 -19.15 13.47 21.43
N CYS Q 124 -19.66 14.58 20.91
CA CYS Q 124 -20.38 15.53 21.74
C CYS Q 124 -21.72 14.95 22.23
N VAL Q 125 -22.26 15.61 23.25
CA VAL Q 125 -23.44 15.10 23.95
C VAL Q 125 -24.67 15.15 23.05
N LYS Q 126 -25.51 14.13 23.15
CA LYS Q 126 -26.78 14.03 22.42
C LYS Q 126 -27.92 14.42 23.35
N LEU Q 127 -28.72 15.41 22.94
CA LEU Q 127 -29.78 15.98 23.78
C LEU Q 127 -31.13 15.29 23.57
N THR Q 128 -31.13 13.99 23.80
CA THR Q 128 -32.35 13.21 23.97
C THR Q 128 -33.09 13.43 25.30
N PRO Q 129 -32.41 13.63 26.45
CA PRO Q 129 -33.19 13.84 27.68
C PRO Q 129 -34.00 15.14 27.67
N LEU Q 130 -33.72 16.06 26.76
CA LEU Q 130 -34.38 17.36 26.70
C LEU Q 130 -35.68 17.35 25.93
N CYS Q 131 -36.11 16.18 25.41
CA CYS Q 131 -37.37 16.08 24.67
C CYS Q 131 -38.50 15.87 25.68
N VAL Q 132 -38.86 16.97 26.35
CA VAL Q 132 -39.91 16.97 27.36
C VAL Q 132 -40.84 18.16 27.12
N THR Q 133 -42.03 18.08 27.71
CA THR Q 133 -42.98 19.18 27.62
C THR Q 133 -42.40 20.42 28.30
N LEU Q 134 -42.56 21.56 27.63
CA LEU Q 134 -41.99 22.83 28.07
C LEU Q 134 -43.14 23.78 28.36
N GLN Q 135 -43.20 24.30 29.58
CA GLN Q 135 -44.17 25.33 29.94
C GLN Q 135 -43.52 26.69 29.73
N CYS Q 136 -43.99 27.42 28.72
CA CYS Q 136 -43.30 28.59 28.20
C CYS Q 136 -44.16 29.83 28.40
N THR Q 137 -43.52 30.93 28.79
CA THR Q 137 -44.18 32.21 28.95
C THR Q 137 -43.34 33.30 28.29
N ASN Q 138 -43.99 34.42 27.97
CA ASN Q 138 -43.32 35.49 27.27
C ASN Q 138 -42.26 36.16 28.14
N VAL Q 139 -41.20 36.62 27.49
CA VAL Q 139 -40.14 37.40 28.13
C VAL Q 139 -40.35 38.85 27.72
N THR Q 140 -40.69 39.70 28.70
CA THR Q 140 -40.99 41.11 28.46
C THR Q 140 -40.19 42.05 29.36
N ASN Q 141 -38.99 41.64 29.78
CA ASN Q 141 -38.22 42.46 30.71
C ASN Q 141 -37.81 43.79 30.08
N ASN Q 142 -37.20 43.76 28.88
CA ASN Q 142 -36.86 44.96 28.13
C ASN Q 142 -36.93 44.57 26.66
N ILE Q 143 -38.04 44.85 26.00
CA ILE Q 143 -38.35 44.29 24.69
C ILE Q 143 -38.79 45.42 23.77
N THR Q 144 -38.17 45.48 22.58
CA THR Q 144 -38.61 46.36 21.52
C THR Q 144 -39.73 45.70 20.71
N ASP Q 145 -40.46 46.53 19.97
CA ASP Q 145 -41.65 46.05 19.27
C ASP Q 145 -41.33 45.00 18.21
N ASP Q 146 -40.11 44.98 17.67
CA ASP Q 146 -39.75 44.00 16.65
C ASP Q 146 -39.45 42.65 17.28
N MET Q 147 -38.79 42.64 18.44
CA MET Q 147 -38.36 41.43 19.12
C MET Q 147 -39.48 40.82 20.00
N ARG Q 148 -40.74 41.18 19.78
CA ARG Q 148 -41.81 40.74 20.66
C ARG Q 148 -42.11 39.26 20.39
N GLY Q 149 -41.88 38.42 21.41
CA GLY Q 149 -42.23 37.02 21.32
C GLY Q 149 -41.14 36.11 20.79
N GLU Q 150 -40.01 36.66 20.33
CA GLU Q 150 -38.96 35.81 19.77
C GLU Q 150 -38.39 34.86 20.81
N LEU Q 151 -38.13 35.35 22.02
CA LEU Q 151 -37.59 34.56 23.11
C LEU Q 151 -38.70 34.23 24.11
N LYS Q 152 -38.67 33.01 24.63
CA LYS Q 152 -39.65 32.56 25.61
C LYS Q 152 -38.96 31.90 26.79
N ASN Q 153 -39.47 32.19 27.99
CA ASN Q 153 -39.01 31.61 29.24
C ASN Q 153 -39.74 30.30 29.47
N CYS Q 154 -38.99 29.19 29.46
CA CYS Q 154 -39.56 27.85 29.43
C CYS Q 154 -39.02 27.03 30.59
N SER Q 155 -39.91 26.39 31.32
CA SER Q 155 -39.58 25.56 32.48
C SER Q 155 -39.86 24.09 32.15
N PHE Q 156 -39.05 23.20 32.70
CA PHE Q 156 -39.18 21.79 32.40
C PHE Q 156 -38.44 20.97 33.46
N ASN Q 157 -38.87 19.72 33.60
CA ASN Q 157 -38.22 18.77 34.48
C ASN Q 157 -37.07 18.10 33.73
N MET Q 158 -35.93 17.96 34.41
CA MET Q 158 -34.70 17.48 33.81
C MET Q 158 -34.03 16.44 34.70
N THR Q 159 -33.32 15.52 34.05
CA THR Q 159 -32.53 14.52 34.75
C THR Q 159 -31.29 15.15 35.36
N THR Q 160 -30.78 14.51 36.40
CA THR Q 160 -29.55 14.91 37.09
C THR Q 160 -28.56 13.75 37.03
N GLU Q 161 -27.36 13.98 37.57
CA GLU Q 161 -26.28 13.00 37.47
C GLU Q 161 -26.66 11.68 38.13
N LEU Q 162 -27.43 11.73 39.21
CA LEU Q 162 -27.92 10.55 39.88
C LEU Q 162 -29.19 10.07 39.19
N ARG Q 163 -29.29 8.76 38.92
CA ARG Q 163 -30.40 8.29 38.11
C ARG Q 163 -31.72 8.28 38.87
N ASP Q 164 -31.71 8.45 40.19
CA ASP Q 164 -32.90 8.30 41.02
C ASP Q 164 -33.53 9.63 41.40
N LYS Q 165 -32.92 10.76 41.02
CA LYS Q 165 -33.40 12.08 41.40
C LYS Q 165 -33.59 12.91 40.15
N ARG Q 166 -34.40 13.96 40.28
CA ARG Q 166 -34.75 14.83 39.17
C ARG Q 166 -34.77 16.27 39.65
N GLN Q 167 -34.69 17.19 38.69
CA GLN Q 167 -34.64 18.62 38.95
C GLN Q 167 -35.55 19.34 37.98
N LYS Q 168 -36.01 20.53 38.40
CA LYS Q 168 -36.80 21.42 37.56
C LYS Q 168 -35.89 22.59 37.21
N VAL Q 169 -35.70 22.83 35.91
CA VAL Q 169 -34.76 23.82 35.41
C VAL Q 169 -35.45 24.67 34.35
N HIS Q 170 -35.02 25.92 34.26
CA HIS Q 170 -35.55 26.92 33.34
C HIS Q 170 -34.48 27.35 32.35
N ALA Q 171 -34.90 27.62 31.12
CA ALA Q 171 -34.03 28.13 30.08
C ALA Q 171 -34.84 28.97 29.12
N LEU Q 172 -34.18 29.94 28.48
CA LEU Q 172 -34.80 30.75 27.45
C LEU Q 172 -34.63 30.06 26.10
N PHE Q 173 -35.69 30.03 25.31
CA PHE Q 173 -35.68 29.41 24.00
C PHE Q 173 -36.26 30.36 22.97
N TYR Q 174 -35.83 30.17 21.73
CA TYR Q 174 -36.27 31.01 20.62
C TYR Q 174 -37.55 30.42 20.04
N LYS Q 175 -38.45 31.31 19.57
CA LYS Q 175 -39.69 30.86 18.97
C LYS Q 175 -39.50 29.90 17.81
N LEU Q 176 -38.40 30.03 17.08
CA LEU Q 176 -38.17 29.17 15.93
C LEU Q 176 -37.73 27.77 16.33
N ASP Q 177 -37.23 27.60 17.56
CA ASP Q 177 -36.78 26.31 18.06
C ASP Q 177 -37.85 25.56 18.85
N ILE Q 178 -39.03 26.14 19.06
CA ILE Q 178 -40.10 25.54 19.85
C ILE Q 178 -41.38 25.58 19.04
N VAL Q 179 -42.20 24.54 19.20
CA VAL Q 179 -43.45 24.37 18.45
C VAL Q 179 -44.57 24.12 19.45
N PRO Q 180 -45.78 24.64 19.26
CA PRO Q 180 -46.89 24.27 20.15
C PRO Q 180 -47.16 22.78 20.12
N ILE Q 181 -47.25 22.18 21.31
CA ILE Q 181 -47.62 20.77 21.41
C ILE Q 181 -49.06 20.57 20.96
N ASN Q 182 -49.96 21.44 21.40
CA ASN Q 182 -51.39 21.33 21.12
C ASN Q 182 -51.93 22.67 20.67
N GLU Q 183 -53.03 22.61 19.90
CA GLU Q 183 -53.65 23.82 19.40
C GLU Q 183 -54.17 24.69 20.54
N ASN Q 184 -54.78 24.05 21.55
CA ASN Q 184 -55.31 24.78 22.69
C ASN Q 184 -54.20 25.53 23.41
N GLN Q 185 -54.55 26.69 23.98
CA GLN Q 185 -53.56 27.60 24.55
C GLN Q 185 -53.13 27.15 25.95
N ASN Q 186 -52.63 25.92 26.07
CA ASN Q 186 -52.04 25.45 27.31
C ASN Q 186 -50.65 26.06 27.53
N THR Q 187 -50.05 26.66 26.51
CA THR Q 187 -48.68 27.19 26.58
C THR Q 187 -47.65 26.07 26.78
N SER Q 188 -47.99 24.86 26.33
CA SER Q 188 -47.05 23.74 26.35
C SER Q 188 -46.33 23.68 25.00
N TYR Q 189 -45.01 23.49 25.06
CA TYR Q 189 -44.15 23.57 23.89
C TYR Q 189 -43.17 22.41 23.85
N ARG Q 190 -42.73 22.10 22.63
CA ARG Q 190 -41.81 21.01 22.34
C ARG Q 190 -40.75 21.53 21.38
N LEU Q 191 -39.56 20.97 21.46
CA LEU Q 191 -38.51 21.32 20.52
C LEU Q 191 -38.85 20.75 19.15
N ILE Q 192 -38.54 21.53 18.12
CA ILE Q 192 -39.06 21.24 16.77
C ILE Q 192 -38.55 19.88 16.27
N ASN Q 193 -37.32 19.52 16.63
CA ASN Q 193 -36.73 18.29 16.13
C ASN Q 193 -37.34 17.04 16.75
N CYS Q 194 -37.88 17.15 17.97
CA CYS Q 194 -38.02 16.00 18.85
C CYS Q 194 -38.93 14.91 18.25
N ASN Q 195 -39.92 15.31 17.46
CA ASN Q 195 -40.82 14.34 16.85
C ASN Q 195 -40.06 13.44 15.88
N THR Q 196 -39.31 14.04 14.95
CA THR Q 196 -38.72 13.30 13.85
C THR Q 196 -37.34 12.75 14.14
N ALA Q 197 -36.61 13.29 15.11
CA ALA Q 197 -35.19 12.97 15.24
C ALA Q 197 -34.70 13.39 16.62
N ALA Q 198 -33.41 13.13 16.88
CA ALA Q 198 -32.72 13.50 18.10
C ALA Q 198 -31.66 14.54 17.76
N ILE Q 199 -31.47 15.49 18.67
CA ILE Q 199 -30.68 16.69 18.39
C ILE Q 199 -29.39 16.59 19.20
N THR Q 200 -28.26 16.62 18.50
CA THR Q 200 -26.96 16.63 19.14
C THR Q 200 -26.62 18.05 19.58
N GLN Q 201 -25.69 18.16 20.53
CA GLN Q 201 -25.18 19.44 21.01
C GLN Q 201 -23.74 19.58 20.56
N ALA Q 202 -23.40 20.72 19.97
CA ALA Q 202 -22.02 21.00 19.61
C ALA Q 202 -21.18 21.16 20.88
N CYS Q 203 -19.99 20.58 20.86
CA CYS Q 203 -19.09 20.72 22.01
C CYS Q 203 -18.71 22.20 22.16
N PRO Q 204 -18.72 22.75 23.39
CA PRO Q 204 -18.42 24.18 23.54
C PRO Q 204 -17.01 24.55 23.13
N LYS Q 205 -16.05 23.61 23.22
CA LYS Q 205 -14.67 23.91 22.91
C LYS Q 205 -14.42 23.94 21.41
N VAL Q 206 -15.15 23.12 20.65
CA VAL Q 206 -14.98 23.08 19.20
C VAL Q 206 -15.38 24.43 18.61
N SER Q 207 -14.55 24.93 17.70
CA SER Q 207 -14.73 26.23 17.07
C SER Q 207 -15.35 26.08 15.69
N PHE Q 208 -15.96 27.17 15.22
CA PHE Q 208 -16.70 27.22 13.97
C PHE Q 208 -16.07 28.16 12.94
N GLU Q 209 -14.92 28.74 13.23
CA GLU Q 209 -14.33 29.69 12.30
C GLU Q 209 -13.80 28.95 11.08
N PRO Q 210 -14.24 29.29 9.86
CA PRO Q 210 -13.64 28.65 8.68
C PRO Q 210 -12.16 29.01 8.54
N ILE Q 211 -11.33 27.99 8.49
CA ILE Q 211 -9.89 28.15 8.26
C ILE Q 211 -9.60 27.66 6.84
N PRO Q 212 -8.68 28.28 6.09
CA PRO Q 212 -8.46 27.82 4.71
C PRO Q 212 -7.93 26.40 4.64
N ILE Q 213 -8.46 25.62 3.71
CA ILE Q 213 -7.96 24.30 3.36
C ILE Q 213 -7.56 24.30 1.90
N HIS Q 214 -6.39 23.71 1.61
CA HIS Q 214 -5.86 23.58 0.27
C HIS Q 214 -6.02 22.14 -0.18
N TYR Q 215 -6.61 21.93 -1.36
CA TYR Q 215 -6.82 20.60 -1.90
C TYR Q 215 -5.68 20.23 -2.83
N CYS Q 216 -4.99 19.15 -2.49
CA CYS Q 216 -3.80 18.69 -3.18
C CYS Q 216 -4.09 17.37 -3.89
N ALA Q 217 -3.28 17.08 -4.91
CA ALA Q 217 -3.45 15.89 -5.72
C ALA Q 217 -2.41 14.82 -5.33
N PRO Q 218 -2.79 13.53 -5.29
CA PRO Q 218 -1.78 12.50 -5.01
C PRO Q 218 -0.78 12.35 -6.14
N ALA Q 219 0.20 11.47 -5.97
CA ALA Q 219 1.20 11.25 -7.00
C ALA Q 219 0.56 10.71 -8.27
N GLY Q 220 1.05 11.19 -9.41
CA GLY Q 220 0.48 10.82 -10.69
C GLY Q 220 -0.74 11.59 -11.12
N PHE Q 221 -1.09 12.64 -10.37
CA PHE Q 221 -2.22 13.51 -10.71
C PHE Q 221 -1.75 14.95 -10.60
N ALA Q 222 -2.39 15.82 -11.37
CA ALA Q 222 -2.08 17.23 -11.37
C ALA Q 222 -3.36 18.04 -11.33
N ILE Q 223 -3.26 19.23 -10.75
CA ILE Q 223 -4.35 20.20 -10.70
C ILE Q 223 -3.99 21.30 -11.68
N LEU Q 224 -4.82 21.50 -12.68
CA LEU Q 224 -4.64 22.54 -13.68
C LEU Q 224 -5.51 23.73 -13.32
N LYS Q 225 -4.91 24.91 -13.29
CA LYS Q 225 -5.58 26.13 -12.85
C LYS Q 225 -5.74 27.07 -14.04
N CYS Q 226 -6.97 27.49 -14.30
CA CYS Q 226 -7.24 28.47 -15.34
C CYS Q 226 -6.86 29.85 -14.84
N LYS Q 227 -5.91 30.48 -15.54
CA LYS Q 227 -5.43 31.81 -15.21
C LYS Q 227 -6.10 32.90 -16.06
N ASP Q 228 -7.08 32.55 -16.87
CA ASP Q 228 -7.83 33.54 -17.63
C ASP Q 228 -8.72 34.32 -16.67
N LYS Q 229 -8.70 35.65 -16.79
CA LYS Q 229 -9.41 36.52 -15.88
C LYS Q 229 -10.86 36.75 -16.24
N LYS Q 230 -11.28 36.36 -17.46
CA LYS Q 230 -12.65 36.54 -17.92
C LYS Q 230 -13.38 35.21 -18.10
N PHE Q 231 -12.83 34.12 -17.55
CA PHE Q 231 -13.42 32.80 -17.76
C PHE Q 231 -14.74 32.69 -17.02
N ASN Q 232 -15.73 32.04 -17.66
CA ASN Q 232 -17.02 31.79 -17.03
C ASN Q 232 -17.16 30.36 -16.51
N GLY Q 233 -16.04 29.64 -16.36
CA GLY Q 233 -16.06 28.29 -15.84
C GLY Q 233 -16.33 27.19 -16.83
N THR Q 234 -16.57 27.51 -18.10
CA THR Q 234 -16.79 26.49 -19.13
C THR Q 234 -16.07 26.89 -20.40
N GLY Q 235 -15.69 25.86 -21.18
CA GLY Q 235 -15.04 26.06 -22.45
C GLY Q 235 -13.53 26.10 -22.33
N PRO Q 236 -12.86 26.30 -23.47
CA PRO Q 236 -11.39 26.30 -23.46
C PRO Q 236 -10.81 27.46 -22.67
N CYS Q 237 -9.71 27.19 -22.00
CA CYS Q 237 -8.99 28.17 -21.18
C CYS Q 237 -7.59 28.35 -21.76
N PRO Q 238 -7.27 29.44 -22.47
CA PRO Q 238 -5.97 29.51 -23.15
C PRO Q 238 -4.78 29.72 -22.22
N SER Q 239 -5.00 30.14 -20.98
CA SER Q 239 -3.93 30.40 -20.02
C SER Q 239 -4.09 29.41 -18.88
N VAL Q 240 -3.23 28.39 -18.85
CA VAL Q 240 -3.30 27.30 -17.89
C VAL Q 240 -1.99 27.22 -17.12
N SER Q 241 -2.11 26.87 -15.84
CA SER Q 241 -0.97 26.59 -14.98
C SER Q 241 -1.28 25.33 -14.18
N THR Q 242 -0.23 24.66 -13.73
CA THR Q 242 -0.33 23.48 -12.88
C THR Q 242 0.15 23.84 -11.48
N VAL Q 243 -0.64 23.45 -10.48
CA VAL Q 243 -0.40 23.82 -9.08
C VAL Q 243 -0.36 22.54 -8.26
N GLN Q 244 0.52 22.53 -7.26
CA GLN Q 244 0.56 21.39 -6.34
C GLN Q 244 -0.75 21.29 -5.56
N CYS Q 245 -1.24 22.42 -5.08
CA CYS Q 245 -2.46 22.47 -4.29
C CYS Q 245 -3.26 23.71 -4.69
N THR Q 246 -4.57 23.63 -4.45
CA THR Q 246 -5.42 24.80 -4.66
C THR Q 246 -5.13 25.85 -3.59
N HIS Q 247 -5.57 27.07 -3.86
CA HIS Q 247 -5.46 28.12 -2.86
C HIS Q 247 -6.34 27.78 -1.68
N GLY Q 248 -6.04 28.41 -0.54
CA GLY Q 248 -6.79 28.16 0.67
C GLY Q 248 -8.24 28.55 0.51
N ILE Q 249 -9.14 27.58 0.73
CA ILE Q 249 -10.57 27.77 0.58
C ILE Q 249 -11.19 27.59 1.95
N LYS Q 250 -11.84 28.64 2.45
CA LYS Q 250 -12.46 28.60 3.75
C LYS Q 250 -13.86 27.99 3.64
N PRO Q 251 -14.19 26.91 4.40
CA PRO Q 251 -15.54 26.34 4.24
C PRO Q 251 -16.62 27.23 4.86
N VAL Q 252 -16.97 28.27 4.13
CA VAL Q 252 -17.97 29.24 4.58
C VAL Q 252 -19.33 28.75 4.10
N VAL Q 253 -20.22 28.51 5.07
CA VAL Q 253 -21.57 28.01 4.80
C VAL Q 253 -22.51 29.20 4.83
N SER Q 254 -23.19 29.46 3.71
CA SER Q 254 -24.05 30.61 3.61
C SER Q 254 -25.04 30.43 2.47
N THR Q 255 -26.12 31.21 2.51
CA THR Q 255 -27.13 31.26 1.47
C THR Q 255 -27.37 32.71 1.05
N GLN Q 256 -27.64 32.88 -0.23
CA GLN Q 256 -27.97 34.15 -0.88
C GLN Q 256 -26.79 35.10 -1.03
N LEU Q 257 -25.64 34.79 -0.41
CA LEU Q 257 -24.50 35.70 -0.43
C LEU Q 257 -23.27 34.88 -0.09
N LEU Q 258 -22.24 34.98 -0.91
CA LEU Q 258 -20.98 34.29 -0.69
C LEU Q 258 -20.06 35.19 0.11
N LEU Q 259 -19.63 34.70 1.27
CA LEU Q 259 -18.90 35.49 2.25
C LEU Q 259 -17.46 35.02 2.36
N ASN Q 260 -16.54 35.98 2.45
CA ASN Q 260 -15.12 35.71 2.70
C ASN Q 260 -14.51 34.86 1.59
N GLY Q 261 -15.02 34.99 0.37
CA GLY Q 261 -14.53 34.24 -0.77
C GLY Q 261 -13.53 35.03 -1.59
N SER Q 262 -13.24 34.48 -2.77
CA SER Q 262 -12.37 35.14 -3.72
C SER Q 262 -13.15 36.19 -4.51
N LEU Q 263 -12.40 37.08 -5.15
CA LEU Q 263 -12.95 38.22 -5.87
C LEU Q 263 -12.45 38.20 -7.32
N ALA Q 264 -13.30 38.67 -8.22
CA ALA Q 264 -12.93 38.74 -9.63
C ALA Q 264 -11.84 39.77 -9.84
N GLU Q 265 -10.92 39.46 -10.75
CA GLU Q 265 -9.76 40.32 -10.95
C GLU Q 265 -10.13 41.59 -11.70
N GLU Q 266 -10.96 41.48 -12.74
CA GLU Q 266 -11.24 42.58 -13.66
C GLU Q 266 -12.69 43.04 -13.61
N GLU Q 267 -13.66 42.14 -13.80
CA GLU Q 267 -15.06 42.50 -13.91
C GLU Q 267 -15.91 41.50 -13.15
N VAL Q 268 -17.14 41.93 -12.85
CA VAL Q 268 -18.10 41.03 -12.22
C VAL Q 268 -18.39 39.87 -13.15
N MET Q 269 -18.40 38.67 -12.59
CA MET Q 269 -18.49 37.42 -13.35
C MET Q 269 -19.83 36.77 -13.11
N ILE Q 270 -20.54 36.45 -14.19
CA ILE Q 270 -21.83 35.78 -14.16
C ILE Q 270 -21.62 34.37 -14.70
N ARG Q 271 -21.97 33.37 -13.88
CA ARG Q 271 -21.69 31.97 -14.19
C ARG Q 271 -22.92 31.13 -13.89
N SER Q 272 -23.54 30.59 -14.93
CA SER Q 272 -24.64 29.65 -14.83
C SER Q 272 -24.38 28.49 -15.78
N LYS Q 273 -24.89 27.31 -15.41
CA LYS Q 273 -24.74 26.15 -16.28
C LYS Q 273 -25.45 26.40 -17.62
N ASP Q 274 -26.67 26.92 -17.55
CA ASP Q 274 -27.36 27.48 -18.70
C ASP Q 274 -28.08 28.73 -18.23
N ILE Q 275 -27.69 29.89 -18.78
CA ILE Q 275 -28.27 31.14 -18.34
C ILE Q 275 -29.74 31.24 -18.76
N ARG Q 276 -30.10 30.60 -19.88
CA ARG Q 276 -31.49 30.62 -20.31
C ARG Q 276 -32.35 29.78 -19.36
N ASN Q 277 -31.79 28.68 -18.85
CA ASN Q 277 -32.52 27.85 -17.90
C ASN Q 277 -32.66 28.55 -16.56
N ASN Q 278 -33.89 28.54 -16.04
CA ASN Q 278 -34.20 29.13 -14.75
C ASN Q 278 -34.07 28.16 -13.58
N ALA Q 279 -33.94 26.87 -13.86
CA ALA Q 279 -33.79 25.87 -12.80
C ALA Q 279 -32.36 25.75 -12.29
N LYS Q 280 -31.41 26.45 -12.91
CA LYS Q 280 -30.01 26.44 -12.51
C LYS Q 280 -29.68 27.79 -11.89
N ASN Q 281 -29.07 27.75 -10.71
CA ASN Q 281 -28.74 28.97 -10.00
C ASN Q 281 -27.60 29.71 -10.71
N ILE Q 282 -27.66 31.03 -10.67
CA ILE Q 282 -26.63 31.89 -11.25
C ILE Q 282 -25.70 32.32 -10.12
N LEU Q 283 -24.41 32.09 -10.32
CA LEU Q 283 -23.38 32.47 -9.35
C LEU Q 283 -22.71 33.76 -9.82
N VAL Q 284 -22.69 34.75 -8.94
CA VAL Q 284 -22.13 36.07 -9.22
C VAL Q 284 -20.87 36.23 -8.41
N GLN Q 285 -19.81 36.72 -9.04
CA GLN Q 285 -18.55 37.05 -8.38
C GLN Q 285 -18.33 38.55 -8.46
N PHE Q 286 -18.14 39.18 -7.30
CA PHE Q 286 -17.82 40.60 -7.26
C PHE Q 286 -16.34 40.81 -7.48
N ASN Q 287 -16.01 41.90 -8.19
CA ASN Q 287 -14.63 42.35 -8.29
C ASN Q 287 -14.21 43.21 -7.11
N THR Q 288 -15.15 43.84 -6.42
CA THR Q 288 -14.91 44.61 -5.21
C THR Q 288 -15.88 44.13 -4.14
N PRO Q 289 -15.42 43.78 -2.93
CA PRO Q 289 -16.34 43.26 -1.93
C PRO Q 289 -17.21 44.36 -1.33
N VAL Q 290 -18.36 43.95 -0.80
CA VAL Q 290 -19.24 44.82 -0.02
C VAL Q 290 -19.08 44.42 1.43
N GLN Q 291 -18.62 45.35 2.25
CA GLN Q 291 -18.44 45.07 3.68
C GLN Q 291 -19.79 45.02 4.36
N ILE Q 292 -19.98 43.98 5.16
CA ILE Q 292 -21.24 43.75 5.89
C ILE Q 292 -20.89 43.59 7.37
N ASN Q 293 -21.55 44.40 8.21
CA ASN Q 293 -21.32 44.40 9.65
C ASN Q 293 -22.54 43.82 10.34
N CYS Q 294 -22.36 42.69 10.99
CA CYS Q 294 -23.45 41.95 11.64
C CYS Q 294 -23.24 41.91 13.13
N THR Q 295 -24.33 41.97 13.88
CA THR Q 295 -24.25 41.99 15.34
C THR Q 295 -25.51 41.41 15.96
N ARG Q 296 -25.32 40.78 17.11
CA ARG Q 296 -26.40 40.44 18.04
C ARG Q 296 -26.15 41.23 19.32
N PRO Q 297 -26.79 42.39 19.51
CA PRO Q 297 -26.39 43.29 20.59
C PRO Q 297 -26.66 42.75 21.99
N ASN Q 298 -27.44 41.69 22.13
CA ASN Q 298 -27.76 41.15 23.44
C ASN Q 298 -26.51 40.63 24.14
N ASN Q 299 -26.36 40.97 25.41
CA ASN Q 299 -25.29 40.42 26.25
C ASN Q 299 -25.77 39.06 26.76
N ASN Q 300 -25.28 37.99 26.14
CA ASN Q 300 -25.74 36.65 26.46
C ASN Q 300 -24.88 36.04 27.55
N THR Q 301 -25.47 35.06 28.24
CA THR Q 301 -24.79 34.27 29.26
C THR Q 301 -25.00 32.79 28.93
N ARG Q 302 -24.11 31.96 29.44
CA ARG Q 302 -24.17 30.52 29.26
C ARG Q 302 -24.36 29.85 30.61
N LYS Q 303 -25.41 29.02 30.71
CA LYS Q 303 -25.79 28.35 31.94
C LYS Q 303 -25.53 26.86 31.76
N SER Q 304 -24.68 26.30 32.61
CA SER Q 304 -24.44 24.86 32.59
C SER Q 304 -25.56 24.14 33.32
N ILE Q 305 -26.10 23.11 32.67
CA ILE Q 305 -27.12 22.24 33.25
C ILE Q 305 -26.61 20.81 33.11
N ARG Q 306 -26.57 20.07 34.21
CA ARG Q 306 -26.13 18.69 34.18
C ARG Q 306 -27.32 17.78 33.91
N ILE Q 307 -27.18 16.95 32.88
CA ILE Q 307 -28.20 16.02 32.42
C ILE Q 307 -27.77 14.57 32.53
N GLY Q 308 -26.55 14.30 33.01
CA GLY Q 308 -26.03 12.96 33.07
C GLY Q 308 -24.73 12.91 33.84
N PRO Q 309 -24.16 11.72 33.99
CA PRO Q 309 -22.90 11.60 34.75
C PRO Q 309 -21.77 12.45 34.21
N GLY Q 310 -21.59 12.50 32.90
CA GLY Q 310 -20.58 13.31 32.26
C GLY Q 310 -21.10 14.24 31.19
N GLN Q 311 -22.43 14.36 31.08
CA GLN Q 311 -23.08 15.09 30.00
C GLN Q 311 -23.67 16.39 30.54
N TRP Q 312 -23.38 17.48 29.86
CA TRP Q 312 -23.87 18.81 30.21
C TRP Q 312 -24.72 19.37 29.08
N PHE Q 313 -25.67 20.23 29.43
CA PHE Q 313 -26.47 21.00 28.49
C PHE Q 313 -26.31 22.48 28.80
N TYR Q 314 -25.85 23.25 27.82
CA TYR Q 314 -25.63 24.67 27.97
C TYR Q 314 -26.85 25.43 27.45
N ALA Q 315 -27.29 26.42 28.23
CA ALA Q 315 -28.55 27.13 27.99
C ALA Q 315 -28.30 28.63 27.96
N THR Q 316 -29.32 29.35 27.48
CA THR Q 316 -29.20 30.78 27.22
C THR Q 316 -29.01 31.61 28.49
N GLY Q 317 -29.33 31.07 29.65
CA GLY Q 317 -29.15 31.84 30.87
C GLY Q 317 -30.05 33.06 30.90
N ASP Q 318 -29.49 34.18 31.36
CA ASP Q 318 -30.19 35.46 31.45
C ASP Q 318 -29.40 36.50 30.69
N ILE Q 319 -30.11 37.35 29.96
CA ILE Q 319 -29.50 38.36 29.09
C ILE Q 319 -29.28 39.63 29.92
N ILE Q 320 -28.02 39.92 30.23
CA ILE Q 320 -27.68 41.13 30.96
C ILE Q 320 -28.04 42.34 30.10
N GLY Q 321 -28.87 43.21 30.63
CA GLY Q 321 -29.19 44.46 29.97
C GLY Q 321 -30.34 44.34 28.99
N ASP Q 322 -30.46 45.39 28.18
CA ASP Q 322 -31.55 45.47 27.22
C ASP Q 322 -31.42 44.41 26.13
N ILE Q 323 -32.56 44.02 25.57
CA ILE Q 323 -32.65 43.00 24.53
C ILE Q 323 -33.04 43.71 23.25
N ARG Q 324 -32.21 43.57 22.21
CA ARG Q 324 -32.46 44.15 20.89
C ARG Q 324 -32.21 43.10 19.82
N GLN Q 325 -32.89 43.26 18.70
CA GLN Q 325 -32.80 42.27 17.62
C GLN Q 325 -31.44 42.29 16.95
N ALA Q 326 -30.99 41.12 16.51
CA ALA Q 326 -29.80 41.04 15.68
C ALA Q 326 -30.08 41.62 14.31
N HIS Q 327 -29.04 42.21 13.70
CA HIS Q 327 -29.20 42.89 12.43
C HIS Q 327 -27.83 42.96 11.75
N CYS Q 328 -27.87 43.26 10.45
CA CYS Q 328 -26.66 43.41 9.64
C CYS Q 328 -26.75 44.71 8.86
N ASN Q 329 -25.61 45.40 8.74
CA ASN Q 329 -25.51 46.66 8.01
C ASN Q 329 -24.64 46.45 6.78
N VAL Q 330 -25.10 46.96 5.64
CA VAL Q 330 -24.28 47.06 4.44
C VAL Q 330 -24.33 48.50 3.95
N SER Q 331 -23.22 48.96 3.38
CA SER Q 331 -23.17 50.28 2.79
C SER Q 331 -24.11 50.35 1.60
N LYS Q 332 -24.96 51.39 1.56
CA LYS Q 332 -25.96 51.48 0.51
C LYS Q 332 -25.35 51.87 -0.82
N ALA Q 333 -24.40 52.81 -0.81
CA ALA Q 333 -23.75 53.22 -2.06
C ALA Q 333 -22.94 52.07 -2.65
N THR Q 334 -22.20 51.35 -1.81
CA THR Q 334 -21.42 50.22 -2.29
C THR Q 334 -22.33 49.14 -2.86
N TRP Q 335 -23.43 48.84 -2.16
CA TRP Q 335 -24.38 47.86 -2.66
C TRP Q 335 -24.98 48.29 -4.00
N ASN Q 336 -25.32 49.57 -4.13
CA ASN Q 336 -25.93 50.02 -5.37
C ASN Q 336 -24.95 49.98 -6.53
N GLU Q 337 -23.67 50.33 -6.30
CA GLU Q 337 -22.70 50.26 -7.39
C GLU Q 337 -22.45 48.82 -7.81
N THR Q 338 -22.31 47.90 -6.85
CA THR Q 338 -22.14 46.51 -7.22
C THR Q 338 -23.38 45.96 -7.93
N LEU Q 339 -24.58 46.36 -7.50
CA LEU Q 339 -25.79 45.92 -8.19
C LEU Q 339 -25.83 46.43 -9.61
N GLY Q 340 -25.40 47.68 -9.83
CA GLY Q 340 -25.31 48.19 -11.20
C GLY Q 340 -24.34 47.39 -12.05
N LYS Q 341 -23.20 47.02 -11.47
CA LYS Q 341 -22.24 46.19 -12.21
C LYS Q 341 -22.82 44.83 -12.55
N VAL Q 342 -23.52 44.19 -11.59
CA VAL Q 342 -24.18 42.92 -11.86
C VAL Q 342 -25.25 43.10 -12.94
N VAL Q 343 -25.95 44.23 -12.92
CA VAL Q 343 -26.97 44.49 -13.93
C VAL Q 343 -26.34 44.60 -15.31
N LYS Q 344 -25.18 45.25 -15.41
CA LYS Q 344 -24.49 45.35 -16.69
C LYS Q 344 -24.08 43.97 -17.21
N GLN Q 345 -23.51 43.14 -16.32
CA GLN Q 345 -23.14 41.79 -16.75
C GLN Q 345 -24.36 40.96 -17.14
N LEU Q 346 -25.47 41.13 -16.43
CA LEU Q 346 -26.68 40.41 -16.78
C LEU Q 346 -27.24 40.90 -18.12
N ARG Q 347 -27.11 42.20 -18.39
CA ARG Q 347 -27.52 42.74 -19.67
C ARG Q 347 -26.69 42.17 -20.80
N LYS Q 348 -25.42 41.86 -20.53
CA LYS Q 348 -24.60 41.19 -21.54
C LYS Q 348 -25.14 39.80 -21.93
N HIS Q 349 -26.05 39.22 -21.12
CA HIS Q 349 -26.63 37.91 -21.41
C HIS Q 349 -28.11 37.96 -21.74
N PHE Q 350 -28.81 39.06 -21.43
CA PHE Q 350 -30.26 39.12 -21.54
C PHE Q 350 -30.76 40.29 -22.38
N GLY Q 351 -29.88 41.00 -23.07
CA GLY Q 351 -30.25 42.10 -23.93
C GLY Q 351 -29.75 43.43 -23.39
N ASN Q 352 -29.51 44.36 -24.31
CA ASN Q 352 -28.95 45.66 -23.93
C ASN Q 352 -30.01 46.63 -23.41
N ASN Q 353 -31.30 46.37 -23.67
CA ASN Q 353 -32.40 47.22 -23.21
C ASN Q 353 -33.36 46.46 -22.30
N THR Q 354 -32.94 45.32 -21.76
CA THR Q 354 -33.78 44.57 -20.84
C THR Q 354 -33.75 45.20 -19.45
N ILE Q 355 -34.88 45.12 -18.76
CA ILE Q 355 -35.01 45.67 -17.42
C ILE Q 355 -34.62 44.57 -16.43
N ILE Q 356 -33.59 44.84 -15.63
CA ILE Q 356 -33.12 43.90 -14.61
C ILE Q 356 -33.72 44.32 -13.28
N ARG Q 357 -34.62 43.49 -12.76
CA ARG Q 357 -35.29 43.74 -11.49
C ARG Q 357 -34.76 42.75 -10.46
N PHE Q 358 -34.45 43.26 -9.27
CA PHE Q 358 -34.09 42.44 -8.13
C PHE Q 358 -35.24 42.43 -7.14
N ALA Q 359 -35.64 41.23 -6.73
CA ALA Q 359 -36.71 41.03 -5.77
C ALA Q 359 -36.25 39.98 -4.76
N ASN Q 360 -37.04 39.79 -3.71
CA ASN Q 360 -36.66 38.93 -2.61
C ASN Q 360 -37.26 37.55 -2.80
N SER Q 361 -36.90 36.64 -1.89
CA SER Q 361 -37.21 35.23 -2.07
C SER Q 361 -38.71 34.98 -2.12
N SER Q 362 -39.11 34.11 -3.06
CA SER Q 362 -40.52 33.75 -3.18
C SER Q 362 -40.97 32.94 -1.98
N GLY Q 363 -40.13 32.04 -1.49
CA GLY Q 363 -40.49 31.25 -0.32
C GLY Q 363 -39.51 30.11 -0.15
N GLY Q 364 -39.83 29.26 0.84
CA GLY Q 364 -39.07 28.07 1.15
C GLY Q 364 -38.73 28.04 2.62
N ASP Q 365 -37.74 27.20 2.95
CA ASP Q 365 -37.26 27.11 4.31
C ASP Q 365 -36.56 28.39 4.73
N LEU Q 366 -36.31 28.53 6.03
CA LEU Q 366 -35.68 29.75 6.54
C LEU Q 366 -34.28 29.93 5.97
N GLU Q 367 -33.57 28.83 5.75
CA GLU Q 367 -32.20 28.91 5.23
C GLU Q 367 -32.16 29.64 3.90
N VAL Q 368 -33.06 29.28 2.97
CA VAL Q 368 -33.01 29.87 1.63
C VAL Q 368 -33.72 31.23 1.59
N THR Q 369 -34.81 31.38 2.33
CA THR Q 369 -35.56 32.64 2.29
C THR Q 369 -34.78 33.80 2.88
N THR Q 370 -33.84 33.53 3.79
CA THR Q 370 -33.03 34.55 4.45
C THR Q 370 -31.57 34.30 4.14
N HIS Q 371 -30.75 35.33 4.33
CA HIS Q 371 -29.30 35.16 4.23
C HIS Q 371 -28.85 34.44 5.49
N SER Q 372 -28.72 33.12 5.40
CA SER Q 372 -28.28 32.31 6.52
C SER Q 372 -26.77 32.30 6.57
N PHE Q 373 -26.23 32.44 7.77
CA PHE Q 373 -24.79 32.31 7.97
C PHE Q 373 -24.53 32.06 9.44
N ASN Q 374 -23.30 31.68 9.75
CA ASN Q 374 -22.84 31.51 11.11
C ASN Q 374 -21.50 32.18 11.27
N CYS Q 375 -21.41 33.08 12.25
CA CYS Q 375 -20.16 33.77 12.58
C CYS Q 375 -20.11 33.91 14.09
N GLY Q 376 -18.99 33.47 14.68
CA GLY Q 376 -18.83 33.47 16.11
C GLY Q 376 -19.41 32.27 16.82
N GLY Q 377 -20.09 31.37 16.11
CA GLY Q 377 -20.79 30.24 16.69
C GLY Q 377 -22.29 30.42 16.77
N GLU Q 378 -22.80 31.62 16.52
CA GLU Q 378 -24.23 31.89 16.50
C GLU Q 378 -24.73 31.91 15.06
N PHE Q 379 -25.88 31.30 14.84
CA PHE Q 379 -26.44 31.11 13.50
C PHE Q 379 -27.48 32.19 13.23
N PHE Q 380 -27.20 33.04 12.26
CA PHE Q 380 -28.04 34.19 11.89
C PHE Q 380 -28.93 33.84 10.70
N TYR Q 381 -29.98 34.64 10.54
CA TYR Q 381 -30.93 34.47 9.45
C TYR Q 381 -31.48 35.85 9.11
N CYS Q 382 -30.95 36.47 8.06
CA CYS Q 382 -31.21 37.87 7.75
C CYS Q 382 -32.15 38.02 6.57
N ASP Q 383 -33.15 38.89 6.75
CA ASP Q 383 -34.10 39.22 5.71
C ASP Q 383 -33.44 40.19 4.74
N THR Q 384 -33.16 39.73 3.53
CA THR Q 384 -32.47 40.52 2.51
C THR Q 384 -33.45 41.20 1.57
N SER Q 385 -34.66 41.50 2.04
CA SER Q 385 -35.61 42.21 1.20
C SER Q 385 -35.12 43.61 0.86
N GLY Q 386 -34.37 44.24 1.75
CA GLY Q 386 -33.78 45.53 1.44
C GLY Q 386 -32.71 45.43 0.36
N LEU Q 387 -31.95 44.33 0.36
CA LEU Q 387 -30.87 44.19 -0.61
C LEU Q 387 -31.39 44.07 -2.03
N PHE Q 388 -32.51 43.38 -2.23
CA PHE Q 388 -33.04 43.09 -3.56
C PHE Q 388 -34.40 43.77 -3.66
N ASN Q 389 -34.38 45.07 -3.94
CA ASN Q 389 -35.58 45.88 -3.97
C ASN Q 389 -35.47 46.94 -5.07
N SER Q 390 -34.96 46.57 -6.24
CA SER Q 390 -34.56 47.56 -7.23
C SER Q 390 -34.95 47.10 -8.63
N THR Q 391 -35.46 48.05 -9.41
CA THR Q 391 -35.69 47.90 -10.84
C THR Q 391 -34.71 48.79 -11.58
N TRP Q 392 -34.01 48.23 -12.55
CA TRP Q 392 -32.92 48.91 -13.26
C TRP Q 392 -33.36 49.11 -14.71
N ILE Q 393 -33.67 50.37 -15.05
CA ILE Q 393 -34.07 50.71 -16.41
C ILE Q 393 -32.83 50.93 -17.25
N SER Q 394 -32.94 50.64 -18.55
CA SER Q 394 -31.81 50.75 -19.47
C SER Q 394 -31.53 52.22 -19.74
N ASN Q 395 -30.65 52.81 -18.94
CA ASN Q 395 -30.24 54.20 -19.11
C ASN Q 395 -28.96 54.45 -18.33
N ASP Q 408 -24.60 56.41 5.15
CA ASP Q 408 -25.91 55.79 5.04
C ASP Q 408 -25.76 54.30 4.74
N SER Q 409 -26.62 53.49 5.37
CA SER Q 409 -26.51 52.04 5.29
C SER Q 409 -27.90 51.42 5.26
N ILE Q 410 -27.94 50.17 4.77
CA ILE Q 410 -29.16 49.36 4.76
C ILE Q 410 -29.06 48.37 5.90
N THR Q 411 -30.09 48.35 6.76
CA THR Q 411 -30.14 47.46 7.91
C THR Q 411 -31.05 46.28 7.61
N LEU Q 412 -30.53 45.08 7.83
CA LEU Q 412 -31.26 43.84 7.54
C LEU Q 412 -31.73 43.23 8.85
N PRO Q 413 -33.04 43.08 9.12
CA PRO Q 413 -33.45 42.45 10.39
C PRO Q 413 -33.15 40.96 10.41
N CYS Q 414 -32.21 40.56 11.26
CA CYS Q 414 -31.79 39.16 11.37
C CYS Q 414 -32.39 38.49 12.60
N ARG Q 415 -32.44 37.16 12.53
CA ARG Q 415 -33.04 36.31 13.53
C ARG Q 415 -32.01 35.24 13.90
N ILE Q 416 -32.15 34.69 15.11
CA ILE Q 416 -31.17 33.75 15.64
C ILE Q 416 -31.87 32.43 15.91
N LYS Q 417 -31.12 31.35 15.74
CA LYS Q 417 -31.60 30.00 16.02
C LYS Q 417 -30.50 29.20 16.68
N GLN Q 418 -30.92 28.14 17.37
CA GLN Q 418 -30.01 27.20 18.01
C GLN Q 418 -30.16 25.78 17.49
N ILE Q 419 -31.32 25.42 16.96
CA ILE Q 419 -31.54 24.14 16.31
C ILE Q 419 -31.30 24.36 14.82
N ILE Q 420 -30.23 23.75 14.30
CA ILE Q 420 -29.74 24.00 12.96
C ILE Q 420 -29.74 22.68 12.21
N ASN Q 421 -30.43 22.64 11.07
CA ASN Q 421 -30.40 21.50 10.15
C ASN Q 421 -29.52 21.89 8.97
N MET Q 422 -28.30 21.38 8.96
CA MET Q 422 -27.32 21.78 7.96
C MET Q 422 -27.35 20.85 6.75
N TRP Q 423 -27.16 21.44 5.56
CA TRP Q 423 -26.86 20.74 4.33
C TRP Q 423 -28.09 19.99 3.84
N GLN Q 424 -29.26 20.55 4.11
CA GLN Q 424 -30.50 20.16 3.43
C GLN Q 424 -30.88 18.71 3.78
N ARG Q 425 -30.48 18.27 4.98
CA ARG Q 425 -30.74 16.93 5.47
C ARG Q 425 -31.81 16.99 6.54
N ILE Q 426 -32.77 16.05 6.47
CA ILE Q 426 -33.85 15.94 7.44
C ILE Q 426 -33.51 14.79 8.38
N GLY Q 427 -33.30 15.12 9.65
CA GLY Q 427 -33.14 14.13 10.72
C GLY Q 427 -31.85 14.20 11.50
N GLN Q 428 -30.98 15.18 11.29
CA GLN Q 428 -29.65 15.23 11.91
C GLN Q 428 -29.38 16.65 12.44
N ALA Q 429 -30.35 17.19 13.18
CA ALA Q 429 -30.21 18.53 13.74
C ALA Q 429 -29.15 18.56 14.83
N MET Q 430 -28.63 19.77 15.08
CA MET Q 430 -27.66 20.02 16.13
C MET Q 430 -28.16 21.22 16.94
N TYR Q 431 -27.82 21.24 18.23
CA TYR Q 431 -28.08 22.37 19.11
C TYR Q 431 -26.81 23.19 19.21
N ALA Q 432 -26.90 24.48 18.88
CA ALA Q 432 -25.76 25.39 18.98
C ALA Q 432 -25.73 25.96 20.39
N PRO Q 433 -24.70 25.70 21.20
CA PRO Q 433 -24.65 26.33 22.53
C PRO Q 433 -24.61 27.83 22.43
N PRO Q 434 -25.27 28.56 23.34
CA PRO Q 434 -25.21 30.03 23.25
C PRO Q 434 -23.81 30.57 23.49
N ILE Q 435 -23.54 31.70 22.85
CA ILE Q 435 -22.25 32.38 22.92
C ILE Q 435 -22.39 33.54 23.90
N GLN Q 436 -21.51 33.58 24.89
CA GLN Q 436 -21.59 34.58 25.94
C GLN Q 436 -21.04 35.91 25.45
N GLY Q 437 -21.77 36.99 25.74
CA GLY Q 437 -21.34 38.34 25.42
C GLY Q 437 -22.01 38.85 24.15
N VAL Q 438 -21.70 40.10 23.85
CA VAL Q 438 -22.16 40.72 22.60
C VAL Q 438 -21.21 40.33 21.49
N ILE Q 439 -21.77 39.92 20.36
CA ILE Q 439 -20.99 39.49 19.19
C ILE Q 439 -21.11 40.55 18.12
N ARG Q 440 -19.97 41.02 17.65
CA ARG Q 440 -19.85 41.88 16.48
C ARG Q 440 -19.03 41.16 15.43
N CYS Q 441 -19.35 41.43 14.17
CA CYS Q 441 -18.99 40.51 13.10
C CYS Q 441 -18.84 41.29 11.80
N VAL Q 442 -17.70 41.13 11.14
CA VAL Q 442 -17.39 41.81 9.89
C VAL Q 442 -17.07 40.76 8.84
N SER Q 443 -17.67 40.91 7.66
CA SER Q 443 -17.44 39.98 6.56
C SER Q 443 -17.47 40.74 5.25
N ASN Q 444 -16.91 40.12 4.21
CA ASN Q 444 -16.95 40.62 2.85
C ASN Q 444 -17.99 39.84 2.07
N ILE Q 445 -18.93 40.55 1.45
CA ILE Q 445 -19.82 39.93 0.47
C ILE Q 445 -19.08 39.90 -0.85
N THR Q 446 -18.64 38.72 -1.27
CA THR Q 446 -17.87 38.54 -2.49
C THR Q 446 -18.68 37.99 -3.65
N GLY Q 447 -19.97 37.74 -3.47
CA GLY Q 447 -20.76 37.20 -4.56
C GLY Q 447 -22.19 36.96 -4.14
N LEU Q 448 -22.96 36.46 -5.11
CA LEU Q 448 -24.39 36.22 -4.93
C LEU Q 448 -24.74 34.85 -5.50
N ILE Q 449 -25.88 34.33 -5.06
CA ILE Q 449 -26.52 33.17 -5.67
C ILE Q 449 -27.93 33.59 -6.01
N LEU Q 450 -28.28 33.51 -7.30
CA LEU Q 450 -29.53 34.06 -7.82
C LEU Q 450 -30.28 33.00 -8.61
N THR Q 451 -31.58 33.25 -8.75
CA THR Q 451 -32.45 32.45 -9.62
C THR Q 451 -33.33 33.40 -10.40
N ARG Q 452 -33.44 33.18 -11.71
CA ARG Q 452 -34.20 34.07 -12.58
C ARG Q 452 -35.63 33.55 -12.70
N ASP Q 453 -36.58 34.46 -12.56
CA ASP Q 453 -37.98 34.08 -12.61
C ASP Q 453 -38.39 33.65 -14.02
N GLY Q 454 -39.21 32.61 -14.10
CA GLY Q 454 -39.68 32.08 -15.36
C GLY Q 454 -41.06 32.60 -15.74
N GLY Q 455 -41.55 32.07 -16.85
CA GLY Q 455 -42.90 32.37 -17.29
C GLY Q 455 -43.18 33.82 -17.55
N SER Q 456 -42.15 34.60 -17.91
CA SER Q 456 -42.33 36.04 -18.09
C SER Q 456 -43.30 36.31 -19.22
N THR Q 457 -44.41 36.97 -18.88
CA THR Q 457 -45.40 37.32 -19.90
C THR Q 457 -44.85 38.36 -20.87
N ASP Q 458 -44.20 39.38 -20.34
CA ASP Q 458 -43.51 40.40 -21.12
C ASP Q 458 -42.01 40.12 -21.12
N SER Q 459 -41.37 40.36 -22.26
CA SER Q 459 -39.98 39.98 -22.48
C SER Q 459 -38.99 41.10 -22.23
N THR Q 460 -39.45 42.28 -21.83
CA THR Q 460 -38.55 43.40 -21.62
C THR Q 460 -37.88 43.40 -20.25
N THR Q 461 -38.37 42.59 -19.31
CA THR Q 461 -37.86 42.56 -17.95
C THR Q 461 -37.38 41.16 -17.58
N GLU Q 462 -36.39 41.11 -16.69
CA GLU Q 462 -35.88 39.86 -16.15
C GLU Q 462 -35.73 40.04 -14.64
N THR Q 463 -36.39 39.19 -13.87
CA THR Q 463 -36.38 39.27 -12.41
C THR Q 463 -35.45 38.20 -11.84
N PHE Q 464 -34.61 38.61 -10.89
CA PHE Q 464 -33.64 37.74 -10.25
C PHE Q 464 -33.83 37.81 -8.75
N ARG Q 465 -34.03 36.65 -8.12
CA ARG Q 465 -34.28 36.52 -6.70
C ARG Q 465 -33.15 35.73 -6.04
N PRO Q 466 -32.73 36.11 -4.83
CA PRO Q 466 -31.66 35.36 -4.16
C PRO Q 466 -32.07 33.94 -3.84
N SER Q 467 -31.10 33.05 -3.80
CA SER Q 467 -31.35 31.64 -3.59
C SER Q 467 -30.16 31.02 -2.87
N GLY Q 468 -30.16 29.70 -2.79
CA GLY Q 468 -29.12 28.95 -2.12
C GLY Q 468 -29.71 27.74 -1.43
N GLY Q 469 -28.91 27.16 -0.53
CA GLY Q 469 -29.33 26.04 0.29
C GLY Q 469 -28.41 24.86 0.08
N ASP Q 470 -28.00 24.65 -1.17
CA ASP Q 470 -26.96 23.68 -1.49
C ASP Q 470 -25.62 24.37 -1.51
N MET Q 471 -24.69 23.86 -0.70
CA MET Q 471 -23.36 24.46 -0.60
C MET Q 471 -22.42 23.95 -1.67
N ARG Q 472 -22.87 23.03 -2.52
CA ARG Q 472 -22.08 22.66 -3.69
C ARG Q 472 -22.01 23.79 -4.69
N ASP Q 473 -22.99 24.69 -4.69
CA ASP Q 473 -22.95 25.93 -5.46
C ASP Q 473 -22.28 27.08 -4.73
N ASN Q 474 -21.89 26.88 -3.47
CA ASN Q 474 -21.11 27.86 -2.71
C ASN Q 474 -19.63 27.58 -2.78
N TRP Q 475 -19.27 26.30 -2.78
CA TRP Q 475 -17.91 25.82 -2.90
C TRP Q 475 -17.46 25.62 -4.35
N ARG Q 476 -18.39 25.70 -5.30
CA ARG Q 476 -18.06 25.68 -6.71
C ARG Q 476 -17.71 27.06 -7.23
N SER Q 477 -17.98 28.12 -6.46
CA SER Q 477 -17.56 29.47 -6.79
C SER Q 477 -16.11 29.73 -6.45
N GLU Q 478 -15.44 28.81 -5.76
CA GLU Q 478 -14.01 28.89 -5.47
C GLU Q 478 -13.20 27.87 -6.25
N LEU Q 479 -13.77 26.71 -6.54
CA LEU Q 479 -13.12 25.66 -7.30
C LEU Q 479 -13.45 25.72 -8.79
N TYR Q 480 -14.05 26.82 -9.25
CA TYR Q 480 -14.46 26.93 -10.65
C TYR Q 480 -13.29 26.85 -11.61
N LYS Q 481 -12.09 27.23 -11.17
CA LYS Q 481 -10.94 27.37 -12.04
C LYS Q 481 -9.96 26.20 -11.91
N TYR Q 482 -10.39 25.10 -11.31
CA TYR Q 482 -9.54 23.96 -11.01
C TYR Q 482 -10.12 22.71 -11.62
N LYS Q 483 -9.25 21.89 -12.24
CA LYS Q 483 -9.61 20.57 -12.72
C LYS Q 483 -8.44 19.64 -12.44
N VAL Q 484 -8.76 18.45 -11.93
CA VAL Q 484 -7.77 17.41 -11.70
C VAL Q 484 -7.59 16.61 -12.98
N VAL Q 485 -6.32 16.30 -13.31
CA VAL Q 485 -6.00 15.50 -14.49
C VAL Q 485 -5.06 14.37 -14.09
N LYS Q 486 -5.16 13.29 -14.86
CA LYS Q 486 -4.28 12.13 -14.79
C LYS Q 486 -3.14 12.28 -15.78
N ILE Q 487 -1.92 12.10 -15.30
CA ILE Q 487 -0.72 12.08 -16.14
C ILE Q 487 -0.59 10.71 -16.79
N GLU Q 488 -0.43 10.68 -18.11
CA GLU Q 488 -0.14 9.47 -18.87
C GLU Q 488 1.31 9.52 -19.33
N PRO Q 489 2.27 9.01 -18.55
CA PRO Q 489 3.68 9.29 -18.86
C PRO Q 489 4.31 8.42 -19.93
N LEU Q 490 3.59 7.43 -20.46
CA LEU Q 490 4.12 6.51 -21.46
C LEU Q 490 3.69 6.95 -22.84
N GLY Q 491 4.66 7.18 -23.72
CA GLY Q 491 4.38 7.57 -25.09
C GLY Q 491 5.20 6.77 -26.07
N VAL Q 492 4.63 6.61 -27.27
CA VAL Q 492 5.28 5.92 -28.37
C VAL Q 492 5.19 6.83 -29.60
N ALA Q 493 6.34 7.08 -30.22
CA ALA Q 493 6.44 7.98 -31.35
C ALA Q 493 7.44 7.41 -32.35
N PRO Q 494 7.33 7.77 -33.63
CA PRO Q 494 8.29 7.27 -34.61
C PRO Q 494 9.62 8.00 -34.55
N THR Q 495 10.69 7.23 -34.61
CA THR Q 495 12.03 7.74 -34.81
C THR Q 495 12.75 6.80 -35.75
N ARG Q 496 13.91 7.24 -36.23
CA ARG Q 496 14.74 6.45 -37.13
C ARG Q 496 15.70 5.54 -36.39
N CYS Q 497 15.58 5.43 -35.07
CA CYS Q 497 16.58 4.73 -34.28
C CYS Q 497 16.11 3.30 -34.07
N LYS Q 498 17.06 2.37 -34.11
CA LYS Q 498 16.78 0.95 -34.09
C LYS Q 498 17.61 0.28 -33.01
N ARG Q 499 16.98 -0.62 -32.27
CA ARG Q 499 17.67 -1.37 -31.24
C ARG Q 499 18.69 -2.29 -31.88
N ARG Q 500 19.92 -2.28 -31.36
CA ARG Q 500 20.95 -3.15 -31.90
C ARG Q 500 20.75 -4.57 -31.38
N VAL R 7 11.58 19.48 -6.67
CA VAL R 7 11.12 18.32 -7.43
C VAL R 7 10.01 18.74 -8.38
N PHE R 8 8.99 19.41 -7.82
CA PHE R 8 7.85 19.82 -8.62
C PHE R 8 8.20 20.88 -9.66
N LEU R 9 9.32 21.58 -9.51
CA LEU R 9 9.67 22.66 -10.41
C LEU R 9 9.82 22.14 -11.83
N GLY R 10 9.19 22.84 -12.78
CA GLY R 10 9.21 22.44 -14.17
C GLY R 10 8.21 21.36 -14.55
N PHE R 11 7.37 20.92 -13.62
CA PHE R 11 6.43 19.84 -13.90
C PHE R 11 5.45 20.26 -14.98
N LEU R 12 5.33 19.44 -16.01
CA LEU R 12 4.44 19.65 -17.16
C LEU R 12 4.73 20.93 -17.92
N GLY R 13 5.88 21.57 -17.69
CA GLY R 13 6.18 22.84 -18.32
C GLY R 13 6.45 22.76 -19.81
N ALA R 14 6.67 21.56 -20.34
CA ALA R 14 6.86 21.34 -21.78
C ALA R 14 5.65 20.65 -22.39
N ALA R 15 4.47 20.88 -21.83
CA ALA R 15 3.24 20.32 -22.37
C ALA R 15 2.69 21.13 -23.53
N GLY R 16 3.16 22.36 -23.72
CA GLY R 16 2.85 23.16 -24.89
C GLY R 16 4.04 23.33 -25.81
N SER R 17 5.16 22.70 -25.48
CA SER R 17 6.34 22.72 -26.32
C SER R 17 6.26 21.60 -27.35
N THR R 18 7.12 21.68 -28.36
CA THR R 18 7.19 20.63 -29.36
C THR R 18 7.59 19.31 -28.71
N MET R 19 7.30 18.22 -29.43
CA MET R 19 7.58 16.89 -28.89
C MET R 19 9.06 16.72 -28.61
N GLY R 20 9.91 17.23 -29.49
CA GLY R 20 11.35 17.12 -29.26
C GLY R 20 11.81 17.95 -28.07
N ALA R 21 11.32 19.20 -27.97
CA ALA R 21 11.65 20.03 -26.83
C ALA R 21 11.13 19.41 -25.53
N ALA R 22 9.99 18.73 -25.59
CA ALA R 22 9.42 18.07 -24.44
C ALA R 22 10.06 16.72 -24.13
N SER R 23 10.84 16.16 -25.06
CA SER R 23 11.56 14.91 -24.82
C SER R 23 12.89 15.14 -24.11
N MET R 24 13.14 16.35 -23.61
CA MET R 24 14.36 16.67 -22.87
C MET R 24 14.08 17.00 -21.41
N THR R 25 12.83 16.78 -20.95
CA THR R 25 12.42 17.06 -19.58
C THR R 25 11.72 15.86 -18.95
N LEU R 26 12.01 14.66 -19.45
CA LEU R 26 11.25 13.47 -19.04
C LEU R 26 11.48 13.15 -17.57
N THR R 27 12.67 13.47 -17.04
CA THR R 27 12.94 13.19 -15.63
C THR R 27 12.08 14.04 -14.71
N VAL R 28 11.69 15.23 -15.16
CA VAL R 28 10.88 16.11 -14.33
C VAL R 28 9.51 15.48 -14.08
N GLN R 29 8.96 14.83 -15.09
CA GLN R 29 7.67 14.17 -14.99
C GLN R 29 7.79 12.75 -14.44
N ALA R 30 8.96 12.14 -14.53
CA ALA R 30 9.17 10.82 -13.93
C ALA R 30 9.35 10.91 -12.42
N ARG R 31 10.00 11.96 -11.94
CA ARG R 31 10.17 12.16 -10.50
C ARG R 31 8.88 12.56 -9.80
N ASN R 32 7.86 13.02 -10.54
CA ASN R 32 6.61 13.50 -9.97
C ASN R 32 5.51 12.45 -10.04
N LEU R 33 5.85 11.19 -10.33
CA LEU R 33 4.88 10.10 -10.41
C LEU R 33 4.83 9.28 -9.14
N LEU R 34 5.76 9.50 -8.21
CA LEU R 34 5.85 8.75 -6.97
C LEU R 34 5.74 9.73 -5.80
N SER R 35 4.99 9.33 -4.78
CA SER R 35 4.70 10.20 -3.63
C SER R 35 5.99 10.67 -2.94
N THR R 58 -7.90 6.93 10.59
CA THR R 58 -9.31 7.27 10.39
C THR R 58 -9.75 6.85 9.00
N VAL R 59 -11.01 7.13 8.65
CA VAL R 59 -11.49 6.80 7.31
C VAL R 59 -10.74 7.61 6.26
N TRP R 60 -10.38 8.85 6.60
CA TRP R 60 -9.59 9.67 5.69
C TRP R 60 -8.23 9.04 5.44
N GLY R 61 -7.65 8.44 6.49
CA GLY R 61 -6.37 7.80 6.35
C GLY R 61 -6.39 6.61 5.42
N ILE R 62 -7.49 5.85 5.40
CA ILE R 62 -7.57 4.73 4.47
C ILE R 62 -7.88 5.22 3.06
N LYS R 63 -8.63 6.31 2.91
CA LYS R 63 -8.84 6.84 1.57
C LYS R 63 -7.52 7.33 0.96
N GLN R 64 -6.71 8.02 1.76
CA GLN R 64 -5.43 8.49 1.25
C GLN R 64 -4.44 7.34 1.07
N LEU R 65 -4.51 6.31 1.92
CA LEU R 65 -3.70 5.13 1.71
C LEU R 65 -4.10 4.40 0.43
N GLN R 66 -5.39 4.38 0.10
CA GLN R 66 -5.80 3.76 -1.14
C GLN R 66 -5.31 4.56 -2.34
N ALA R 67 -5.30 5.89 -2.22
CA ALA R 67 -4.76 6.70 -3.30
C ALA R 67 -3.27 6.44 -3.49
N ARG R 68 -2.52 6.37 -2.39
CA ARG R 68 -1.09 6.14 -2.46
C ARG R 68 -0.78 4.74 -3.00
N VAL R 69 -1.54 3.74 -2.57
CA VAL R 69 -1.33 2.38 -3.06
C VAL R 69 -1.68 2.28 -4.53
N LEU R 70 -2.69 3.01 -5.00
CA LEU R 70 -3.00 2.97 -6.42
C LEU R 70 -1.94 3.68 -7.23
N ALA R 71 -1.33 4.74 -6.69
CA ALA R 71 -0.21 5.38 -7.37
C ALA R 71 0.97 4.41 -7.49
N VAL R 72 1.24 3.67 -6.42
CA VAL R 72 2.32 2.69 -6.44
C VAL R 72 2.04 1.60 -7.47
N GLU R 73 0.82 1.09 -7.49
CA GLU R 73 0.47 0.02 -8.42
C GLU R 73 0.55 0.51 -9.86
N ARG R 74 0.17 1.76 -10.08
CA ARG R 74 0.21 2.35 -11.42
C ARG R 74 1.64 2.52 -11.91
N TYR R 75 2.53 2.99 -11.02
CA TYR R 75 3.94 3.10 -11.37
C TYR R 75 4.52 1.73 -11.67
N LEU R 76 4.16 0.73 -10.86
CA LEU R 76 4.67 -0.61 -11.10
C LEU R 76 4.16 -1.19 -12.41
N ARG R 77 2.90 -0.92 -12.77
CA ARG R 77 2.38 -1.40 -14.05
C ARG R 77 3.14 -0.76 -15.21
N ASP R 78 3.39 0.55 -15.13
CA ASP R 78 4.15 1.21 -16.19
C ASP R 78 5.56 0.64 -16.29
N GLN R 79 6.23 0.44 -15.16
CA GLN R 79 7.58 -0.12 -15.19
C GLN R 79 7.59 -1.55 -15.69
N GLN R 80 6.54 -2.33 -15.38
CA GLN R 80 6.44 -3.68 -15.92
C GLN R 80 6.28 -3.65 -17.43
N LEU R 81 5.48 -2.71 -17.94
CA LEU R 81 5.35 -2.57 -19.39
C LEU R 81 6.68 -2.21 -20.03
N LEU R 82 7.44 -1.31 -19.41
CA LEU R 82 8.77 -0.99 -19.91
C LEU R 82 9.68 -2.22 -19.88
N GLY R 83 9.61 -3.00 -18.80
CA GLY R 83 10.50 -4.13 -18.66
C GLY R 83 10.21 -5.28 -19.59
N ILE R 84 8.94 -5.49 -19.98
CA ILE R 84 8.62 -6.53 -20.94
C ILE R 84 8.86 -6.08 -22.38
N TRP R 85 9.41 -4.88 -22.59
CA TRP R 85 9.82 -4.39 -23.90
C TRP R 85 11.33 -4.23 -24.02
N GLY R 86 12.09 -4.68 -23.01
CA GLY R 86 13.51 -4.43 -23.00
C GLY R 86 13.87 -2.97 -22.79
N CYS R 87 13.08 -2.26 -21.98
CA CYS R 87 13.19 -0.83 -21.81
C CYS R 87 13.30 -0.45 -20.34
N SER R 88 13.87 -1.35 -19.53
CA SER R 88 13.99 -1.09 -18.10
C SER R 88 15.04 -0.03 -17.83
N GLY R 89 14.76 0.83 -16.85
CA GLY R 89 15.69 1.88 -16.49
C GLY R 89 15.98 2.83 -17.63
N LYS R 90 15.02 3.04 -18.51
CA LYS R 90 15.21 3.82 -19.73
C LYS R 90 14.03 4.75 -19.88
N LEU R 91 14.30 6.04 -20.06
CA LEU R 91 13.27 7.02 -20.34
C LEU R 91 13.02 7.18 -21.83
N ILE R 92 14.06 6.97 -22.64
CA ILE R 92 13.97 6.83 -24.08
C ILE R 92 14.48 5.43 -24.41
N CYS R 93 13.71 4.68 -25.19
CA CYS R 93 14.03 3.30 -25.52
C CYS R 93 13.68 3.01 -26.96
N CYS R 94 14.69 2.67 -27.77
CA CYS R 94 14.46 2.23 -29.13
C CYS R 94 14.20 0.73 -29.19
N THR R 95 13.49 0.33 -30.24
CA THR R 95 12.94 -1.01 -30.40
C THR R 95 13.22 -1.46 -31.83
N ASN R 96 12.82 -2.70 -32.13
CA ASN R 96 12.96 -3.27 -33.47
C ASN R 96 11.61 -3.36 -34.18
N VAL R 97 10.66 -2.51 -33.79
CA VAL R 97 9.30 -2.54 -34.33
C VAL R 97 9.21 -1.45 -35.39
N PRO R 98 9.00 -1.80 -36.67
CA PRO R 98 8.84 -0.75 -37.68
C PRO R 98 7.57 0.06 -37.44
N TRP R 99 7.65 1.36 -37.76
CA TRP R 99 6.47 2.19 -37.75
C TRP R 99 5.62 1.91 -38.98
N ASN R 100 4.32 1.78 -38.76
CA ASN R 100 3.34 1.60 -39.82
C ASN R 100 2.75 2.96 -40.17
N SER R 101 2.75 3.30 -41.46
CA SER R 101 2.14 4.55 -41.90
C SER R 101 0.64 4.57 -41.66
N SER R 102 0.01 3.42 -41.48
CA SER R 102 -1.40 3.40 -41.09
C SER R 102 -1.60 4.04 -39.73
N TRP R 103 -0.67 3.79 -38.81
CA TRP R 103 -0.72 4.44 -37.50
C TRP R 103 -0.60 5.95 -37.64
N SER R 104 0.37 6.40 -38.43
CA SER R 104 0.56 7.83 -38.69
C SER R 104 1.52 7.98 -39.86
N ASN R 105 1.12 8.78 -40.86
CA ASN R 105 1.88 8.98 -42.08
C ASN R 105 2.56 10.36 -42.07
N ARG R 106 2.72 10.97 -40.91
CA ARG R 106 3.31 12.30 -40.82
C ARG R 106 4.83 12.23 -40.87
N ASN R 107 5.43 13.33 -41.31
CA ASN R 107 6.86 13.39 -41.50
C ASN R 107 7.51 13.79 -40.17
N LEU R 108 8.82 13.55 -40.06
CA LEU R 108 9.48 13.67 -38.76
C LEU R 108 9.45 15.10 -38.23
N SER R 109 9.59 16.08 -39.11
CA SER R 109 9.54 17.46 -38.67
C SER R 109 8.17 17.82 -38.13
N GLU R 110 7.11 17.33 -38.79
CA GLU R 110 5.74 17.58 -38.32
C GLU R 110 5.56 17.09 -36.90
N ILE R 111 6.07 15.90 -36.61
CA ILE R 111 5.83 15.26 -35.31
C ILE R 111 6.70 15.91 -34.24
N TRP R 112 7.99 16.07 -34.50
CA TRP R 112 8.94 16.40 -33.45
C TRP R 112 9.19 17.90 -33.31
N ASP R 113 8.99 18.68 -34.38
CA ASP R 113 9.19 20.11 -34.36
C ASP R 113 7.91 20.91 -34.57
N ASN R 114 6.76 20.24 -34.79
CA ASN R 114 5.52 20.95 -35.05
C ASN R 114 4.32 20.30 -34.35
N MET R 115 4.52 19.49 -33.32
CA MET R 115 3.43 18.90 -32.58
C MET R 115 3.85 18.69 -31.13
N THR R 116 2.85 18.68 -30.25
CA THR R 116 3.01 18.41 -28.83
C THR R 116 2.60 16.98 -28.54
N TRP R 117 3.06 16.47 -27.40
CA TRP R 117 2.73 15.09 -27.04
C TRP R 117 1.25 14.89 -26.78
N LEU R 118 0.52 15.93 -26.36
CA LEU R 118 -0.91 15.80 -26.14
C LEU R 118 -1.64 15.56 -27.46
N GLN R 119 -1.34 16.37 -28.47
CA GLN R 119 -1.93 16.18 -29.79
C GLN R 119 -1.55 14.82 -30.36
N TRP R 120 -0.29 14.42 -30.18
CA TRP R 120 0.16 13.10 -30.62
C TRP R 120 -0.67 12.00 -29.98
N ASP R 121 -0.84 12.07 -28.66
CA ASP R 121 -1.63 11.05 -27.95
C ASP R 121 -3.07 11.04 -28.44
N LYS R 122 -3.61 12.22 -28.76
CA LYS R 122 -4.95 12.26 -29.35
C LYS R 122 -4.97 11.55 -30.69
N GLU R 123 -3.92 11.71 -31.49
CA GLU R 123 -3.91 11.11 -32.82
C GLU R 123 -3.75 9.59 -32.76
N ILE R 124 -2.87 9.09 -31.89
CA ILE R 124 -2.52 7.66 -31.89
C ILE R 124 -3.30 6.84 -30.87
N SER R 125 -4.25 7.44 -30.16
CA SER R 125 -4.95 6.77 -29.06
C SER R 125 -5.61 5.46 -29.48
N ASN R 126 -6.10 5.39 -30.72
CA ASN R 126 -6.75 4.18 -31.22
C ASN R 126 -5.78 3.19 -31.85
N TYR R 127 -4.48 3.49 -31.84
CA TYR R 127 -3.45 2.59 -32.33
C TYR R 127 -2.49 2.14 -31.25
N THR R 128 -2.65 2.63 -30.01
CA THR R 128 -1.67 2.38 -28.96
C THR R 128 -1.54 0.90 -28.65
N GLN R 129 -2.67 0.19 -28.56
CA GLN R 129 -2.63 -1.21 -28.16
C GLN R 129 -1.98 -2.09 -29.21
N ILE R 130 -2.13 -1.75 -30.50
CA ILE R 130 -1.45 -2.51 -31.54
C ILE R 130 0.06 -2.40 -31.39
N ILE R 131 0.55 -1.18 -31.13
CA ILE R 131 1.97 -0.97 -30.91
C ILE R 131 2.41 -1.69 -29.65
N TYR R 132 1.59 -1.64 -28.60
CA TYR R 132 1.94 -2.25 -27.34
C TYR R 132 1.93 -3.76 -27.42
N GLY R 133 1.20 -4.35 -28.36
CA GLY R 133 1.21 -5.79 -28.53
C GLY R 133 2.28 -6.23 -29.50
N LEU R 134 2.74 -5.31 -30.35
CA LEU R 134 3.90 -5.56 -31.18
C LEU R 134 5.20 -5.40 -30.42
N LEU R 135 5.18 -4.67 -29.31
CA LEU R 135 6.30 -4.57 -28.38
C LEU R 135 6.25 -5.62 -27.27
N GLU R 136 5.04 -5.90 -26.77
CA GLU R 136 4.86 -6.82 -25.65
C GLU R 136 5.48 -8.17 -25.92
N GLU R 137 5.02 -8.85 -26.98
CA GLU R 137 5.26 -10.27 -27.13
C GLU R 137 6.12 -10.62 -28.34
N SER R 138 5.91 -9.99 -29.49
CA SER R 138 6.69 -10.31 -30.67
C SER R 138 8.15 -9.94 -30.45
N GLN R 139 8.42 -8.64 -30.36
CA GLN R 139 9.79 -8.15 -30.43
C GLN R 139 10.63 -8.65 -29.26
N ASN R 140 10.12 -8.48 -28.04
CA ASN R 140 10.96 -8.76 -26.88
C ASN R 140 11.19 -10.25 -26.68
N GLN R 141 10.15 -11.10 -26.76
CA GLN R 141 10.45 -12.52 -26.57
C GLN R 141 11.24 -13.09 -27.73
N GLN R 142 10.99 -12.63 -28.95
CA GLN R 142 11.86 -13.06 -30.05
C GLN R 142 13.31 -12.67 -29.78
N GLU R 143 13.56 -11.39 -29.50
CA GLU R 143 14.93 -10.93 -29.26
C GLU R 143 15.58 -11.67 -28.09
N LYS R 144 14.81 -11.91 -27.04
CA LYS R 144 15.35 -12.51 -25.83
C LYS R 144 15.71 -13.97 -26.06
N ASN R 145 14.87 -14.70 -26.80
CA ASN R 145 15.23 -16.07 -27.18
C ASN R 145 16.46 -16.08 -28.07
N GLU R 146 16.59 -15.10 -28.96
CA GLU R 146 17.78 -15.08 -29.82
C GLU R 146 19.04 -14.76 -29.01
N GLN R 147 18.95 -13.90 -28.00
CA GLN R 147 20.13 -13.67 -27.16
C GLN R 147 20.49 -14.93 -26.39
N ASP R 148 19.49 -15.69 -25.93
CA ASP R 148 19.80 -16.93 -25.23
C ASP R 148 20.53 -17.90 -26.18
N LEU R 149 20.02 -18.04 -27.40
CA LEU R 149 20.62 -18.98 -28.36
C LEU R 149 21.95 -18.50 -28.91
N LEU R 150 22.21 -17.20 -28.90
CA LEU R 150 23.53 -16.70 -29.22
C LEU R 150 24.50 -16.88 -28.06
N ALA R 151 24.01 -16.77 -26.83
CA ALA R 151 24.84 -17.05 -25.68
C ALA R 151 25.23 -18.52 -25.62
N LEU R 152 24.44 -19.40 -26.26
CA LEU R 152 24.84 -20.79 -26.41
C LEU R 152 26.07 -20.98 -27.29
N ASP R 153 26.27 -20.13 -28.28
CA ASP R 153 27.36 -20.31 -29.23
C ASP R 153 28.69 -20.01 -28.54
C1 NAG S . -56.69 -7.00 20.52
C2 NAG S . -57.72 -6.99 19.39
C3 NAG S . -58.19 -5.56 19.12
C4 NAG S . -58.53 -4.81 20.40
C5 NAG S . -57.47 -5.07 21.49
C6 NAG S . -57.77 -4.43 22.83
C7 NAG S . -57.48 -8.77 17.69
C8 NAG S . -56.77 -9.15 16.42
N2 NAG S . -57.16 -7.57 18.19
O3 NAG S . -59.30 -5.65 18.26
O4 NAG S . -58.54 -3.44 20.04
O5 NAG S . -57.30 -6.45 21.65
O6 NAG S . -56.57 -3.97 23.41
O7 NAG S . -58.28 -9.54 18.22
C1 NAG S . -59.84 -2.86 20.29
C2 NAG S . -59.68 -1.33 20.25
C3 NAG S . -61.05 -0.64 20.31
C4 NAG S . -61.99 -1.24 19.27
C5 NAG S . -62.05 -2.75 19.47
C6 NAG S . -62.99 -3.46 18.52
C7 NAG S . -58.19 0.28 21.38
C8 NAG S . -57.39 0.53 22.64
N2 NAG S . -58.86 -0.89 21.35
O3 NAG S . -60.85 0.73 20.11
O4 NAG S . -63.25 -0.63 19.46
O5 NAG S . -60.76 -3.28 19.30
O6 NAG S . -63.41 -4.69 19.06
O7 NAG S . -58.23 1.10 20.48
C1 NAG T . -45.68 -41.05 7.39
C2 NAG T . -46.93 -40.18 7.40
C3 NAG T . -48.05 -40.86 8.18
C4 NAG T . -48.26 -42.29 7.69
C5 NAG T . -46.93 -43.04 7.71
C6 NAG T . -47.00 -44.46 7.20
C7 NAG T . -46.63 -37.64 7.48
C8 NAG T . -47.07 -37.42 6.05
N2 NAG T . -46.61 -38.90 8.00
O3 NAG T . -49.21 -40.09 8.02
O4 NAG T . -49.21 -42.86 8.56
O5 NAG T . -46.00 -42.34 6.92
O6 NAG T . -45.70 -44.97 7.08
O7 NAG T . -46.31 -36.68 8.16
C1 NAG T . -50.26 -43.54 7.84
C2 NAG T . -51.25 -44.08 8.89
C3 NAG T . -52.39 -44.81 8.18
C4 NAG T . -53.03 -43.89 7.14
C5 NAG T . -51.95 -43.36 6.20
C6 NAG T . -52.46 -42.41 5.15
C7 NAG T . -49.83 -46.01 9.55
C8 NAG T . -49.28 -46.74 10.75
N2 NAG T . -50.60 -44.93 9.84
O3 NAG T . -53.31 -45.22 9.15
O4 NAG T . -54.00 -44.64 6.46
O5 NAG T . -50.95 -42.69 6.97
O6 NAG T . -52.80 -41.18 5.75
O7 NAG T . -49.61 -46.37 8.41
C1 NAG U . -35.30 -18.35 -4.74
C2 NAG U . -35.67 -17.50 -3.52
C3 NAG U . -37.01 -16.80 -3.72
C4 NAG U . -37.10 -16.10 -5.07
C5 NAG U . -36.72 -17.08 -6.17
C6 NAG U . -36.72 -16.50 -7.56
C7 NAG U . -34.93 -18.21 -1.27
C8 NAG U . -35.21 -19.20 -0.16
N2 NAG U . -35.73 -18.32 -2.34
O3 NAG U . -37.18 -15.87 -2.68
O4 NAG U . -38.44 -15.69 -5.18
O5 NAG U . -35.42 -17.57 -5.91
O6 NAG U . -35.67 -15.57 -7.67
O7 NAG U . -34.03 -17.39 -1.16
C1 NAG U . -38.53 -14.27 -5.43
C2 NAG U . -39.96 -14.02 -5.93
C3 NAG U . -40.19 -12.52 -6.14
C4 NAG U . -39.83 -11.77 -4.87
C5 NAG U . -38.38 -12.11 -4.49
C6 NAG U . -37.90 -11.39 -3.25
C7 NAG U . -40.81 -15.96 -7.19
C8 NAG U . -40.94 -16.58 -8.55
N2 NAG U . -40.19 -14.78 -7.13
O3 NAG U . -41.54 -12.34 -6.48
O4 NAG U . -39.98 -10.39 -5.15
O5 NAG U . -38.28 -13.50 -4.28
O6 NAG U . -38.55 -11.93 -2.11
O7 NAG U . -41.26 -16.53 -6.20
C1 BMA U . -40.86 -9.81 -4.16
C2 BMA U . -40.43 -8.35 -4.00
C3 BMA U . -41.62 -7.45 -3.62
C4 BMA U . -42.80 -7.57 -4.60
C5 BMA U . -42.93 -8.95 -5.26
C6 BMA U . -42.61 -9.12 -6.75
O2 BMA U . -39.79 -7.93 -5.17
O3 BMA U . -41.12 -6.14 -3.48
O4 BMA U . -43.94 -7.34 -3.81
O5 BMA U . -42.21 -9.97 -4.60
O6 BMA U . -42.04 -7.96 -7.31
C1 MAN U . -41.49 -5.68 -2.16
C2 MAN U . -41.83 -4.18 -2.22
C3 MAN U . -40.58 -3.37 -2.54
C4 MAN U . -39.47 -3.69 -1.56
C5 MAN U . -39.24 -5.20 -1.51
C6 MAN U . -38.28 -5.58 -0.41
O2 MAN U . -42.36 -3.84 -0.96
O3 MAN U . -40.94 -2.01 -2.48
O4 MAN U . -38.31 -2.99 -1.99
O5 MAN U . -40.44 -5.89 -1.25
O6 MAN U . -37.81 -6.89 -0.64
C1 NAG V . -14.10 -39.37 -4.18
C2 NAG V . -14.27 -40.37 -3.03
C3 NAG V . -12.88 -40.75 -2.54
C4 NAG V . -12.10 -41.35 -3.69
C5 NAG V . -12.14 -40.41 -4.91
C6 NAG V . -11.51 -41.01 -6.15
C7 NAG V . -16.43 -40.11 -1.86
C8 NAG V . -17.13 -39.48 -0.67
N2 NAG V . -15.11 -39.86 -1.97
O3 NAG V . -13.03 -41.65 -1.48
O4 NAG V . -10.79 -41.55 -3.23
O5 NAG V . -13.47 -40.04 -5.23
O6 NAG V . -12.36 -42.03 -6.65
O7 NAG V . -17.06 -40.78 -2.66
C1 NAG V . -10.53 -42.97 -3.09
C2 NAG V . -9.05 -43.17 -3.50
C3 NAG V . -8.06 -42.80 -2.40
C4 NAG V . -8.45 -43.26 -1.00
C5 NAG V . -9.95 -43.27 -0.67
C6 NAG V . -10.39 -42.05 0.12
C7 NAG V . -8.58 -45.10 -5.10
C8 NAG V . -8.66 -44.23 -6.34
N2 NAG V . -8.77 -44.54 -3.88
O3 NAG V . -7.88 -41.41 -2.45
O4 NAG V . -7.92 -44.56 -0.89
O5 NAG V . -10.85 -43.36 -1.78
O6 NAG V . -11.70 -42.25 0.61
O7 NAG V . -8.34 -46.29 -5.22
C1 NAG W . -50.58 -25.73 -1.38
C2 NAG W . -51.17 -24.51 -2.09
C3 NAG W . -52.60 -24.25 -1.64
C4 NAG W . -53.43 -25.53 -1.74
C5 NAG W . -52.72 -26.66 -1.01
C6 NAG W . -53.46 -27.98 -1.07
C7 NAG W . -49.43 -22.72 -2.59
C8 NAG W . -49.14 -23.22 -4.00
N2 NAG W . -50.35 -23.35 -1.82
O3 NAG W . -53.11 -23.22 -2.43
O4 NAG W . -54.69 -25.25 -1.15
O5 NAG W . -51.44 -26.83 -1.57
O6 NAG W . -53.60 -28.38 -2.42
O7 NAG W . -48.82 -21.73 -2.18
C1 NAG W . -55.70 -25.10 -2.19
C2 NAG W . -57.07 -25.25 -1.51
C3 NAG W . -58.19 -24.88 -2.48
C4 NAG W . -57.92 -23.54 -3.14
C5 NAG W . -56.55 -23.61 -3.81
C6 NAG W . -56.17 -22.37 -4.59
C7 NAG W . -57.20 -27.15 0.16
C8 NAG W . -56.90 -26.26 1.36
N2 NAG W . -57.26 -26.62 -1.08
O3 NAG W . -59.39 -24.86 -1.74
O4 NAG W . -58.95 -23.33 -4.09
O5 NAG W . -55.58 -23.83 -2.80
O6 NAG W . -56.19 -21.25 -3.75
O7 NAG W . -57.40 -28.35 0.34
C1 NAG X . -25.72 -6.32 54.61
C2 NAG X . -25.33 -7.64 55.29
C3 NAG X . -26.33 -8.74 54.89
C4 NAG X . -27.78 -8.28 55.00
C5 NAG X . -27.95 -6.87 54.43
C6 NAG X . -29.34 -6.29 54.57
C7 NAG X . -22.92 -7.97 55.73
C8 NAG X . -21.63 -8.43 55.11
N2 NAG X . -24.00 -8.03 54.91
O3 NAG X . -26.06 -9.83 55.72
O4 NAG X . -28.52 -9.21 54.24
O5 NAG X . -27.02 -6.00 55.02
O6 NAG X . -29.66 -5.52 53.42
O7 NAG X . -22.96 -7.55 56.87
C1 NAG X . -29.49 -9.88 55.08
C2 NAG X . -30.50 -10.57 54.15
C3 NAG X . -31.46 -11.46 54.94
C4 NAG X . -30.68 -12.39 55.87
C5 NAG X . -29.75 -11.54 56.74
C6 NAG X . -28.93 -12.33 57.74
C7 NAG X . -31.90 -9.83 52.25
C8 NAG X . -32.62 -8.64 51.65
N2 NAG X . -31.25 -9.59 53.41
O3 NAG X . -32.25 -12.18 54.03
O4 NAG X . -31.62 -13.09 56.64
O5 NAG X . -28.86 -10.83 55.90
O6 NAG X . -28.54 -11.52 58.81
O7 NAG X . -31.92 -10.92 51.71
C1 NAG Y . 10.17 4.92 60.82
C2 NAG Y . 9.15 3.95 61.41
C3 NAG Y . 8.79 4.38 62.84
C4 NAG Y . 10.05 4.59 63.68
C5 NAG Y . 10.99 5.57 62.94
C6 NAG Y . 12.30 5.82 63.66
C7 NAG Y . 7.39 2.94 59.87
C8 NAG Y . 8.01 1.56 59.89
N2 NAG Y . 7.96 3.95 60.58
O3 NAG Y . 7.99 3.37 63.39
O4 NAG Y . 9.61 5.11 64.91
O5 NAG Y . 11.28 5.04 61.68
O6 NAG Y . 13.14 6.55 62.81
O7 NAG Y . 6.38 3.13 59.21
C1 NAG Y . 10.22 4.42 66.03
C2 NAG Y . 9.64 5.03 67.31
C3 NAG Y . 10.24 4.33 68.53
C4 NAG Y . 10.04 2.83 68.41
C5 NAG Y . 10.60 2.35 67.07
C6 NAG Y . 10.43 0.86 66.84
C7 NAG Y . 11.02 7.08 67.23
C8 NAG Y . 10.96 8.59 67.34
N2 NAG Y . 9.84 6.45 67.37
O3 NAG Y . 9.63 4.85 69.68
O4 NAG Y . 10.71 2.24 69.51
O5 NAG Y . 9.96 3.03 66.03
O6 NAG Y . 9.07 0.58 66.59
O7 NAG Y . 12.08 6.50 67.04
C1 NAG Z . 4.98 -10.50 38.34
C2 NAG Z . 3.49 -10.15 38.41
C3 NAG Z . 2.69 -11.24 39.14
C4 NAG Z . 3.03 -12.63 38.63
C5 NAG Z . 4.54 -12.83 38.64
C6 NAG Z . 5.00 -14.15 38.11
C7 NAG Z . 2.80 -7.78 38.53
C8 NAG Z . 2.71 -6.59 39.46
N2 NAG Z . 3.30 -8.90 39.09
O3 NAG Z . 1.33 -10.96 38.98
O4 NAG Z . 2.39 -13.51 39.52
O5 NAG Z . 5.12 -11.81 37.85
O6 NAG Z . 4.74 -14.22 36.73
O7 NAG Z . 2.44 -7.69 37.38
C1 NAG Z . 1.51 -14.42 38.83
C2 NAG Z . 1.19 -15.55 39.81
C3 NAG Z . 0.20 -16.53 39.20
C4 NAG Z . -1.03 -15.77 38.71
C5 NAG Z . -0.57 -14.68 37.74
C6 NAG Z . -1.72 -13.86 37.17
C7 NAG Z . 3.11 -15.95 41.33
C8 NAG Z . 4.36 -16.75 41.52
N2 NAG Z . 2.42 -16.20 40.19
O3 NAG Z . -0.14 -17.48 40.18
O4 NAG Z . -1.87 -16.71 38.08
O5 NAG Z . 0.31 -13.80 38.41
O6 NAG Z . -2.26 -13.03 38.18
O7 NAG Z . 2.74 -15.13 42.16
C1 BMA Z . -3.18 -16.62 38.69
C2 BMA Z . -4.18 -17.00 37.59
C3 BMA Z . -5.44 -17.69 38.19
C4 BMA Z . -5.10 -18.89 39.08
C5 BMA Z . -3.75 -18.79 39.79
C6 BMA Z . -2.58 -19.70 39.36
O2 BMA Z . -3.54 -17.81 36.65
O3 BMA Z . -6.30 -17.99 37.11
O4 BMA Z . -6.13 -18.91 40.05
O5 BMA Z . -3.22 -17.47 39.82
O6 BMA Z . -2.88 -20.42 38.19
C1 MAN Z . -7.57 -17.37 37.41
C2 MAN Z . -8.71 -18.28 36.91
C3 MAN Z . -8.69 -18.36 35.38
C4 MAN Z . -8.74 -16.96 34.78
C5 MAN Z . -7.62 -16.11 35.37
C6 MAN Z . -7.75 -14.67 34.95
O2 MAN Z . -9.91 -17.73 37.39
O3 MAN Z . -9.81 -19.13 34.99
O4 MAN Z . -8.60 -17.11 33.38
O5 MAN Z . -7.67 -16.12 36.79
O6 MAN Z . -6.53 -14.01 35.20
C1 NAG AA . 26.15 9.40 31.52
C2 NAG AA . 26.08 10.67 32.37
C3 NAG AA . 26.48 11.84 31.49
C4 NAG AA . 27.88 11.61 30.95
C5 NAG AA . 27.97 10.22 30.29
C6 NAG AA . 29.38 9.85 29.88
C7 NAG AA . 24.49 10.48 34.25
C8 NAG AA . 23.07 10.76 34.70
N2 NAG AA . 24.79 10.87 32.98
O3 NAG AA . 26.39 13.01 32.25
O4 NAG AA . 28.14 12.64 30.03
O5 NAG AA . 27.49 9.20 31.16
O6 NAG AA . 30.15 9.58 31.02
O7 NAG AA . 25.28 9.92 34.99
C1 NAG AA . 29.14 13.54 30.57
C2 NAG AA . 30.00 13.98 29.37
C3 NAG AA . 29.36 15.07 28.52
C4 NAG AA . 28.67 16.18 29.32
C5 NAG AA . 28.01 15.76 30.64
C6 NAG AA . 26.50 15.60 30.51
C7 NAG AA . 32.53 13.90 29.69
C8 NAG AA . 32.67 12.52 29.11
N2 NAG AA . 31.30 14.47 29.77
O3 NAG AA . 28.45 14.45 27.65
O4 NAG AA . 29.69 17.13 29.57
O5 NAG AA . 28.49 14.57 31.26
O6 NAG AA . 25.92 15.48 31.79
O7 NAG AA . 33.53 14.49 30.09
C1 NAG BA . 3.31 -11.22 55.55
C2 NAG BA . 2.70 -12.61 55.29
C3 NAG BA . 1.79 -13.02 56.43
C4 NAG BA . 2.50 -12.87 57.77
C5 NAG BA . 3.07 -11.45 57.89
C6 NAG BA . 3.81 -11.20 59.18
C7 NAG BA . 2.30 -13.08 52.82
C8 NAG BA . 3.64 -13.77 52.60
N2 NAG BA . 1.97 -12.60 54.04
O3 NAG BA . 1.40 -14.35 56.19
O4 NAG BA . 1.55 -13.11 58.79
O5 NAG BA . 3.95 -11.22 56.81
O6 NAG BA . 4.90 -12.09 59.28
O7 NAG BA . 1.53 -12.97 51.87
C1 NAG BA . 1.77 -14.41 59.37
C2 NAG BA . 1.03 -14.45 60.72
C3 NAG BA . 1.02 -15.86 61.32
C4 NAG BA . 0.58 -16.88 60.29
C5 NAG BA . 1.47 -16.74 59.06
C6 NAG BA . 1.20 -17.75 57.97
C7 NAG BA . 1.28 -12.32 62.10
C8 NAG BA . -0.01 -11.71 61.59
N2 NAG BA . 1.66 -13.55 61.66
O3 NAG BA . 0.17 -15.83 62.43
O4 NAG BA . 0.70 -18.16 60.88
O5 NAG BA . 1.30 -15.44 58.53
O6 NAG BA . -0.13 -17.66 57.54
O7 NAG BA . 1.95 -11.70 62.91
C1 NAG CA . -38.06 32.94 33.91
C2 NAG CA . -37.43 34.25 34.39
C3 NAG CA . -36.71 34.03 35.72
C4 NAG CA . -37.56 33.25 36.73
C5 NAG CA . -38.25 32.06 36.04
C6 NAG CA . -39.19 31.27 36.94
C7 NAG CA . -36.73 35.81 32.61
C8 NAG CA . -35.60 36.15 31.66
N2 NAG CA . -36.50 34.75 33.41
O3 NAG CA . -36.37 35.31 36.21
O4 NAG CA . -36.65 32.80 37.70
O5 NAG CA . -38.96 32.52 34.91
O6 NAG CA . -39.10 29.91 36.62
O7 NAG CA . -37.75 36.47 32.62
C1 NAG CA . -37.01 33.31 39.00
C2 NAG CA . -36.25 32.49 40.05
C3 NAG CA . -36.42 33.10 41.45
C4 NAG CA . -36.11 34.59 41.42
C5 NAG CA . -36.97 35.25 40.35
C6 NAG CA . -36.78 36.75 40.25
C7 NAG CA . -36.01 30.07 40.53
C8 NAG CA . -36.70 28.74 40.42
N2 NAG CA . -36.71 31.13 40.05
O3 NAG CA . -35.58 32.40 42.33
O4 NAG CA . -36.38 35.09 42.71
O5 NAG CA . -36.66 34.67 39.10
O6 NAG CA . -37.91 37.35 39.67
O7 NAG CA . -34.90 30.18 41.03
C1 NAG DA . -38.74 48.22 -1.00
C2 NAG DA . -38.75 48.68 0.46
C3 NAG DA . -40.06 49.40 0.77
C4 NAG DA . -40.35 50.49 -0.25
C5 NAG DA . -40.28 49.88 -1.67
C6 NAG DA . -40.51 50.88 -2.78
C7 NAG DA . -37.60 47.22 2.20
C8 NAG DA . -36.44 48.16 2.40
N2 NAG DA . -38.59 47.52 1.33
O3 NAG DA . -39.94 49.93 2.06
O4 NAG DA . -41.63 50.98 0.06
O5 NAG DA . -39.02 49.31 -1.85
O6 NAG DA . -40.23 50.27 -4.02
O7 NAG DA . -37.63 46.18 2.85
C1 NAG DA . -41.66 52.42 0.08
C2 NAG DA . -43.08 52.85 0.48
C3 NAG DA . -43.17 54.36 0.53
C4 NAG DA . -42.09 54.92 1.46
C5 NAG DA . -40.73 54.38 1.01
C6 NAG DA . -39.58 54.83 1.89
C7 NAG DA . -44.05 52.42 -1.76
C8 NAG DA . -45.21 51.75 -2.47
N2 NAG DA . -44.07 52.30 -0.42
O3 NAG DA . -44.46 54.72 0.96
O4 NAG DA . -42.15 56.32 1.39
O5 NAG DA . -40.76 52.96 1.02
O6 NAG DA . -39.65 54.18 3.13
O7 NAG DA . -43.19 53.02 -2.38
C1 NAG EA . -15.21 36.27 7.62
C2 NAG EA . -15.98 35.49 8.70
C3 NAG EA . -15.92 36.21 10.05
C4 NAG EA . -14.50 36.64 10.40
C5 NAG EA . -13.90 37.41 9.23
C6 NAG EA . -12.47 37.86 9.46
C7 NAG EA . -17.95 34.15 8.07
C8 NAG EA . -19.41 34.23 7.68
N2 NAG EA . -17.36 35.32 8.31
O3 NAG EA . -16.43 35.36 11.03
O4 NAG EA . -14.64 37.45 11.55
O5 NAG EA . -13.93 36.59 8.09
O6 NAG EA . -11.64 36.72 9.48
O7 NAG EA . -17.39 33.06 8.14
C1 NAG EA . -13.83 36.97 12.64
C2 NAG EA . -13.75 38.11 13.65
C3 NAG EA . -12.98 37.68 14.89
C4 NAG EA . -13.59 36.40 15.45
C5 NAG EA . -13.61 35.34 14.34
C6 NAG EA . -14.19 34.01 14.78
C7 NAG EA . -13.83 40.30 12.50
C8 NAG EA . -12.99 41.39 11.90
N2 NAG EA . -13.15 39.26 13.02
O3 NAG EA . -13.03 38.72 15.83
O4 NAG EA . -12.80 36.00 16.53
O5 NAG EA . -14.38 35.83 13.25
O6 NAG EA . -15.58 34.15 14.97
O7 NAG EA . -15.05 40.38 12.52
C1 BMA EA . -13.64 35.84 17.70
C2 BMA EA . -13.00 34.74 18.55
C3 BMA EA . -13.28 34.96 20.06
C4 BMA EA . -12.88 36.36 20.54
C5 BMA EA . -12.99 37.45 19.47
C6 BMA EA . -11.71 38.08 18.89
O2 BMA EA . -11.62 34.69 18.28
O3 BMA EA . -12.66 33.91 20.76
O4 BMA EA . -13.80 36.65 21.58
O5 BMA EA . -13.77 37.09 18.35
O6 BMA EA . -10.54 37.42 19.33
C1 MAN EA . -13.68 33.27 21.55
C2 MAN EA . -13.07 32.82 22.90
C3 MAN EA . -12.05 31.70 22.67
C4 MAN EA . -12.67 30.56 21.88
C5 MAN EA . -13.31 31.10 20.60
C6 MAN EA . -14.11 30.04 19.89
O2 MAN EA . -14.14 32.39 23.70
O3 MAN EA . -11.61 31.29 23.93
O4 MAN EA . -11.64 29.64 21.61
O5 MAN EA . -14.21 32.15 20.89
O6 MAN EA . -14.35 30.45 18.57
C1 NAG FA . -18.40 31.00 -21.59
C2 NAG FA . -19.87 31.00 -22.05
C3 NAG FA . -20.02 29.94 -23.13
C4 NAG FA . -19.07 30.28 -24.28
C5 NAG FA . -17.64 30.49 -23.75
C6 NAG FA . -16.68 30.98 -24.81
C7 NAG FA . -21.42 31.80 -20.30
C8 NAG FA . -22.34 31.39 -19.18
N2 NAG FA . -20.79 30.80 -20.96
O3 NAG FA . -21.36 29.93 -23.54
O4 NAG FA . -19.14 29.20 -25.18
O5 NAG FA . -17.62 31.42 -22.67
O6 NAG FA . -16.97 32.31 -25.12
O7 NAG FA . -21.24 32.99 -20.55
C1 NAG FA . -19.80 29.63 -26.40
C2 NAG FA . -19.09 28.89 -27.54
C3 NAG FA . -19.53 27.44 -27.72
C4 NAG FA . -21.04 27.21 -27.58
C5 NAG FA . -21.78 28.12 -26.59
C6 NAG FA . -22.05 27.43 -25.26
C7 NAG FA . -18.45 30.30 -29.57
C8 NAG FA . -17.05 30.59 -29.07
N2 NAG FA . -19.29 29.54 -28.83
O3 NAG FA . -18.83 26.67 -26.78
O4 NAG FA . -21.55 27.40 -28.88
O5 NAG FA . -21.18 29.36 -26.27
O6 NAG FA . -22.96 28.19 -24.49
O7 NAG FA . -18.81 30.76 -30.65
C1 NAG GA . -26.10 48.90 12.25
C2 NAG GA . -25.14 49.10 13.43
C3 NAG GA . -25.85 49.75 14.60
C4 NAG GA . -26.59 51.01 14.15
C5 NAG GA . -27.49 50.67 12.96
C6 NAG GA . -28.25 51.86 12.41
C7 NAG GA . -23.37 47.27 13.60
C8 NAG GA . -22.33 48.03 12.80
N2 NAG GA . -24.59 47.82 13.84
O3 NAG GA . -24.89 50.04 15.57
O4 NAG GA . -27.36 51.48 15.24
O5 NAG GA . -26.69 50.14 11.92
O6 NAG GA . -27.35 52.84 11.97
O7 NAG GA . -23.10 46.16 14.03
C1 NAG GA . -26.74 52.64 15.82
C2 NAG GA . -27.80 53.35 16.68
C3 NAG GA . -27.17 54.47 17.52
C4 NAG GA . -25.94 53.98 18.25
C5 NAG GA . -24.98 53.38 17.22
C6 NAG GA . -23.66 52.93 17.79
C7 NAG GA . -30.10 53.48 15.61
C8 NAG GA . -30.61 52.23 16.29
N2 NAG GA . -28.84 53.91 15.84
O3 NAG GA . -28.16 54.93 18.41
O4 NAG GA . -25.36 55.09 18.91
O5 NAG GA . -25.62 52.27 16.61
O6 NAG GA . -23.87 51.96 18.79
O7 NAG GA . -30.84 54.09 14.86
C1 NAG HA . -49.57 -0.44 32.04
C2 NAG HA . -49.63 -1.79 32.76
C3 NAG HA . -50.79 -1.84 33.74
C4 NAG HA . -50.78 -0.62 34.65
C5 NAG HA . -50.80 0.63 33.76
C6 NAG HA . -50.85 1.93 34.52
C7 NAG HA . -48.95 -3.89 31.48
C8 NAG HA . -47.61 -4.02 32.19
N2 NAG HA . -49.78 -2.86 31.80
O3 NAG HA . -50.68 -3.04 34.48
O4 NAG HA . -51.90 -0.69 35.49
O5 NAG HA . -49.63 0.61 32.97
O6 NAG HA . -50.42 2.97 33.68
O7 NAG HA . -49.26 -4.71 30.63
C1 NAG IA . -1.46 -31.67 -23.80
C2 NAG IA . -0.96 -30.49 -24.65
C3 NAG IA . -1.07 -30.84 -26.14
C4 NAG IA . -0.38 -32.17 -26.43
C5 NAG IA . -0.91 -33.24 -25.47
C6 NAG IA . -0.25 -34.59 -25.64
C7 NAG IA . -1.33 -28.32 -23.52
C8 NAG IA . -2.26 -27.13 -23.43
N2 NAG IA . -1.70 -29.29 -24.39
O3 NAG IA . -0.50 -29.78 -26.85
O4 NAG IA . -0.65 -32.50 -27.77
O5 NAG IA . -0.73 -32.82 -24.14
O6 NAG IA . 0.26 -35.01 -24.40
O7 NAG IA . -0.31 -28.38 -22.85
C1 NAG JA . -35.21 -23.36 -11.03
C2 NAG JA . -34.47 -22.06 -11.36
C3 NAG JA . -34.67 -21.67 -12.82
C4 NAG JA . -34.34 -22.84 -13.73
C5 NAG JA . -35.17 -24.05 -13.30
C6 NAG JA . -34.90 -25.29 -14.13
C7 NAG JA . -34.18 -20.51 -9.46
C8 NAG JA . -34.85 -19.40 -8.68
N2 NAG JA . -34.90 -21.00 -10.49
O3 NAG JA . -33.88 -20.56 -13.09
O4 NAG JA . -34.60 -22.45 -15.05
O5 NAG JA . -34.88 -24.36 -11.95
O6 NAG JA . -33.54 -25.63 -14.03
O7 NAG JA . -33.07 -20.91 -9.15
C1 NAG KA . -55.00 -7.77 1.21
C2 NAG KA . -55.80 -8.10 -0.06
C3 NAG KA . -55.71 -6.95 -1.05
C4 NAG KA . -56.14 -5.66 -0.37
C5 NAG KA . -55.32 -5.44 0.91
C6 NAG KA . -55.71 -4.21 1.68
C7 NAG KA . -55.91 -10.53 -0.52
C8 NAG KA . -55.22 -11.67 -1.24
N2 NAG KA . -55.32 -9.33 -0.66
O3 NAG KA . -56.51 -7.26 -2.15
O4 NAG KA . -55.94 -4.61 -1.29
O5 NAG KA . -55.48 -6.57 1.75
O6 NAG KA . -56.49 -3.36 0.87
O7 NAG KA . -56.93 -10.72 0.13
C1 NAG LA . -41.89 -43.88 -4.01
C2 NAG LA . -43.34 -44.24 -3.72
C3 NAG LA . -43.44 -45.63 -3.07
C4 NAG LA . -42.09 -46.27 -2.70
C5 NAG LA . -40.93 -45.95 -3.65
C6 NAG LA . -40.41 -47.19 -4.34
C7 NAG LA . -44.72 -42.24 -3.18
C8 NAG LA . -45.21 -41.43 -2.01
N2 NAG LA . -43.95 -43.29 -2.84
O3 NAG LA . -44.19 -46.42 -3.95
O4 NAG LA . -41.79 -45.82 -1.39
O5 NAG LA . -41.32 -45.01 -4.62
O6 NAG LA . -39.83 -48.06 -3.39
O7 NAG LA . -45.02 -41.97 -4.34
C1 NAG MA . -40.43 -36.69 13.85
C2 NAG MA . -40.94 -35.46 14.63
C3 NAG MA . -41.78 -35.88 15.83
C4 NAG MA . -42.85 -36.88 15.42
C5 NAG MA . -42.17 -38.05 14.71
C6 NAG MA . -43.12 -39.15 14.29
C7 NAG MA . -39.58 -33.40 14.59
C8 NAG MA . -38.36 -32.75 15.21
N2 NAG MA . -39.85 -34.64 15.05
O3 NAG MA . -42.34 -34.71 16.38
O4 NAG MA . -43.52 -37.28 16.59
O5 NAG MA . -41.51 -37.55 13.56
O6 NAG MA . -42.40 -40.16 13.62
O7 NAG MA . -40.26 -32.82 13.75
C1 NAG NA . 12.09 -32.73 -1.95
C2 NAG NA . 12.51 -34.20 -2.20
C3 NAG NA . 12.56 -35.06 -0.94
C4 NAG NA . 12.54 -34.20 0.32
C5 NAG NA . 11.23 -33.41 0.25
C6 NAG NA . 10.94 -32.60 1.49
C7 NAG NA . 11.94 -35.10 -4.44
C8 NAG NA . 10.82 -35.74 -5.24
N2 NAG NA . 11.63 -34.81 -3.17
O3 NAG NA . 13.73 -35.85 -1.01
O4 NAG NA . 12.58 -35.06 1.42
O5 NAG NA . 11.21 -32.53 -0.86
O6 NAG NA . 12.14 -32.19 2.09
O7 NAG NA . 13.03 -34.89 -4.95
C1 NAG OA . 27.39 -30.29 -5.97
C2 NAG OA . 28.71 -29.54 -5.77
C3 NAG OA . 29.62 -30.34 -4.84
C4 NAG OA . 28.89 -30.67 -3.55
C5 NAG OA . 27.57 -31.37 -3.87
C6 NAG OA . 26.74 -31.71 -2.66
C7 NAG OA . 29.77 -28.10 -7.48
C8 NAG OA . 30.44 -28.11 -8.83
N2 NAG OA . 29.37 -29.30 -7.03
O3 NAG OA . 30.77 -29.59 -4.62
O4 NAG OA . 29.75 -31.50 -2.79
O5 NAG OA . 26.81 -30.54 -4.71
O6 NAG OA . 25.61 -32.46 -3.04
O7 NAG OA . 29.62 -27.05 -6.86
C1 NAG PA . -35.43 2.43 47.15
C2 NAG PA . -34.94 3.59 48.02
C3 NAG PA . -35.89 3.85 49.19
C4 NAG PA . -37.33 3.95 48.69
C5 NAG PA . -37.65 2.68 47.92
C6 NAG PA . -39.08 2.59 47.41
C7 NAG PA . -32.43 3.93 48.32
C8 NAG PA . -32.37 5.11 47.39
N2 NAG PA . -33.62 3.31 48.55
O3 NAG PA . -35.48 5.02 49.82
O4 NAG PA . -38.16 4.12 49.81
O5 NAG PA . -36.78 2.60 46.81
O6 NAG PA . -39.15 1.65 46.37
O7 NAG PA . -31.41 3.54 48.86
C1 NAG QA . 37.05 -3.52 13.67
C2 NAG QA . 36.90 -4.51 12.50
C3 NAG QA . 38.05 -5.50 12.53
C4 NAG QA . 39.39 -4.79 12.59
C5 NAG QA . 39.38 -3.79 13.75
C6 NAG QA . 40.65 -2.97 13.86
C7 NAG QA . 34.54 -4.85 11.87
C8 NAG QA . 33.35 -5.76 12.05
N2 NAG QA . 35.65 -5.22 12.54
O3 NAG QA . 37.93 -6.31 11.38
O4 NAG QA . 40.39 -5.78 12.76
O5 NAG QA . 38.30 -2.91 13.60
O6 NAG QA . 40.33 -1.60 13.86
O7 NAG QA . 34.48 -3.86 11.16
C1 NAG RA . 12.53 -12.83 39.82
C2 NAG RA . 12.05 -13.38 38.47
C3 NAG RA . 12.63 -14.77 38.19
C4 NAG RA . 14.14 -14.73 38.37
C5 NAG RA . 14.47 -14.21 39.76
C6 NAG RA . 15.95 -14.11 40.05
C7 NAG RA . 9.84 -12.56 37.74
C8 NAG RA . 8.36 -12.79 37.86
N2 NAG RA . 10.62 -13.42 38.42
O3 NAG RA . 12.26 -15.14 36.90
O4 NAG RA . 14.62 -16.05 38.17
O5 NAG RA . 13.92 -12.91 39.90
O6 NAG RA . 16.56 -13.27 39.09
O7 NAG RA . 10.28 -11.63 37.07
C1 NAG SA . -12.44 -19.83 50.39
C2 NAG SA . -11.65 -20.98 51.03
C3 NAG SA . -11.82 -22.24 50.18
C4 NAG SA . -13.31 -22.55 49.99
C5 NAG SA . -14.01 -21.31 49.40
C6 NAG SA . -15.49 -21.49 49.22
C7 NAG SA . -9.68 -20.22 52.29
C8 NAG SA . -8.20 -19.91 52.19
N2 NAG SA . -10.26 -20.64 51.15
O3 NAG SA . -11.15 -23.29 50.84
O4 NAG SA . -13.40 -23.66 49.13
O5 NAG SA . -13.79 -20.20 50.25
O6 NAG SA . -15.82 -22.85 49.29
O7 NAG SA . -10.27 -20.08 53.35
C1 NAG TA . 20.57 -0.67 57.21
C2 NAG TA . 20.19 -0.93 58.67
C3 NAG TA . 20.73 0.19 59.57
C4 NAG TA . 21.36 1.38 58.83
C5 NAG TA . 22.11 1.02 57.54
C6 NAG TA . 23.59 1.32 57.63
C7 NAG TA . 17.99 -2.08 58.88
C8 NAG TA . 16.52 -1.81 59.05
N2 NAG TA . 18.76 -0.98 58.83
O3 NAG TA . 21.61 -0.44 60.47
O4 NAG TA . 20.32 2.28 58.56
O5 NAG TA . 21.93 -0.34 57.21
O6 NAG TA . 23.78 2.71 57.75
O7 NAG TA . 18.43 -3.22 58.79
C1 NAG UA . 4.63 10.07 55.22
C2 NAG UA . 3.12 9.83 55.15
C3 NAG UA . 2.39 10.57 56.26
C4 NAG UA . 3.02 10.27 57.62
C5 NAG UA . 4.51 10.59 57.53
C6 NAG UA . 5.26 10.38 58.83
C7 NAG UA . 2.10 9.43 52.93
C8 NAG UA . 1.62 10.12 51.68
N2 NAG UA . 2.60 10.25 53.88
O3 NAG UA . 1.04 10.19 56.23
O4 NAG UA . 2.36 11.05 58.58
O5 NAG UA . 5.09 9.78 56.53
O6 NAG UA . 6.63 10.67 58.64
O7 NAG UA . 2.01 8.22 53.06
C1 NAG VA . 28.23 19.55 6.47
C2 NAG VA . 29.56 20.26 6.84
C3 NAG VA . 29.38 21.65 7.44
C4 NAG VA . 27.97 22.17 7.24
C5 NAG VA . 27.05 21.17 7.91
C6 NAG VA . 25.59 21.58 7.94
C7 NAG VA . 31.44 18.74 7.42
C8 NAG VA . 32.05 17.95 8.55
N2 NAG VA . 30.33 19.43 7.73
O3 NAG VA . 30.35 22.49 6.86
O4 NAG VA . 27.90 23.45 7.83
O5 NAG VA . 27.12 19.90 7.28
O6 NAG VA . 25.30 22.39 6.81
O7 NAG VA . 31.95 18.74 6.30
C1 NAG WA . 33.82 22.16 -8.29
C2 NAG WA . 33.57 22.53 -9.76
C3 NAG WA . 33.84 24.02 -9.96
C4 NAG WA . 33.02 24.84 -8.96
C5 NAG WA . 33.31 24.34 -7.55
C6 NAG WA . 32.53 25.06 -6.47
C7 NAG WA . 33.96 21.02 -11.68
C8 NAG WA . 35.03 20.30 -12.46
N2 NAG WA . 34.41 21.76 -10.65
O3 NAG WA . 33.52 24.35 -11.28
O4 NAG WA . 33.41 26.19 -9.13
O5 NAG WA . 33.02 22.96 -7.47
O6 NAG WA . 32.95 24.62 -5.20
O7 NAG WA . 32.78 20.93 -11.99
C1 NAG XA . -42.58 18.78 36.30
C2 NAG XA . -43.81 19.10 35.43
C3 NAG XA . -45.02 19.45 36.29
C4 NAG XA . -45.23 18.37 37.36
C5 NAG XA . -43.94 18.26 38.17
C6 NAG XA . -44.01 17.28 39.32
C7 NAG XA . -43.45 20.28 33.21
C8 NAG XA . -43.68 19.04 32.38
N2 NAG XA . -43.53 20.22 34.56
O3 NAG XA . -46.13 19.55 35.44
O4 NAG XA . -46.32 18.78 38.16
O5 NAG XA . -42.91 17.84 37.29
O6 NAG XA . -42.71 16.91 39.70
O7 NAG XA . -43.20 21.34 32.64
C1 NAG YA . 5.44 28.51 -27.00
C2 NAG YA . 6.83 28.03 -26.57
C3 NAG YA . 7.89 29.04 -27.01
C4 NAG YA . 7.76 29.35 -28.50
C5 NAG YA . 6.31 29.74 -28.81
C6 NAG YA . 6.05 30.00 -30.29
C7 NAG YA . 6.74 26.68 -24.51
C8 NAG YA . 6.89 26.72 -23.01
N2 NAG YA . 6.92 27.85 -25.15
O3 NAG YA . 9.14 28.50 -26.69
O4 NAG YA . 8.66 30.39 -28.80
O5 NAG YA . 5.44 28.72 -28.39
O6 NAG YA . 4.99 29.19 -30.72
O7 NAG YA . 6.47 25.64 -25.09
C1 NAG ZA . -12.14 41.86 2.73
C2 NAG ZA . -11.05 40.89 3.19
C3 NAG ZA . -9.71 41.61 3.37
C4 NAG ZA . -9.37 42.39 2.12
C5 NAG ZA . -10.53 43.34 1.80
C6 NAG ZA . -10.31 44.18 0.55
C7 NAG ZA . -11.87 38.96 4.50
C8 NAG ZA . -12.23 38.50 5.89
N2 NAG ZA . -11.44 40.23 4.41
O3 NAG ZA . -8.74 40.64 3.67
O4 NAG ZA . -8.17 43.08 2.36
O5 NAG ZA . -11.70 42.59 1.61
O6 NAG ZA . -10.11 43.32 -0.54
O7 NAG ZA . -11.95 38.20 3.55
C1 NAG AB . -21.67 42.11 29.06
C2 NAG AB . -21.00 43.49 29.10
C3 NAG AB . -19.62 43.38 29.76
C4 NAG AB . -19.75 42.72 31.13
C5 NAG AB . -20.47 41.38 30.98
C6 NAG AB . -20.70 40.66 32.29
C7 NAG AB . -21.72 44.96 27.26
C8 NAG AB . -21.41 45.40 25.85
N2 NAG AB . -20.89 44.04 27.77
O3 NAG AB . -19.08 44.68 29.85
O4 NAG AB . -18.45 42.55 31.64
O5 NAG AB . -21.73 41.58 30.37
O6 NAG AB . -19.88 41.22 33.29
O7 NAG AB . -22.67 45.44 27.87
C1 NAG BB . -29.24 52.79 -7.43
C2 NAG BB . -30.10 53.84 -6.74
C3 NAG BB . -31.30 54.23 -7.62
C4 NAG BB . -31.47 53.39 -8.89
C5 NAG BB . -30.17 52.91 -9.54
C6 NAG BB . -29.98 53.49 -10.92
C7 NAG BB . -30.11 53.58 -4.26
C8 NAG BB . -30.86 52.93 -3.13
N2 NAG BB . -30.61 53.35 -5.48
O3 NAG BB . -31.14 55.60 -7.89
O4 NAG BB . -32.27 52.29 -8.52
O5 NAG BB . -29.06 53.24 -8.74
O6 NAG BB . -30.98 53.01 -11.79
O7 NAG BB . -29.10 54.25 -4.05
C1 NAG CB . -40.58 39.06 0.06
C2 NAG CB . -40.85 38.44 1.44
C3 NAG CB . -42.30 38.61 1.85
C4 NAG CB . -42.74 40.06 1.71
C5 NAG CB . -42.45 40.50 0.27
C6 NAG CB . -42.89 41.91 -0.03
C7 NAG CB . -39.48 36.50 2.13
C8 NAG CB . -39.33 35.01 1.96
N2 NAG CB . -40.50 37.05 1.44
O3 NAG CB . -42.42 38.16 3.18
O4 NAG CB . -44.11 40.12 2.02
O5 NAG CB . -41.06 40.39 0.04
O6 NAG CB . -42.55 42.24 -1.37
O7 NAG CB . -38.72 37.14 2.86
C1 NAG DB . -9.14 8.09 -32.74
C2 NAG DB . -9.45 8.63 -34.16
C3 NAG DB . -10.88 8.35 -34.63
C4 NAG DB . -11.56 7.31 -33.76
C5 NAG DB . -11.56 7.89 -32.35
C6 NAG DB . -12.32 7.07 -31.34
C7 NAG DB . -8.15 10.63 -34.86
C8 NAG DB . -8.11 12.14 -34.77
N2 NAG DB . -9.18 10.05 -34.23
O3 NAG DB . -10.80 7.93 -35.98
O4 NAG DB . -12.86 7.11 -34.26
O5 NAG DB . -10.24 8.06 -31.86
O6 NAG DB . -12.28 5.70 -31.70
O7 NAG DB . -7.29 10.01 -35.47
C1 NAG EB . 0.10 -1.84 -41.23
C2 NAG EB . 0.68 -3.24 -41.46
C3 NAG EB . -0.17 -3.98 -42.49
C4 NAG EB . -1.63 -3.99 -42.06
C5 NAG EB . -2.09 -2.54 -41.82
C6 NAG EB . -3.52 -2.42 -41.35
C7 NAG EB . 3.09 -3.80 -41.33
C8 NAG EB . 4.43 -3.56 -41.97
N2 NAG EB . 2.05 -3.17 -41.90
O3 NAG EB . 0.34 -5.29 -42.61
O4 NAG EB . -2.36 -4.58 -43.11
O5 NAG EB . -1.25 -1.96 -40.85
O6 NAG EB . -3.88 -1.07 -41.26
O7 NAG EB . 2.98 -4.51 -40.34
#